data_9D7I
#
_entry.id   9D7I
#
_cell.length_a   1.00
_cell.length_b   1.00
_cell.length_c   1.00
_cell.angle_alpha   90.00
_cell.angle_beta   90.00
_cell.angle_gamma   90.00
#
_symmetry.space_group_name_H-M   'P 1'
#
loop_
_entity.id
_entity.type
_entity.pdbx_description
1 polymer 'Surface protein gp120'
2 polymer 'Transmembrane protein gp41'
3 polymer 'CH103 Fab light chain'
4 polymer 'CH103 K75 N76 Fab heavy chain'
5 branched 2-acetamido-2-deoxy-beta-D-glucopyranose-(1-4)-2-acetamido-2-deoxy-beta-D-glucopyranose
6 branched beta-D-mannopyranose-(1-4)-2-acetamido-2-deoxy-beta-D-glucopyranose-(1-4)-2-acetamido-2-deoxy-beta-D-glucopyranose
7 non-polymer 2-acetamido-2-deoxy-beta-D-glucopyranose
#
loop_
_entity_poly.entity_id
_entity_poly.type
_entity_poly.pdbx_seq_one_letter_code
_entity_poly.pdbx_strand_id
1 'polypeptide(L)'
;MPMGSLQPLATLYLLGMLVASVLAAENLWVTVYYGVPVWKDAETTLFCASDAKAYETEKHNVWATHACVPTDPNPQEIHL
ENVTEEFNMWKNNMVEQMHTDIISLWDQSLKPCVKLTPLCVTLQCTNVTNNITDDMRGELKNCSFNMTTELRDKKQKVYS
LFYRLDVVQINENQGNRSNNSNKEYRLINCNTSACTQACPKVSFEPIPIHYCAPAGFAILKCKDKKFNGTGPCPSVSTVQ
CTHGIKPVVSTQLLLNGSLAEEEVMIRSENITNNAKNILVQFNTPVQINCTRPNNNTRKSIRIGPGQAFYATGDIIGDIR
QAHCNVSKATWNETLGKVVKQLRKHFGNNTIIRFANSSGGDLEVTTHSFNCGGEFFYCNTSGLFNSTWISNTSVQGSNST
GSNDSITLPCRIKQIINMWQRIGQCMYAPPIQGVIRCVSNITGLILTRDGGSTNSTTETFRPGGGDMRDNWRSELYKYKV
VKIEPLGVAPTRCKRR
;
A,C,E
2 'polypeptide(L)'
;VVGRRRRRRAVGIGAVFLGFLGAAGSTMGAASMTLTVQARNLLSGIVQQQSNLLRAPEAQQHLLKLTVWGIKQLQARVLA
VERYLRDQQLLGIWGCSGKLICCTNVPWNSSWSNRNLSEIWDNMTWLQWDKEISNYTQIIYGLLEESQNQQEKNEQDLLA
LD
;
B,D,F
3 'polypeptide(L)'
;MGWSCIILFLVATATGSWASYELTQPPSVSVSPGQTATITCSGASTNVCWYQVKPGQSPEVVIFENYKRPSGIPDRFSGS
KSGSTATLTIRGTQAIDEADYYCQVWDSFSTFVFGSGTQVTVLGQPKANPTVTLFPPSSEELQANKATLVCLISDFYPGA
VTVAWKADSSPVKAGVETTTPSKQSNNKYAASSYLSLTPEQWKSHRSYSCQVTHEGSTVEKTVAPTECS
;
G,I
4 'polypeptide(L)'
;MGWSCIILFLVATATGVHSQVQLQESGPGVVKSSETLSLTCTVSGGSMGGTYWSWLRLSPGKGLEWIGYIFHTGETNYSP
SLKGRVSISVDTSKNQFSLRLRSVTAADTAVYFCASLPRGQLVNAYFRNWGRGSLVSVTAASTKGPSVFPLAPSSKSTSG
GTAALGCLVKDYFPEPVTVSWNSGALTSGVHTFPAVLQSSGLYSLSSVVTVPSSSLGTQTYICNVNHKPSNTKVDKKVEP
KSCDK
;
H,J
#
loop_
_chem_comp.id
_chem_comp.type
_chem_comp.name
_chem_comp.formula
BMA D-saccharide, beta linking beta-D-mannopyranose 'C6 H12 O6'
NAG D-saccharide, beta linking 2-acetamido-2-deoxy-beta-D-glucopyranose 'C8 H15 N O6'
#
# COMPACT_ATOMS: atom_id res chain seq x y z
N LEU A 28 -25.05 -4.68 61.42
CA LEU A 28 -24.40 -5.71 60.62
C LEU A 28 -23.83 -5.04 59.37
N TRP A 29 -22.68 -5.53 58.91
CA TRP A 29 -21.90 -4.85 57.88
C TRP A 29 -21.65 -5.78 56.72
N VAL A 30 -20.79 -5.36 55.79
CA VAL A 30 -20.56 -6.08 54.56
C VAL A 30 -19.14 -6.63 54.55
N THR A 31 -18.83 -7.43 53.53
CA THR A 31 -17.47 -7.77 53.18
C THR A 31 -17.40 -7.90 51.66
N VAL A 32 -16.21 -7.68 51.11
CA VAL A 32 -15.98 -7.68 49.67
C VAL A 32 -14.98 -8.76 49.33
N TYR A 33 -15.34 -9.63 48.40
CA TYR A 33 -14.48 -10.73 47.97
C TYR A 33 -14.17 -10.60 46.48
N TYR A 34 -12.90 -10.77 46.13
CA TYR A 34 -12.44 -10.65 44.76
C TYR A 34 -11.89 -11.99 44.30
N GLY A 35 -12.28 -12.40 43.09
CA GLY A 35 -11.79 -13.64 42.51
C GLY A 35 -12.62 -14.86 42.81
N VAL A 36 -13.83 -14.70 43.34
CA VAL A 36 -14.68 -15.86 43.61
C VAL A 36 -15.23 -16.40 42.30
N PRO A 37 -15.54 -17.71 42.19
CA PRO A 37 -16.11 -18.22 40.95
C PRO A 37 -17.57 -17.87 40.78
N VAL A 38 -17.85 -16.83 40.00
CA VAL A 38 -19.20 -16.41 39.64
C VAL A 38 -19.18 -16.02 38.16
N TRP A 39 -20.11 -16.56 37.38
CA TRP A 39 -20.18 -16.20 35.97
C TRP A 39 -21.61 -15.80 35.60
N LYS A 40 -21.71 -15.05 34.51
CA LYS A 40 -22.97 -14.80 33.82
C LYS A 40 -22.74 -15.06 32.34
N ASP A 41 -23.80 -14.91 31.55
CA ASP A 41 -23.71 -15.16 30.11
C ASP A 41 -23.55 -13.86 29.33
N ALA A 42 -22.55 -13.85 28.44
CA ALA A 42 -22.31 -12.75 27.50
C ALA A 42 -21.67 -13.34 26.25
N GLU A 43 -21.60 -12.53 25.20
CA GLU A 43 -21.16 -13.03 23.91
C GLU A 43 -19.91 -12.27 23.46
N THR A 44 -18.88 -13.01 23.09
CA THR A 44 -17.55 -12.47 22.87
C THR A 44 -16.91 -13.23 21.72
N THR A 45 -16.12 -12.52 20.91
CA THR A 45 -15.36 -13.14 19.83
C THR A 45 -14.28 -14.06 20.38
N LEU A 46 -13.92 -15.07 19.58
CA LEU A 46 -12.88 -16.04 19.94
C LEU A 46 -11.74 -15.99 18.93
N PHE A 47 -10.84 -16.96 19.04
CA PHE A 47 -9.67 -17.06 18.16
C PHE A 47 -9.28 -18.53 18.01
N CYS A 48 -8.48 -18.80 16.98
CA CYS A 48 -8.14 -20.17 16.62
C CYS A 48 -6.92 -20.67 17.37
N ALA A 49 -6.80 -21.98 17.45
CA ALA A 49 -5.59 -22.67 17.90
C ALA A 49 -5.40 -23.90 17.02
N SER A 50 -4.21 -24.06 16.47
CA SER A 50 -3.91 -25.20 15.63
C SER A 50 -2.42 -25.45 15.65
N ASP A 51 -1.99 -26.48 14.91
CA ASP A 51 -0.58 -26.84 14.91
C ASP A 51 0.19 -26.12 13.79
N ASN A 61 -3.11 -24.34 3.02
CA ASN A 61 -4.44 -24.58 2.49
C ASN A 61 -5.33 -23.33 2.63
N VAL A 62 -6.61 -23.50 2.31
CA VAL A 62 -7.53 -22.36 2.27
C VAL A 62 -7.87 -21.89 3.69
N TRP A 63 -7.66 -22.74 4.70
CA TRP A 63 -7.97 -22.33 6.05
C TRP A 63 -6.66 -21.86 6.69
N ALA A 64 -6.69 -20.70 7.33
CA ALA A 64 -5.46 -20.07 7.84
C ALA A 64 -4.97 -20.81 9.07
N THR A 65 -4.28 -21.93 8.84
CA THR A 65 -3.72 -22.71 9.93
C THR A 65 -2.46 -22.05 10.48
N HIS A 66 -1.62 -21.50 9.62
CA HIS A 66 -0.36 -20.90 10.04
C HIS A 66 -0.55 -19.58 10.77
N ALA A 67 -1.71 -18.95 10.65
CA ALA A 67 -2.03 -17.71 11.35
C ALA A 67 -2.69 -17.96 12.71
N CYS A 68 -2.44 -19.10 13.33
CA CYS A 68 -3.04 -19.46 14.61
C CYS A 68 -1.95 -19.66 15.65
N VAL A 69 -2.32 -19.44 16.91
CA VAL A 69 -1.44 -19.77 18.04
C VAL A 69 -1.31 -21.29 18.15
N PRO A 70 -0.14 -21.83 18.51
CA PRO A 70 -0.08 -23.26 18.81
C PRO A 70 -0.95 -23.65 19.99
N THR A 71 -1.50 -24.86 19.91
CA THR A 71 -2.45 -25.32 20.91
C THR A 71 -1.76 -25.63 22.24
N ASP A 72 -2.56 -25.68 23.30
CA ASP A 72 -2.09 -25.88 24.66
C ASP A 72 -2.57 -27.23 25.20
N PRO A 73 -1.58 -28.07 25.75
CA PRO A 73 -1.81 -29.54 25.83
C PRO A 73 -2.42 -30.09 27.11
N ASN A 74 -3.45 -30.92 26.95
CA ASN A 74 -4.29 -31.52 27.99
C ASN A 74 -4.86 -30.43 28.90
N PRO A 75 -5.87 -29.65 28.45
CA PRO A 75 -6.56 -28.72 29.37
C PRO A 75 -7.42 -29.49 30.37
N GLN A 76 -7.11 -29.33 31.65
CA GLN A 76 -7.80 -30.10 32.68
C GLN A 76 -9.19 -29.54 32.92
N GLU A 77 -10.19 -30.42 32.89
CA GLU A 77 -11.57 -30.02 33.11
C GLU A 77 -11.91 -30.07 34.59
N ILE A 78 -13.14 -29.67 34.91
CA ILE A 78 -13.64 -29.65 36.28
C ILE A 78 -15.12 -30.03 36.24
N HIS A 79 -15.57 -30.73 37.28
CA HIS A 79 -16.95 -31.19 37.38
C HIS A 79 -17.72 -30.30 38.35
N LEU A 80 -18.86 -29.77 37.89
CA LEU A 80 -19.79 -29.05 38.74
C LEU A 80 -20.85 -30.03 39.19
N GLU A 81 -20.75 -30.48 40.44
CA GLU A 81 -21.60 -31.55 40.92
C GLU A 81 -23.01 -31.09 41.25
N ASN A 82 -23.21 -29.80 41.53
CA ASN A 82 -24.48 -29.27 42.01
C ASN A 82 -24.97 -28.13 41.12
N VAL A 83 -24.99 -28.35 39.82
CA VAL A 83 -25.38 -27.32 38.86
C VAL A 83 -26.63 -27.78 38.10
N THR A 84 -27.45 -26.80 37.71
CA THR A 84 -28.64 -27.03 36.90
C THR A 84 -28.67 -25.95 35.81
N GLU A 85 -27.54 -25.80 35.10
CA GLU A 85 -27.39 -24.73 34.14
C GLU A 85 -28.13 -25.05 32.84
N GLU A 86 -28.87 -24.06 32.33
CA GLU A 86 -29.61 -24.22 31.09
C GLU A 86 -28.66 -24.07 29.90
N PHE A 87 -28.79 -24.99 28.95
CA PHE A 87 -28.02 -24.97 27.71
C PHE A 87 -28.95 -24.74 26.52
N ASN A 88 -28.41 -24.10 25.49
CA ASN A 88 -29.17 -23.84 24.27
C ASN A 88 -28.18 -23.84 23.10
N MET A 89 -28.26 -24.84 22.24
CA MET A 89 -27.43 -24.91 21.05
C MET A 89 -28.01 -24.16 19.87
N TRP A 90 -29.25 -23.68 19.98
CA TRP A 90 -29.92 -23.05 18.86
C TRP A 90 -29.76 -21.55 18.80
N LYS A 91 -29.59 -20.88 19.94
CA LYS A 91 -29.58 -19.41 19.96
C LYS A 91 -28.31 -18.88 20.58
N ASN A 92 -27.20 -19.57 20.37
CA ASN A 92 -25.88 -19.04 20.69
C ASN A 92 -25.22 -18.61 19.39
N ASN A 93 -24.55 -17.46 19.39
CA ASN A 93 -23.87 -17.01 18.18
C ASN A 93 -22.43 -17.50 18.09
N MET A 94 -22.10 -18.60 18.76
CA MET A 94 -20.87 -19.32 18.46
C MET A 94 -20.90 -19.84 17.03
N VAL A 95 -22.04 -20.41 16.62
CA VAL A 95 -22.20 -20.88 15.25
C VAL A 95 -22.23 -19.72 14.26
N GLU A 96 -22.76 -18.56 14.68
CA GLU A 96 -22.80 -17.41 13.79
C GLU A 96 -21.41 -16.80 13.63
N GLN A 97 -20.63 -16.73 14.71
CA GLN A 97 -19.25 -16.30 14.63
C GLN A 97 -18.42 -17.26 13.77
N MET A 98 -18.69 -18.56 13.91
CA MET A 98 -18.07 -19.57 13.07
C MET A 98 -18.41 -19.35 11.60
N HIS A 99 -19.69 -19.12 11.29
CA HIS A 99 -20.12 -18.95 9.90
C HIS A 99 -19.52 -17.70 9.27
N THR A 100 -19.53 -16.59 10.02
CA THR A 100 -18.93 -15.34 9.54
C THR A 100 -17.42 -15.50 9.33
N ASP A 101 -16.77 -16.30 10.18
CA ASP A 101 -15.32 -16.46 10.08
C ASP A 101 -14.97 -17.37 8.89
N ILE A 102 -15.81 -18.40 8.64
CA ILE A 102 -15.60 -19.27 7.48
C ILE A 102 -15.76 -18.47 6.19
N ILE A 103 -16.80 -17.64 6.12
CA ILE A 103 -17.02 -16.79 4.94
C ILE A 103 -15.87 -15.80 4.77
N SER A 104 -15.38 -15.21 5.86
CA SER A 104 -14.28 -14.25 5.77
C SER A 104 -12.99 -14.89 5.31
N LEU A 105 -12.67 -16.08 5.82
CA LEU A 105 -11.48 -16.81 5.37
C LEU A 105 -11.60 -17.24 3.90
N TRP A 106 -12.81 -17.68 3.49
CA TRP A 106 -13.00 -18.14 2.13
C TRP A 106 -12.90 -16.99 1.13
N ASP A 107 -13.41 -15.82 1.50
CA ASP A 107 -13.29 -14.67 0.61
C ASP A 107 -11.89 -14.06 0.66
N GLN A 108 -11.18 -14.20 1.78
CA GLN A 108 -9.84 -13.63 1.87
C GLN A 108 -8.83 -14.47 1.12
N SER A 109 -9.00 -15.80 1.12
CA SER A 109 -8.01 -16.68 0.50
C SER A 109 -8.06 -16.65 -1.02
N LEU A 110 -9.13 -16.13 -1.62
CA LEU A 110 -9.23 -16.05 -3.07
C LEU A 110 -8.72 -14.73 -3.63
N LYS A 111 -8.23 -13.83 -2.77
CA LYS A 111 -7.69 -12.56 -3.26
C LYS A 111 -6.43 -12.69 -4.12
N PRO A 112 -5.30 -13.43 -3.70
CA PRO A 112 -4.12 -13.47 -4.56
C PRO A 112 -4.15 -14.58 -5.60
N CYS A 113 -5.26 -14.68 -6.34
CA CYS A 113 -5.42 -15.66 -7.39
C CYS A 113 -6.04 -14.96 -8.60
N VAL A 114 -5.87 -15.56 -9.77
CA VAL A 114 -6.18 -14.87 -11.03
C VAL A 114 -7.69 -14.82 -11.27
N LYS A 115 -8.15 -13.65 -11.72
CA LYS A 115 -9.53 -13.44 -12.15
C LYS A 115 -9.69 -13.83 -13.62
N LEU A 116 -10.75 -14.57 -13.92
CA LEU A 116 -11.03 -15.01 -15.29
C LEU A 116 -11.96 -14.06 -16.04
N THR A 117 -11.62 -12.77 -16.07
CA THR A 117 -12.41 -11.87 -16.91
C THR A 117 -12.26 -11.96 -18.44
N PRO A 118 -11.16 -12.40 -19.07
CA PRO A 118 -11.21 -12.50 -20.54
C PRO A 118 -11.78 -13.81 -21.05
N LEU A 119 -12.13 -14.74 -20.16
CA LEU A 119 -12.63 -16.05 -20.58
C LEU A 119 -14.04 -15.99 -21.16
N CYS A 120 -14.85 -15.00 -20.78
CA CYS A 120 -16.22 -14.90 -21.26
C CYS A 120 -16.24 -14.38 -22.70
N VAL A 121 -16.08 -15.31 -23.63
CA VAL A 121 -16.19 -15.05 -25.06
C VAL A 121 -17.19 -16.03 -25.65
N THR A 122 -17.38 -15.93 -26.97
CA THR A 122 -18.18 -16.92 -27.69
C THR A 122 -17.40 -18.23 -27.76
N LEU A 123 -18.09 -19.32 -27.43
CA LEU A 123 -17.49 -20.65 -27.47
C LEU A 123 -18.17 -21.50 -28.52
N GLN A 124 -17.38 -22.06 -29.43
CA GLN A 124 -17.86 -23.02 -30.40
C GLN A 124 -17.53 -24.42 -29.89
N CYS A 125 -18.55 -25.24 -29.70
CA CYS A 125 -18.39 -26.52 -29.03
C CYS A 125 -19.03 -27.64 -29.83
N THR A 126 -18.45 -28.83 -29.72
CA THR A 126 -18.99 -30.04 -30.33
C THR A 126 -19.00 -31.14 -29.26
N ASN A 127 -19.81 -32.17 -29.52
CA ASN A 127 -19.91 -33.28 -28.59
C ASN A 127 -18.65 -34.13 -28.60
N VAL A 128 -18.44 -34.85 -27.51
CA VAL A 128 -17.26 -35.69 -27.33
C VAL A 128 -17.67 -37.13 -27.59
N THR A 129 -17.16 -37.68 -28.69
CA THR A 129 -17.42 -39.05 -29.16
C THR A 129 -18.90 -39.39 -29.29
N GLY A 138 -23.75 -38.33 -23.26
CA GLY A 138 -23.55 -37.03 -23.88
C GLY A 138 -23.50 -35.90 -22.88
N GLU A 139 -22.38 -35.81 -22.15
CA GLU A 139 -22.18 -34.79 -21.13
C GLU A 139 -21.04 -33.84 -21.44
N LEU A 140 -19.85 -34.38 -21.76
CA LEU A 140 -18.69 -33.53 -22.01
C LEU A 140 -18.82 -32.81 -23.35
N LYS A 141 -18.43 -31.54 -23.36
CA LYS A 141 -18.49 -30.70 -24.54
C LYS A 141 -17.10 -30.19 -24.88
N ASN A 142 -16.71 -30.33 -26.14
CA ASN A 142 -15.38 -29.95 -26.62
C ASN A 142 -15.44 -28.54 -27.19
N CYS A 143 -15.10 -27.56 -26.36
CA CYS A 143 -15.24 -26.15 -26.70
C CYS A 143 -13.91 -25.55 -27.15
N SER A 144 -13.93 -24.83 -28.26
CA SER A 144 -12.78 -24.11 -28.76
C SER A 144 -13.16 -22.64 -28.95
N PHE A 145 -12.25 -21.74 -28.59
CA PHE A 145 -12.55 -20.32 -28.59
C PHE A 145 -11.29 -19.53 -28.93
N ASN A 146 -11.49 -18.25 -29.27
CA ASN A 146 -10.40 -17.32 -29.47
C ASN A 146 -10.03 -16.69 -28.13
N MET A 147 -8.76 -16.80 -27.76
CA MET A 147 -8.28 -16.33 -26.46
C MET A 147 -7.09 -15.41 -26.67
N THR A 148 -7.06 -14.32 -25.91
CA THR A 148 -5.96 -13.37 -26.01
C THR A 148 -4.68 -13.95 -25.41
N THR A 149 -3.56 -13.40 -25.85
CA THR A 149 -2.23 -13.84 -25.44
C THR A 149 -1.52 -12.69 -24.71
N GLU A 150 -0.22 -12.89 -24.43
CA GLU A 150 0.54 -11.87 -23.72
C GLU A 150 0.77 -10.62 -24.57
N LEU A 151 0.66 -10.75 -25.89
CA LEU A 151 0.74 -9.60 -26.77
C LEU A 151 -0.66 -9.06 -27.02
N ARG A 152 -0.81 -7.73 -26.91
CA ARG A 152 -2.13 -7.12 -26.91
C ARG A 152 -2.78 -7.11 -28.28
N ASP A 153 -2.03 -7.31 -29.35
CA ASP A 153 -2.59 -7.28 -30.70
C ASP A 153 -2.87 -8.66 -31.29
N LYS A 154 -2.24 -9.71 -30.77
CA LYS A 154 -2.36 -11.04 -31.34
C LYS A 154 -3.32 -11.90 -30.53
N LYS A 155 -3.86 -12.93 -31.20
CA LYS A 155 -4.81 -13.84 -30.59
C LYS A 155 -4.52 -15.25 -31.08
N GLN A 156 -5.00 -16.24 -30.31
CA GLN A 156 -4.75 -17.65 -30.60
C GLN A 156 -6.05 -18.43 -30.50
N LYS A 157 -6.01 -19.65 -31.02
CA LYS A 157 -7.14 -20.58 -30.95
C LYS A 157 -6.85 -21.65 -29.92
N VAL A 158 -7.71 -21.77 -28.92
CA VAL A 158 -7.49 -22.64 -27.78
C VAL A 158 -8.75 -23.49 -27.55
N TYR A 159 -8.56 -24.80 -27.43
CA TYR A 159 -9.65 -25.73 -27.18
C TYR A 159 -9.55 -26.29 -25.77
N SER A 160 -10.70 -26.68 -25.22
CA SER A 160 -10.79 -27.27 -23.89
C SER A 160 -12.06 -28.11 -23.82
N LEU A 161 -12.20 -28.87 -22.73
CA LEU A 161 -13.39 -29.66 -22.47
C LEU A 161 -14.16 -29.04 -21.30
N PHE A 162 -15.47 -28.87 -21.48
CA PHE A 162 -16.33 -28.31 -20.44
C PHE A 162 -17.52 -29.22 -20.22
N TYR A 163 -17.93 -29.33 -18.96
CA TYR A 163 -19.11 -30.12 -18.63
C TYR A 163 -20.38 -29.37 -19.03
N ARG A 164 -21.48 -30.10 -19.09
CA ARG A 164 -22.73 -29.55 -19.62
C ARG A 164 -23.37 -28.55 -18.67
N LEU A 165 -23.05 -28.60 -17.38
CA LEU A 165 -23.64 -27.71 -16.39
C LEU A 165 -22.95 -26.34 -16.33
N ASP A 166 -21.88 -26.14 -17.10
CA ASP A 166 -21.17 -24.88 -17.10
C ASP A 166 -21.37 -24.05 -18.37
N VAL A 167 -22.07 -24.59 -19.36
CA VAL A 167 -22.28 -23.89 -20.63
C VAL A 167 -23.78 -23.79 -20.87
N VAL A 168 -24.18 -22.76 -21.63
CA VAL A 168 -25.58 -22.51 -21.94
C VAL A 168 -25.66 -22.11 -23.41
N GLN A 169 -26.79 -22.43 -24.04
CA GLN A 169 -26.99 -22.18 -25.46
C GLN A 169 -27.59 -20.80 -25.67
N ILE A 170 -27.01 -20.04 -26.60
CA ILE A 170 -27.47 -18.70 -26.94
C ILE A 170 -27.84 -18.69 -28.41
N ASN A 171 -28.83 -17.87 -28.76
CA ASN A 171 -29.26 -17.74 -30.15
C ASN A 171 -29.23 -16.28 -30.58
N ASN A 182 -26.71 -23.35 -33.13
CA ASN A 182 -26.63 -24.60 -32.39
C ASN A 182 -25.18 -24.94 -32.08
N LYS A 183 -24.29 -24.00 -32.40
CA LYS A 183 -22.85 -24.21 -32.20
C LYS A 183 -22.21 -23.01 -31.51
N GLU A 184 -22.98 -22.20 -30.80
CA GLU A 184 -22.48 -21.03 -30.09
C GLU A 184 -22.88 -21.15 -28.62
N TYR A 185 -21.88 -21.31 -27.74
CA TYR A 185 -22.12 -21.46 -26.32
C TYR A 185 -21.36 -20.37 -25.57
N ARG A 186 -21.74 -20.20 -24.30
CA ARG A 186 -21.05 -19.29 -23.40
C ARG A 186 -21.12 -19.85 -21.99
N LEU A 187 -20.24 -19.35 -21.12
CA LEU A 187 -20.25 -19.78 -19.73
C LEU A 187 -21.48 -19.24 -19.01
N ILE A 188 -21.93 -19.99 -18.00
CA ILE A 188 -23.15 -19.63 -17.27
C ILE A 188 -22.95 -18.44 -16.36
N ASN A 189 -21.70 -18.12 -15.99
CA ASN A 189 -21.41 -17.07 -15.03
C ASN A 189 -21.35 -15.67 -15.64
N CYS A 190 -21.44 -15.54 -16.97
CA CYS A 190 -21.20 -14.27 -17.65
C CYS A 190 -22.22 -13.18 -17.33
N ASN A 191 -23.51 -13.52 -17.26
CA ASN A 191 -24.53 -12.50 -17.07
C ASN A 191 -24.87 -12.29 -15.60
N THR A 192 -24.03 -12.77 -14.69
CA THR A 192 -24.26 -12.51 -13.27
C THR A 192 -23.02 -12.03 -12.53
N SER A 193 -21.82 -12.40 -13.00
CA SER A 193 -20.60 -12.18 -12.24
C SER A 193 -19.39 -12.38 -13.16
N ALA A 194 -18.20 -12.43 -12.55
CA ALA A 194 -16.97 -12.82 -13.22
C ALA A 194 -16.17 -13.65 -12.22
N CYS A 195 -15.92 -14.91 -12.57
CA CYS A 195 -15.37 -15.86 -11.62
C CYS A 195 -13.90 -15.59 -11.34
N THR A 196 -13.48 -15.93 -10.12
CA THR A 196 -12.08 -15.86 -9.70
C THR A 196 -11.57 -17.30 -9.62
N GLN A 197 -10.63 -17.63 -10.49
CA GLN A 197 -10.09 -18.99 -10.53
C GLN A 197 -9.21 -19.21 -9.31
N ALA A 198 -9.43 -20.32 -8.63
CA ALA A 198 -8.62 -20.66 -7.47
C ALA A 198 -7.22 -21.04 -7.93
N CYS A 199 -6.25 -20.17 -7.64
CA CYS A 199 -4.87 -20.45 -8.00
C CYS A 199 -4.35 -21.63 -7.19
N PRO A 200 -3.69 -22.60 -7.84
CA PRO A 200 -3.68 -23.98 -7.32
C PRO A 200 -2.70 -24.26 -6.19
N LYS A 201 -2.11 -23.24 -5.56
CA LYS A 201 -1.18 -23.52 -4.47
C LYS A 201 -1.96 -23.93 -3.21
N VAL A 202 -3.08 -23.28 -2.95
CA VAL A 202 -3.87 -23.56 -1.75
C VAL A 202 -4.60 -24.89 -1.90
N SER A 203 -4.86 -25.52 -0.76
CA SER A 203 -5.56 -26.79 -0.68
C SER A 203 -6.92 -26.59 -0.01
N PHE A 204 -7.77 -27.60 -0.13
CA PHE A 204 -9.15 -27.52 0.34
C PHE A 204 -9.47 -28.59 1.39
N GLU A 205 -8.45 -29.17 2.02
CA GLU A 205 -8.68 -30.23 3.00
C GLU A 205 -9.21 -29.61 4.29
N PRO A 206 -10.25 -30.20 4.90
CA PRO A 206 -10.76 -29.65 6.16
C PRO A 206 -9.84 -29.95 7.35
N ILE A 207 -8.84 -29.09 7.55
CA ILE A 207 -7.92 -29.21 8.68
C ILE A 207 -8.68 -28.97 9.98
N PRO A 208 -8.39 -29.70 11.06
CA PRO A 208 -9.05 -29.41 12.33
C PRO A 208 -8.67 -28.03 12.88
N ILE A 209 -9.64 -27.42 13.57
CA ILE A 209 -9.46 -26.09 14.14
C ILE A 209 -10.05 -26.11 15.56
N HIS A 210 -9.39 -25.40 16.48
CA HIS A 210 -9.83 -25.31 17.86
C HIS A 210 -10.23 -23.89 18.18
N TYR A 211 -11.34 -23.73 18.88
CA TYR A 211 -11.82 -22.43 19.34
C TYR A 211 -11.47 -22.27 20.81
N CYS A 212 -10.77 -21.18 21.14
CA CYS A 212 -10.33 -20.91 22.49
C CYS A 212 -10.93 -19.60 22.98
N ALA A 213 -11.46 -19.62 24.20
CA ALA A 213 -12.03 -18.43 24.79
C ALA A 213 -10.92 -17.45 25.17
N PRO A 214 -11.17 -16.15 25.11
CA PRO A 214 -10.18 -15.18 25.59
C PRO A 214 -10.15 -15.10 27.11
N ALA A 215 -9.14 -14.40 27.62
CA ALA A 215 -8.98 -14.25 29.05
C ALA A 215 -10.10 -13.40 29.62
N GLY A 216 -10.57 -13.78 30.81
CA GLY A 216 -11.76 -13.21 31.38
C GLY A 216 -13.05 -13.83 30.89
N PHE A 217 -12.98 -14.92 30.13
CA PHE A 217 -14.16 -15.63 29.65
C PHE A 217 -13.87 -17.13 29.68
N ALA A 218 -14.94 -17.91 29.71
CA ALA A 218 -14.82 -19.37 29.76
C ALA A 218 -15.85 -19.99 28.82
N ILE A 219 -15.54 -21.21 28.37
CA ILE A 219 -16.46 -22.02 27.60
C ILE A 219 -16.68 -23.32 28.36
N LEU A 220 -17.87 -23.89 28.22
CA LEU A 220 -18.28 -25.04 29.02
C LEU A 220 -18.44 -26.27 28.12
N LYS A 221 -18.79 -27.41 28.73
CA LYS A 221 -18.96 -28.64 27.96
C LYS A 221 -19.98 -29.51 28.65
N CYS A 222 -21.10 -29.79 27.97
CA CYS A 222 -22.12 -30.67 28.50
C CYS A 222 -21.69 -32.12 28.36
N LYS A 223 -21.81 -32.87 29.46
CA LYS A 223 -21.42 -34.28 29.48
C LYS A 223 -22.61 -35.21 29.57
N ASP A 224 -23.84 -34.70 29.43
CA ASP A 224 -25.02 -35.53 29.53
C ASP A 224 -25.17 -36.40 28.28
N LYS A 225 -25.41 -37.70 28.48
CA LYS A 225 -25.45 -38.64 27.37
C LYS A 225 -26.71 -38.45 26.53
N LYS A 226 -27.87 -38.38 27.17
CA LYS A 226 -29.14 -38.19 26.47
C LYS A 226 -29.53 -36.71 26.46
N PHE A 227 -28.62 -35.90 25.91
CA PHE A 227 -28.80 -34.45 25.86
C PHE A 227 -29.45 -34.08 24.53
N ASN A 228 -30.68 -33.57 24.59
CA ASN A 228 -31.42 -33.25 23.39
C ASN A 228 -31.17 -31.83 22.88
N GLY A 229 -30.27 -31.08 23.52
CA GLY A 229 -29.89 -29.78 23.01
C GLY A 229 -30.44 -28.60 23.79
N THR A 230 -31.69 -28.71 24.23
CA THR A 230 -32.39 -27.61 24.88
C THR A 230 -32.85 -28.05 26.27
N GLY A 231 -32.61 -27.19 27.26
CA GLY A 231 -33.05 -27.45 28.60
C GLY A 231 -31.91 -27.56 29.60
N PRO A 232 -32.23 -27.50 30.90
CA PRO A 232 -31.18 -27.55 31.92
C PRO A 232 -30.60 -28.94 32.13
N CYS A 233 -29.40 -29.16 31.64
CA CYS A 233 -28.74 -30.44 31.84
C CYS A 233 -28.19 -30.54 33.27
N PRO A 234 -28.19 -31.73 33.87
CA PRO A 234 -27.68 -31.86 35.25
C PRO A 234 -26.17 -31.73 35.38
N SER A 235 -25.40 -32.05 34.34
CA SER A 235 -23.95 -32.10 34.44
C SER A 235 -23.34 -31.09 33.48
N VAL A 236 -22.49 -30.21 34.03
CA VAL A 236 -21.79 -29.18 33.26
C VAL A 236 -20.30 -29.25 33.60
N SER A 237 -19.47 -29.32 32.57
CA SER A 237 -18.02 -29.27 32.73
C SER A 237 -17.50 -27.93 32.23
N THR A 238 -16.18 -27.75 32.33
CA THR A 238 -15.51 -26.54 31.88
C THR A 238 -14.23 -26.93 31.15
N VAL A 239 -14.01 -26.33 29.99
CA VAL A 239 -12.86 -26.66 29.15
C VAL A 239 -12.24 -25.35 28.68
N GLN A 240 -10.94 -25.40 28.37
CA GLN A 240 -10.25 -24.21 27.87
C GLN A 240 -10.48 -24.02 26.37
N CYS A 241 -10.26 -25.06 25.58
CA CYS A 241 -10.34 -24.96 24.13
C CYS A 241 -11.14 -26.13 23.58
N THR A 242 -11.70 -25.94 22.38
CA THR A 242 -12.56 -26.95 21.78
C THR A 242 -11.74 -28.12 21.23
N HIS A 243 -12.45 -29.15 20.78
CA HIS A 243 -11.81 -30.35 20.26
C HIS A 243 -11.48 -30.18 18.78
N GLY A 244 -11.22 -31.29 18.09
CA GLY A 244 -10.77 -31.25 16.72
C GLY A 244 -11.88 -31.00 15.71
N ILE A 245 -12.36 -29.77 15.66
CA ILE A 245 -13.51 -29.41 14.83
C ILE A 245 -13.07 -29.27 13.39
N LYS A 246 -13.68 -30.05 12.50
CA LYS A 246 -13.37 -30.00 11.07
C LYS A 246 -14.47 -29.26 10.33
N PRO A 247 -14.19 -28.14 9.69
CA PRO A 247 -15.23 -27.40 8.93
C PRO A 247 -15.45 -27.93 7.51
N VAL A 248 -16.18 -29.04 7.44
CA VAL A 248 -16.57 -29.60 6.14
C VAL A 248 -17.77 -28.83 5.61
N VAL A 249 -17.96 -28.90 4.29
CA VAL A 249 -19.13 -28.32 3.64
C VAL A 249 -19.96 -29.45 3.05
N SER A 250 -21.27 -29.43 3.32
CA SER A 250 -22.14 -30.52 2.91
C SER A 250 -23.55 -29.99 2.73
N THR A 251 -24.33 -30.72 1.93
CA THR A 251 -25.78 -30.52 1.82
C THR A 251 -26.46 -31.86 2.06
N GLN A 252 -27.42 -31.86 2.98
CA GLN A 252 -28.37 -32.92 3.30
C GLN A 252 -27.78 -34.25 3.76
N LEU A 253 -26.44 -34.34 3.84
CA LEU A 253 -25.80 -35.58 4.27
C LEU A 253 -24.44 -35.23 4.85
N LEU A 254 -24.33 -35.20 6.17
CA LEU A 254 -23.09 -34.83 6.82
C LEU A 254 -22.09 -35.98 6.78
N LEU A 255 -20.80 -35.64 6.83
CA LEU A 255 -19.75 -36.64 6.80
C LEU A 255 -18.51 -36.08 7.47
N ASN A 256 -17.62 -37.00 7.89
CA ASN A 256 -16.37 -36.70 8.60
C ASN A 256 -16.61 -35.89 9.88
N GLY A 257 -17.69 -36.22 10.59
CA GLY A 257 -18.06 -35.51 11.79
C GLY A 257 -17.72 -36.27 13.06
N SER A 258 -18.33 -35.82 14.16
CA SER A 258 -18.12 -36.41 15.47
C SER A 258 -19.22 -37.43 15.75
N LEU A 259 -18.82 -38.61 16.21
CA LEU A 259 -19.77 -39.68 16.46
C LEU A 259 -20.57 -39.41 17.74
N ALA A 260 -21.63 -40.18 17.92
CA ALA A 260 -22.46 -40.10 19.12
C ALA A 260 -21.83 -40.95 20.21
N GLU A 261 -22.58 -41.16 21.30
CA GLU A 261 -22.05 -41.86 22.47
C GLU A 261 -22.67 -43.24 22.66
N GLU A 262 -23.99 -43.33 22.76
CA GLU A 262 -24.61 -44.63 23.02
C GLU A 262 -25.76 -44.92 22.06
N GLU A 263 -26.52 -43.92 21.66
CA GLU A 263 -27.63 -44.14 20.72
C GLU A 263 -27.69 -42.97 19.75
N VAL A 264 -28.77 -42.94 18.96
CA VAL A 264 -29.02 -41.90 17.96
C VAL A 264 -30.03 -40.92 18.53
N MET A 265 -29.66 -39.63 18.54
CA MET A 265 -30.50 -38.58 19.11
C MET A 265 -31.17 -37.76 18.01
N ILE A 266 -32.39 -37.33 18.28
CA ILE A 266 -33.19 -36.52 17.34
C ILE A 266 -33.50 -35.19 18.01
N ARG A 267 -33.03 -34.10 17.40
CA ARG A 267 -33.08 -32.77 18.00
C ARG A 267 -33.73 -31.79 17.04
N SER A 268 -34.47 -30.82 17.59
CA SER A 268 -35.15 -29.81 16.78
C SER A 268 -35.51 -28.62 17.67
N GLU A 269 -36.00 -27.56 17.02
CA GLU A 269 -36.68 -26.49 17.74
C GLU A 269 -37.92 -27.02 18.45
N ASN A 270 -38.89 -27.46 17.65
CA ASN A 270 -40.05 -28.22 18.10
C ASN A 270 -40.25 -29.40 17.17
N ILE A 271 -40.83 -30.48 17.71
CA ILE A 271 -41.13 -31.65 16.89
C ILE A 271 -42.48 -31.54 16.19
N THR A 272 -43.28 -30.53 16.56
CA THR A 272 -44.64 -30.37 16.03
C THR A 272 -44.73 -29.26 15.00
N ASN A 273 -43.70 -29.07 14.18
CA ASN A 273 -43.74 -28.08 13.12
C ASN A 273 -42.93 -28.57 11.94
N ASN A 274 -43.50 -28.49 10.74
CA ASN A 274 -42.82 -28.87 9.51
C ASN A 274 -42.12 -27.68 8.85
N ALA A 275 -41.39 -26.91 9.65
CA ALA A 275 -40.63 -25.78 9.13
C ALA A 275 -39.26 -25.65 9.76
N LYS A 276 -38.86 -26.58 10.63
CA LYS A 276 -37.55 -26.58 11.27
C LYS A 276 -36.84 -27.87 10.93
N ASN A 277 -35.55 -27.76 10.63
CA ASN A 277 -34.79 -28.93 10.19
C ASN A 277 -34.51 -29.87 11.36
N ILE A 278 -34.64 -31.18 11.08
CA ILE A 278 -34.40 -32.22 12.07
C ILE A 278 -32.97 -32.69 11.89
N LEU A 279 -32.16 -32.57 12.94
CA LEU A 279 -30.75 -32.93 12.88
C LEU A 279 -30.57 -34.27 13.58
N VAL A 280 -30.06 -35.26 12.85
CA VAL A 280 -29.92 -36.63 13.34
C VAL A 280 -28.45 -37.00 13.31
N GLN A 281 -27.92 -37.46 14.44
CA GLN A 281 -26.52 -37.82 14.56
C GLN A 281 -26.41 -39.34 14.75
N PHE A 282 -25.48 -39.95 14.03
CA PHE A 282 -25.36 -41.41 14.01
C PHE A 282 -24.53 -41.92 15.19
N ASN A 283 -24.96 -43.05 15.74
CA ASN A 283 -24.19 -43.75 16.75
C ASN A 283 -23.00 -44.47 16.15
N THR A 284 -23.18 -45.06 14.97
CA THR A 284 -22.14 -45.82 14.28
C THR A 284 -21.89 -45.20 12.92
N PRO A 285 -20.63 -45.19 12.46
CA PRO A 285 -20.35 -44.59 11.16
C PRO A 285 -20.82 -45.46 10.01
N VAL A 286 -21.26 -44.79 8.93
CA VAL A 286 -21.71 -45.45 7.71
C VAL A 286 -20.73 -45.02 6.62
N GLN A 287 -19.86 -45.94 6.21
CA GLN A 287 -18.74 -45.58 5.34
C GLN A 287 -19.19 -45.43 3.90
N ILE A 288 -18.81 -44.31 3.27
CA ILE A 288 -18.90 -44.13 1.84
C ILE A 288 -17.50 -43.94 1.28
N ASN A 289 -17.32 -44.35 0.03
CA ASN A 289 -16.03 -44.27 -0.65
C ASN A 289 -16.22 -44.25 -2.16
N CYS A 290 -15.66 -43.22 -2.80
CA CYS A 290 -15.93 -43.01 -4.22
C CYS A 290 -14.89 -42.13 -4.89
N THR A 291 -14.76 -42.37 -6.19
CA THR A 291 -13.65 -41.98 -7.04
C THR A 291 -14.17 -41.20 -8.25
N ARG A 292 -13.23 -40.82 -9.12
CA ARG A 292 -13.49 -40.42 -10.50
C ARG A 292 -12.84 -41.45 -11.41
N PRO A 293 -13.61 -42.20 -12.21
CA PRO A 293 -12.99 -43.18 -13.12
C PRO A 293 -12.23 -42.54 -14.28
N ASN A 294 -12.50 -41.28 -14.60
CA ASN A 294 -11.85 -40.64 -15.73
C ASN A 294 -10.41 -40.26 -15.41
N ASN A 295 -9.59 -40.20 -16.45
CA ASN A 295 -8.20 -39.81 -16.34
C ASN A 295 -8.02 -38.48 -17.07
N ASN A 296 -8.13 -37.38 -16.32
CA ASN A 296 -7.96 -36.05 -16.87
C ASN A 296 -6.49 -35.65 -16.85
N THR A 297 -6.09 -34.84 -17.82
CA THR A 297 -4.79 -34.19 -17.83
C THR A 297 -5.00 -32.69 -17.77
N ARG A 298 -4.02 -31.98 -17.21
CA ARG A 298 -4.13 -30.55 -17.00
C ARG A 298 -3.08 -29.83 -17.84
N LYS A 299 -3.52 -28.84 -18.61
CA LYS A 299 -2.63 -28.00 -19.40
C LYS A 299 -2.85 -26.54 -19.01
N SER A 300 -1.83 -25.72 -19.24
CA SER A 300 -1.86 -24.31 -18.91
C SER A 300 -1.90 -23.48 -20.18
N ILE A 301 -2.88 -22.60 -20.28
CA ILE A 301 -3.02 -21.67 -21.40
C ILE A 301 -2.79 -20.28 -20.84
N ARG A 302 -1.76 -19.60 -21.35
CA ARG A 302 -1.45 -18.26 -20.89
C ARG A 302 -2.45 -17.27 -21.48
N ILE A 303 -3.06 -16.47 -20.61
CA ILE A 303 -4.05 -15.49 -21.04
C ILE A 303 -3.55 -14.06 -20.91
N GLY A 304 -2.39 -13.84 -20.30
CA GLY A 304 -1.85 -12.52 -20.13
C GLY A 304 -0.42 -12.54 -19.62
N PRO A 305 0.09 -11.38 -19.21
CA PRO A 305 1.47 -11.33 -18.71
C PRO A 305 1.62 -11.91 -17.31
N GLY A 306 1.72 -13.23 -17.22
CA GLY A 306 1.88 -13.91 -15.95
C GLY A 306 0.64 -14.50 -15.36
N GLN A 307 -0.48 -14.49 -16.07
CA GLN A 307 -1.73 -15.07 -15.60
C GLN A 307 -2.03 -16.32 -16.40
N ALA A 308 -2.14 -17.44 -15.71
CA ALA A 308 -2.44 -18.72 -16.35
C ALA A 308 -3.92 -19.05 -16.17
N PHE A 309 -4.34 -20.10 -16.88
CA PHE A 309 -5.71 -20.60 -16.76
C PHE A 309 -5.64 -22.09 -17.06
N TYR A 310 -5.82 -22.91 -16.02
CA TYR A 310 -5.67 -24.35 -16.15
C TYR A 310 -6.96 -24.94 -16.68
N ALA A 311 -6.94 -25.33 -17.95
CA ALA A 311 -8.10 -25.94 -18.61
C ALA A 311 -7.89 -27.43 -18.73
N THR A 312 -9.00 -28.15 -18.89
CA THR A 312 -8.95 -29.60 -19.00
C THR A 312 -8.44 -30.02 -20.37
N GLY A 313 -7.48 -30.94 -20.39
CA GLY A 313 -6.95 -31.49 -21.62
C GLY A 313 -7.82 -32.61 -22.14
N ASP A 314 -7.29 -33.31 -23.16
CA ASP A 314 -8.01 -34.42 -23.77
C ASP A 314 -8.04 -35.62 -22.81
N ILE A 315 -9.12 -36.40 -22.93
CA ILE A 315 -9.31 -37.52 -22.02
C ILE A 315 -8.39 -38.69 -22.42
N ILE A 316 -7.92 -39.42 -21.41
CA ILE A 316 -6.95 -40.48 -21.63
C ILE A 316 -7.65 -41.82 -21.83
N GLY A 317 -8.45 -42.23 -20.86
CA GLY A 317 -9.10 -43.52 -20.93
C GLY A 317 -10.45 -43.47 -21.63
N ASP A 318 -11.46 -44.08 -21.02
CA ASP A 318 -12.82 -44.06 -21.51
C ASP A 318 -13.68 -43.23 -20.57
N ILE A 319 -14.62 -42.47 -21.13
CA ILE A 319 -15.43 -41.59 -20.32
C ILE A 319 -16.51 -42.40 -19.59
N ARG A 320 -16.54 -42.25 -18.26
CA ARG A 320 -17.52 -42.90 -17.41
C ARG A 320 -17.89 -41.94 -16.28
N GLN A 321 -19.16 -41.96 -15.90
CA GLN A 321 -19.65 -41.03 -14.89
C GLN A 321 -19.15 -41.41 -13.50
N ALA A 322 -19.17 -40.41 -12.62
CA ALA A 322 -18.83 -40.65 -11.22
C ALA A 322 -19.97 -41.38 -10.52
N HIS A 323 -19.62 -42.43 -9.78
CA HIS A 323 -20.56 -43.25 -9.04
C HIS A 323 -20.10 -43.33 -7.60
N CYS A 324 -21.03 -43.40 -6.65
CA CYS A 324 -20.65 -43.30 -5.25
C CYS A 324 -21.59 -44.13 -4.38
N ASN A 325 -21.08 -45.27 -3.89
CA ASN A 325 -21.89 -46.33 -3.33
C ASN A 325 -21.63 -46.53 -1.84
N VAL A 326 -22.62 -47.15 -1.17
CA VAL A 326 -22.60 -47.40 0.26
C VAL A 326 -23.08 -48.83 0.49
N SER A 327 -22.70 -49.40 1.64
CA SER A 327 -23.14 -50.73 2.00
C SER A 327 -24.64 -50.76 2.27
N LYS A 328 -25.25 -51.93 2.05
CA LYS A 328 -26.70 -52.08 2.10
C LYS A 328 -27.21 -52.40 3.50
N ALA A 329 -26.63 -53.42 4.14
CA ALA A 329 -27.13 -53.87 5.44
C ALA A 329 -26.85 -52.85 6.53
N THR A 330 -25.69 -52.19 6.46
CA THR A 330 -25.35 -51.16 7.44
C THR A 330 -26.28 -49.96 7.34
N TRP A 331 -26.58 -49.52 6.11
CA TRP A 331 -27.51 -48.42 5.90
C TRP A 331 -28.93 -48.82 6.33
N ASN A 332 -29.33 -50.06 6.06
CA ASN A 332 -30.66 -50.53 6.45
C ASN A 332 -30.81 -50.58 7.97
N GLU A 333 -29.80 -51.09 8.67
CA GLU A 333 -29.89 -51.17 10.13
C GLU A 333 -29.75 -49.79 10.77
N THR A 334 -29.00 -48.88 10.14
CA THR A 334 -28.89 -47.52 10.68
C THR A 334 -30.20 -46.76 10.51
N LEU A 335 -30.86 -46.92 9.35
CA LEU A 335 -32.16 -46.29 9.15
C LEU A 335 -33.21 -46.92 10.05
N GLY A 336 -33.08 -48.22 10.33
CA GLY A 336 -33.97 -48.86 11.29
C GLY A 336 -33.81 -48.34 12.70
N LYS A 337 -32.56 -48.11 13.12
CA LYS A 337 -32.30 -47.49 14.43
C LYS A 337 -32.86 -46.07 14.50
N VAL A 338 -32.70 -45.30 13.42
CA VAL A 338 -33.19 -43.92 13.39
C VAL A 338 -34.71 -43.89 13.47
N VAL A 339 -35.40 -44.74 12.71
CA VAL A 339 -36.86 -44.75 12.76
C VAL A 339 -37.37 -45.31 14.09
N LYS A 340 -36.66 -46.30 14.67
CA LYS A 340 -37.08 -46.89 15.94
C LYS A 340 -36.99 -45.88 17.08
N GLN A 341 -35.92 -45.10 17.11
CA GLN A 341 -35.85 -44.05 18.13
C GLN A 341 -36.59 -42.78 17.72
N LEU A 342 -37.11 -42.70 16.49
CA LEU A 342 -37.90 -41.54 16.11
C LEU A 342 -39.38 -41.73 16.41
N ARG A 343 -39.87 -42.98 16.47
CA ARG A 343 -41.27 -43.21 16.83
C ARG A 343 -41.61 -42.80 18.26
N LYS A 344 -40.62 -42.54 19.12
CA LYS A 344 -40.85 -42.02 20.46
C LYS A 344 -41.35 -40.58 20.48
N HIS A 345 -41.28 -39.85 19.36
CA HIS A 345 -41.67 -38.45 19.32
C HIS A 345 -42.90 -38.16 18.46
N PHE A 346 -43.21 -39.02 17.48
CA PHE A 346 -44.29 -38.72 16.54
C PHE A 346 -45.49 -39.64 16.66
N GLY A 347 -45.37 -40.74 17.39
CA GLY A 347 -46.44 -41.72 17.46
C GLY A 347 -45.89 -43.12 17.37
N ASN A 348 -46.34 -44.02 18.24
CA ASN A 348 -45.71 -45.33 18.35
C ASN A 348 -46.32 -46.31 17.36
N ASN A 349 -47.53 -46.05 16.89
CA ASN A 349 -48.14 -46.81 15.79
C ASN A 349 -48.35 -45.85 14.62
N THR A 350 -47.29 -45.63 13.85
CA THR A 350 -47.33 -44.76 12.68
C THR A 350 -46.54 -45.42 11.55
N ILE A 351 -46.71 -44.87 10.34
CA ILE A 351 -45.95 -45.28 9.17
C ILE A 351 -44.99 -44.16 8.81
N ILE A 352 -43.71 -44.49 8.70
CA ILE A 352 -42.66 -43.53 8.37
C ILE A 352 -42.07 -43.92 7.02
N ARG A 353 -42.10 -42.98 6.08
CA ARG A 353 -41.55 -43.20 4.75
C ARG A 353 -40.51 -42.13 4.45
N PHE A 354 -39.53 -42.51 3.63
CA PHE A 354 -38.49 -41.60 3.16
C PHE A 354 -38.65 -41.40 1.66
N ALA A 355 -38.64 -40.16 1.22
CA ALA A 355 -38.67 -39.80 -0.18
C ALA A 355 -37.38 -39.08 -0.56
N ASN A 356 -37.27 -38.71 -1.83
CA ASN A 356 -36.11 -37.97 -2.29
C ASN A 356 -36.33 -36.47 -2.06
N SER A 357 -35.45 -35.65 -2.63
CA SER A 357 -35.54 -34.21 -2.45
C SER A 357 -36.74 -33.64 -3.19
N SER A 358 -37.27 -32.52 -2.66
CA SER A 358 -38.48 -31.94 -3.24
C SER A 358 -38.18 -31.23 -4.55
N GLY A 359 -37.07 -30.51 -4.62
CA GLY A 359 -36.71 -29.80 -5.83
C GLY A 359 -36.02 -28.49 -5.50
N GLY A 360 -35.80 -27.69 -6.53
CA GLY A 360 -35.14 -26.42 -6.37
C GLY A 360 -33.80 -26.35 -7.08
N ASP A 361 -32.83 -25.69 -6.46
CA ASP A 361 -31.49 -25.59 -7.03
C ASP A 361 -30.78 -26.94 -6.90
N LEU A 362 -29.80 -27.16 -7.79
CA LEU A 362 -29.06 -28.42 -7.80
C LEU A 362 -28.22 -28.61 -6.53
N GLU A 363 -27.79 -27.50 -5.92
CA GLU A 363 -26.97 -27.59 -4.71
C GLU A 363 -27.79 -28.09 -3.53
N VAL A 364 -29.05 -27.68 -3.42
CA VAL A 364 -29.88 -28.11 -2.30
C VAL A 364 -30.61 -29.42 -2.60
N THR A 365 -30.78 -29.77 -3.89
CA THR A 365 -31.44 -31.02 -4.23
C THR A 365 -30.53 -32.21 -3.99
N THR A 366 -29.27 -32.10 -4.36
CA THR A 366 -28.34 -33.23 -4.35
C THR A 366 -27.32 -33.08 -3.23
N HIS A 367 -26.80 -34.21 -2.77
CA HIS A 367 -25.73 -34.23 -1.80
C HIS A 367 -24.44 -33.74 -2.47
N SER A 368 -23.83 -32.70 -1.89
CA SER A 368 -22.68 -32.06 -2.51
C SER A 368 -21.53 -31.99 -1.52
N PHE A 369 -20.32 -32.29 -2.00
CA PHE A 369 -19.12 -32.24 -1.19
C PHE A 369 -17.93 -32.11 -2.13
N ASN A 370 -16.81 -31.67 -1.58
CA ASN A 370 -15.57 -31.53 -2.32
C ASN A 370 -14.64 -32.70 -2.00
N CYS A 371 -14.29 -33.47 -3.03
CA CYS A 371 -13.39 -34.62 -2.86
C CYS A 371 -12.01 -34.21 -3.37
N GLY A 372 -11.27 -33.51 -2.51
CA GLY A 372 -9.90 -33.14 -2.81
C GLY A 372 -9.72 -32.10 -3.88
N GLY A 373 -10.78 -31.37 -4.24
CA GLY A 373 -10.67 -30.35 -5.27
C GLY A 373 -11.80 -30.36 -6.27
N GLU A 374 -12.39 -31.52 -6.52
CA GLU A 374 -13.54 -31.63 -7.42
C GLU A 374 -14.83 -31.69 -6.60
N PHE A 375 -15.87 -31.06 -7.13
CA PHE A 375 -17.08 -30.78 -6.37
C PHE A 375 -18.21 -31.64 -6.91
N PHE A 376 -18.61 -32.65 -6.13
CA PHE A 376 -19.58 -33.64 -6.58
C PHE A 376 -21.00 -33.18 -6.29
N TYR A 377 -21.94 -33.73 -7.06
CA TYR A 377 -23.36 -33.41 -6.94
C TYR A 377 -24.20 -34.68 -6.99
N CYS A 378 -23.87 -35.65 -6.13
CA CYS A 378 -24.42 -36.99 -6.19
C CYS A 378 -25.93 -37.02 -5.90
N ASN A 379 -26.64 -37.85 -6.66
CA ASN A 379 -28.11 -37.81 -6.72
C ASN A 379 -28.74 -38.27 -5.41
N THR A 380 -28.19 -39.35 -4.82
CA THR A 380 -28.63 -40.05 -3.58
C THR A 380 -30.15 -40.18 -3.44
N SER A 381 -30.83 -40.48 -4.54
CA SER A 381 -32.25 -40.78 -4.47
C SER A 381 -32.52 -42.24 -4.13
N GLY A 382 -31.51 -43.10 -4.22
CA GLY A 382 -31.65 -44.51 -3.90
C GLY A 382 -31.39 -44.88 -2.46
N LEU A 383 -31.17 -43.90 -1.59
CA LEU A 383 -30.94 -44.14 -0.18
C LEU A 383 -32.16 -43.83 0.68
N PHE A 384 -32.83 -42.71 0.39
CA PHE A 384 -34.01 -42.30 1.15
C PHE A 384 -35.27 -42.72 0.40
N ASN A 385 -35.45 -44.04 0.28
CA ASN A 385 -36.63 -44.59 -0.37
C ASN A 385 -36.90 -45.95 0.27
N SER A 386 -37.80 -45.97 1.24
CA SER A 386 -38.17 -47.20 1.95
C SER A 386 -39.52 -46.96 2.64
N THR A 387 -39.96 -47.96 3.39
CA THR A 387 -41.19 -47.86 4.16
C THR A 387 -41.06 -48.82 5.35
N TRP A 388 -41.19 -48.29 6.56
CA TRP A 388 -40.95 -49.06 7.77
C TRP A 388 -42.24 -49.21 8.55
N ILE A 389 -42.59 -50.46 8.88
CA ILE A 389 -43.79 -50.78 9.63
C ILE A 389 -43.43 -51.82 10.69
N SER A 390 -44.04 -51.66 11.86
CA SER A 390 -43.83 -52.58 12.98
C SER A 390 -44.54 -53.91 12.73
N ASP A 404 -23.50 -56.29 -0.93
CA ASP A 404 -24.30 -55.45 -1.81
C ASP A 404 -23.91 -53.99 -1.69
N SER A 405 -24.31 -53.19 -2.68
CA SER A 405 -24.02 -51.76 -2.68
C SER A 405 -25.15 -51.03 -3.38
N ILE A 406 -25.28 -49.74 -3.07
CA ILE A 406 -26.28 -48.90 -3.73
C ILE A 406 -25.52 -47.89 -4.57
N THR A 407 -25.38 -48.16 -5.86
CA THR A 407 -24.63 -47.27 -6.73
C THR A 407 -25.44 -46.02 -7.04
N LEU A 408 -24.90 -44.86 -6.69
CA LEU A 408 -25.55 -43.58 -6.88
C LEU A 408 -24.89 -42.84 -8.02
N PRO A 409 -25.59 -42.52 -9.10
CA PRO A 409 -25.00 -41.68 -10.17
C PRO A 409 -24.72 -40.29 -9.65
N CYS A 410 -23.62 -39.71 -10.10
CA CYS A 410 -23.12 -38.48 -9.49
C CYS A 410 -22.46 -37.62 -10.56
N ARG A 411 -22.74 -36.32 -10.51
CA ARG A 411 -22.32 -35.38 -11.56
C ARG A 411 -21.40 -34.32 -10.98
N ILE A 412 -20.54 -33.77 -11.84
CA ILE A 412 -19.44 -32.90 -11.43
C ILE A 412 -19.59 -31.55 -12.11
N LYS A 413 -19.48 -30.48 -11.32
CA LYS A 413 -19.56 -29.11 -11.79
C LYS A 413 -18.26 -28.38 -11.49
N GLN A 414 -17.90 -27.43 -12.35
CA GLN A 414 -16.70 -26.61 -12.15
C GLN A 414 -17.03 -25.26 -11.51
N ILE A 415 -17.99 -24.53 -12.08
CA ILE A 415 -18.31 -23.19 -11.60
C ILE A 415 -19.20 -23.30 -10.36
N ILE A 416 -18.76 -22.68 -9.26
CA ILE A 416 -19.39 -22.85 -7.95
C ILE A 416 -19.88 -21.51 -7.44
N ASN A 417 -21.15 -21.46 -7.05
CA ASN A 417 -21.71 -20.37 -6.24
C ASN A 417 -21.89 -20.96 -4.84
N MET A 418 -20.91 -20.73 -3.97
CA MET A 418 -20.75 -21.60 -2.80
C MET A 418 -21.73 -21.27 -1.67
N TRP A 419 -21.61 -20.09 -1.07
CA TRP A 419 -22.42 -19.81 0.11
C TRP A 419 -23.73 -19.09 -0.24
N GLN A 420 -24.43 -19.61 -1.26
CA GLN A 420 -25.73 -19.11 -1.73
C GLN A 420 -25.73 -17.61 -2.02
N ARG A 421 -24.60 -17.10 -2.54
CA ARG A 421 -24.41 -15.67 -2.75
C ARG A 421 -24.46 -15.36 -4.24
N ILE A 422 -25.20 -14.31 -4.60
CA ILE A 422 -25.31 -13.86 -5.98
C ILE A 422 -24.36 -12.69 -6.16
N GLY A 423 -23.35 -12.87 -7.00
CA GLY A 423 -22.40 -11.80 -7.27
C GLY A 423 -20.96 -12.26 -7.36
N GLN A 424 -20.61 -13.32 -6.63
CA GLN A 424 -19.27 -13.90 -6.67
C GLN A 424 -19.37 -15.38 -6.96
N CYS A 425 -18.41 -15.89 -7.73
CA CYS A 425 -18.39 -17.31 -8.10
C CYS A 425 -16.94 -17.79 -7.96
N MET A 426 -16.70 -19.01 -8.46
CA MET A 426 -15.40 -19.67 -8.27
C MET A 426 -15.23 -20.75 -9.33
N TYR A 427 -14.04 -20.80 -9.92
CA TYR A 427 -13.71 -21.78 -10.96
C TYR A 427 -12.64 -22.71 -10.37
N ALA A 428 -13.06 -23.92 -10.00
CA ALA A 428 -12.13 -24.88 -9.41
C ALA A 428 -11.21 -25.45 -10.48
N PRO A 429 -9.95 -25.71 -10.16
CA PRO A 429 -9.03 -26.31 -11.13
C PRO A 429 -9.37 -27.77 -11.38
N PRO A 430 -9.12 -28.29 -12.58
CA PRO A 430 -9.06 -29.74 -12.75
C PRO A 430 -7.81 -30.29 -12.08
N ILE A 431 -7.92 -31.50 -11.57
CA ILE A 431 -6.79 -32.19 -10.95
C ILE A 431 -6.54 -33.48 -11.71
N GLN A 432 -5.29 -33.70 -12.08
CA GLN A 432 -4.95 -34.80 -12.98
C GLN A 432 -4.94 -36.13 -12.23
N GLY A 433 -5.09 -37.21 -12.99
CA GLY A 433 -5.10 -38.55 -12.44
C GLY A 433 -6.45 -38.90 -11.82
N VAL A 434 -6.61 -40.19 -11.56
CA VAL A 434 -7.78 -40.65 -10.81
C VAL A 434 -7.62 -40.30 -9.35
N ILE A 435 -8.69 -39.78 -8.75
CA ILE A 435 -8.69 -39.42 -7.33
C ILE A 435 -9.60 -40.41 -6.61
N ARG A 436 -9.40 -40.56 -5.31
CA ARG A 436 -10.19 -41.46 -4.48
C ARG A 436 -10.23 -40.94 -3.06
N CYS A 437 -11.43 -40.79 -2.51
CA CYS A 437 -11.61 -40.27 -1.16
C CYS A 437 -12.54 -41.19 -0.38
N VAL A 438 -12.14 -41.55 0.83
CA VAL A 438 -12.96 -42.36 1.72
C VAL A 438 -13.38 -41.49 2.91
N SER A 439 -14.52 -41.84 3.49
CA SER A 439 -15.10 -41.05 4.58
C SER A 439 -16.15 -41.89 5.30
N ASN A 440 -16.69 -41.32 6.38
CA ASN A 440 -17.76 -41.92 7.16
C ASN A 440 -18.87 -40.89 7.39
N ILE A 441 -20.09 -41.38 7.54
CA ILE A 441 -21.28 -40.53 7.65
C ILE A 441 -21.74 -40.53 9.11
N THR A 442 -21.89 -39.33 9.69
CA THR A 442 -22.36 -39.18 11.06
C THR A 442 -23.55 -38.26 11.20
N GLY A 443 -24.22 -37.91 10.10
CA GLY A 443 -25.27 -36.91 10.21
C GLY A 443 -26.33 -37.01 9.13
N LEU A 444 -27.51 -36.48 9.45
CA LEU A 444 -28.64 -36.42 8.54
C LEU A 444 -29.37 -35.11 8.75
N ILE A 445 -29.92 -34.56 7.66
CA ILE A 445 -30.54 -33.24 7.64
C ILE A 445 -31.98 -33.43 7.17
N LEU A 446 -32.63 -34.48 7.70
CA LEU A 446 -34.03 -34.77 7.41
C LEU A 446 -34.94 -33.57 7.71
N THR A 447 -36.00 -33.46 6.91
CA THR A 447 -37.00 -32.41 7.04
C THR A 447 -38.37 -32.99 6.75
N ARG A 448 -39.30 -32.83 7.69
CA ARG A 448 -40.61 -33.44 7.56
C ARG A 448 -41.51 -32.64 6.62
N ASP A 449 -42.13 -33.34 5.67
CA ASP A 449 -43.18 -32.78 4.83
C ASP A 449 -44.48 -33.02 5.59
N GLY A 450 -44.94 -32.00 6.31
CA GLY A 450 -46.12 -32.14 7.14
C GLY A 450 -47.41 -32.06 6.34
N GLY A 451 -48.51 -32.28 7.06
CA GLY A 451 -49.83 -32.23 6.46
C GLY A 451 -50.89 -32.13 7.53
N SER A 452 -52.14 -32.28 7.10
CA SER A 452 -53.26 -32.27 8.03
C SER A 452 -53.27 -33.53 8.89
N THR A 453 -53.89 -33.42 10.07
CA THR A 453 -53.96 -34.54 11.00
C THR A 453 -55.16 -35.43 10.62
N ASN A 454 -54.96 -36.20 9.55
CA ASN A 454 -55.94 -37.18 9.10
C ASN A 454 -55.31 -38.50 8.68
N SER A 455 -54.00 -38.56 8.48
CA SER A 455 -53.32 -39.77 8.07
C SER A 455 -52.17 -40.06 9.01
N THR A 456 -51.90 -41.35 9.22
CA THR A 456 -50.82 -41.79 10.09
C THR A 456 -49.56 -42.16 9.33
N THR A 457 -49.47 -41.79 8.05
CA THR A 457 -48.27 -42.01 7.26
C THR A 457 -47.47 -40.72 7.17
N GLU A 458 -46.20 -40.76 7.56
CA GLU A 458 -45.35 -39.59 7.61
C GLU A 458 -44.24 -39.71 6.58
N THR A 459 -43.96 -38.62 5.87
CA THR A 459 -42.96 -38.59 4.82
C THR A 459 -41.79 -37.72 5.25
N PHE A 460 -40.57 -38.23 5.03
CA PHE A 460 -39.34 -37.54 5.43
C PHE A 460 -38.47 -37.34 4.19
N ARG A 461 -38.17 -36.10 3.88
CA ARG A 461 -37.29 -35.84 2.76
C ARG A 461 -36.07 -35.05 3.19
N PRO A 462 -34.89 -35.38 2.65
CA PRO A 462 -33.69 -34.61 3.00
C PRO A 462 -33.74 -33.19 2.44
N GLY A 463 -33.06 -32.28 3.12
CA GLY A 463 -33.06 -30.90 2.72
C GLY A 463 -31.95 -30.14 3.41
N GLY A 464 -32.18 -28.84 3.58
CA GLY A 464 -31.19 -27.98 4.20
C GLY A 464 -30.78 -26.84 3.31
N GLY A 465 -29.52 -26.84 2.87
CA GLY A 465 -28.98 -25.78 2.05
C GLY A 465 -28.38 -24.62 2.81
N ASP A 466 -28.65 -24.51 4.12
CA ASP A 466 -28.06 -23.50 4.96
C ASP A 466 -26.86 -24.12 5.67
N MET A 467 -25.72 -23.45 5.62
CA MET A 467 -24.48 -24.03 6.11
C MET A 467 -24.37 -24.01 7.62
N ARG A 468 -25.26 -23.31 8.33
CA ARG A 468 -25.17 -23.24 9.78
C ARG A 468 -25.59 -24.57 10.43
N ASP A 469 -26.37 -25.38 9.74
CA ASP A 469 -26.86 -26.63 10.32
C ASP A 469 -25.75 -27.67 10.42
N ASN A 470 -24.74 -27.58 9.56
CA ASN A 470 -23.58 -28.46 9.65
C ASN A 470 -22.77 -28.15 10.91
N TRP A 471 -22.74 -26.87 11.31
CA TRP A 471 -21.96 -26.44 12.45
C TRP A 471 -22.77 -26.46 13.74
N ARG A 472 -24.10 -26.51 13.65
CA ARG A 472 -24.93 -26.79 14.81
C ARG A 472 -24.97 -28.28 15.14
N SER A 473 -24.52 -29.13 14.20
CA SER A 473 -24.31 -30.54 14.54
C SER A 473 -23.14 -30.71 15.49
N GLU A 474 -22.11 -29.89 15.34
CA GLU A 474 -21.10 -29.72 16.36
C GLU A 474 -21.51 -28.55 17.26
N LEU A 475 -20.62 -28.14 18.17
CA LEU A 475 -20.75 -26.98 19.05
C LEU A 475 -21.95 -27.06 19.99
N TYR A 476 -22.58 -28.24 20.14
CA TYR A 476 -23.76 -28.35 20.97
C TYR A 476 -23.40 -28.37 22.45
N LYS A 477 -22.25 -28.95 22.77
CA LYS A 477 -21.70 -28.99 24.12
C LYS A 477 -20.71 -27.85 24.35
N TYR A 478 -21.11 -26.63 24.02
CA TYR A 478 -20.25 -25.47 24.20
C TYR A 478 -21.12 -24.24 24.44
N LYS A 479 -20.74 -23.44 25.42
CA LYS A 479 -21.43 -22.19 25.73
C LYS A 479 -20.44 -21.24 26.37
N VAL A 480 -20.33 -20.04 25.81
CA VAL A 480 -19.41 -19.03 26.33
C VAL A 480 -20.10 -18.31 27.49
N VAL A 481 -19.34 -18.04 28.54
CA VAL A 481 -19.82 -17.31 29.71
C VAL A 481 -18.81 -16.23 30.07
N LYS A 482 -19.28 -15.18 30.72
CA LYS A 482 -18.43 -14.11 31.21
C LYS A 482 -18.26 -14.28 32.72
N ILE A 483 -17.02 -14.42 33.16
CA ILE A 483 -16.73 -14.56 34.58
C ILE A 483 -16.84 -13.19 35.25
N GLU A 484 -17.41 -13.16 36.44
CA GLU A 484 -17.57 -11.92 37.22
C GLU A 484 -16.98 -12.17 38.59
N PRO A 485 -15.76 -11.70 38.86
CA PRO A 485 -15.06 -12.13 40.08
C PRO A 485 -15.48 -11.38 41.34
N LEU A 486 -16.08 -10.21 41.20
CA LEU A 486 -16.48 -9.44 42.37
C LEU A 486 -17.72 -10.05 43.03
N GLY A 487 -17.78 -9.94 44.35
CA GLY A 487 -18.91 -10.45 45.09
C GLY A 487 -18.90 -9.93 46.50
N VAL A 488 -20.09 -9.54 46.98
CA VAL A 488 -20.25 -9.00 48.33
C VAL A 488 -21.00 -10.00 49.18
N ALA A 489 -20.90 -9.84 50.49
CA ALA A 489 -21.53 -10.75 51.44
C ALA A 489 -21.78 -10.04 52.76
N PRO A 490 -22.93 -10.28 53.40
CA PRO A 490 -23.16 -9.73 54.75
C PRO A 490 -22.40 -10.52 55.80
N THR A 491 -21.63 -9.80 56.62
CA THR A 491 -20.77 -10.41 57.63
C THR A 491 -20.63 -9.42 58.79
N ARG A 492 -20.67 -9.94 60.02
CA ARG A 492 -20.54 -9.16 61.24
C ARG A 492 -19.16 -8.53 61.44
N CYS A 493 -18.15 -8.92 60.66
CA CYS A 493 -16.78 -8.46 60.88
C CYS A 493 -16.64 -6.97 60.55
N LYS A 494 -15.57 -6.38 61.09
CA LYS A 494 -15.34 -4.95 61.01
C LYS A 494 -13.88 -4.70 60.62
N ARG A 495 -13.66 -3.61 59.90
CA ARG A 495 -12.32 -3.15 59.53
C ARG A 495 -11.92 -2.02 60.47
N ARG A 496 -10.77 -2.17 61.12
CA ARG A 496 -10.26 -1.14 62.02
C ARG A 496 -8.75 -1.03 61.91
N GLY B 19 -6.80 -26.15 39.44
CA GLY B 19 -6.76 -25.51 38.13
C GLY B 19 -7.68 -24.31 38.02
N PHE B 20 -7.78 -23.77 36.81
CA PHE B 20 -8.62 -22.62 36.55
C PHE B 20 -10.10 -23.00 36.65
N LEU B 21 -10.85 -22.19 37.41
CA LEU B 21 -12.17 -22.53 37.94
C LEU B 21 -12.17 -23.86 38.70
N GLY B 22 -11.13 -24.09 39.49
CA GLY B 22 -11.06 -25.28 40.32
C GLY B 22 -11.93 -25.15 41.56
N ALA B 23 -12.69 -26.21 41.85
CA ALA B 23 -13.65 -26.28 42.96
C ALA B 23 -14.66 -25.13 42.91
N ALA B 24 -15.14 -24.83 41.70
CA ALA B 24 -16.13 -23.77 41.54
C ALA B 24 -17.50 -24.17 42.08
N GLY B 25 -17.80 -25.46 42.11
CA GLY B 25 -19.04 -25.97 42.64
C GLY B 25 -19.00 -26.35 44.11
N SER B 26 -17.92 -26.01 44.81
CA SER B 26 -17.78 -26.37 46.22
C SER B 26 -18.56 -25.39 47.09
N THR B 27 -18.34 -25.46 48.41
CA THR B 27 -19.05 -24.60 49.34
C THR B 27 -18.45 -23.19 49.33
N MET B 28 -19.05 -22.31 50.15
CA MET B 28 -18.62 -20.92 50.22
C MET B 28 -17.24 -20.79 50.84
N GLY B 29 -16.97 -21.56 51.91
CA GLY B 29 -15.68 -21.49 52.55
C GLY B 29 -14.59 -22.31 51.89
N ALA B 30 -14.95 -23.28 51.05
CA ALA B 30 -13.94 -24.14 50.42
C ALA B 30 -13.22 -23.41 49.31
N ALA B 31 -13.90 -22.48 48.63
CA ALA B 31 -13.28 -21.72 47.56
C ALA B 31 -12.44 -20.56 48.05
N SER B 32 -12.45 -20.29 49.36
CA SER B 32 -11.73 -19.13 49.90
C SER B 32 -10.22 -19.32 49.84
N MET B 33 -9.74 -20.57 49.95
CA MET B 33 -8.30 -20.81 49.83
C MET B 33 -7.86 -20.99 48.39
N THR B 34 -8.79 -21.00 47.43
CA THR B 34 -8.46 -21.15 46.01
C THR B 34 -8.86 -19.91 45.23
N LEU B 35 -8.78 -18.74 45.88
CA LEU B 35 -9.13 -17.49 45.22
C LEU B 35 -8.03 -16.93 44.34
N THR B 36 -6.77 -17.29 44.62
CA THR B 36 -5.66 -16.73 43.85
C THR B 36 -5.57 -17.31 42.45
N VAL B 37 -6.11 -18.51 42.23
CA VAL B 37 -5.97 -19.19 40.94
C VAL B 37 -6.70 -18.44 39.84
N GLN B 38 -7.85 -17.84 40.16
CA GLN B 38 -8.58 -17.06 39.17
C GLN B 38 -7.85 -15.77 38.82
N ALA B 39 -7.15 -15.19 39.80
CA ALA B 39 -6.67 -13.81 39.67
C ALA B 39 -5.54 -13.68 38.66
N ARG B 40 -4.65 -14.67 38.58
CA ARG B 40 -3.57 -14.64 37.59
C ARG B 40 -4.10 -14.75 36.17
N ASN B 41 -5.12 -15.57 35.96
CA ASN B 41 -5.58 -15.89 34.63
C ASN B 41 -6.65 -14.94 34.10
N LEU B 42 -6.98 -13.87 34.84
CA LEU B 42 -7.90 -12.87 34.30
C LEU B 42 -7.23 -11.90 33.35
N LEU B 43 -5.90 -11.92 33.23
CA LEU B 43 -5.22 -10.99 32.34
C LEU B 43 -4.98 -11.60 30.96
N SER B 44 -4.19 -12.68 30.89
CA SER B 44 -3.83 -13.35 29.65
C SER B 44 -3.16 -14.67 30.01
N GLY B 45 -2.62 -15.34 28.96
CA GLY B 45 -1.39 -16.12 29.05
C GLY B 45 -0.23 -15.45 28.33
N ILE B 46 0.92 -16.10 28.39
CA ILE B 46 2.14 -15.61 27.77
C ILE B 46 2.42 -16.30 26.44
N VAL B 47 2.25 -17.62 26.39
CA VAL B 47 2.47 -18.37 25.14
C VAL B 47 1.36 -18.05 24.14
N GLN B 48 0.18 -17.69 24.62
CA GLN B 48 -0.92 -17.27 23.77
C GLN B 48 -0.99 -15.75 23.62
N GLN B 49 0.00 -15.03 24.18
CA GLN B 49 0.09 -13.56 24.31
C GLN B 49 -1.22 -12.79 24.45
N LEU B 66 -4.04 -7.56 8.71
CA LEU B 66 -3.23 -8.64 8.15
C LEU B 66 -4.09 -9.88 7.91
N THR B 67 -4.76 -10.32 8.97
CA THR B 67 -5.54 -11.54 8.97
C THR B 67 -6.71 -11.33 9.91
N VAL B 68 -7.88 -11.89 9.56
CA VAL B 68 -9.10 -11.72 10.35
C VAL B 68 -8.96 -12.33 11.75
N TRP B 69 -8.09 -13.33 11.92
CA TRP B 69 -7.77 -13.82 13.26
C TRP B 69 -7.05 -12.77 14.09
N GLY B 70 -6.15 -11.99 13.47
CA GLY B 70 -5.32 -11.06 14.21
C GLY B 70 -6.10 -9.91 14.82
N ILE B 71 -7.04 -9.34 14.06
CA ILE B 71 -7.82 -8.20 14.56
C ILE B 71 -8.77 -8.64 15.67
N LYS B 72 -9.33 -9.86 15.57
CA LYS B 72 -10.20 -10.38 16.62
C LYS B 72 -9.41 -10.70 17.88
N GLN B 73 -8.18 -11.21 17.72
CA GLN B 73 -7.32 -11.47 18.87
C GLN B 73 -6.90 -10.17 19.54
N LEU B 74 -6.66 -9.12 18.75
CA LEU B 74 -6.32 -7.81 19.31
C LEU B 74 -7.49 -7.22 20.08
N GLN B 75 -8.72 -7.34 19.53
CA GLN B 75 -9.91 -6.88 20.24
C GLN B 75 -10.12 -7.64 21.54
N ALA B 76 -9.89 -8.97 21.52
CA ALA B 76 -10.04 -9.76 22.74
C ALA B 76 -9.01 -9.39 23.80
N ARG B 77 -7.77 -9.13 23.37
CA ARG B 77 -6.71 -8.77 24.32
C ARG B 77 -6.99 -7.40 24.97
N VAL B 78 -7.40 -6.42 24.15
CA VAL B 78 -7.73 -5.10 24.68
C VAL B 78 -8.95 -5.17 25.60
N LEU B 79 -9.93 -6.02 25.26
CA LEU B 79 -11.11 -6.17 26.10
C LEU B 79 -10.76 -6.82 27.45
N ALA B 80 -9.85 -7.80 27.44
CA ALA B 80 -9.42 -8.43 28.69
C ALA B 80 -8.68 -7.45 29.59
N VAL B 81 -7.80 -6.63 29.01
CA VAL B 81 -7.10 -5.59 29.76
C VAL B 81 -8.09 -4.58 30.33
N GLU B 82 -9.11 -4.22 29.53
CA GLU B 82 -10.13 -3.28 29.95
C GLU B 82 -10.92 -3.79 31.15
N ARG B 83 -11.32 -5.07 31.10
CA ARG B 83 -12.11 -5.67 32.17
C ARG B 83 -11.29 -5.79 33.46
N TYR B 84 -10.03 -6.25 33.35
CA TYR B 84 -9.20 -6.40 34.54
C TYR B 84 -8.89 -5.06 35.19
N LEU B 85 -8.61 -4.03 34.37
CA LEU B 85 -8.33 -2.72 34.92
C LEU B 85 -9.57 -2.09 35.54
N ARG B 86 -10.76 -2.35 34.97
CA ARG B 86 -11.99 -1.82 35.55
C ARG B 86 -12.29 -2.46 36.89
N ASP B 87 -12.09 -3.78 37.01
CA ASP B 87 -12.34 -4.46 38.27
C ASP B 87 -11.32 -4.05 39.33
N GLN B 88 -10.06 -3.83 38.93
CA GLN B 88 -9.05 -3.37 39.87
C GLN B 88 -9.31 -1.95 40.34
N GLN B 89 -9.83 -1.09 39.44
CA GLN B 89 -10.19 0.26 39.85
C GLN B 89 -11.38 0.25 40.82
N LEU B 90 -12.37 -0.60 40.56
CA LEU B 90 -13.52 -0.70 41.45
C LEU B 90 -13.12 -1.27 42.81
N LEU B 91 -12.10 -2.12 42.85
CA LEU B 91 -11.51 -2.49 44.15
C LEU B 91 -10.79 -1.32 44.79
N GLY B 92 -10.10 -0.51 43.99
CA GLY B 92 -9.29 0.57 44.51
C GLY B 92 -10.06 1.75 45.05
N ILE B 93 -11.31 1.94 44.61
CA ILE B 93 -12.11 3.05 45.13
C ILE B 93 -12.46 2.84 46.60
N TRP B 94 -12.80 1.61 46.97
CA TRP B 94 -13.32 1.34 48.32
C TRP B 94 -12.23 1.16 49.36
N GLY B 95 -10.99 1.53 49.06
CA GLY B 95 -9.88 1.41 50.00
C GLY B 95 -9.53 -0.03 50.34
N CYS B 96 -9.60 -0.92 49.36
CA CYS B 96 -9.37 -2.34 49.57
C CYS B 96 -8.44 -2.93 48.53
N SER B 97 -7.61 -2.09 47.90
CA SER B 97 -6.73 -2.55 46.84
C SER B 97 -5.59 -3.40 47.40
N GLY B 98 -5.22 -4.43 46.63
CA GLY B 98 -4.18 -5.34 47.04
C GLY B 98 -4.61 -6.43 47.99
N LYS B 99 -5.89 -6.48 48.37
CA LYS B 99 -6.41 -7.50 49.27
C LYS B 99 -7.55 -8.24 48.60
N LEU B 100 -7.43 -9.56 48.52
CA LEU B 100 -8.52 -10.38 48.03
C LEU B 100 -9.65 -10.54 49.04
N ILE B 101 -9.32 -10.52 50.33
CA ILE B 101 -10.30 -10.60 51.41
C ILE B 101 -10.18 -9.32 52.23
N CYS B 102 -11.33 -8.69 52.50
CA CYS B 102 -11.35 -7.40 53.18
C CYS B 102 -12.71 -7.20 53.84
N CYS B 103 -12.77 -6.22 54.73
CA CYS B 103 -13.98 -5.85 55.45
C CYS B 103 -14.20 -4.35 55.31
N THR B 104 -15.45 -3.93 55.55
CA THR B 104 -15.84 -2.53 55.41
C THR B 104 -16.91 -2.23 56.46
N ASN B 105 -16.86 -1.02 57.03
CA ASN B 105 -17.70 -0.64 58.16
C ASN B 105 -18.94 0.12 57.74
N VAL B 106 -19.54 -0.21 56.60
CA VAL B 106 -20.80 0.39 56.19
C VAL B 106 -21.92 -0.56 56.59
N PRO B 107 -23.04 -0.07 57.14
CA PRO B 107 -24.11 -0.98 57.59
C PRO B 107 -24.82 -1.70 56.45
N TRP B 108 -25.36 -2.86 56.78
CA TRP B 108 -26.11 -3.71 55.85
C TRP B 108 -27.58 -3.67 56.25
N ASN B 109 -28.42 -3.23 55.32
CA ASN B 109 -29.86 -3.14 55.59
C ASN B 109 -30.48 -4.52 55.59
N SER B 110 -31.45 -4.74 56.48
CA SER B 110 -32.06 -6.05 56.64
C SER B 110 -32.98 -6.43 55.48
N SER B 111 -33.38 -5.48 54.65
CA SER B 111 -34.23 -5.77 53.50
C SER B 111 -33.47 -6.53 52.41
N TRP B 112 -32.14 -6.45 52.40
CA TRP B 112 -31.35 -7.06 51.34
C TRP B 112 -31.28 -8.59 51.50
N SER B 113 -31.08 -9.07 52.72
CA SER B 113 -31.05 -10.50 53.00
C SER B 113 -31.42 -10.74 54.45
N ASN B 114 -31.75 -11.99 54.77
CA ASN B 114 -32.18 -12.35 56.12
C ASN B 114 -31.50 -13.59 56.70
N ARG B 115 -30.81 -14.38 55.89
CA ARG B 115 -30.12 -15.57 56.39
C ARG B 115 -28.91 -15.18 57.23
N ASN B 116 -28.68 -15.92 58.30
CA ASN B 116 -27.54 -15.66 59.17
C ASN B 116 -26.32 -16.42 58.68
N LEU B 117 -25.26 -16.45 59.49
CA LEU B 117 -23.96 -16.95 59.07
C LEU B 117 -23.91 -18.48 58.96
N SER B 118 -24.90 -19.18 59.52
CA SER B 118 -24.81 -20.63 59.65
C SER B 118 -24.98 -21.34 58.31
N GLU B 119 -25.96 -20.93 57.51
CA GLU B 119 -26.29 -21.64 56.29
C GLU B 119 -25.81 -20.93 55.01
N ILE B 120 -25.00 -19.88 55.13
CA ILE B 120 -24.49 -19.19 53.96
C ILE B 120 -23.04 -19.54 53.69
N TRP B 121 -22.25 -19.82 54.73
CA TRP B 121 -20.86 -20.23 54.54
C TRP B 121 -20.70 -21.74 54.45
N ASP B 122 -21.76 -22.51 54.70
CA ASP B 122 -21.75 -23.95 54.55
C ASP B 122 -23.00 -24.37 53.79
N ASN B 123 -22.83 -25.38 52.93
CA ASN B 123 -23.88 -25.91 52.05
C ASN B 123 -24.49 -24.82 51.17
N MET B 124 -23.63 -23.94 50.64
CA MET B 124 -24.08 -22.86 49.77
C MET B 124 -22.96 -22.54 48.78
N THR B 125 -23.17 -22.91 47.53
CA THR B 125 -22.24 -22.60 46.45
C THR B 125 -22.42 -21.13 46.05
N TRP B 126 -21.34 -20.51 45.56
CA TRP B 126 -21.33 -19.10 45.16
C TRP B 126 -22.34 -18.78 44.04
N LEU B 127 -22.74 -19.79 43.26
CA LEU B 127 -23.52 -19.54 42.05
C LEU B 127 -24.94 -19.07 42.37
N GLN B 128 -25.54 -19.62 43.42
CA GLN B 128 -26.91 -19.27 43.80
C GLN B 128 -26.99 -18.05 44.70
N TRP B 129 -25.98 -17.18 44.68
CA TRP B 129 -25.94 -16.01 45.55
C TRP B 129 -26.28 -14.71 44.83
N ASP B 130 -26.13 -14.66 43.50
CA ASP B 130 -26.25 -13.40 42.78
C ASP B 130 -27.67 -13.11 42.30
N LYS B 131 -28.57 -14.09 42.33
CA LYS B 131 -29.93 -13.83 41.84
C LYS B 131 -30.73 -12.97 42.81
N GLU B 132 -30.54 -13.15 44.11
CA GLU B 132 -31.32 -12.37 45.05
C GLU B 132 -30.71 -11.01 45.36
N ILE B 133 -29.48 -10.75 44.92
CA ILE B 133 -28.83 -9.46 45.18
C ILE B 133 -28.53 -8.90 43.78
N SER B 134 -29.43 -9.15 42.83
CA SER B 134 -29.20 -8.71 41.46
C SER B 134 -29.39 -7.20 41.31
N ASN B 135 -30.47 -6.67 41.89
CA ASN B 135 -30.90 -5.30 41.63
C ASN B 135 -30.61 -4.33 42.77
N TYR B 136 -29.83 -4.74 43.77
CA TYR B 136 -29.46 -3.90 44.89
C TYR B 136 -27.99 -3.46 44.84
N THR B 137 -27.20 -3.99 43.91
CA THR B 137 -25.74 -3.83 43.95
C THR B 137 -25.32 -2.39 43.64
N GLN B 138 -26.12 -1.68 42.85
CA GLN B 138 -25.78 -0.33 42.43
C GLN B 138 -25.87 0.69 43.56
N ILE B 139 -26.52 0.35 44.68
CA ILE B 139 -26.54 1.22 45.85
C ILE B 139 -25.52 0.70 46.87
N ILE B 140 -25.18 -0.60 46.77
CA ILE B 140 -24.09 -1.16 47.58
C ILE B 140 -22.78 -0.45 47.24
N TYR B 141 -22.55 -0.22 45.95
CA TYR B 141 -21.31 0.40 45.51
C TYR B 141 -21.22 1.85 45.99
N GLY B 142 -22.35 2.57 45.96
CA GLY B 142 -22.37 3.93 46.46
C GLY B 142 -22.18 4.01 47.97
N LEU B 143 -22.75 3.05 48.71
CA LEU B 143 -22.54 3.02 50.16
C LEU B 143 -21.08 2.75 50.51
N LEU B 144 -20.43 1.83 49.76
CA LEU B 144 -19.01 1.58 49.95
C LEU B 144 -18.17 2.82 49.64
N GLU B 145 -18.53 3.53 48.57
CA GLU B 145 -17.83 4.75 48.17
C GLU B 145 -17.94 5.83 49.25
N GLU B 146 -19.15 6.05 49.78
CA GLU B 146 -19.33 7.11 50.77
C GLU B 146 -18.66 6.74 52.09
N SER B 147 -18.68 5.45 52.46
CA SER B 147 -17.99 5.03 53.68
C SER B 147 -16.49 5.21 53.57
N GLN B 148 -15.92 4.86 52.40
CA GLN B 148 -14.48 5.03 52.21
C GLN B 148 -14.08 6.50 52.17
N ASN B 149 -14.89 7.35 51.52
CA ASN B 149 -14.56 8.77 51.45
C ASN B 149 -14.66 9.44 52.82
N GLN B 150 -15.67 9.05 53.62
CA GLN B 150 -15.78 9.59 54.98
C GLN B 150 -14.64 9.10 55.86
N GLN B 151 -14.22 7.83 55.70
CA GLN B 151 -13.09 7.32 56.47
C GLN B 151 -11.79 8.01 56.09
N GLU B 152 -11.60 8.29 54.80
CA GLU B 152 -10.39 8.98 54.35
C GLU B 152 -10.35 10.43 54.86
N LYS B 153 -11.50 11.11 54.84
CA LYS B 153 -11.56 12.47 55.37
C LYS B 153 -11.35 12.48 56.88
N ASN B 154 -11.86 11.47 57.59
CA ASN B 154 -11.65 11.35 59.02
C ASN B 154 -10.17 11.11 59.34
N GLU B 155 -9.50 10.28 58.55
CA GLU B 155 -8.07 10.04 58.76
C GLU B 155 -7.25 11.29 58.48
N GLN B 156 -7.63 12.06 57.44
CA GLN B 156 -6.96 13.32 57.14
C GLN B 156 -7.15 14.34 58.26
N ASP B 157 -8.36 14.39 58.83
CA ASP B 157 -8.63 15.31 59.93
C ASP B 157 -7.88 14.90 61.19
N LEU B 158 -7.76 13.60 61.44
CA LEU B 158 -7.12 13.12 62.67
C LEU B 158 -5.61 13.29 62.60
N LEU B 159 -4.99 13.02 61.44
CA LEU B 159 -3.54 13.06 61.38
C LEU B 159 -3.03 14.50 61.24
N ALA B 160 -3.92 15.44 60.94
CA ALA B 160 -3.52 16.83 60.82
C ALA B 160 -3.19 17.46 62.18
N LEU B 161 -3.63 16.88 63.28
CA LEU B 161 -3.29 17.35 64.61
C LEU B 161 -1.83 17.05 64.93
N LEU C 28 19.06 -15.72 56.90
CA LEU C 28 18.89 -14.83 55.77
C LEU C 28 17.49 -14.94 55.17
N TRP C 29 16.88 -13.78 54.92
CA TRP C 29 15.48 -13.61 54.53
C TRP C 29 15.39 -12.71 53.30
N VAL C 30 14.45 -13.03 52.43
CA VAL C 30 14.47 -12.53 51.05
C VAL C 30 13.66 -11.26 50.94
N THR C 31 14.25 -10.22 50.34
CA THR C 31 13.54 -9.02 49.93
C THR C 31 13.31 -9.07 48.43
N VAL C 32 12.44 -8.17 47.94
CA VAL C 32 12.11 -8.08 46.52
C VAL C 32 12.31 -6.64 46.08
N TYR C 33 12.83 -6.45 44.87
CA TYR C 33 13.05 -5.14 44.29
C TYR C 33 12.37 -5.04 42.94
N TYR C 34 11.84 -3.86 42.63
CA TYR C 34 11.20 -3.58 41.35
C TYR C 34 11.88 -2.37 40.74
N GLY C 35 12.42 -2.53 39.54
CA GLY C 35 13.10 -1.43 38.87
C GLY C 35 14.61 -1.54 38.88
N VAL C 36 15.13 -2.76 38.77
CA VAL C 36 16.57 -2.98 38.75
C VAL C 36 17.05 -2.98 37.31
N PRO C 37 18.28 -2.53 37.03
CA PRO C 37 18.78 -2.51 35.63
C PRO C 37 19.33 -3.85 35.15
N VAL C 38 18.41 -4.72 34.69
CA VAL C 38 18.74 -6.03 34.17
C VAL C 38 18.09 -6.17 32.80
N TRP C 39 18.88 -6.53 31.78
CA TRP C 39 18.36 -6.69 30.43
C TRP C 39 18.75 -8.05 29.86
N LYS C 40 17.82 -8.66 29.14
CA LYS C 40 18.06 -9.88 28.38
C LYS C 40 17.86 -9.58 26.90
N ASP C 41 18.38 -10.45 26.06
CA ASP C 41 18.20 -10.32 24.61
C ASP C 41 16.78 -10.71 24.22
N ALA C 42 16.22 -9.98 23.25
CA ALA C 42 14.83 -10.21 22.85
C ALA C 42 14.62 -9.72 21.43
N GLU C 43 13.42 -9.99 20.92
CA GLU C 43 12.98 -9.59 19.59
C GLU C 43 11.77 -8.67 19.73
N THR C 44 11.78 -7.56 18.99
CA THR C 44 10.69 -6.60 19.04
C THR C 44 10.59 -5.86 17.72
N THR C 45 9.47 -5.18 17.53
CA THR C 45 9.21 -4.39 16.32
C THR C 45 9.51 -2.93 16.64
N LEU C 46 10.65 -2.46 16.15
CA LEU C 46 11.04 -1.06 16.37
C LEU C 46 10.27 -0.13 15.44
N PHE C 47 9.97 1.06 15.93
CA PHE C 47 9.32 2.11 15.17
C PHE C 47 10.35 3.16 14.78
N CYS C 48 10.11 3.81 13.64
CA CYS C 48 11.07 4.75 13.09
C CYS C 48 10.63 6.17 13.41
N ALA C 49 11.55 7.11 13.16
CA ALA C 49 11.29 8.52 13.33
C ALA C 49 12.24 9.29 12.43
N SER C 50 11.79 10.42 11.89
CA SER C 50 12.58 11.22 10.98
C SER C 50 12.43 12.70 11.32
N ASP C 51 13.19 13.52 10.61
CA ASP C 51 13.11 14.96 10.77
C ASP C 51 11.92 15.53 10.00
N ASN C 61 8.59 11.45 -1.96
CA ASN C 61 9.65 10.48 -2.19
C ASN C 61 9.19 9.07 -1.85
N VAL C 62 10.00 8.08 -2.25
CA VAL C 62 9.69 6.69 -1.99
C VAL C 62 9.71 6.40 -0.49
N TRP C 63 10.76 6.85 0.18
CA TRP C 63 10.91 6.66 1.62
C TRP C 63 9.98 7.63 2.36
N ALA C 64 8.68 7.30 2.32
CA ALA C 64 7.63 8.20 2.74
C ALA C 64 7.58 8.35 4.25
N THR C 65 7.89 9.55 4.75
CA THR C 65 7.85 9.85 6.16
C THR C 65 6.59 10.62 6.57
N HIS C 66 5.61 10.74 5.68
CA HIS C 66 4.33 11.31 6.07
C HIS C 66 3.53 10.37 6.96
N ALA C 67 3.81 9.08 6.91
CA ALA C 67 3.21 8.10 7.81
C ALA C 67 4.12 7.75 8.98
N CYS C 68 5.24 8.44 9.13
CA CYS C 68 6.18 8.20 10.21
C CYS C 68 6.19 9.39 11.16
N VAL C 69 6.32 9.10 12.45
CA VAL C 69 6.26 10.13 13.50
C VAL C 69 7.52 10.99 13.45
N PRO C 70 7.44 12.27 13.81
CA PRO C 70 8.65 13.09 13.91
C PRO C 70 9.52 12.67 15.09
N THR C 71 10.82 12.88 14.94
CA THR C 71 11.77 12.53 15.98
C THR C 71 11.90 13.67 16.99
N ASP C 72 12.53 13.37 18.11
CA ASP C 72 12.89 14.43 19.05
C ASP C 72 14.24 15.03 18.69
N PRO C 73 14.37 16.44 18.95
CA PRO C 73 15.70 17.09 19.09
C PRO C 73 16.52 16.54 20.25
N ASN C 74 17.86 16.72 20.16
CA ASN C 74 18.97 16.38 21.07
C ASN C 74 18.72 15.11 21.89
N PRO C 75 18.69 13.93 21.25
CA PRO C 75 18.34 12.70 21.99
C PRO C 75 19.41 12.33 23.00
N GLN C 76 18.96 11.92 24.19
CA GLN C 76 19.87 11.71 25.31
C GLN C 76 20.69 10.44 25.10
N GLU C 77 21.90 10.46 25.64
CA GLU C 77 22.84 9.34 25.55
C GLU C 77 23.51 9.17 26.90
N ILE C 78 23.48 7.95 27.43
CA ILE C 78 24.01 7.65 28.75
C ILE C 78 25.17 6.69 28.60
N HIS C 79 26.32 7.08 29.13
CA HIS C 79 27.54 6.27 29.04
C HIS C 79 27.59 5.31 30.21
N LEU C 80 27.22 4.07 29.97
CA LEU C 80 27.43 3.02 30.96
C LEU C 80 28.92 2.73 31.04
N GLU C 81 29.40 2.41 32.24
CA GLU C 81 30.85 2.34 32.46
C GLU C 81 31.33 0.92 32.72
N ASN C 82 30.79 0.24 33.72
CA ASN C 82 31.25 -1.10 34.09
C ASN C 82 30.32 -2.17 33.50
N VAL C 83 30.29 -2.25 32.17
CA VAL C 83 29.53 -3.28 31.46
C VAL C 83 30.39 -3.87 30.35
N THR C 84 30.16 -5.14 30.05
CA THR C 84 30.75 -5.82 28.90
C THR C 84 29.64 -6.56 28.18
N GLU C 85 29.27 -6.08 26.99
CA GLU C 85 28.18 -6.65 26.22
C GLU C 85 28.73 -7.45 25.05
N GLU C 86 28.19 -8.65 24.85
CA GLU C 86 28.61 -9.54 23.76
C GLU C 86 27.80 -9.21 22.52
N PHE C 87 28.36 -8.33 21.67
CA PHE C 87 27.68 -7.93 20.44
C PHE C 87 27.84 -9.01 19.37
N ASN C 88 26.97 -8.92 18.35
CA ASN C 88 27.03 -9.79 17.18
C ASN C 88 26.34 -9.06 16.04
N MET C 89 27.12 -8.56 15.07
CA MET C 89 26.52 -7.81 13.97
C MET C 89 25.93 -8.72 12.90
N TRP C 90 26.28 -10.00 12.88
CA TRP C 90 25.87 -10.91 11.82
C TRP C 90 24.60 -11.68 12.16
N LYS C 91 24.12 -11.59 13.41
CA LYS C 91 22.92 -12.30 13.81
C LYS C 91 21.87 -11.39 14.44
N ASN C 92 22.02 -10.07 14.36
CA ASN C 92 21.03 -9.18 14.93
C ASN C 92 19.77 -9.15 14.06
N ASN C 93 18.62 -8.98 14.72
CA ASN C 93 17.32 -9.10 14.08
C ASN C 93 16.74 -7.78 13.60
N MET C 94 17.40 -6.66 13.88
CA MET C 94 16.90 -5.38 13.40
C MET C 94 17.19 -5.17 11.91
N VAL C 95 18.18 -5.87 11.37
CA VAL C 95 18.51 -5.74 9.95
C VAL C 95 17.42 -6.37 9.08
N GLU C 96 16.92 -7.54 9.49
CA GLU C 96 15.82 -8.18 8.77
C GLU C 96 14.56 -7.34 8.84
N GLN C 97 14.30 -6.72 9.99
CA GLN C 97 13.14 -5.84 10.14
C GLN C 97 13.30 -4.60 9.27
N MET C 98 14.52 -4.08 9.15
CA MET C 98 14.80 -2.98 8.23
C MET C 98 14.54 -3.37 6.78
N HIS C 99 14.99 -4.56 6.39
CA HIS C 99 14.79 -5.03 5.01
C HIS C 99 13.31 -5.22 4.71
N THR C 100 12.56 -5.79 5.64
CA THR C 100 11.12 -5.98 5.46
C THR C 100 10.39 -4.66 5.41
N ASP C 101 10.79 -3.69 6.27
CA ASP C 101 10.17 -2.37 6.26
C ASP C 101 10.44 -1.63 4.96
N ILE C 102 11.67 -1.73 4.43
CA ILE C 102 12.02 -1.08 3.17
C ILE C 102 11.23 -1.69 2.01
N ILE C 103 11.10 -3.02 2.00
CA ILE C 103 10.36 -3.70 0.93
C ILE C 103 8.87 -3.32 0.96
N SER C 104 8.26 -3.38 2.16
CA SER C 104 6.83 -3.10 2.29
C SER C 104 6.53 -1.62 2.04
N LEU C 105 7.43 -0.74 2.46
CA LEU C 105 7.22 0.68 2.27
C LEU C 105 7.45 1.08 0.81
N TRP C 106 8.35 0.37 0.13
CA TRP C 106 8.55 0.55 -1.30
C TRP C 106 7.31 0.12 -2.08
N ASP C 107 6.71 -1.00 -1.69
CA ASP C 107 5.47 -1.44 -2.32
C ASP C 107 4.31 -0.51 -2.00
N GLN C 108 4.30 0.09 -0.80
CA GLN C 108 3.30 1.09 -0.48
C GLN C 108 3.45 2.34 -1.34
N SER C 109 4.69 2.77 -1.58
CA SER C 109 4.92 3.94 -2.40
C SER C 109 4.67 3.67 -3.87
N LEU C 110 4.66 2.40 -4.29
CA LEU C 110 4.35 2.08 -5.68
C LEU C 110 2.86 1.99 -5.97
N LYS C 111 2.00 2.02 -4.95
CA LYS C 111 0.55 1.85 -5.19
C LYS C 111 -0.11 2.99 -5.97
N PRO C 112 0.06 4.31 -5.64
CA PRO C 112 -0.69 5.33 -6.41
C PRO C 112 0.08 5.88 -7.62
N CYS C 113 0.50 4.99 -8.51
CA CYS C 113 1.12 5.41 -9.77
C CYS C 113 0.50 4.60 -10.91
N VAL C 114 0.99 4.87 -12.12
CA VAL C 114 0.37 4.30 -13.33
C VAL C 114 0.69 2.82 -13.45
N LYS C 115 -0.33 2.02 -13.78
CA LYS C 115 -0.17 0.57 -13.88
C LYS C 115 0.62 0.17 -15.11
N LEU C 116 0.33 0.77 -16.27
CA LEU C 116 1.06 0.61 -17.54
C LEU C 116 1.01 -0.84 -18.05
N THR C 117 -0.04 -1.56 -17.68
CA THR C 117 -0.25 -2.90 -18.23
C THR C 117 -0.57 -3.05 -19.73
N PRO C 118 -1.26 -2.15 -20.46
CA PRO C 118 -1.52 -2.47 -21.86
C PRO C 118 -0.43 -2.03 -22.83
N LEU C 119 0.77 -1.71 -22.37
CA LEU C 119 1.73 -1.01 -23.21
C LEU C 119 2.37 -1.93 -24.24
N CYS C 120 2.74 -3.15 -23.87
CA CYS C 120 3.66 -3.94 -24.68
C CYS C 120 2.94 -4.60 -25.85
N VAL C 121 2.56 -3.75 -26.80
CA VAL C 121 2.12 -4.15 -28.14
C VAL C 121 3.42 -4.43 -28.88
N THR C 122 3.38 -5.28 -29.92
CA THR C 122 4.56 -5.67 -30.69
C THR C 122 5.29 -4.48 -31.30
N LEU C 123 6.49 -4.21 -30.80
CA LEU C 123 7.26 -3.04 -31.19
C LEU C 123 8.07 -3.33 -32.45
N GLN C 124 8.25 -2.30 -33.28
CA GLN C 124 9.12 -2.37 -34.45
C GLN C 124 10.20 -1.31 -34.29
N CYS C 125 11.44 -1.75 -34.11
CA CYS C 125 12.54 -0.87 -33.76
C CYS C 125 13.61 -0.88 -34.84
N THR C 126 14.02 0.32 -35.25
CA THR C 126 15.17 0.51 -36.11
C THR C 126 16.36 0.91 -35.26
N ASN C 127 17.56 0.81 -35.84
CA ASN C 127 18.71 1.43 -35.22
C ASN C 127 18.60 2.94 -35.35
N VAL C 128 18.62 3.65 -34.23
CA VAL C 128 18.84 5.09 -34.26
C VAL C 128 20.33 5.31 -34.47
N THR C 129 20.67 6.04 -35.53
CA THR C 129 22.06 6.28 -35.91
C THR C 129 22.16 7.59 -36.69
N ASN C 130 22.53 8.67 -35.97
CA ASN C 130 22.24 10.06 -36.40
C ASN C 130 23.52 10.87 -36.60
N ASN C 131 24.28 11.05 -35.51
CA ASN C 131 25.72 11.27 -35.53
C ASN C 131 26.36 10.61 -34.32
N ILE C 132 25.95 9.37 -34.04
CA ILE C 132 26.39 8.63 -32.86
C ILE C 132 27.87 8.29 -32.98
N THR C 133 28.54 8.22 -31.82
CA THR C 133 29.98 7.99 -31.77
C THR C 133 30.30 6.52 -32.08
N ASP C 134 31.60 6.20 -32.03
CA ASP C 134 32.08 4.89 -32.47
C ASP C 134 31.69 3.79 -31.49
N ASP C 135 31.93 4.02 -30.20
CA ASP C 135 31.54 3.00 -29.22
C ASP C 135 30.05 3.10 -28.90
N MET C 136 29.57 2.10 -28.14
CA MET C 136 28.16 1.83 -27.78
C MET C 136 27.21 1.96 -28.99
N ARG C 137 27.68 1.54 -30.17
CA ARG C 137 26.84 1.56 -31.36
C ARG C 137 25.78 0.47 -31.30
N GLY C 138 24.58 0.82 -31.75
CA GLY C 138 23.45 -0.10 -31.67
C GLY C 138 22.99 -0.41 -30.27
N GLU C 139 23.02 0.59 -29.39
CA GLU C 139 22.51 0.45 -28.03
C GLU C 139 21.08 0.97 -27.92
N LEU C 140 20.84 2.21 -28.31
CA LEU C 140 19.50 2.76 -28.32
C LEU C 140 18.76 2.33 -29.59
N LYS C 141 17.45 2.14 -29.46
CA LYS C 141 16.61 1.70 -30.55
C LYS C 141 15.46 2.69 -30.74
N ASN C 142 15.02 2.85 -31.99
CA ASN C 142 13.92 3.74 -32.33
C ASN C 142 12.70 2.86 -32.62
N CYS C 143 11.93 2.57 -31.57
CA CYS C 143 10.77 1.71 -31.69
C CYS C 143 9.52 2.53 -32.03
N SER C 144 8.69 1.98 -32.92
CA SER C 144 7.49 2.68 -33.42
C SER C 144 6.28 1.76 -33.27
N PHE C 145 5.60 1.89 -32.14
CA PHE C 145 4.41 1.12 -31.81
C PHE C 145 3.19 2.03 -31.75
N ASN C 146 2.01 1.43 -31.62
CA ASN C 146 0.77 2.20 -31.58
C ASN C 146 -0.15 1.70 -30.46
N MET C 147 -0.90 2.65 -29.88
CA MET C 147 -1.50 2.55 -28.56
C MET C 147 -2.93 3.08 -28.53
N THR C 148 -3.69 2.57 -27.56
CA THR C 148 -5.00 3.10 -27.21
C THR C 148 -4.86 4.52 -26.65
N THR C 149 -5.83 5.38 -26.96
CA THR C 149 -5.83 6.76 -26.52
C THR C 149 -6.94 6.99 -25.51
N GLU C 150 -7.22 8.26 -25.19
CA GLU C 150 -8.25 8.60 -24.19
C GLU C 150 -9.61 8.06 -24.59
N LEU C 151 -9.98 8.25 -25.85
CA LEU C 151 -11.18 7.61 -26.38
C LEU C 151 -10.88 6.14 -26.64
N ARG C 152 -11.84 5.27 -26.33
CA ARG C 152 -11.59 3.83 -26.36
C ARG C 152 -12.12 3.23 -27.66
N ASP C 153 -12.07 4.04 -28.73
CA ASP C 153 -12.34 3.55 -30.07
C ASP C 153 -11.34 4.03 -31.12
N LYS C 154 -10.26 4.70 -30.74
CA LYS C 154 -9.23 5.18 -31.65
C LYS C 154 -7.86 4.68 -31.20
N LYS C 155 -6.88 4.81 -32.08
CA LYS C 155 -5.48 4.51 -31.77
C LYS C 155 -4.61 5.63 -32.32
N GLN C 156 -3.31 5.56 -31.99
CA GLN C 156 -2.36 6.59 -32.42
C GLN C 156 -1.00 5.94 -32.60
N LYS C 157 -0.35 6.20 -33.73
CA LYS C 157 0.99 5.68 -33.96
C LYS C 157 2.01 6.62 -33.33
N VAL C 158 2.83 6.09 -32.43
CA VAL C 158 3.82 6.88 -31.71
C VAL C 158 5.20 6.26 -31.91
N TYR C 159 6.22 6.96 -31.39
CA TYR C 159 7.58 6.44 -31.41
C TYR C 159 8.22 6.70 -30.06
N SER C 160 9.12 5.80 -29.67
CA SER C 160 9.84 5.92 -28.40
C SER C 160 11.26 5.40 -28.59
N LEU C 161 12.14 5.83 -27.69
CA LEU C 161 13.52 5.37 -27.68
C LEU C 161 13.73 4.41 -26.51
N PHE C 162 14.32 3.26 -26.80
CA PHE C 162 14.54 2.22 -25.81
C PHE C 162 15.97 1.71 -25.93
N TYR C 163 16.47 1.17 -24.82
CA TYR C 163 17.80 0.56 -24.79
C TYR C 163 17.71 -0.89 -25.25
N ARG C 164 18.87 -1.46 -25.59
CA ARG C 164 18.93 -2.86 -25.99
C ARG C 164 18.61 -3.77 -24.81
N LEU C 165 19.01 -3.37 -23.60
CA LEU C 165 18.78 -4.14 -22.37
C LEU C 165 17.30 -4.12 -21.91
N ASP C 166 16.37 -3.55 -22.66
CA ASP C 166 14.95 -3.56 -22.33
C ASP C 166 14.09 -4.29 -23.34
N VAL C 167 14.60 -4.56 -24.54
CA VAL C 167 13.82 -5.20 -25.60
C VAL C 167 14.56 -6.42 -26.10
N VAL C 168 13.80 -7.44 -26.50
CA VAL C 168 14.34 -8.65 -27.10
C VAL C 168 13.64 -8.88 -28.43
N GLN C 169 14.29 -9.65 -29.30
CA GLN C 169 13.74 -9.94 -30.61
C GLN C 169 12.79 -11.13 -30.52
N ILE C 170 11.64 -11.02 -31.18
CA ILE C 170 10.65 -12.09 -31.18
C ILE C 170 10.46 -12.67 -32.58
N ASN C 171 11.27 -13.67 -32.91
CA ASN C 171 11.20 -14.38 -34.18
C ASN C 171 11.87 -15.74 -33.99
N ASN C 182 12.81 -4.62 -41.29
CA ASN C 182 12.69 -4.41 -39.86
C ASN C 182 12.24 -5.67 -39.13
N LYS C 183 12.76 -5.88 -37.93
CA LYS C 183 12.39 -7.02 -37.10
C LYS C 183 11.55 -6.57 -35.91
N GLU C 184 10.57 -7.38 -35.54
CA GLU C 184 9.67 -7.03 -34.45
C GLU C 184 10.33 -7.29 -33.10
N TYR C 185 10.08 -6.41 -32.14
CA TYR C 185 10.62 -6.50 -30.81
C TYR C 185 9.50 -6.45 -29.78
N ARG C 186 9.79 -6.97 -28.60
CA ARG C 186 8.90 -6.87 -27.45
C ARG C 186 9.73 -6.52 -26.23
N LEU C 187 9.08 -5.94 -25.21
CA LEU C 187 9.76 -5.63 -23.97
C LEU C 187 10.15 -6.90 -23.24
N ILE C 188 11.22 -6.81 -22.44
CA ILE C 188 11.73 -7.97 -21.71
C ILE C 188 10.82 -8.35 -20.55
N ASN C 189 9.96 -7.43 -20.10
CA ASN C 189 9.17 -7.65 -18.91
C ASN C 189 7.96 -8.55 -19.14
N CYS C 190 7.17 -8.31 -20.19
CA CYS C 190 5.86 -8.95 -20.26
C CYS C 190 5.90 -10.32 -20.95
N ASN C 191 6.87 -11.13 -20.54
CA ASN C 191 6.77 -12.58 -20.57
C ASN C 191 6.48 -13.12 -19.18
N THR C 192 6.98 -12.43 -18.16
CA THR C 192 6.73 -12.75 -16.75
C THR C 192 5.65 -11.89 -16.12
N SER C 193 5.71 -10.57 -16.24
CA SER C 193 4.72 -9.69 -15.62
C SER C 193 4.76 -8.32 -16.28
N ALA C 194 3.80 -7.48 -15.91
CA ALA C 194 3.70 -6.12 -16.41
C ALA C 194 4.33 -5.16 -15.41
N CYS C 195 5.26 -4.34 -15.88
CA CYS C 195 5.93 -3.39 -15.03
C CYS C 195 5.01 -2.24 -14.64
N THR C 196 5.32 -1.63 -13.49
CA THR C 196 4.55 -0.50 -12.97
C THR C 196 5.42 0.74 -13.04
N GLN C 197 4.88 1.82 -13.61
CA GLN C 197 5.63 3.06 -13.74
C GLN C 197 5.81 3.73 -12.38
N ALA C 198 6.94 4.42 -12.24
CA ALA C 198 7.19 5.29 -11.10
C ALA C 198 6.71 6.68 -11.47
N CYS C 199 5.55 7.07 -10.93
CA CYS C 199 4.90 8.32 -11.31
C CYS C 199 5.73 9.52 -10.85
N PRO C 200 5.89 10.55 -11.69
CA PRO C 200 7.09 11.40 -11.60
C PRO C 200 7.08 12.44 -10.48
N LYS C 201 6.03 12.50 -9.66
CA LYS C 201 6.09 13.36 -8.48
C LYS C 201 7.05 12.81 -7.44
N VAL C 202 7.24 11.48 -7.45
CA VAL C 202 8.03 10.81 -6.44
C VAL C 202 9.49 10.73 -6.86
N SER C 203 10.39 11.11 -5.95
CA SER C 203 11.83 11.07 -6.20
C SER C 203 12.46 9.93 -5.40
N PHE C 204 13.62 9.47 -5.86
CA PHE C 204 14.31 8.34 -5.26
C PHE C 204 15.47 8.73 -4.36
N GLU C 205 15.57 9.98 -3.95
CA GLU C 205 16.69 10.40 -3.11
C GLU C 205 16.53 9.85 -1.70
N PRO C 206 17.59 9.32 -1.11
CA PRO C 206 17.48 8.81 0.27
C PRO C 206 17.53 9.92 1.29
N ILE C 207 16.72 9.76 2.34
CA ILE C 207 16.69 10.69 3.47
C ILE C 207 16.96 9.88 4.73
N PRO C 208 17.54 10.46 5.78
CA PRO C 208 17.85 9.66 6.98
C PRO C 208 16.62 9.20 7.73
N ILE C 209 16.74 8.03 8.35
CA ILE C 209 15.66 7.38 9.09
C ILE C 209 16.25 6.93 10.42
N HIS C 210 15.68 7.39 11.52
CA HIS C 210 16.15 7.01 12.85
C HIS C 210 15.23 5.96 13.45
N TYR C 211 15.82 4.83 13.84
CA TYR C 211 15.09 3.73 14.48
C TYR C 211 15.08 3.96 15.99
N CYS C 212 13.89 4.02 16.56
CA CYS C 212 13.71 4.16 18.00
C CYS C 212 13.38 2.81 18.61
N ALA C 213 13.06 2.82 19.90
CA ALA C 213 12.63 1.63 20.61
C ALA C 213 11.37 1.93 21.41
N PRO C 214 10.46 0.97 21.52
CA PRO C 214 9.25 1.20 22.33
C PRO C 214 9.52 1.07 23.82
N ALA C 215 8.46 1.17 24.63
CA ALA C 215 8.60 1.10 26.08
C ALA C 215 8.99 -0.30 26.52
N GLY C 216 9.93 -0.38 27.45
CA GLY C 216 10.44 -1.63 27.95
C GLY C 216 11.65 -2.16 27.23
N PHE C 217 11.96 -1.65 26.05
CA PHE C 217 13.10 -2.08 25.25
C PHE C 217 14.13 -0.96 25.17
N ALA C 218 15.40 -1.32 25.33
CA ALA C 218 16.50 -0.36 25.29
C ALA C 218 17.44 -0.73 24.15
N ILE C 219 17.99 0.29 23.50
CA ILE C 219 18.93 0.13 22.41
C ILE C 219 20.33 0.41 22.94
N LEU C 220 21.21 -0.57 22.85
CA LEU C 220 22.59 -0.43 23.31
C LEU C 220 23.50 -0.19 22.12
N LYS C 221 24.38 0.80 22.23
CA LYS C 221 25.23 1.23 21.13
C LYS C 221 26.69 0.94 21.47
N CYS C 222 27.40 0.31 20.55
CA CYS C 222 28.82 0.04 20.72
C CYS C 222 29.63 1.33 20.65
N LYS C 223 30.68 1.39 21.48
CA LYS C 223 31.56 2.55 21.47
C LYS C 223 33.03 2.15 21.61
N ASP C 224 33.37 0.90 21.27
CA ASP C 224 34.76 0.49 21.19
C ASP C 224 35.31 0.87 19.83
N LYS C 225 36.49 1.48 19.81
CA LYS C 225 37.01 2.01 18.56
C LYS C 225 37.78 0.96 17.76
N LYS C 226 38.17 -0.14 18.40
CA LYS C 226 38.71 -1.33 17.72
C LYS C 226 37.65 -2.41 17.85
N PHE C 227 36.79 -2.53 16.82
CA PHE C 227 35.64 -3.41 16.89
C PHE C 227 35.46 -4.08 15.54
N ASN C 228 35.64 -5.40 15.49
CA ASN C 228 35.46 -6.17 14.28
C ASN C 228 34.05 -6.72 14.13
N GLY C 229 33.14 -6.34 15.03
CA GLY C 229 31.74 -6.71 14.92
C GLY C 229 31.35 -7.97 15.67
N THR C 230 32.29 -8.72 16.23
CA THR C 230 31.97 -9.93 16.96
C THR C 230 32.79 -9.97 18.24
N GLY C 231 32.13 -10.39 19.33
CA GLY C 231 32.79 -10.53 20.61
C GLY C 231 32.37 -9.48 21.62
N PRO C 232 33.00 -9.50 22.79
CA PRO C 232 32.63 -8.55 23.84
C PRO C 232 33.09 -7.13 23.53
N CYS C 233 32.38 -6.17 24.13
CA CYS C 233 32.69 -4.76 24.00
C CYS C 233 32.94 -4.15 25.38
N PRO C 234 34.05 -3.45 25.59
CA PRO C 234 34.36 -2.93 26.93
C PRO C 234 33.58 -1.68 27.31
N SER C 235 33.22 -0.85 26.34
CA SER C 235 32.54 0.41 26.61
C SER C 235 31.23 0.45 25.84
N VAL C 236 30.11 0.39 26.57
CA VAL C 236 28.77 0.34 26.00
C VAL C 236 27.99 1.55 26.47
N SER C 237 27.32 2.23 25.55
CA SER C 237 26.43 3.33 25.90
C SER C 237 25.06 3.09 25.29
N THR C 238 24.03 3.53 26.00
CA THR C 238 22.65 3.37 25.56
C THR C 238 22.15 4.66 24.91
N VAL C 239 21.14 4.52 24.05
CA VAL C 239 20.54 5.65 23.36
C VAL C 239 19.13 5.23 22.93
N GLN C 240 18.23 6.20 22.88
CA GLN C 240 16.85 5.94 22.47
C GLN C 240 16.67 5.99 20.95
N CYS C 241 17.53 6.73 20.25
CA CYS C 241 17.40 6.93 18.82
C CYS C 241 18.70 6.56 18.12
N THR C 242 18.58 5.91 16.97
CA THR C 242 19.74 5.68 16.13
C THR C 242 20.08 6.95 15.36
N HIS C 243 21.26 6.96 14.74
CA HIS C 243 21.67 8.12 13.97
C HIS C 243 21.03 8.09 12.58
N GLY C 244 21.43 9.03 11.73
CA GLY C 244 20.92 9.11 10.38
C GLY C 244 21.37 7.97 9.50
N ILE C 245 20.43 7.10 9.12
CA ILE C 245 20.73 5.90 8.35
C ILE C 245 19.97 6.02 7.04
N LYS C 246 20.67 6.43 5.98
CA LYS C 246 20.04 6.54 4.68
C LYS C 246 20.04 5.17 3.99
N PRO C 247 18.89 4.70 3.50
CA PRO C 247 18.86 3.41 2.77
C PRO C 247 19.44 3.53 1.37
N VAL C 248 20.77 3.60 1.30
CA VAL C 248 21.44 3.79 0.02
C VAL C 248 21.42 2.49 -0.78
N VAL C 249 21.35 2.63 -2.10
CA VAL C 249 21.28 1.50 -3.02
C VAL C 249 22.66 1.31 -3.65
N SER C 250 23.25 0.15 -3.43
CA SER C 250 24.54 -0.19 -4.04
C SER C 250 24.69 -1.69 -4.06
N THR C 251 25.62 -2.16 -4.90
CA THR C 251 25.91 -3.58 -5.00
C THR C 251 27.38 -3.95 -4.81
N GLN C 252 28.32 -3.08 -5.17
CA GLN C 252 29.73 -3.41 -5.00
C GLN C 252 30.48 -2.35 -4.22
N LEU C 253 30.10 -1.09 -4.39
CA LEU C 253 30.79 0.03 -3.73
C LEU C 253 29.78 0.76 -2.87
N LEU C 254 29.96 0.69 -1.55
CA LEU C 254 29.01 1.33 -0.63
C LEU C 254 29.15 2.84 -0.73
N LEU C 255 28.02 3.52 -0.94
CA LEU C 255 28.00 4.94 -1.23
C LEU C 255 27.36 5.70 -0.08
N ASN C 256 27.94 6.87 0.24
CA ASN C 256 27.38 7.84 1.19
C ASN C 256 27.22 7.27 2.60
N GLY C 257 28.04 6.30 2.97
CA GLY C 257 27.92 5.65 4.25
C GLY C 257 28.59 6.42 5.37
N SER C 258 28.64 5.79 6.53
CA SER C 258 29.29 6.37 7.71
C SER C 258 30.70 5.81 7.82
N LEU C 259 31.67 6.71 7.97
CA LEU C 259 33.07 6.34 7.86
C LEU C 259 33.59 5.74 9.16
N ALA C 260 34.83 5.25 9.11
CA ALA C 260 35.51 4.73 10.28
C ALA C 260 36.20 5.87 11.01
N GLU C 261 37.04 5.54 11.99
CA GLU C 261 37.61 6.56 12.87
C GLU C 261 39.14 6.59 12.86
N GLU C 262 39.80 5.44 12.86
CA GLU C 262 41.26 5.40 12.96
C GLU C 262 41.90 4.68 11.78
N GLU C 263 41.52 3.44 11.50
CA GLU C 263 42.04 2.68 10.38
C GLU C 263 40.87 2.16 9.55
N VAL C 264 41.19 1.44 8.48
CA VAL C 264 40.16 0.73 7.73
C VAL C 264 39.94 -0.64 8.37
N MET C 265 38.69 -0.98 8.62
CA MET C 265 38.34 -2.16 9.39
C MET C 265 37.88 -3.29 8.49
N ILE C 266 38.11 -4.52 8.97
CA ILE C 266 37.76 -5.73 8.24
C ILE C 266 36.79 -6.54 9.10
N ARG C 267 35.61 -6.82 8.55
CA ARG C 267 34.57 -7.57 9.23
C ARG C 267 34.14 -8.75 8.37
N SER C 268 33.95 -9.90 8.99
CA SER C 268 33.53 -11.10 8.28
C SER C 268 32.89 -12.07 9.27
N GLU C 269 32.30 -13.13 8.74
CA GLU C 269 31.86 -14.26 9.55
C GLU C 269 33.04 -15.12 10.01
N ASN C 270 33.77 -15.68 9.05
CA ASN C 270 34.83 -16.64 9.33
C ASN C 270 35.92 -16.36 8.30
N ILE C 271 37.03 -15.76 8.75
CA ILE C 271 38.04 -15.21 7.84
C ILE C 271 38.83 -16.31 7.13
N THR C 272 38.77 -17.55 7.63
CA THR C 272 39.35 -18.68 6.93
C THR C 272 38.34 -19.38 6.02
N ASN C 273 37.12 -18.86 5.92
CA ASN C 273 36.09 -19.40 5.04
C ASN C 273 35.88 -18.42 3.90
N ASN C 274 35.90 -18.93 2.67
CA ASN C 274 35.77 -18.10 1.48
C ASN C 274 34.34 -17.97 0.97
N ALA C 275 33.37 -18.61 1.62
CA ALA C 275 31.98 -18.55 1.20
C ALA C 275 31.21 -17.40 1.85
N LYS C 276 31.85 -16.63 2.71
CA LYS C 276 31.22 -15.51 3.40
C LYS C 276 31.80 -14.20 2.88
N ASN C 277 30.94 -13.20 2.74
CA ASN C 277 31.37 -11.94 2.15
C ASN C 277 32.19 -11.12 3.15
N ILE C 278 33.47 -10.93 2.83
CA ILE C 278 34.34 -10.05 3.59
C ILE C 278 33.93 -8.61 3.29
N LEU C 279 33.95 -7.76 4.32
CA LEU C 279 33.42 -6.41 4.23
C LEU C 279 34.43 -5.44 4.84
N VAL C 280 34.77 -4.39 4.11
CA VAL C 280 35.76 -3.40 4.54
C VAL C 280 35.10 -2.03 4.52
N GLN C 281 35.54 -1.17 5.43
CA GLN C 281 34.97 0.17 5.63
C GLN C 281 36.10 1.19 5.63
N PHE C 282 35.97 2.24 4.82
CA PHE C 282 37.07 3.17 4.64
C PHE C 282 37.21 4.13 5.82
N ASN C 283 38.39 4.74 5.89
CA ASN C 283 38.74 5.77 6.87
C ASN C 283 38.59 7.17 6.33
N THR C 284 38.89 7.37 5.04
CA THR C 284 38.75 8.63 4.33
C THR C 284 37.98 8.38 3.04
N PRO C 285 37.13 9.31 2.61
CA PRO C 285 36.31 9.05 1.43
C PRO C 285 37.08 9.28 0.14
N VAL C 286 36.63 8.60 -0.91
CA VAL C 286 37.13 8.83 -2.27
C VAL C 286 35.95 9.33 -3.11
N GLN C 287 36.17 10.44 -3.81
CA GLN C 287 35.07 11.09 -4.51
C GLN C 287 34.84 10.44 -5.87
N ILE C 288 33.57 10.28 -6.22
CA ILE C 288 33.18 9.67 -7.49
C ILE C 288 32.21 10.59 -8.20
N ASN C 289 32.41 10.76 -9.51
CA ASN C 289 31.57 11.60 -10.35
C ASN C 289 31.04 10.76 -11.51
N CYS C 290 29.80 10.31 -11.42
CA CYS C 290 29.13 9.62 -12.51
C CYS C 290 28.11 10.56 -13.13
N THR C 291 28.19 10.73 -14.45
CA THR C 291 27.29 11.62 -15.15
C THR C 291 26.91 11.01 -16.50
N ARG C 292 25.82 11.52 -17.06
CA ARG C 292 25.33 11.08 -18.36
C ARG C 292 25.29 12.28 -19.28
N PRO C 293 26.06 12.30 -20.38
CA PRO C 293 26.29 13.56 -21.10
C PRO C 293 25.25 13.95 -22.13
N ASN C 294 24.47 13.00 -22.65
CA ASN C 294 23.55 13.31 -23.73
C ASN C 294 22.33 14.08 -23.23
N ASN C 295 21.75 14.88 -24.11
CA ASN C 295 20.64 15.78 -23.76
C ASN C 295 19.34 15.16 -24.25
N ASN C 296 18.79 14.26 -23.46
CA ASN C 296 17.51 13.65 -23.76
C ASN C 296 16.35 14.50 -23.30
N THR C 297 15.18 14.24 -23.88
CA THR C 297 13.95 14.93 -23.51
C THR C 297 12.83 13.92 -23.33
N ARG C 298 11.80 14.32 -22.60
CA ARG C 298 10.68 13.46 -22.27
C ARG C 298 9.42 13.98 -22.95
N LYS C 299 8.57 13.07 -23.39
CA LYS C 299 7.29 13.41 -24.00
C LYS C 299 6.20 12.56 -23.37
N SER C 300 5.00 13.13 -23.27
CA SER C 300 3.88 12.47 -22.61
C SER C 300 2.97 11.83 -23.65
N ILE C 301 2.74 10.52 -23.51
CA ILE C 301 1.87 9.77 -24.39
C ILE C 301 0.72 9.23 -23.55
N ARG C 302 -0.51 9.58 -23.92
CA ARG C 302 -1.69 9.19 -23.17
C ARG C 302 -2.12 7.80 -23.59
N ILE C 303 -2.34 6.93 -22.61
CA ILE C 303 -2.74 5.55 -22.85
C ILE C 303 -4.16 5.29 -22.35
N GLY C 304 -4.87 6.32 -21.90
CA GLY C 304 -6.21 6.15 -21.41
C GLY C 304 -6.75 7.42 -20.76
N PRO C 305 -7.94 7.33 -20.16
CA PRO C 305 -8.52 8.50 -19.50
C PRO C 305 -7.85 8.84 -18.18
N GLY C 306 -6.69 9.48 -18.24
CA GLY C 306 -6.01 9.96 -17.05
C GLY C 306 -4.70 9.29 -16.73
N GLN C 307 -4.26 8.32 -17.54
CA GLN C 307 -2.99 7.64 -17.34
C GLN C 307 -2.04 8.02 -18.46
N ALA C 308 -0.86 8.51 -18.10
CA ALA C 308 0.12 8.96 -19.07
C ALA C 308 1.39 8.14 -18.95
N PHE C 309 1.99 7.83 -20.09
CA PHE C 309 3.25 7.10 -20.16
C PHE C 309 4.29 8.03 -20.78
N TYR C 310 5.41 8.21 -20.09
CA TYR C 310 6.44 9.16 -20.49
C TYR C 310 7.52 8.43 -21.28
N ALA C 311 7.57 8.68 -22.59
CA ALA C 311 8.53 8.05 -23.48
C ALA C 311 9.70 8.99 -23.75
N THR C 312 10.81 8.41 -24.15
CA THR C 312 12.01 9.18 -24.46
C THR C 312 11.86 9.86 -25.81
N GLY C 313 12.06 11.18 -25.84
CA GLY C 313 11.95 11.95 -27.06
C GLY C 313 13.24 11.93 -27.87
N ASP C 314 13.25 12.75 -28.91
CA ASP C 314 14.43 12.88 -29.76
C ASP C 314 15.56 13.58 -29.00
N ILE C 315 16.77 13.08 -29.18
CA ILE C 315 17.91 13.58 -28.43
C ILE C 315 18.46 14.82 -29.11
N ILE C 316 18.75 15.85 -28.33
CA ILE C 316 19.33 17.08 -28.84
C ILE C 316 20.85 16.99 -28.74
N GLY C 317 21.52 17.07 -29.89
CA GLY C 317 22.96 17.00 -29.91
C GLY C 317 23.50 15.64 -30.36
N ASP C 318 24.62 15.22 -29.79
CA ASP C 318 25.24 13.95 -30.11
C ASP C 318 24.87 12.90 -29.07
N ILE C 319 25.39 11.69 -29.26
CA ILE C 319 25.14 10.56 -28.38
C ILE C 319 26.47 10.11 -27.80
N ARG C 320 26.55 10.07 -26.46
CA ARG C 320 27.74 9.63 -25.77
C ARG C 320 27.36 8.74 -24.59
N GLN C 321 28.29 7.87 -24.20
CA GLN C 321 28.05 6.98 -23.08
C GLN C 321 28.32 7.69 -21.76
N ALA C 322 27.78 7.14 -20.68
CA ALA C 322 27.85 7.76 -19.37
C ALA C 322 29.19 7.47 -18.71
N HIS C 323 29.91 8.52 -18.35
CA HIS C 323 31.22 8.38 -17.74
C HIS C 323 31.12 8.33 -16.21
N CYS C 324 32.18 7.80 -15.59
CA CYS C 324 32.26 7.68 -14.14
C CYS C 324 33.72 7.86 -13.74
N ASN C 325 34.00 8.87 -12.91
CA ASN C 325 35.37 9.28 -12.64
C ASN C 325 35.74 9.07 -11.17
N VAL C 326 36.92 8.49 -10.96
CA VAL C 326 37.51 8.32 -9.64
C VAL C 326 38.97 8.73 -9.73
N SER C 327 39.42 9.55 -8.77
CA SER C 327 40.81 10.00 -8.74
C SER C 327 41.75 8.82 -8.52
N LYS C 328 42.88 8.84 -9.24
CA LYS C 328 43.74 7.66 -9.33
C LYS C 328 44.63 7.51 -8.08
N ALA C 329 45.30 8.59 -7.68
CA ALA C 329 46.27 8.50 -6.59
C ALA C 329 45.58 8.28 -5.25
N THR C 330 44.41 8.89 -5.05
CA THR C 330 43.67 8.70 -3.81
C THR C 330 43.15 7.27 -3.69
N TRP C 331 42.68 6.70 -4.81
CA TRP C 331 42.26 5.31 -4.83
C TRP C 331 43.44 4.35 -4.62
N ASN C 332 44.61 4.71 -5.16
CA ASN C 332 45.80 3.89 -4.94
C ASN C 332 46.23 3.90 -3.48
N GLU C 333 46.16 5.07 -2.84
CA GLU C 333 46.46 5.17 -1.41
C GLU C 333 45.45 4.40 -0.57
N THR C 334 44.17 4.47 -0.94
CA THR C 334 43.13 3.73 -0.22
C THR C 334 43.31 2.22 -0.37
N LEU C 335 43.65 1.76 -1.58
CA LEU C 335 43.95 0.35 -1.80
C LEU C 335 45.18 -0.08 -1.02
N GLY C 336 46.16 0.83 -0.89
CA GLY C 336 47.31 0.54 -0.03
C GLY C 336 46.93 0.37 1.42
N LYS C 337 46.02 1.20 1.92
CA LYS C 337 45.50 1.05 3.27
C LYS C 337 44.78 -0.29 3.44
N VAL C 338 43.97 -0.66 2.45
CA VAL C 338 43.22 -1.92 2.51
C VAL C 338 44.16 -3.13 2.51
N VAL C 339 45.17 -3.12 1.63
CA VAL C 339 46.09 -4.26 1.56
C VAL C 339 46.98 -4.30 2.81
N LYS C 340 47.28 -3.15 3.42
CA LYS C 340 48.02 -3.17 4.67
C LYS C 340 47.19 -3.75 5.81
N GLN C 341 45.88 -3.47 5.83
CA GLN C 341 45.06 -4.04 6.89
C GLN C 341 44.60 -5.46 6.56
N LEU C 342 44.70 -5.88 5.30
CA LEU C 342 44.28 -7.24 4.95
C LEU C 342 45.30 -8.27 5.38
N ARG C 343 46.58 -7.94 5.32
CA ARG C 343 47.63 -8.94 5.53
C ARG C 343 47.86 -9.26 7.00
N LYS C 344 47.18 -8.57 7.92
CA LYS C 344 47.22 -8.95 9.33
C LYS C 344 46.41 -10.21 9.62
N HIS C 345 45.55 -10.64 8.69
CA HIS C 345 44.75 -11.84 8.87
C HIS C 345 45.33 -13.07 8.17
N PHE C 346 46.27 -12.89 7.25
CA PHE C 346 46.77 -14.00 6.44
C PHE C 346 48.27 -14.21 6.55
N GLY C 347 49.06 -13.14 6.59
CA GLY C 347 50.50 -13.28 6.71
C GLY C 347 51.21 -12.08 6.15
N ASN C 348 52.49 -11.98 6.48
CA ASN C 348 53.32 -10.86 6.09
C ASN C 348 54.02 -11.07 4.74
N ASN C 349 53.83 -12.22 4.11
CA ASN C 349 54.49 -12.51 2.84
C ASN C 349 53.49 -12.93 1.76
N THR C 350 52.19 -12.75 1.99
CA THR C 350 51.19 -13.18 1.03
C THR C 350 51.01 -12.14 -0.06
N ILE C 351 51.12 -12.56 -1.32
CA ILE C 351 50.87 -11.67 -2.44
C ILE C 351 49.37 -11.46 -2.59
N ILE C 352 48.94 -10.20 -2.61
CA ILE C 352 47.53 -9.86 -2.68
C ILE C 352 47.24 -9.26 -4.05
N ARG C 353 46.25 -9.80 -4.73
CA ARG C 353 45.85 -9.34 -6.05
C ARG C 353 44.38 -8.93 -6.03
N PHE C 354 44.03 -8.02 -6.93
CA PHE C 354 42.64 -7.63 -7.14
C PHE C 354 42.27 -7.86 -8.60
N ALA C 355 41.24 -8.66 -8.82
CA ALA C 355 40.71 -8.90 -10.16
C ALA C 355 39.30 -8.35 -10.23
N ASN C 356 38.78 -8.22 -11.45
CA ASN C 356 37.44 -7.70 -11.62
C ASN C 356 36.41 -8.77 -11.27
N SER C 357 35.14 -8.34 -11.22
CA SER C 357 34.07 -9.19 -10.72
C SER C 357 33.79 -10.34 -11.68
N SER C 358 33.19 -11.40 -11.14
CA SER C 358 32.88 -12.61 -11.89
C SER C 358 31.42 -12.99 -11.70
N GLY C 359 30.53 -12.00 -11.79
CA GLY C 359 29.12 -12.25 -11.60
C GLY C 359 28.49 -12.91 -12.81
N GLY C 360 27.27 -13.42 -12.59
CA GLY C 360 26.52 -14.06 -13.65
C GLY C 360 25.50 -13.14 -14.29
N ASP C 361 24.75 -12.42 -13.47
CA ASP C 361 23.78 -11.46 -13.95
C ASP C 361 24.45 -10.10 -14.14
N LEU C 362 23.65 -9.05 -14.32
CA LEU C 362 24.17 -7.70 -14.46
C LEU C 362 24.42 -7.02 -13.13
N GLU C 363 23.59 -7.30 -12.12
CA GLU C 363 23.66 -6.57 -10.85
C GLU C 363 24.89 -6.95 -10.04
N VAL C 364 25.33 -8.20 -10.13
CA VAL C 364 26.53 -8.62 -9.41
C VAL C 364 27.79 -8.26 -10.19
N THR C 365 27.74 -8.37 -11.52
CA THR C 365 28.88 -8.01 -12.36
C THR C 365 29.21 -6.52 -12.29
N THR C 366 28.19 -5.67 -12.35
CA THR C 366 28.38 -4.24 -12.49
C THR C 366 27.99 -3.51 -11.21
N HIS C 367 28.72 -2.44 -10.90
CA HIS C 367 28.35 -1.55 -9.81
C HIS C 367 27.07 -0.81 -10.19
N SER C 368 26.05 -0.89 -9.33
CA SER C 368 24.75 -0.35 -9.64
C SER C 368 24.27 0.57 -8.54
N PHE C 369 23.65 1.68 -8.93
CA PHE C 369 23.09 2.65 -8.00
C PHE C 369 22.02 3.45 -8.73
N ASN C 370 21.55 4.51 -8.09
CA ASN C 370 20.60 5.44 -8.70
C ASN C 370 21.16 6.86 -8.67
N CYS C 371 20.71 7.67 -9.64
CA CYS C 371 21.21 9.03 -9.76
C CYS C 371 20.03 9.99 -9.87
N GLY C 372 19.08 9.87 -8.94
CA GLY C 372 17.94 10.75 -8.93
C GLY C 372 16.89 10.44 -9.97
N GLY C 373 16.82 9.19 -10.43
CA GLY C 373 15.82 8.82 -11.42
C GLY C 373 16.33 7.85 -12.46
N GLU C 374 17.63 7.85 -12.71
CA GLU C 374 18.26 6.97 -13.67
C GLU C 374 19.14 5.95 -12.94
N PHE C 375 19.16 4.73 -13.46
CA PHE C 375 19.87 3.63 -12.82
C PHE C 375 21.12 3.30 -13.63
N PHE C 376 22.26 3.28 -12.97
CA PHE C 376 23.55 3.12 -13.62
C PHE C 376 24.08 1.70 -13.44
N TYR C 377 24.93 1.27 -14.37
CA TYR C 377 25.60 -0.02 -14.29
C TYR C 377 27.01 0.18 -14.83
N CYS C 378 28.00 0.07 -13.96
CA CYS C 378 29.37 0.49 -14.24
C CYS C 378 30.29 -0.71 -14.35
N ASN C 379 31.22 -0.65 -15.31
CA ASN C 379 32.12 -1.77 -15.60
C ASN C 379 33.03 -2.08 -14.42
N THR C 380 33.56 -1.02 -13.77
CA THR C 380 34.48 -1.04 -12.61
C THR C 380 35.62 -2.05 -12.72
N SER C 381 36.09 -2.27 -13.95
CA SER C 381 37.26 -3.11 -14.19
C SER C 381 38.57 -2.36 -14.03
N GLY C 382 38.57 -1.05 -14.20
CA GLY C 382 39.75 -0.22 -14.06
C GLY C 382 40.14 0.14 -12.65
N LEU C 383 39.36 -0.28 -11.66
CA LEU C 383 39.66 -0.03 -10.26
C LEU C 383 40.28 -1.24 -9.58
N PHE C 384 39.69 -2.41 -9.76
CA PHE C 384 40.17 -3.65 -9.13
C PHE C 384 41.06 -4.44 -10.10
N ASN C 385 42.18 -3.84 -10.49
CA ASN C 385 43.14 -4.50 -11.37
C ASN C 385 44.54 -4.07 -10.95
N SER C 386 45.14 -4.83 -10.02
CA SER C 386 46.47 -4.55 -9.50
C SER C 386 46.95 -5.78 -8.74
N THR C 387 48.26 -5.80 -8.48
CA THR C 387 48.86 -6.79 -7.59
C THR C 387 49.80 -6.06 -6.63
N TRP C 388 49.95 -6.61 -5.42
CA TRP C 388 50.74 -5.98 -4.38
C TRP C 388 51.72 -7.01 -3.80
N ILE C 389 52.99 -6.63 -3.74
CA ILE C 389 54.05 -7.50 -3.28
C ILE C 389 54.63 -6.94 -1.99
N SER C 390 54.85 -7.81 -1.01
CA SER C 390 55.42 -7.40 0.28
C SER C 390 56.85 -6.89 0.15
N ASN C 403 47.01 14.35 -11.70
CA ASN C 403 45.60 14.73 -11.76
C ASN C 403 44.82 13.79 -12.68
N ASP C 404 45.43 12.67 -13.03
CA ASP C 404 44.77 11.68 -13.87
C ASP C 404 43.66 10.98 -13.10
N SER C 405 42.56 10.70 -13.79
CA SER C 405 41.39 10.09 -13.18
C SER C 405 41.02 8.83 -13.95
N ILE C 406 40.75 7.75 -13.22
CA ILE C 406 40.29 6.51 -13.85
C ILE C 406 38.84 6.68 -14.27
N THR C 407 38.56 6.39 -15.54
CA THR C 407 37.21 6.49 -16.08
C THR C 407 36.58 5.11 -16.18
N LEU C 408 35.26 5.06 -16.01
CA LEU C 408 34.51 3.82 -16.06
C LEU C 408 33.32 3.97 -17.00
N PRO C 409 33.11 3.04 -17.92
CA PRO C 409 31.94 3.13 -18.83
C PRO C 409 30.64 2.66 -18.18
N CYS C 410 30.04 3.56 -17.42
CA CYS C 410 28.76 3.28 -16.78
C CYS C 410 27.64 3.28 -17.83
N ARG C 411 26.70 2.33 -17.69
CA ARG C 411 25.63 2.15 -18.66
C ARG C 411 24.27 2.21 -17.97
N ILE C 412 23.24 2.49 -18.77
CA ILE C 412 21.92 2.87 -18.27
C ILE C 412 20.90 1.80 -18.65
N LYS C 413 20.09 1.38 -17.68
CA LYS C 413 18.95 0.51 -17.91
C LYS C 413 17.71 1.12 -17.26
N GLN C 414 16.54 0.76 -17.80
CA GLN C 414 15.29 1.36 -17.35
C GLN C 414 14.40 0.36 -16.61
N ILE C 415 14.24 -0.86 -17.12
CA ILE C 415 13.40 -1.85 -16.47
C ILE C 415 14.14 -2.42 -15.26
N ILE C 416 13.59 -2.23 -14.07
CA ILE C 416 14.27 -2.56 -12.84
C ILE C 416 13.48 -3.63 -12.09
N ASN C 417 14.08 -4.79 -11.91
CA ASN C 417 13.57 -5.84 -11.03
C ASN C 417 14.52 -5.85 -9.83
N MET C 418 14.14 -5.12 -8.77
CA MET C 418 15.10 -4.63 -7.80
C MET C 418 15.31 -5.56 -6.62
N TRP C 419 14.24 -5.86 -5.87
CA TRP C 419 14.36 -6.64 -4.65
C TRP C 419 14.33 -8.14 -4.90
N GLN C 420 14.50 -8.56 -6.16
CA GLN C 420 14.60 -9.96 -6.59
C GLN C 420 13.38 -10.77 -6.20
N ARG C 421 12.21 -10.25 -6.58
CA ARG C 421 10.94 -10.93 -6.43
C ARG C 421 10.38 -11.24 -7.81
N ILE C 422 9.80 -12.42 -7.95
CA ILE C 422 9.31 -12.86 -9.25
C ILE C 422 8.01 -12.14 -9.58
N GLY C 423 7.98 -11.45 -10.71
CA GLY C 423 6.75 -10.90 -11.22
C GLY C 423 6.40 -9.48 -10.79
N GLN C 424 7.35 -8.72 -10.27
CA GLN C 424 7.15 -7.32 -9.96
C GLN C 424 8.37 -6.53 -10.41
N CYS C 425 8.14 -5.39 -11.06
CA CYS C 425 9.23 -4.66 -11.66
C CYS C 425 8.91 -3.17 -11.73
N MET C 426 9.79 -2.43 -12.42
CA MET C 426 9.75 -0.98 -12.52
C MET C 426 9.93 -0.52 -13.95
N TYR C 427 9.22 0.55 -14.31
CA TYR C 427 9.60 1.42 -15.41
C TYR C 427 9.98 2.77 -14.83
N ALA C 428 11.26 3.12 -14.91
CA ALA C 428 11.73 4.43 -14.48
C ALA C 428 11.64 5.40 -15.65
N PRO C 429 10.94 6.53 -15.51
CA PRO C 429 10.85 7.48 -16.61
C PRO C 429 12.17 8.18 -16.85
N PRO C 430 12.43 8.62 -18.08
CA PRO C 430 13.66 9.40 -18.34
C PRO C 430 13.59 10.77 -17.68
N ILE C 431 14.76 11.26 -17.29
CA ILE C 431 14.89 12.56 -16.64
C ILE C 431 15.35 13.57 -17.69
N GLN C 432 14.61 14.67 -17.80
CA GLN C 432 14.90 15.67 -18.83
C GLN C 432 16.18 16.42 -18.51
N GLY C 433 16.97 16.69 -19.56
CA GLY C 433 18.23 17.37 -19.39
C GLY C 433 19.34 16.43 -18.95
N VAL C 434 20.54 17.00 -18.78
CA VAL C 434 21.66 16.22 -18.30
C VAL C 434 21.53 16.00 -16.80
N ILE C 435 22.18 14.95 -16.32
CA ILE C 435 22.12 14.56 -14.92
C ILE C 435 23.55 14.44 -14.38
N ARG C 436 23.74 14.87 -13.14
CA ARG C 436 25.04 14.77 -12.49
C ARG C 436 24.86 14.31 -11.05
N CYS C 437 25.68 13.36 -10.63
CA CYS C 437 25.70 12.90 -9.25
C CYS C 437 27.13 12.92 -8.73
N VAL C 438 27.32 13.57 -7.58
CA VAL C 438 28.62 13.61 -6.92
C VAL C 438 28.45 12.89 -5.59
N SER C 439 29.14 11.75 -5.44
CA SER C 439 29.02 10.93 -4.25
C SER C 439 30.42 10.57 -3.78
N ASN C 440 30.49 9.75 -2.73
CA ASN C 440 31.74 9.30 -2.17
C ASN C 440 31.61 7.89 -1.60
N ILE C 441 32.67 7.10 -1.79
CA ILE C 441 32.62 5.68 -1.48
C ILE C 441 33.10 5.44 -0.07
N THR C 442 32.31 4.71 0.71
CA THR C 442 32.58 4.47 2.11
C THR C 442 33.00 3.02 2.39
N GLY C 443 32.37 2.04 1.75
CA GLY C 443 32.73 0.66 1.98
C GLY C 443 32.76 -0.13 0.69
N LEU C 444 33.44 -1.28 0.77
CA LEU C 444 33.51 -2.24 -0.31
C LEU C 444 33.05 -3.60 0.18
N ILE C 445 32.40 -4.36 -0.68
CA ILE C 445 31.94 -5.71 -0.37
C ILE C 445 32.75 -6.64 -1.26
N LEU C 446 33.87 -7.12 -0.73
CA LEU C 446 34.76 -8.00 -1.47
C LEU C 446 34.37 -9.46 -1.24
N THR C 447 34.99 -10.35 -2.02
CA THR C 447 34.78 -11.78 -1.87
C THR C 447 36.10 -12.48 -2.15
N ARG C 448 36.54 -13.30 -1.21
CA ARG C 448 37.81 -14.00 -1.35
C ARG C 448 37.70 -15.09 -2.41
N ASP C 449 38.85 -15.39 -3.03
CA ASP C 449 38.98 -16.51 -3.96
C ASP C 449 39.99 -17.47 -3.35
N GLY C 450 39.50 -18.37 -2.51
CA GLY C 450 40.37 -19.26 -1.77
C GLY C 450 40.74 -20.51 -2.53
N GLY C 451 41.96 -20.54 -3.06
CA GLY C 451 42.43 -21.71 -3.77
C GLY C 451 42.72 -22.88 -2.85
N SER C 452 43.76 -22.77 -2.03
CA SER C 452 44.18 -23.88 -1.18
C SER C 452 44.67 -23.34 0.15
N THR C 453 44.86 -24.25 1.10
CA THR C 453 45.45 -23.90 2.38
C THR C 453 46.94 -23.60 2.21
N ASN C 454 47.49 -22.93 3.24
CA ASN C 454 48.88 -22.49 3.46
C ASN C 454 49.59 -21.95 2.20
N SER C 455 48.82 -21.27 1.34
CA SER C 455 49.33 -20.73 0.09
C SER C 455 49.95 -19.36 0.31
N THR C 456 50.45 -18.79 -0.79
CA THR C 456 51.15 -17.51 -0.75
C THR C 456 50.44 -16.42 -1.55
N THR C 457 49.31 -16.72 -2.18
CA THR C 457 48.61 -15.74 -3.00
C THR C 457 47.12 -15.80 -2.72
N GLU C 458 46.52 -14.65 -2.42
CA GLU C 458 45.07 -14.53 -2.26
C GLU C 458 44.59 -13.41 -3.16
N THR C 459 43.62 -13.70 -4.03
CA THR C 459 43.05 -12.74 -4.94
C THR C 459 41.63 -12.39 -4.49
N PHE C 460 41.30 -11.10 -4.52
CA PHE C 460 40.02 -10.62 -4.04
C PHE C 460 39.21 -10.02 -5.19
N ARG C 461 37.91 -10.27 -5.18
CA ARG C 461 37.01 -9.80 -6.22
C ARG C 461 35.82 -9.09 -5.59
N PRO C 462 35.27 -8.08 -6.25
CA PRO C 462 34.05 -7.43 -5.74
C PRO C 462 32.84 -8.32 -5.91
N GLY C 463 31.79 -8.00 -5.17
CA GLY C 463 30.58 -8.78 -5.26
C GLY C 463 29.50 -8.25 -4.35
N GLY C 464 28.43 -9.02 -4.23
CA GLY C 464 27.29 -8.61 -3.45
C GLY C 464 25.98 -9.12 -4.02
N GLY C 465 25.05 -8.20 -4.27
CA GLY C 465 23.72 -8.55 -4.75
C GLY C 465 22.71 -8.72 -3.64
N ASP C 466 23.11 -9.39 -2.56
CA ASP C 466 22.26 -9.52 -1.39
C ASP C 466 22.26 -8.19 -0.64
N MET C 467 21.07 -7.63 -0.44
CA MET C 467 20.97 -6.28 0.10
C MET C 467 21.06 -6.23 1.62
N ARG C 468 21.06 -7.39 2.30
CA ARG C 468 21.19 -7.40 3.75
C ARG C 468 22.60 -7.00 4.17
N ASP C 469 23.60 -7.35 3.36
CA ASP C 469 24.98 -6.98 3.68
C ASP C 469 25.24 -5.51 3.44
N ASN C 470 24.41 -4.85 2.63
CA ASN C 470 24.57 -3.41 2.39
C ASN C 470 24.22 -2.61 3.63
N TRP C 471 23.17 -3.02 4.35
CA TRP C 471 22.77 -2.35 5.58
C TRP C 471 23.39 -2.96 6.82
N ARG C 472 24.14 -4.06 6.68
CA ARG C 472 24.82 -4.64 7.83
C ARG C 472 26.04 -3.82 8.24
N SER C 473 26.57 -3.00 7.34
CA SER C 473 27.70 -2.13 7.65
C SER C 473 27.28 -0.86 8.36
N GLU C 474 25.98 -0.61 8.52
CA GLU C 474 25.49 0.57 9.20
C GLU C 474 24.77 0.24 10.51
N LEU C 475 24.47 -1.03 10.77
CA LEU C 475 23.78 -1.45 11.98
C LEU C 475 24.64 -2.37 12.83
N TYR C 476 25.96 -2.26 12.71
CA TYR C 476 26.83 -3.14 13.49
C TYR C 476 26.91 -2.69 14.94
N LYS C 477 26.91 -1.38 15.18
CA LYS C 477 27.07 -0.85 16.53
C LYS C 477 25.72 -0.58 17.20
N TYR C 478 24.82 -1.56 17.14
CA TYR C 478 23.50 -1.44 17.75
C TYR C 478 22.99 -2.83 18.10
N LYS C 479 22.26 -2.92 19.21
CA LYS C 479 21.54 -4.13 19.58
C LYS C 479 20.37 -3.73 20.45
N VAL C 480 19.37 -4.61 20.52
CA VAL C 480 18.13 -4.35 21.26
C VAL C 480 18.02 -5.37 22.39
N VAL C 481 17.66 -4.88 23.58
CA VAL C 481 17.49 -5.73 24.75
C VAL C 481 16.18 -5.36 25.44
N LYS C 482 15.63 -6.30 26.21
CA LYS C 482 14.41 -6.10 26.96
C LYS C 482 14.71 -6.07 28.44
N ILE C 483 14.25 -5.02 29.12
CA ILE C 483 14.48 -4.89 30.56
C ILE C 483 13.49 -5.79 31.30
N GLU C 484 14.01 -6.53 32.28
CA GLU C 484 13.21 -7.27 33.24
C GLU C 484 13.50 -6.70 34.63
N PRO C 485 12.65 -5.78 35.11
CA PRO C 485 13.00 -5.03 36.32
C PRO C 485 12.78 -5.80 37.62
N LEU C 486 12.26 -7.02 37.58
CA LEU C 486 12.10 -7.78 38.81
C LEU C 486 13.44 -8.34 39.29
N GLY C 487 13.55 -8.53 40.60
CA GLY C 487 14.75 -9.09 41.18
C GLY C 487 14.55 -9.37 42.65
N VAL C 488 15.28 -10.39 43.12
CA VAL C 488 15.26 -10.78 44.52
C VAL C 488 16.70 -10.83 45.03
N ALA C 489 16.85 -10.67 46.34
CA ALA C 489 18.16 -10.64 46.97
C ALA C 489 18.00 -11.03 48.43
N PRO C 490 18.99 -11.68 49.03
CA PRO C 490 18.92 -11.97 50.46
C PRO C 490 19.31 -10.76 51.31
N THR C 491 18.65 -10.65 52.46
CA THR C 491 18.93 -9.56 53.40
C THR C 491 18.59 -10.05 54.80
N ARG C 492 18.63 -9.12 55.76
CA ARG C 492 18.44 -9.44 57.17
C ARG C 492 17.02 -9.11 57.65
N CYS C 493 16.25 -8.37 56.84
CA CYS C 493 14.99 -7.77 57.26
C CYS C 493 13.86 -8.80 57.42
N LYS C 494 12.82 -8.38 58.13
CA LYS C 494 11.54 -9.09 58.21
C LYS C 494 10.39 -8.15 57.93
N ARG C 495 9.41 -8.67 57.20
CA ARG C 495 8.08 -8.06 57.19
C ARG C 495 7.44 -8.22 58.56
N ARG C 496 6.74 -7.19 59.02
CA ARG C 496 6.00 -7.28 60.27
C ARG C 496 4.81 -8.23 60.08
N GLY D 19 21.07 9.26 34.57
CA GLY D 19 20.34 9.14 33.33
C GLY D 19 19.21 8.13 33.39
N PHE D 20 19.05 7.37 32.31
CA PHE D 20 17.99 6.36 32.26
C PHE D 20 18.37 5.15 33.11
N LEU D 21 19.48 4.50 32.78
CA LEU D 21 19.98 3.35 33.52
C LEU D 21 21.48 3.46 33.74
N GLY D 22 21.92 4.65 34.14
CA GLY D 22 23.34 4.95 34.33
C GLY D 22 23.99 4.25 35.51
N ALA D 23 23.21 3.59 36.37
CA ALA D 23 23.73 2.81 37.48
C ALA D 23 23.77 1.31 37.17
N ALA D 24 23.69 0.94 35.89
CA ALA D 24 23.62 -0.48 35.51
C ALA D 24 24.94 -1.21 35.66
N GLY D 25 26.05 -0.51 35.91
CA GLY D 25 27.32 -1.17 36.10
C GLY D 25 27.89 -0.96 37.48
N SER D 26 27.21 -0.18 38.31
CA SER D 26 27.74 0.23 39.60
C SER D 26 27.56 -0.88 40.63
N THR D 27 27.81 -0.55 41.89
CA THR D 27 27.64 -1.49 43.00
C THR D 27 26.16 -1.80 43.19
N MET D 28 25.86 -3.09 43.43
CA MET D 28 24.48 -3.56 43.57
C MET D 28 23.80 -2.91 44.77
N GLY D 29 24.55 -2.62 45.82
CA GLY D 29 24.01 -1.81 46.90
C GLY D 29 23.73 -0.37 46.49
N ALA D 30 24.64 0.21 45.68
CA ALA D 30 24.47 1.59 45.25
C ALA D 30 23.52 1.71 44.06
N ALA D 31 23.24 0.61 43.37
CA ALA D 31 22.33 0.67 42.23
C ALA D 31 20.88 0.76 42.68
N SER D 32 20.58 0.35 43.91
CA SER D 32 19.21 0.34 44.40
C SER D 32 18.75 1.69 44.93
N MET D 33 19.60 2.72 44.90
CA MET D 33 19.21 4.05 45.33
C MET D 33 18.39 4.79 44.29
N THR D 34 18.43 4.36 43.03
CA THR D 34 17.78 5.04 41.91
C THR D 34 16.92 4.07 41.10
N LEU D 35 16.05 3.31 41.78
CA LEU D 35 15.22 2.33 41.09
C LEU D 35 14.11 2.94 40.25
N THR D 36 13.69 4.17 40.56
CA THR D 36 12.52 4.74 39.90
C THR D 36 12.81 5.16 38.46
N VAL D 37 14.06 5.45 38.12
CA VAL D 37 14.36 5.88 36.76
C VAL D 37 14.31 4.70 35.80
N GLN D 38 14.53 3.48 36.30
CA GLN D 38 14.13 2.31 35.53
C GLN D 38 12.63 2.09 35.62
N ALA D 39 12.03 2.38 36.79
CA ALA D 39 10.60 2.13 36.96
C ALA D 39 9.73 3.15 36.23
N ARG D 40 10.27 4.32 35.89
CA ARG D 40 9.46 5.35 35.24
C ARG D 40 9.18 5.02 33.78
N ASN D 41 10.17 4.54 33.05
CA ASN D 41 10.12 4.53 31.59
C ASN D 41 9.79 3.11 31.07
N LEU D 42 8.88 2.42 31.74
CA LEU D 42 8.31 1.19 31.19
C LEU D 42 6.99 1.44 30.46
N LEU D 43 6.53 2.67 30.41
CA LEU D 43 5.30 3.05 29.72
C LEU D 43 5.55 4.03 28.58
N SER D 44 6.34 5.08 28.84
CA SER D 44 6.78 6.07 27.86
C SER D 44 5.65 6.79 27.12
N THR D 67 -1.70 0.89 6.11
CA THR D 67 -0.61 1.61 6.75
C THR D 67 0.39 0.66 7.39
N VAL D 68 1.68 0.89 7.12
CA VAL D 68 2.74 0.10 7.76
C VAL D 68 2.76 0.36 9.26
N TRP D 69 2.64 1.62 9.66
CA TRP D 69 2.94 2.03 11.02
C TRP D 69 1.65 2.25 11.81
N GLY D 70 0.69 1.36 11.56
CA GLY D 70 -0.59 1.29 12.24
C GLY D 70 -0.61 0.17 13.25
N ILE D 71 -1.06 -1.01 12.80
CA ILE D 71 -1.26 -2.19 13.64
C ILE D 71 0.03 -2.63 14.34
N LYS D 72 1.19 -2.40 13.70
CA LYS D 72 2.47 -2.84 14.28
C LYS D 72 2.82 -2.09 15.56
N GLN D 73 2.78 -0.75 15.53
CA GLN D 73 3.13 0.02 16.71
C GLN D 73 2.03 -0.05 17.77
N LEU D 74 0.77 -0.21 17.34
CA LEU D 74 -0.33 -0.45 18.27
C LEU D 74 -0.13 -1.77 19.01
N GLN D 75 0.27 -2.82 18.28
CA GLN D 75 0.55 -4.11 18.89
C GLN D 75 1.74 -4.03 19.83
N ALA D 76 2.76 -3.23 19.47
CA ALA D 76 3.92 -3.04 20.32
C ALA D 76 3.54 -2.36 21.65
N ARG D 77 2.71 -1.31 21.57
CA ARG D 77 2.37 -0.62 22.82
C ARG D 77 1.36 -1.39 23.66
N VAL D 78 0.46 -2.16 23.02
CA VAL D 78 -0.43 -3.04 23.79
C VAL D 78 0.37 -4.17 24.44
N LEU D 79 1.43 -4.66 23.78
CA LEU D 79 2.29 -5.65 24.39
C LEU D 79 3.09 -5.07 25.55
N ALA D 80 3.49 -3.79 25.45
CA ALA D 80 4.16 -3.12 26.56
C ALA D 80 3.22 -2.96 27.76
N VAL D 81 1.96 -2.58 27.51
CA VAL D 81 0.94 -2.50 28.56
C VAL D 81 0.71 -3.87 29.17
N GLU D 82 0.69 -4.92 28.34
CA GLU D 82 0.48 -6.29 28.81
C GLU D 82 1.62 -6.73 29.73
N ARG D 83 2.86 -6.43 29.34
CA ARG D 83 4.03 -6.80 30.15
C ARG D 83 4.06 -6.03 31.46
N TYR D 84 3.73 -4.73 31.43
CA TYR D 84 3.73 -3.93 32.65
C TYR D 84 2.62 -4.37 33.60
N LEU D 85 1.44 -4.72 33.06
CA LEU D 85 0.35 -5.16 33.91
C LEU D 85 0.62 -6.54 34.48
N ARG D 86 1.28 -7.42 33.71
CA ARG D 86 1.71 -8.71 34.23
C ARG D 86 2.72 -8.54 35.36
N ASP D 87 3.66 -7.61 35.20
CA ASP D 87 4.65 -7.33 36.25
C ASP D 87 4.00 -6.78 37.51
N GLN D 88 3.07 -5.83 37.35
CA GLN D 88 2.41 -5.22 38.51
C GLN D 88 1.48 -6.21 39.19
N GLN D 89 0.82 -7.09 38.41
CA GLN D 89 -0.04 -8.11 39.00
C GLN D 89 0.77 -9.15 39.75
N LEU D 90 1.92 -9.55 39.20
CA LEU D 90 2.78 -10.52 39.88
C LEU D 90 3.39 -9.92 41.14
N LEU D 91 3.65 -8.62 41.14
CA LEU D 91 4.06 -7.95 42.38
C LEU D 91 2.88 -7.81 43.35
N GLY D 92 1.65 -7.74 42.83
CA GLY D 92 0.50 -7.58 43.70
C GLY D 92 0.02 -8.86 44.35
N ILE D 93 0.31 -10.01 43.74
CA ILE D 93 0.01 -11.29 44.39
C ILE D 93 0.86 -11.46 45.65
N TRP D 94 2.10 -10.98 45.61
CA TRP D 94 3.05 -11.13 46.71
C TRP D 94 2.80 -10.19 47.87
N GLY D 95 1.76 -9.37 47.84
CA GLY D 95 1.54 -8.40 48.91
C GLY D 95 2.45 -7.20 48.84
N CYS D 96 2.82 -6.78 47.64
CA CYS D 96 3.68 -5.61 47.43
C CYS D 96 3.11 -4.71 46.35
N SER D 97 1.81 -4.41 46.43
CA SER D 97 1.23 -3.42 45.53
C SER D 97 1.64 -2.02 45.99
N GLY D 98 2.15 -1.23 45.05
CA GLY D 98 2.57 0.12 45.35
C GLY D 98 3.84 0.25 46.16
N LYS D 99 4.70 -0.77 46.18
CA LYS D 99 5.94 -0.73 46.92
C LYS D 99 7.09 -1.14 46.01
N LEU D 100 8.20 -0.42 46.09
CA LEU D 100 9.39 -0.77 45.33
C LEU D 100 10.33 -1.68 46.12
N ILE D 101 10.30 -1.61 47.45
CA ILE D 101 11.13 -2.43 48.31
C ILE D 101 10.24 -3.05 49.37
N CYS D 102 10.29 -4.37 49.51
CA CYS D 102 9.54 -5.07 50.55
C CYS D 102 10.47 -5.94 51.37
N CYS D 103 9.87 -6.64 52.33
CA CYS D 103 10.44 -7.81 52.98
C CYS D 103 9.38 -8.89 53.04
N THR D 104 9.81 -10.14 53.16
CA THR D 104 8.87 -11.26 53.28
C THR D 104 9.54 -12.31 54.16
N ASN D 105 8.73 -13.00 54.97
CA ASN D 105 9.20 -13.91 56.00
C ASN D 105 9.73 -15.26 55.46
N VAL D 106 10.00 -15.39 54.17
CA VAL D 106 10.61 -16.61 53.63
C VAL D 106 12.06 -16.72 54.08
N PRO D 107 12.53 -17.92 54.41
CA PRO D 107 13.97 -18.10 54.62
C PRO D 107 14.70 -18.27 53.30
N TRP D 108 15.95 -17.82 53.27
CA TRP D 108 16.82 -18.02 52.12
C TRP D 108 17.48 -19.39 52.25
N ASN D 109 17.09 -20.32 51.39
CA ASN D 109 17.75 -21.61 51.31
C ASN D 109 19.13 -21.42 50.71
N SER D 110 20.15 -22.00 51.36
CA SER D 110 21.53 -21.79 50.95
C SER D 110 21.91 -22.56 49.68
N SER D 111 21.05 -23.46 49.22
CA SER D 111 21.34 -24.19 47.98
C SER D 111 21.25 -23.28 46.76
N TRP D 112 20.50 -22.17 46.87
CA TRP D 112 20.47 -21.19 45.79
C TRP D 112 21.82 -20.49 45.66
N SER D 113 22.41 -20.07 46.78
CA SER D 113 23.71 -19.40 46.77
C SER D 113 24.35 -19.60 48.13
N ASN D 114 25.50 -20.30 48.16
CA ASN D 114 26.25 -20.46 49.39
C ASN D 114 27.06 -19.23 49.77
N ARG D 115 27.13 -18.23 48.89
CA ARG D 115 27.84 -17.00 49.20
C ARG D 115 27.09 -16.20 50.26
N ASN D 116 27.83 -15.75 51.27
CA ASN D 116 27.23 -14.97 52.36
C ASN D 116 27.11 -13.50 51.96
N LEU D 117 26.80 -12.66 52.94
CA LEU D 117 26.52 -11.25 52.66
C LEU D 117 27.79 -10.45 52.37
N SER D 118 28.96 -10.98 52.70
CA SER D 118 30.20 -10.23 52.55
C SER D 118 30.76 -10.25 51.13
N GLU D 119 30.03 -10.80 50.15
CA GLU D 119 30.49 -10.79 48.76
C GLU D 119 29.39 -10.50 47.76
N ILE D 120 28.24 -9.98 48.20
CA ILE D 120 27.10 -9.73 47.32
C ILE D 120 26.72 -8.26 47.27
N TRP D 121 26.74 -7.55 48.40
CA TRP D 121 26.35 -6.16 48.42
C TRP D 121 27.52 -5.20 48.29
N ASP D 122 28.71 -5.70 47.93
CA ASP D 122 29.90 -4.86 47.92
C ASP D 122 30.59 -4.71 46.57
N ASN D 123 30.83 -5.80 45.82
CA ASN D 123 31.63 -5.62 44.62
C ASN D 123 31.06 -6.35 43.40
N MET D 124 29.74 -6.44 43.28
CA MET D 124 29.16 -7.06 42.09
C MET D 124 27.95 -6.26 41.63
N THR D 125 27.47 -6.64 40.46
CA THR D 125 26.47 -5.92 39.69
C THR D 125 25.28 -6.86 39.43
N TRP D 126 24.08 -6.28 39.30
CA TRP D 126 22.83 -7.03 39.16
C TRP D 126 22.82 -8.01 37.98
N LEU D 127 23.62 -7.75 36.94
CA LEU D 127 23.65 -8.64 35.77
C LEU D 127 24.23 -10.01 36.12
N GLN D 128 25.37 -10.04 36.83
CA GLN D 128 25.95 -11.31 37.25
C GLN D 128 25.07 -11.99 38.30
N TRP D 129 24.40 -11.19 39.13
CA TRP D 129 23.50 -11.75 40.14
C TRP D 129 22.28 -12.40 39.50
N ASP D 130 21.76 -11.82 38.41
CA ASP D 130 20.67 -12.48 37.69
C ASP D 130 21.20 -13.70 36.95
N LYS D 131 22.42 -13.62 36.40
CA LYS D 131 23.00 -14.74 35.67
C LYS D 131 23.29 -15.93 36.57
N GLU D 132 23.57 -15.71 37.85
CA GLU D 132 23.78 -16.80 38.79
C GLU D 132 22.47 -17.46 39.22
N ILE D 133 21.38 -16.69 39.31
CA ILE D 133 20.13 -17.13 39.92
C ILE D 133 19.08 -17.46 38.85
N SER D 134 19.46 -17.38 37.56
CA SER D 134 18.50 -17.36 36.44
C SER D 134 17.64 -18.62 36.33
N ASN D 135 18.15 -19.75 36.81
CA ASN D 135 17.36 -20.96 36.91
C ASN D 135 17.00 -21.34 38.34
N TYR D 136 16.91 -20.35 39.24
CA TYR D 136 16.41 -20.54 40.59
C TYR D 136 15.29 -19.57 40.92
N THR D 137 14.59 -19.07 39.91
CA THR D 137 13.59 -18.02 40.07
C THR D 137 12.18 -18.56 40.24
N GLN D 138 11.83 -19.65 39.54
CA GLN D 138 10.47 -20.16 39.58
C GLN D 138 10.14 -20.74 40.96
N ILE D 139 11.10 -21.45 41.58
CA ILE D 139 10.85 -22.05 42.87
C ILE D 139 10.75 -20.99 43.98
N ILE D 140 11.53 -19.90 43.87
CA ILE D 140 11.43 -18.87 44.89
C ILE D 140 10.18 -18.02 44.68
N TYR D 141 9.73 -17.87 43.42
CA TYR D 141 8.45 -17.23 43.17
C TYR D 141 7.30 -18.05 43.73
N GLY D 142 7.38 -19.38 43.58
CA GLY D 142 6.34 -20.25 44.13
C GLY D 142 6.33 -20.26 45.64
N LEU D 143 7.51 -20.28 46.27
CA LEU D 143 7.58 -20.23 47.73
C LEU D 143 7.09 -18.90 48.27
N LEU D 144 7.40 -17.80 47.56
CA LEU D 144 6.91 -16.48 47.93
C LEU D 144 5.39 -16.40 47.82
N GLU D 145 4.83 -17.00 46.76
CA GLU D 145 3.38 -17.04 46.59
C GLU D 145 2.71 -17.87 47.68
N GLU D 146 3.28 -19.03 48.02
CA GLU D 146 2.70 -19.86 49.08
C GLU D 146 2.84 -19.20 50.45
N SER D 147 3.91 -18.42 50.66
CA SER D 147 4.05 -17.69 51.90
C SER D 147 3.00 -16.60 52.03
N GLN D 148 2.72 -15.89 50.94
CA GLN D 148 1.63 -14.90 50.96
C GLN D 148 0.27 -15.57 51.13
N ASN D 149 0.11 -16.77 50.55
CA ASN D 149 -1.14 -17.51 50.68
C ASN D 149 -1.35 -17.95 52.13
N GLN D 150 -0.28 -18.37 52.80
CA GLN D 150 -0.36 -18.70 54.22
C GLN D 150 -0.53 -17.44 55.07
N GLN D 151 0.06 -16.32 54.62
CA GLN D 151 -0.04 -15.07 55.37
C GLN D 151 -1.46 -14.51 55.34
N GLU D 152 -2.15 -14.64 54.19
CA GLU D 152 -3.48 -14.06 54.05
C GLU D 152 -4.57 -14.84 54.76
N LYS D 153 -4.28 -16.03 55.28
CA LYS D 153 -5.26 -16.84 55.98
C LYS D 153 -5.25 -16.64 57.49
N ASN D 154 -4.45 -15.70 58.01
CA ASN D 154 -4.21 -15.61 59.45
C ASN D 154 -4.60 -14.25 60.02
N GLU D 155 -5.50 -13.50 59.36
CA GLU D 155 -5.91 -12.24 59.95
C GLU D 155 -7.43 -12.10 59.94
N GLN D 156 -8.11 -12.80 59.02
CA GLN D 156 -9.55 -12.59 58.87
C GLN D 156 -10.33 -13.22 60.02
N ASP D 157 -9.76 -14.22 60.67
CA ASP D 157 -10.38 -14.77 61.88
C ASP D 157 -9.93 -14.04 63.14
N LEU D 158 -8.75 -13.41 63.12
CA LEU D 158 -8.37 -12.52 64.21
C LEU D 158 -9.12 -11.19 64.14
N LEU D 159 -9.62 -10.81 62.97
CA LEU D 159 -10.46 -9.64 62.82
C LEU D 159 -11.93 -9.95 62.96
N ALA D 160 -12.28 -11.21 63.24
CA ALA D 160 -13.66 -11.64 63.40
C ALA D 160 -14.15 -11.55 64.83
N LEU D 161 -13.32 -11.06 65.75
CA LEU D 161 -13.70 -10.95 67.15
C LEU D 161 -14.69 -9.81 67.37
N LEU E 28 1.21 22.83 55.60
CA LEU E 28 2.42 23.54 55.24
C LEU E 28 3.30 22.55 54.46
N TRP E 29 2.69 21.41 54.13
CA TRP E 29 3.26 20.34 53.32
C TRP E 29 2.25 19.96 52.23
N VAL E 30 2.71 19.30 51.17
CA VAL E 30 1.83 18.94 50.07
C VAL E 30 1.06 17.69 50.44
N THR E 31 -0.07 17.45 49.77
CA THR E 31 -1.00 16.40 50.17
C THR E 31 -1.33 15.41 49.05
N VAL E 32 -1.42 15.89 47.80
CA VAL E 32 -1.74 15.15 46.56
C VAL E 32 -3.18 14.64 46.57
N TYR E 33 -3.96 15.12 45.60
CA TYR E 33 -5.38 14.84 45.46
C TYR E 33 -5.64 14.18 44.11
N TYR E 34 -6.52 13.19 44.08
CA TYR E 34 -6.82 12.42 42.87
C TYR E 34 -8.28 12.58 42.52
N GLY E 35 -8.56 13.08 41.31
CA GLY E 35 -9.91 13.19 40.79
C GLY E 35 -10.52 14.57 40.86
N VAL E 36 -9.75 15.64 40.73
CA VAL E 36 -10.22 16.99 41.02
C VAL E 36 -10.79 17.62 39.75
N PRO E 37 -11.72 18.58 39.86
CA PRO E 37 -12.37 19.12 38.65
C PRO E 37 -11.57 20.19 37.90
N VAL E 38 -10.30 19.95 37.64
CA VAL E 38 -9.54 20.82 36.73
C VAL E 38 -9.65 20.24 35.33
N TRP E 39 -9.37 21.05 34.30
CA TRP E 39 -9.25 20.54 32.95
C TRP E 39 -8.42 21.50 32.09
N LYS E 40 -8.14 21.07 30.86
CA LYS E 40 -7.46 21.89 29.87
C LYS E 40 -7.84 21.38 28.48
N ASP E 41 -7.57 22.19 27.46
CA ASP E 41 -8.02 21.89 26.11
C ASP E 41 -7.17 20.81 25.46
N ALA E 42 -7.79 20.07 24.53
CA ALA E 42 -7.13 18.96 23.83
C ALA E 42 -7.83 18.61 22.52
N GLU E 43 -7.37 17.56 21.85
CA GLU E 43 -8.00 17.06 20.63
C GLU E 43 -7.91 15.54 20.61
N THR E 44 -9.00 14.88 20.16
CA THR E 44 -9.11 13.42 20.15
C THR E 44 -9.80 12.88 18.90
N THR E 45 -10.19 11.60 18.94
CA THR E 45 -10.91 10.93 17.86
C THR E 45 -12.24 10.41 18.40
N LEU E 46 -13.30 10.52 17.58
CA LEU E 46 -14.67 10.54 18.11
C LEU E 46 -15.53 9.50 17.37
N PHE E 47 -16.71 9.22 17.93
CA PHE E 47 -17.66 8.18 17.50
C PHE E 47 -19.10 8.58 17.85
N CYS E 48 -19.98 7.61 18.22
CA CYS E 48 -21.42 7.74 18.56
C CYS E 48 -22.41 7.98 17.42
N ALA E 49 -22.67 6.97 16.58
CA ALA E 49 -23.78 7.11 15.62
C ALA E 49 -25.15 6.92 16.27
N SER E 50 -26.18 6.75 15.43
CA SER E 50 -27.57 6.87 15.84
C SER E 50 -28.03 5.71 16.74
N ASP E 51 -29.31 5.77 17.13
CA ASP E 51 -29.88 4.90 18.15
C ASP E 51 -30.45 3.60 17.55
N ASN E 61 -26.61 3.12 3.54
CA ASN E 61 -26.37 4.51 3.18
C ASN E 61 -24.88 4.79 3.25
N VAL E 62 -24.46 5.91 2.65
CA VAL E 62 -23.03 6.21 2.62
C VAL E 62 -22.55 6.59 4.03
N TRP E 63 -23.38 7.31 4.78
CA TRP E 63 -23.10 7.59 6.20
C TRP E 63 -23.46 6.37 7.04
N ALA E 64 -22.53 5.43 7.05
CA ALA E 64 -22.72 4.06 7.51
C ALA E 64 -23.04 3.99 8.99
N THR E 65 -24.26 3.61 9.31
CA THR E 65 -24.69 3.39 10.69
C THR E 65 -24.81 1.91 11.02
N HIS E 66 -24.08 1.05 10.32
CA HIS E 66 -24.00 -0.35 10.70
C HIS E 66 -22.66 -0.70 11.34
N ALA E 67 -21.58 -0.06 10.89
CA ALA E 67 -20.25 -0.23 11.48
C ALA E 67 -19.98 0.95 12.40
N CYS E 68 -20.58 0.93 13.58
CA CYS E 68 -20.52 2.06 14.49
C CYS E 68 -20.81 1.58 15.90
N VAL E 69 -21.06 2.52 16.81
CA VAL E 69 -21.52 2.24 18.16
C VAL E 69 -22.87 2.92 18.35
N PRO E 70 -23.94 2.17 18.64
CA PRO E 70 -25.25 2.79 18.93
C PRO E 70 -25.20 3.66 20.17
N THR E 71 -25.96 4.75 20.14
CA THR E 71 -25.98 5.70 21.25
C THR E 71 -26.91 5.21 22.35
N ASP E 72 -26.81 5.86 23.51
CA ASP E 72 -27.78 5.63 24.55
C ASP E 72 -28.89 6.68 24.49
N PRO E 73 -30.12 6.22 24.85
CA PRO E 73 -31.20 7.16 25.27
C PRO E 73 -30.87 7.88 26.57
N ASN E 74 -31.43 9.10 26.71
CA ASN E 74 -31.36 9.99 27.87
C ASN E 74 -29.89 10.30 28.20
N PRO E 75 -29.27 11.20 27.40
CA PRO E 75 -27.85 11.53 27.63
C PRO E 75 -27.62 12.33 28.90
N GLN E 76 -26.41 12.28 29.43
CA GLN E 76 -26.06 12.91 30.71
C GLN E 76 -25.64 14.35 30.43
N GLU E 77 -26.63 15.25 30.38
CA GLU E 77 -26.38 16.68 30.20
C GLU E 77 -26.41 17.35 31.58
N ILE E 78 -25.23 17.46 32.18
CA ILE E 78 -25.12 17.95 33.55
C ILE E 78 -24.79 19.44 33.53
N HIS E 79 -25.64 20.24 34.17
CA HIS E 79 -25.48 21.68 34.20
C HIS E 79 -24.44 22.05 35.24
N LEU E 80 -23.34 22.67 34.80
CA LEU E 80 -22.28 23.05 35.72
C LEU E 80 -22.59 24.37 36.41
N GLU E 81 -21.76 24.67 37.41
CA GLU E 81 -21.91 25.84 38.27
C GLU E 81 -21.06 26.97 37.70
N ASN E 82 -20.57 27.93 38.51
CA ASN E 82 -20.13 29.27 38.14
C ASN E 82 -19.00 29.36 37.11
N VAL E 83 -18.49 28.22 36.60
CA VAL E 83 -17.37 28.24 35.66
C VAL E 83 -17.77 28.94 34.36
N THR E 84 -16.85 29.74 33.82
CA THR E 84 -17.03 30.43 32.54
C THR E 84 -15.83 30.08 31.66
N GLU E 85 -16.07 29.31 30.61
CA GLU E 85 -15.01 28.94 29.68
C GLU E 85 -15.01 29.85 28.46
N GLU E 86 -13.83 29.97 27.84
CA GLU E 86 -13.66 30.77 26.64
C GLU E 86 -13.88 29.87 25.42
N PHE E 87 -15.15 29.77 25.04
CA PHE E 87 -15.51 29.06 23.82
C PHE E 87 -15.01 29.80 22.59
N ASN E 88 -14.39 29.07 21.67
CA ASN E 88 -14.06 29.60 20.36
C ASN E 88 -14.79 28.76 19.33
N MET E 89 -15.30 29.42 18.29
CA MET E 89 -16.06 28.75 17.25
C MET E 89 -15.19 28.41 16.04
N TRP E 90 -14.18 29.22 15.77
CA TRP E 90 -13.39 29.15 14.54
C TRP E 90 -12.12 28.30 14.67
N LYS E 91 -11.80 27.80 15.85
CA LYS E 91 -10.51 27.15 16.02
C LYS E 91 -10.62 25.71 16.53
N ASN E 92 -11.84 25.23 16.78
CA ASN E 92 -12.00 23.87 17.27
C ASN E 92 -11.64 22.80 16.21
N ASN E 93 -11.05 21.70 16.68
CA ASN E 93 -10.49 20.69 15.79
C ASN E 93 -11.59 19.78 15.23
N MET E 94 -12.75 19.78 15.90
CA MET E 94 -13.87 18.91 15.60
C MET E 94 -14.46 19.14 14.21
N VAL E 95 -14.42 20.38 13.73
CA VAL E 95 -14.94 20.69 12.39
C VAL E 95 -14.06 20.05 11.32
N GLU E 96 -12.74 20.18 11.46
CA GLU E 96 -11.79 19.57 10.54
C GLU E 96 -11.85 18.06 10.60
N GLN E 97 -12.02 17.51 11.81
CA GLN E 97 -12.10 16.07 11.98
C GLN E 97 -13.39 15.53 11.36
N MET E 98 -14.49 16.28 11.48
CA MET E 98 -15.74 15.93 10.80
C MET E 98 -15.57 15.94 9.29
N HIS E 99 -14.87 16.95 8.77
CA HIS E 99 -14.65 17.07 7.33
C HIS E 99 -13.85 15.88 6.78
N THR E 100 -12.77 15.53 7.48
CA THR E 100 -11.95 14.37 7.11
C THR E 100 -12.73 13.07 7.25
N ASP E 101 -13.59 13.00 8.27
CA ASP E 101 -14.38 11.80 8.53
C ASP E 101 -15.39 11.57 7.42
N ILE E 102 -16.11 12.62 7.01
CA ILE E 102 -17.10 12.49 5.94
C ILE E 102 -16.41 12.20 4.60
N ILE E 103 -15.21 12.75 4.39
CA ILE E 103 -14.47 12.46 3.15
C ILE E 103 -14.06 10.99 3.07
N SER E 104 -13.45 10.49 4.17
CA SER E 104 -12.98 9.10 4.20
C SER E 104 -14.14 8.12 4.13
N LEU E 105 -15.23 8.44 4.82
CA LEU E 105 -16.44 7.64 4.81
C LEU E 105 -17.12 7.64 3.43
N TRP E 106 -17.09 8.78 2.75
CA TRP E 106 -17.67 8.91 1.41
C TRP E 106 -16.92 8.07 0.40
N ASP E 107 -15.58 8.14 0.41
CA ASP E 107 -14.84 7.42 -0.62
C ASP E 107 -14.48 6.02 -0.18
N GLN E 108 -14.90 5.59 1.02
CA GLN E 108 -14.96 4.14 1.22
C GLN E 108 -16.32 3.59 0.79
N SER E 109 -17.37 4.40 0.90
CA SER E 109 -18.67 3.91 0.46
C SER E 109 -18.84 3.94 -1.06
N LEU E 110 -18.03 4.71 -1.77
CA LEU E 110 -18.03 4.64 -3.24
C LEU E 110 -17.10 3.58 -3.79
N LYS E 111 -16.35 2.86 -2.95
CA LYS E 111 -15.38 1.87 -3.39
C LYS E 111 -15.99 0.62 -4.07
N PRO E 112 -17.03 -0.09 -3.49
CA PRO E 112 -17.49 -1.30 -4.22
C PRO E 112 -18.56 -0.98 -5.27
N CYS E 113 -18.18 -0.23 -6.29
CA CYS E 113 -19.14 0.20 -7.30
C CYS E 113 -18.51 0.13 -8.69
N VAL E 114 -19.33 0.42 -9.69
CA VAL E 114 -18.93 0.25 -11.09
C VAL E 114 -18.02 1.38 -11.51
N LYS E 115 -16.86 1.02 -12.09
CA LYS E 115 -15.92 1.99 -12.63
C LYS E 115 -16.20 2.13 -14.13
N LEU E 116 -16.73 3.30 -14.50
CA LEU E 116 -17.18 3.53 -15.88
C LEU E 116 -16.04 3.92 -16.81
N THR E 117 -15.08 3.02 -17.01
CA THR E 117 -13.99 3.21 -17.96
C THR E 117 -14.41 2.90 -19.41
N PRO E 118 -15.23 1.87 -19.73
CA PRO E 118 -15.71 1.76 -21.13
C PRO E 118 -16.63 2.87 -21.61
N LEU E 119 -17.08 3.78 -20.73
CA LEU E 119 -18.03 4.81 -21.15
C LEU E 119 -17.36 5.88 -22.00
N CYS E 120 -16.04 6.04 -21.92
CA CYS E 120 -15.31 6.93 -22.82
C CYS E 120 -15.20 6.33 -24.22
N VAL E 121 -16.25 6.57 -25.00
CA VAL E 121 -16.21 6.32 -26.43
C VAL E 121 -16.60 7.60 -27.14
N THR E 122 -16.63 7.58 -28.46
CA THR E 122 -17.16 8.73 -29.19
C THR E 122 -18.68 8.74 -29.15
N LEU E 123 -19.24 9.93 -29.00
CA LEU E 123 -20.70 10.09 -28.95
C LEU E 123 -21.11 10.98 -30.12
N GLN E 124 -21.93 10.43 -31.02
CA GLN E 124 -22.61 11.24 -32.01
C GLN E 124 -24.01 11.55 -31.50
N CYS E 125 -24.32 12.84 -31.38
CA CYS E 125 -25.49 13.26 -30.63
C CYS E 125 -26.36 14.19 -31.46
N THR E 126 -27.64 14.20 -31.14
CA THR E 126 -28.61 15.09 -31.79
C THR E 126 -29.48 15.72 -30.72
N ASN E 127 -30.26 16.70 -31.13
CA ASN E 127 -31.16 17.38 -30.20
C ASN E 127 -32.31 16.45 -29.82
N VAL E 128 -32.78 16.56 -28.58
CA VAL E 128 -34.05 15.95 -28.22
C VAL E 128 -35.18 16.83 -28.73
N THR E 129 -36.16 16.23 -29.40
CA THR E 129 -37.24 17.07 -29.90
C THR E 129 -38.59 16.34 -29.81
N ASN E 130 -39.25 16.45 -28.63
CA ASN E 130 -40.37 15.55 -28.25
C ASN E 130 -41.68 16.30 -28.00
N ASN E 131 -41.70 17.08 -26.91
CA ASN E 131 -42.71 18.11 -26.65
C ASN E 131 -42.03 19.28 -25.92
N ILE E 132 -40.87 19.69 -26.44
CA ILE E 132 -39.98 20.64 -25.76
C ILE E 132 -40.63 22.03 -25.74
N THR E 133 -40.66 22.63 -24.55
CA THR E 133 -41.21 23.96 -24.35
C THR E 133 -40.18 25.02 -24.74
N ASP E 134 -40.42 26.28 -24.32
CA ASP E 134 -39.53 27.37 -24.67
C ASP E 134 -38.18 27.22 -23.96
N ASP E 135 -38.22 26.89 -22.67
CA ASP E 135 -37.00 26.52 -21.98
C ASP E 135 -36.72 25.04 -22.23
N MET E 136 -35.61 24.55 -21.66
CA MET E 136 -35.13 23.16 -21.75
C MET E 136 -34.82 22.75 -23.19
N ARG E 137 -34.60 23.72 -24.07
CA ARG E 137 -34.27 23.46 -25.47
C ARG E 137 -32.76 23.33 -25.63
N GLY E 138 -32.29 22.11 -25.87
CA GLY E 138 -30.88 21.82 -25.95
C GLY E 138 -30.24 21.50 -24.62
N GLU E 139 -31.00 21.57 -23.53
CA GLU E 139 -30.46 21.18 -22.23
C GLU E 139 -30.24 19.67 -22.17
N LEU E 140 -31.06 18.89 -22.85
CA LEU E 140 -30.85 17.46 -22.99
C LEU E 140 -30.39 17.15 -24.41
N LYS E 141 -29.61 16.08 -24.56
CA LYS E 141 -29.08 15.71 -25.88
C LYS E 141 -29.28 14.21 -26.07
N ASN E 142 -29.90 13.85 -27.20
CA ASN E 142 -30.04 12.45 -27.58
C ASN E 142 -28.73 11.94 -28.17
N CYS E 143 -28.04 11.08 -27.43
CA CYS E 143 -26.72 10.59 -27.82
C CYS E 143 -26.79 9.10 -28.11
N SER E 144 -26.01 8.66 -29.10
CA SER E 144 -25.95 7.26 -29.48
C SER E 144 -24.48 6.88 -29.69
N PHE E 145 -24.06 5.77 -29.08
CA PHE E 145 -22.66 5.40 -29.13
C PHE E 145 -22.47 3.89 -29.16
N ASN E 146 -21.23 3.44 -28.94
CA ASN E 146 -20.89 2.02 -28.91
C ASN E 146 -20.46 1.65 -27.49
N MET E 147 -20.82 0.43 -27.07
CA MET E 147 -20.45 -0.02 -25.74
C MET E 147 -20.34 -1.54 -25.75
N THR E 148 -19.29 -2.06 -25.12
CA THR E 148 -19.05 -3.49 -25.10
C THR E 148 -20.08 -4.21 -24.23
N THR E 149 -20.21 -5.51 -24.47
CA THR E 149 -21.22 -6.37 -23.88
C THR E 149 -20.46 -7.46 -23.11
N GLU E 150 -21.18 -8.28 -22.32
CA GLU E 150 -20.67 -9.43 -21.58
C GLU E 150 -19.72 -10.32 -22.38
N LEU E 151 -20.20 -10.81 -23.51
CA LEU E 151 -19.36 -11.55 -24.44
C LEU E 151 -18.38 -10.56 -25.07
N ARG E 152 -17.08 -10.70 -24.76
CA ARG E 152 -16.13 -9.62 -25.03
C ARG E 152 -15.54 -9.80 -26.43
N ASP E 153 -16.41 -9.95 -27.42
CA ASP E 153 -16.02 -9.81 -28.82
C ASP E 153 -17.09 -9.07 -29.61
N LYS E 154 -18.28 -8.93 -29.03
CA LYS E 154 -19.45 -8.38 -29.72
C LYS E 154 -19.87 -7.09 -29.03
N LYS E 155 -20.06 -6.04 -29.82
CA LYS E 155 -20.46 -4.73 -29.33
C LYS E 155 -21.94 -4.51 -29.59
N GLN E 156 -22.44 -3.32 -29.26
CA GLN E 156 -23.84 -2.99 -29.46
C GLN E 156 -23.98 -1.47 -29.59
N LYS E 157 -25.08 -1.06 -30.19
CA LYS E 157 -25.41 0.36 -30.38
C LYS E 157 -26.54 0.72 -29.42
N VAL E 158 -26.20 1.50 -28.38
CA VAL E 158 -27.17 1.91 -27.39
C VAL E 158 -27.33 3.43 -27.46
N TYR E 159 -28.43 3.91 -26.87
CA TYR E 159 -28.74 5.33 -26.87
C TYR E 159 -29.11 5.78 -25.46
N SER E 160 -28.84 7.05 -25.16
CA SER E 160 -29.04 7.59 -23.83
C SER E 160 -29.26 9.09 -23.91
N LEU E 161 -29.75 9.66 -22.80
CA LEU E 161 -30.02 11.10 -22.69
C LEU E 161 -29.05 11.68 -21.67
N PHE E 162 -28.05 12.42 -22.17
CA PHE E 162 -27.17 13.18 -21.31
C PHE E 162 -27.55 14.66 -21.35
N TYR E 163 -27.15 15.38 -20.29
CA TYR E 163 -27.48 16.79 -20.21
C TYR E 163 -26.43 17.64 -20.92
N ARG E 164 -26.75 18.93 -21.08
CA ARG E 164 -25.84 19.86 -21.74
C ARG E 164 -24.58 20.09 -20.91
N LEU E 165 -24.72 20.08 -19.59
CA LEU E 165 -23.58 20.34 -18.71
C LEU E 165 -22.73 19.09 -18.46
N ASP E 166 -22.89 18.07 -19.31
CA ASP E 166 -22.16 16.81 -19.14
C ASP E 166 -21.34 16.42 -20.35
N VAL E 167 -21.56 17.02 -21.52
CA VAL E 167 -20.84 16.66 -22.74
C VAL E 167 -20.15 17.91 -23.30
N VAL E 168 -19.02 17.70 -23.97
CA VAL E 168 -18.21 18.76 -24.57
C VAL E 168 -17.97 18.40 -26.02
N GLN E 169 -18.17 19.37 -26.92
CA GLN E 169 -17.90 19.17 -28.33
C GLN E 169 -16.40 19.00 -28.57
N ILE E 170 -16.05 17.97 -29.32
CA ILE E 170 -14.65 17.68 -29.63
C ILE E 170 -14.20 18.37 -30.91
N ASN E 171 -15.13 18.70 -31.81
CA ASN E 171 -14.88 19.36 -33.12
C ASN E 171 -13.87 18.61 -33.97
N ASN E 182 -25.55 15.51 -35.06
CA ASN E 182 -24.63 14.86 -35.98
C ASN E 182 -23.18 15.13 -35.61
N LYS E 183 -22.96 16.17 -34.81
CA LYS E 183 -21.61 16.52 -34.37
C LYS E 183 -21.14 15.57 -33.29
N GLU E 184 -19.83 15.28 -33.30
CA GLU E 184 -19.27 14.34 -32.34
C GLU E 184 -19.16 14.98 -30.95
N TYR E 185 -19.11 14.13 -29.94
CA TYR E 185 -19.10 14.58 -28.56
C TYR E 185 -18.33 13.58 -27.70
N ARG E 186 -17.84 14.07 -26.57
CA ARG E 186 -17.29 13.23 -25.53
C ARG E 186 -17.80 13.74 -24.19
N LEU E 187 -17.67 12.90 -23.16
CA LEU E 187 -18.02 13.33 -21.82
C LEU E 187 -17.01 14.37 -21.33
N ILE E 188 -17.49 15.25 -20.44
CA ILE E 188 -16.65 16.34 -19.92
C ILE E 188 -15.51 15.80 -19.06
N ASN E 189 -15.74 14.71 -18.34
CA ASN E 189 -14.74 14.13 -17.46
C ASN E 189 -13.96 12.98 -18.07
N CYS E 190 -13.43 13.15 -19.28
CA CYS E 190 -12.63 12.08 -19.87
C CYS E 190 -11.31 12.66 -20.40
N ASN E 191 -10.73 13.58 -19.64
CA ASN E 191 -9.33 13.95 -19.83
C ASN E 191 -8.62 14.10 -18.48
N THR E 192 -9.31 13.86 -17.37
CA THR E 192 -8.71 13.89 -16.05
C THR E 192 -8.73 12.50 -15.41
N SER E 193 -9.92 11.91 -15.28
CA SER E 193 -10.06 10.58 -14.67
C SER E 193 -11.43 10.02 -15.00
N ALA E 194 -11.50 8.69 -15.03
CA ALA E 194 -12.77 7.98 -15.16
C ALA E 194 -13.52 7.99 -13.84
N CYS E 195 -14.83 7.79 -13.92
CA CYS E 195 -15.70 8.00 -12.76
C CYS E 195 -15.92 6.70 -11.99
N THR E 196 -16.80 6.76 -11.00
CA THR E 196 -17.31 5.57 -10.30
C THR E 196 -18.81 5.82 -10.13
N GLN E 197 -19.61 5.01 -10.83
CA GLN E 197 -21.07 5.14 -10.79
C GLN E 197 -21.59 4.80 -9.41
N ALA E 198 -22.43 5.68 -8.84
CA ALA E 198 -23.00 5.44 -7.53
C ALA E 198 -24.00 4.30 -7.58
N CYS E 199 -23.78 3.26 -6.78
CA CYS E 199 -24.61 2.07 -6.74
C CYS E 199 -26.00 2.43 -6.22
N PRO E 200 -27.07 1.99 -6.92
CA PRO E 200 -28.44 2.34 -6.48
C PRO E 200 -28.84 1.76 -5.13
N LYS E 201 -28.18 0.68 -4.68
CA LYS E 201 -28.46 0.11 -3.38
C LYS E 201 -28.06 1.06 -2.26
N VAL E 202 -26.85 1.60 -2.33
CA VAL E 202 -26.43 2.60 -1.35
C VAL E 202 -26.98 3.97 -1.73
N SER E 203 -27.93 4.46 -0.94
CA SER E 203 -28.48 5.78 -1.12
C SER E 203 -27.73 6.77 -0.23
N PHE E 204 -27.97 8.05 -0.45
CA PHE E 204 -27.22 9.04 0.31
C PHE E 204 -28.07 10.21 0.81
N GLU E 205 -29.21 9.88 1.43
CA GLU E 205 -30.00 10.82 2.22
C GLU E 205 -29.26 11.12 3.52
N PRO E 206 -29.36 12.34 4.06
CA PRO E 206 -28.75 12.62 5.37
C PRO E 206 -29.41 11.87 6.51
N ILE E 207 -28.60 11.29 7.40
CA ILE E 207 -29.09 10.61 8.59
C ILE E 207 -28.46 11.27 9.80
N PRO E 208 -29.16 11.39 10.94
CA PRO E 208 -28.53 11.93 12.15
C PRO E 208 -27.41 11.06 12.70
N ILE E 209 -26.33 11.69 13.15
CA ILE E 209 -25.29 11.06 13.95
C ILE E 209 -25.06 11.93 15.18
N HIS E 210 -24.19 11.46 16.08
CA HIS E 210 -23.82 12.21 17.26
C HIS E 210 -22.30 12.12 17.42
N TYR E 211 -21.73 12.84 18.39
CA TYR E 211 -20.29 12.75 18.63
C TYR E 211 -20.02 12.55 20.12
N CYS E 212 -19.35 11.44 20.48
CA CYS E 212 -18.83 11.20 21.82
C CYS E 212 -17.60 12.05 22.12
N ALA E 213 -17.01 11.80 23.29
CA ALA E 213 -15.65 12.13 23.64
C ALA E 213 -15.16 10.78 24.17
N PRO E 214 -13.87 10.46 24.04
CA PRO E 214 -13.39 9.16 24.53
C PRO E 214 -13.30 9.13 26.04
N ALA E 215 -12.98 7.96 26.59
CA ALA E 215 -12.87 7.77 28.03
C ALA E 215 -11.73 8.62 28.60
N GLY E 216 -12.06 9.51 29.53
CA GLY E 216 -11.12 10.46 30.07
C GLY E 216 -11.15 11.83 29.42
N PHE E 217 -12.17 12.12 28.62
CA PHE E 217 -12.34 13.45 28.03
C PHE E 217 -13.82 13.84 28.20
N ALA E 218 -14.15 15.08 27.85
CA ALA E 218 -15.51 15.57 28.02
C ALA E 218 -15.80 16.63 26.99
N ILE E 219 -17.08 16.88 26.72
CA ILE E 219 -17.50 17.89 25.76
C ILE E 219 -18.29 18.94 26.53
N LEU E 220 -17.83 20.19 26.48
CA LEU E 220 -18.54 21.28 27.13
C LEU E 220 -19.47 21.97 26.15
N LYS E 221 -20.71 22.20 26.57
CA LYS E 221 -21.76 22.69 25.68
C LYS E 221 -22.24 24.06 26.14
N CYS E 222 -22.24 25.02 25.22
CA CYS E 222 -22.83 26.33 25.46
C CYS E 222 -24.36 26.24 25.56
N LYS E 223 -24.92 27.02 26.49
CA LYS E 223 -26.36 27.21 26.57
C LYS E 223 -26.78 28.67 26.69
N ASP E 224 -25.86 29.63 26.57
CA ASP E 224 -26.23 31.04 26.60
C ASP E 224 -26.98 31.38 25.33
N LYS E 225 -28.01 32.21 25.47
CA LYS E 225 -28.88 32.53 24.34
C LYS E 225 -28.37 33.68 23.48
N LYS E 226 -27.37 34.42 23.93
CA LYS E 226 -26.71 35.42 23.09
C LYS E 226 -25.23 35.07 23.06
N PHE E 227 -24.76 34.58 21.93
CA PHE E 227 -23.40 34.04 21.83
C PHE E 227 -22.84 34.41 20.46
N ASN E 228 -21.77 35.19 20.45
CA ASN E 228 -21.22 35.78 19.23
C ASN E 228 -20.04 35.00 18.67
N GLY E 229 -19.92 33.73 19.05
CA GLY E 229 -18.86 32.88 18.53
C GLY E 229 -17.65 32.77 19.43
N THR E 230 -16.99 33.89 19.71
CA THR E 230 -15.84 33.89 20.61
C THR E 230 -16.24 34.44 21.97
N GLY E 231 -15.26 34.62 22.85
CA GLY E 231 -15.50 35.19 24.16
C GLY E 231 -15.94 34.17 25.18
N PRO E 232 -16.24 34.64 26.40
CA PRO E 232 -16.63 33.71 27.46
C PRO E 232 -18.12 33.38 27.41
N CYS E 233 -18.53 32.54 28.36
CA CYS E 233 -19.90 32.06 28.45
C CYS E 233 -20.22 31.60 29.88
N PRO E 234 -21.17 32.26 30.55
CA PRO E 234 -21.60 31.78 31.87
C PRO E 234 -22.74 30.79 31.81
N SER E 235 -22.69 29.81 30.90
CA SER E 235 -23.72 28.77 30.88
C SER E 235 -23.17 27.40 30.54
N VAL E 236 -21.92 27.08 30.87
CA VAL E 236 -21.25 25.87 30.42
C VAL E 236 -21.85 24.63 31.07
N SER E 237 -22.11 23.60 30.27
CA SER E 237 -22.60 22.31 30.76
C SER E 237 -21.97 21.19 29.95
N THR E 238 -21.75 20.04 30.59
CA THR E 238 -21.12 18.92 29.91
C THR E 238 -22.17 17.98 29.32
N VAL E 239 -21.72 17.15 28.37
CA VAL E 239 -22.60 16.22 27.67
C VAL E 239 -21.72 15.10 27.11
N GLN E 240 -22.30 13.92 26.85
CA GLN E 240 -21.53 12.79 26.36
C GLN E 240 -21.58 12.66 24.84
N CYS E 241 -22.76 12.45 24.26
CA CYS E 241 -22.94 12.54 22.82
C CYS E 241 -23.62 13.86 22.49
N THR E 242 -23.25 14.44 21.36
CA THR E 242 -23.81 15.72 20.94
C THR E 242 -25.22 15.51 20.40
N HIS E 243 -25.85 16.60 19.95
CA HIS E 243 -27.23 16.53 19.49
C HIS E 243 -27.29 15.97 18.07
N GLY E 244 -28.46 16.06 17.44
CA GLY E 244 -28.65 15.44 16.15
C GLY E 244 -28.00 16.20 15.01
N ILE E 245 -26.67 16.14 14.94
CA ILE E 245 -25.92 16.75 13.84
C ILE E 245 -26.22 15.99 12.55
N LYS E 246 -26.44 16.73 11.47
CA LYS E 246 -26.93 16.15 10.24
C LYS E 246 -26.02 16.59 9.09
N PRO E 247 -25.31 15.66 8.44
CA PRO E 247 -24.34 16.07 7.40
C PRO E 247 -24.99 16.51 6.10
N VAL E 248 -25.63 17.68 6.12
CA VAL E 248 -26.23 18.21 4.90
C VAL E 248 -25.16 18.89 4.04
N VAL E 249 -25.32 18.78 2.73
CA VAL E 249 -24.39 19.36 1.75
C VAL E 249 -25.13 20.50 1.06
N SER E 250 -24.65 21.72 1.27
CA SER E 250 -25.19 22.91 0.63
C SER E 250 -24.07 23.93 0.41
N THR E 251 -24.36 24.93 -0.42
CA THR E 251 -23.31 25.88 -0.78
C THR E 251 -23.73 27.34 -0.74
N GLN E 252 -25.02 27.66 -0.68
CA GLN E 252 -25.44 29.06 -0.64
C GLN E 252 -26.49 29.29 0.44
N LEU E 253 -27.26 28.26 0.75
CA LEU E 253 -28.41 28.37 1.64
C LEU E 253 -28.43 27.12 2.50
N LEU E 254 -28.30 27.30 3.82
CA LEU E 254 -28.30 26.16 4.72
C LEU E 254 -29.68 25.53 4.79
N LEU E 255 -29.73 24.21 4.62
CA LEU E 255 -30.97 23.47 4.51
C LEU E 255 -31.03 22.38 5.57
N ASN E 256 -32.21 22.28 6.21
CA ASN E 256 -32.61 21.18 7.09
C ASN E 256 -31.59 21.09 8.23
N GLY E 257 -31.55 22.09 9.09
CA GLY E 257 -30.54 22.15 10.12
C GLY E 257 -31.09 22.61 11.46
N SER E 258 -30.17 22.95 12.36
CA SER E 258 -30.51 23.35 13.71
C SER E 258 -30.98 24.80 13.72
N LEU E 259 -32.14 25.03 14.33
CA LEU E 259 -32.77 26.35 14.37
C LEU E 259 -32.17 27.19 15.50
N ALA E 260 -32.39 28.50 15.40
CA ALA E 260 -32.12 29.39 16.51
C ALA E 260 -33.35 29.48 17.40
N GLU E 261 -33.30 30.30 18.44
CA GLU E 261 -34.30 30.20 19.51
C GLU E 261 -34.91 31.53 19.97
N GLU E 262 -34.20 32.65 19.82
CA GLU E 262 -34.77 33.93 20.23
C GLU E 262 -34.80 34.96 19.10
N GLU E 263 -33.67 35.22 18.45
CA GLU E 263 -33.66 36.08 17.27
C GLU E 263 -32.67 35.50 16.27
N VAL E 264 -32.58 36.13 15.10
CA VAL E 264 -31.57 35.70 14.14
C VAL E 264 -30.20 36.17 14.65
N MET E 265 -29.23 35.27 14.59
CA MET E 265 -27.90 35.53 15.14
C MET E 265 -26.88 35.63 14.02
N ILE E 266 -26.19 36.76 13.96
CA ILE E 266 -25.07 36.94 13.04
C ILE E 266 -23.81 36.52 13.80
N ARG E 267 -23.02 35.66 13.17
CA ARG E 267 -21.79 35.17 13.76
C ARG E 267 -20.70 35.09 12.70
N SER E 268 -19.53 35.60 13.02
CA SER E 268 -18.50 35.83 12.00
C SER E 268 -17.13 35.96 12.69
N GLU E 269 -16.12 36.21 11.86
CA GLU E 269 -14.79 36.71 12.25
C GLU E 269 -14.86 38.21 12.53
N ASN E 270 -13.67 38.81 12.56
CA ASN E 270 -13.49 40.25 12.64
C ASN E 270 -14.22 40.91 11.49
N ILE E 271 -15.16 41.80 11.82
CA ILE E 271 -16.24 42.14 10.89
C ILE E 271 -15.75 43.11 9.81
N THR E 272 -14.57 43.71 10.03
CA THR E 272 -14.04 44.68 9.08
C THR E 272 -13.50 44.00 7.83
N ASN E 273 -13.18 42.71 7.93
CA ASN E 273 -12.68 41.95 6.79
C ASN E 273 -13.76 41.71 5.75
N ASN E 274 -13.38 41.84 4.47
CA ASN E 274 -14.30 41.58 3.37
C ASN E 274 -14.32 40.12 2.96
N ALA E 275 -13.38 39.31 3.45
CA ALA E 275 -13.18 37.95 2.92
C ALA E 275 -13.93 36.91 3.76
N LYS E 276 -14.00 37.12 5.06
CA LYS E 276 -14.56 36.15 5.99
C LYS E 276 -16.08 36.00 5.84
N ASN E 277 -16.57 34.76 5.89
CA ASN E 277 -18.00 34.50 5.78
C ASN E 277 -18.72 34.90 7.07
N ILE E 278 -20.00 35.23 6.92
CA ILE E 278 -20.69 36.05 7.92
C ILE E 278 -21.97 35.31 8.39
N LEU E 279 -21.91 33.97 8.42
CA LEU E 279 -23.03 33.03 8.53
C LEU E 279 -24.18 33.41 9.47
N VAL E 280 -25.40 33.44 8.92
CA VAL E 280 -26.61 33.90 9.59
C VAL E 280 -27.46 32.68 9.90
N GLN E 281 -28.10 32.66 11.07
CA GLN E 281 -28.96 31.55 11.47
C GLN E 281 -30.36 32.11 11.70
N PHE E 282 -31.35 31.58 10.98
CA PHE E 282 -32.72 32.06 11.13
C PHE E 282 -33.33 31.64 12.47
N ASN E 283 -34.26 32.48 12.93
CA ASN E 283 -35.09 32.20 14.09
C ASN E 283 -36.26 31.28 13.74
N THR E 284 -36.87 31.47 12.56
CA THR E 284 -37.97 30.62 12.12
C THR E 284 -37.62 30.07 10.75
N PRO E 285 -38.07 28.86 10.41
CA PRO E 285 -37.76 28.31 9.08
C PRO E 285 -38.67 28.88 8.00
N VAL E 286 -38.20 28.80 6.76
CA VAL E 286 -39.00 29.12 5.58
C VAL E 286 -39.02 27.90 4.68
N GLN E 287 -40.21 27.50 4.23
CA GLN E 287 -40.35 26.27 3.47
C GLN E 287 -39.83 26.44 2.05
N ILE E 288 -39.18 25.40 1.55
CA ILE E 288 -38.68 25.37 0.18
C ILE E 288 -39.19 24.08 -0.46
N ASN E 289 -39.70 24.18 -1.70
CA ASN E 289 -40.09 23.03 -2.49
C ASN E 289 -39.42 23.11 -3.85
N CYS E 290 -38.54 22.17 -4.13
CA CYS E 290 -37.91 22.06 -5.44
C CYS E 290 -38.19 20.68 -6.01
N THR E 291 -38.76 20.65 -7.21
CA THR E 291 -39.24 19.40 -7.78
C THR E 291 -38.80 19.31 -9.23
N ARG E 292 -38.75 18.09 -9.75
CA ARG E 292 -38.52 17.87 -11.17
C ARG E 292 -39.77 17.27 -11.77
N PRO E 293 -40.52 18.00 -12.59
CA PRO E 293 -41.77 17.45 -13.14
C PRO E 293 -41.60 16.72 -14.46
N ASN E 294 -40.67 15.76 -14.50
CA ASN E 294 -40.42 14.98 -15.70
C ASN E 294 -40.40 13.50 -15.35
N ASN E 295 -41.16 12.71 -16.10
CA ASN E 295 -41.17 11.26 -15.91
C ASN E 295 -39.94 10.65 -16.56
N ASN E 296 -39.13 9.94 -15.76
CA ASN E 296 -37.90 9.35 -16.26
C ASN E 296 -37.99 7.84 -16.29
N THR E 297 -37.34 7.24 -17.28
CA THR E 297 -37.26 5.80 -17.45
C THR E 297 -35.81 5.38 -17.29
N ARG E 298 -35.56 4.46 -16.36
CA ARG E 298 -34.22 3.97 -16.10
C ARG E 298 -33.96 2.69 -16.88
N LYS E 299 -32.96 2.71 -17.76
CA LYS E 299 -32.58 1.51 -18.49
C LYS E 299 -31.48 0.76 -17.76
N SER E 300 -31.10 -0.40 -18.30
CA SER E 300 -30.14 -1.29 -17.64
C SER E 300 -29.09 -1.78 -18.62
N ILE E 301 -28.47 -0.85 -19.36
CA ILE E 301 -27.45 -1.15 -20.35
C ILE E 301 -26.27 -1.88 -19.72
N ARG E 302 -26.05 -3.12 -20.15
CA ARG E 302 -25.06 -3.97 -19.52
C ARG E 302 -23.71 -3.83 -20.24
N ILE E 303 -22.68 -3.50 -19.49
CA ILE E 303 -21.40 -3.12 -20.07
C ILE E 303 -20.30 -4.13 -19.81
N GLY E 304 -20.54 -5.14 -19.00
CA GLY E 304 -19.53 -6.13 -18.71
C GLY E 304 -20.10 -7.34 -18.00
N PRO E 305 -19.22 -8.21 -17.49
CA PRO E 305 -19.69 -9.43 -16.78
C PRO E 305 -20.20 -9.13 -15.38
N GLY E 306 -21.36 -8.49 -15.30
CA GLY E 306 -21.97 -8.19 -14.03
C GLY E 306 -21.85 -6.72 -13.63
N GLN E 307 -21.63 -5.85 -14.61
CA GLN E 307 -21.56 -4.42 -14.38
C GLN E 307 -22.60 -3.73 -15.24
N ALA E 308 -23.35 -2.81 -14.66
CA ALA E 308 -24.43 -2.14 -15.36
C ALA E 308 -24.25 -0.64 -15.29
N PHE E 309 -24.41 0.03 -16.43
CA PHE E 309 -24.42 1.49 -16.51
C PHE E 309 -25.89 1.87 -16.73
N TYR E 310 -26.48 2.48 -15.72
CA TYR E 310 -27.90 2.80 -15.76
C TYR E 310 -28.10 4.11 -16.52
N ALA E 311 -28.50 4.00 -17.79
CA ALA E 311 -28.60 5.14 -18.68
C ALA E 311 -30.02 5.69 -18.70
N THR E 312 -30.13 7.00 -18.91
CA THR E 312 -31.43 7.65 -18.96
C THR E 312 -32.12 7.33 -20.28
N GLY E 313 -33.35 6.83 -20.21
CA GLY E 313 -34.12 6.54 -21.40
C GLY E 313 -34.94 7.73 -21.88
N ASP E 314 -36.00 7.46 -22.61
CA ASP E 314 -36.86 8.51 -23.16
C ASP E 314 -37.78 9.04 -22.06
N ILE E 315 -38.31 10.23 -22.29
CA ILE E 315 -39.11 10.92 -21.28
C ILE E 315 -40.58 10.69 -21.60
N ILE E 316 -41.34 10.21 -20.61
CA ILE E 316 -42.77 9.99 -20.78
C ILE E 316 -43.50 11.30 -20.58
N GLY E 317 -44.03 11.86 -21.68
CA GLY E 317 -44.75 13.11 -21.64
C GLY E 317 -43.91 14.27 -22.15
N ASP E 318 -44.28 15.47 -21.72
CA ASP E 318 -43.56 16.68 -22.10
C ASP E 318 -42.46 16.98 -21.09
N ILE E 319 -41.47 17.75 -21.52
CA ILE E 319 -40.33 18.12 -20.69
C ILE E 319 -40.48 19.58 -20.30
N ARG E 320 -40.56 19.83 -18.99
CA ARG E 320 -40.67 21.17 -18.45
C ARG E 320 -39.45 21.50 -17.59
N GLN E 321 -39.21 22.78 -17.41
CA GLN E 321 -38.12 23.24 -16.56
C GLN E 321 -38.48 23.02 -15.10
N ALA E 322 -37.49 22.62 -14.31
CA ALA E 322 -37.70 22.38 -12.89
C ALA E 322 -37.82 23.70 -12.14
N HIS E 323 -39.04 24.07 -11.76
CA HIS E 323 -39.29 25.21 -10.89
C HIS E 323 -38.92 24.83 -9.46
N CYS E 324 -38.42 25.79 -8.69
CA CYS E 324 -37.71 25.42 -7.46
C CYS E 324 -38.13 26.48 -6.44
N ASN E 325 -39.21 26.21 -5.71
CA ASN E 325 -40.13 27.23 -5.19
C ASN E 325 -39.80 27.67 -3.76
N VAL E 326 -40.26 28.88 -3.44
CA VAL E 326 -40.27 29.43 -2.09
C VAL E 326 -41.34 30.52 -2.06
N SER E 327 -41.83 30.88 -0.86
CA SER E 327 -42.97 31.79 -0.69
C SER E 327 -42.48 33.21 -0.48
N LYS E 328 -43.30 34.19 -0.90
CA LYS E 328 -42.94 35.60 -0.77
C LYS E 328 -42.97 36.12 0.66
N ALA E 329 -44.09 35.89 1.36
CA ALA E 329 -44.41 36.60 2.59
C ALA E 329 -43.46 36.25 3.73
N THR E 330 -43.24 34.95 3.93
CA THR E 330 -42.37 34.53 5.03
C THR E 330 -40.90 34.83 4.73
N TRP E 331 -40.51 34.80 3.45
CA TRP E 331 -39.17 35.23 3.07
C TRP E 331 -38.95 36.72 3.31
N ASN E 332 -39.95 37.53 2.97
CA ASN E 332 -39.85 38.98 3.17
C ASN E 332 -39.79 39.30 4.66
N GLU E 333 -40.57 38.57 5.47
CA GLU E 333 -40.56 38.75 6.91
C GLU E 333 -39.21 38.37 7.53
N THR E 334 -38.65 37.22 7.11
CA THR E 334 -37.36 36.80 7.64
C THR E 334 -36.23 37.70 7.17
N LEU E 335 -36.30 38.21 5.93
CA LEU E 335 -35.30 39.18 5.49
C LEU E 335 -35.40 40.47 6.28
N GLY E 336 -36.63 40.86 6.66
CA GLY E 336 -36.81 42.00 7.57
C GLY E 336 -36.15 41.80 8.92
N LYS E 337 -36.31 40.60 9.48
CA LYS E 337 -35.66 40.28 10.76
C LYS E 337 -34.13 40.31 10.64
N VAL E 338 -33.60 39.72 9.56
CA VAL E 338 -32.16 39.67 9.35
C VAL E 338 -31.60 41.07 9.10
N VAL E 339 -32.29 41.91 8.32
CA VAL E 339 -31.75 43.24 8.02
C VAL E 339 -31.89 44.14 9.23
N LYS E 340 -32.82 43.83 10.14
CA LYS E 340 -32.83 44.51 11.42
C LYS E 340 -31.63 44.10 12.26
N GLN E 341 -31.21 42.84 12.19
CA GLN E 341 -30.10 42.42 13.03
C GLN E 341 -28.73 42.49 12.36
N LEU E 342 -28.61 42.99 11.11
CA LEU E 342 -27.31 43.42 10.63
C LEU E 342 -26.88 44.76 11.19
N ARG E 343 -27.79 45.73 11.23
CA ARG E 343 -27.38 47.12 11.39
C ARG E 343 -27.17 47.49 12.86
N LYS E 344 -27.12 46.48 13.73
CA LYS E 344 -26.78 46.64 15.15
C LYS E 344 -25.32 47.05 15.29
N HIS E 345 -24.44 46.52 14.44
CA HIS E 345 -23.00 46.73 14.61
C HIS E 345 -22.28 47.10 13.32
N PHE E 346 -22.95 47.02 12.17
CA PHE E 346 -22.37 47.45 10.90
C PHE E 346 -22.34 48.96 10.73
N GLY E 347 -23.51 49.54 10.57
CA GLY E 347 -23.67 50.97 10.46
C GLY E 347 -24.77 51.34 11.41
N ASN E 348 -25.52 52.39 11.11
CA ASN E 348 -26.65 52.69 11.97
C ASN E 348 -27.90 52.89 11.13
N ASN E 349 -27.76 53.55 9.99
CA ASN E 349 -28.87 53.78 9.08
C ASN E 349 -28.51 53.67 7.61
N THR E 350 -27.35 53.10 7.29
CA THR E 350 -26.94 52.87 5.90
C THR E 350 -27.89 51.90 5.22
N ILE E 351 -28.19 52.17 3.95
CA ILE E 351 -29.14 51.35 3.21
C ILE E 351 -28.51 50.00 2.91
N ILE E 352 -29.24 48.93 3.21
CA ILE E 352 -28.71 47.58 3.04
C ILE E 352 -29.38 46.95 1.82
N ARG E 353 -28.57 46.52 0.86
CA ARG E 353 -29.08 45.96 -0.37
C ARG E 353 -28.38 44.64 -0.66
N PHE E 354 -29.07 43.77 -1.39
CA PHE E 354 -28.52 42.50 -1.82
C PHE E 354 -28.36 42.51 -3.34
N ALA E 355 -27.68 41.48 -3.85
CA ALA E 355 -27.52 41.28 -5.28
C ALA E 355 -27.38 39.77 -5.49
N ASN E 356 -27.35 39.37 -6.76
CA ASN E 356 -27.14 37.95 -7.04
C ASN E 356 -25.65 37.63 -7.03
N SER E 357 -25.34 36.33 -6.93
CA SER E 357 -23.97 35.89 -6.69
C SER E 357 -23.09 36.11 -7.93
N SER E 358 -21.79 36.18 -7.68
CA SER E 358 -20.80 36.38 -8.73
C SER E 358 -19.67 35.36 -8.53
N GLY E 359 -19.83 34.17 -9.10
CA GLY E 359 -18.85 33.12 -8.97
C GLY E 359 -18.32 32.69 -10.32
N GLY E 360 -17.18 32.00 -10.28
CA GLY E 360 -16.54 31.54 -11.49
C GLY E 360 -17.07 30.20 -11.98
N ASP E 361 -16.98 29.19 -11.13
CA ASP E 361 -17.51 27.87 -11.46
C ASP E 361 -19.02 27.81 -11.20
N LEU E 362 -19.60 26.63 -11.40
CA LEU E 362 -21.04 26.49 -11.23
C LEU E 362 -21.43 26.44 -9.76
N GLU E 363 -20.59 25.83 -8.92
CA GLU E 363 -21.00 25.47 -7.57
C GLU E 363 -21.16 26.69 -6.66
N VAL E 364 -20.23 27.65 -6.75
CA VAL E 364 -20.31 28.86 -5.93
C VAL E 364 -21.42 29.80 -6.36
N THR E 365 -21.64 29.98 -7.66
CA THR E 365 -22.55 31.00 -8.15
C THR E 365 -24.02 30.66 -8.01
N THR E 366 -24.36 29.42 -7.63
CA THR E 366 -25.77 29.05 -7.54
C THR E 366 -25.94 28.01 -6.44
N HIS E 367 -27.19 27.81 -6.04
CA HIS E 367 -27.57 26.84 -5.01
C HIS E 367 -27.22 25.43 -5.46
N SER E 368 -26.73 24.61 -4.54
CA SER E 368 -26.50 23.19 -4.79
C SER E 368 -26.95 22.36 -3.61
N PHE E 369 -27.79 21.35 -3.86
CA PHE E 369 -28.32 20.52 -2.81
C PHE E 369 -28.81 19.20 -3.39
N ASN E 370 -29.00 18.22 -2.51
CA ASN E 370 -29.48 16.89 -2.85
C ASN E 370 -31.00 16.82 -2.73
N CYS E 371 -31.63 16.10 -3.66
CA CYS E 371 -33.05 15.81 -3.54
C CYS E 371 -33.25 14.34 -3.93
N GLY E 372 -32.37 13.48 -3.41
CA GLY E 372 -32.50 12.05 -3.66
C GLY E 372 -31.71 11.55 -4.85
N GLY E 373 -30.43 11.91 -4.93
CA GLY E 373 -29.56 11.37 -5.95
C GLY E 373 -29.67 12.04 -7.31
N GLU E 374 -30.34 13.19 -7.37
CA GLU E 374 -30.66 13.82 -8.63
C GLU E 374 -30.40 15.33 -8.46
N PHE E 375 -29.14 15.64 -8.12
CA PHE E 375 -28.59 16.95 -7.73
C PHE E 375 -29.14 18.16 -8.48
N PHE E 376 -29.59 19.17 -7.75
CA PHE E 376 -30.21 20.34 -8.37
C PHE E 376 -29.26 21.53 -8.36
N TYR E 377 -29.64 22.59 -9.08
CA TYR E 377 -28.91 23.84 -9.16
C TYR E 377 -29.88 24.99 -9.41
N CYS E 378 -30.26 25.74 -8.37
CA CYS E 378 -31.39 26.65 -8.49
C CYS E 378 -30.81 28.05 -8.63
N ASN E 379 -31.45 28.89 -9.46
CA ASN E 379 -30.93 30.20 -9.84
C ASN E 379 -30.60 31.11 -8.65
N THR E 380 -31.49 31.13 -7.65
CA THR E 380 -31.50 32.01 -6.45
C THR E 380 -31.08 33.46 -6.77
N SER E 381 -31.62 33.98 -7.87
CA SER E 381 -31.39 35.36 -8.27
C SER E 381 -32.59 36.25 -8.03
N GLY E 382 -33.78 35.68 -7.85
CA GLY E 382 -34.95 36.42 -7.44
C GLY E 382 -35.13 36.54 -5.95
N LEU E 383 -34.16 36.05 -5.17
CA LEU E 383 -34.26 36.02 -3.72
C LEU E 383 -33.46 37.12 -3.04
N PHE E 384 -32.58 37.80 -3.77
CA PHE E 384 -31.65 38.77 -3.22
C PHE E 384 -31.67 40.05 -4.07
N ASN E 385 -32.87 40.54 -4.39
CA ASN E 385 -33.03 41.68 -5.28
C ASN E 385 -33.76 42.82 -4.56
N SER E 386 -33.32 43.15 -3.35
CA SER E 386 -33.97 44.17 -2.54
C SER E 386 -32.98 45.25 -2.13
N THR E 387 -33.53 46.42 -1.78
CA THR E 387 -32.78 47.64 -1.51
C THR E 387 -33.29 48.30 -0.24
N TRP E 388 -33.32 47.53 0.86
CA TRP E 388 -33.89 47.93 2.15
C TRP E 388 -33.35 49.25 2.67
N ILE E 389 -34.28 50.13 3.07
CA ILE E 389 -33.96 51.45 3.62
C ILE E 389 -34.59 51.56 5.00
N SER E 390 -33.89 52.22 5.92
CA SER E 390 -34.41 52.45 7.26
C SER E 390 -34.05 53.83 7.78
N ASN E 403 -49.74 34.80 -1.12
CA ASN E 403 -49.50 33.39 -1.39
C ASN E 403 -48.68 33.14 -2.65
N ASP E 404 -48.36 34.22 -3.37
CA ASP E 404 -47.54 34.15 -4.57
C ASP E 404 -46.10 33.73 -4.29
N SER E 405 -45.42 33.15 -5.28
CA SER E 405 -44.15 32.50 -5.03
C SER E 405 -43.00 33.19 -5.74
N ILE E 406 -41.77 32.78 -5.37
CA ILE E 406 -40.49 33.23 -5.93
C ILE E 406 -39.88 31.99 -6.60
N THR E 407 -40.72 31.28 -7.37
CA THR E 407 -40.31 30.19 -8.26
C THR E 407 -39.01 30.49 -9.00
N LEU E 408 -38.13 29.50 -9.03
CA LEU E 408 -36.76 29.67 -9.49
C LEU E 408 -36.47 28.72 -10.65
N PRO E 409 -35.80 29.16 -11.71
CA PRO E 409 -35.25 28.19 -12.66
C PRO E 409 -34.14 27.39 -11.99
N CYS E 410 -34.37 26.09 -11.87
CA CYS E 410 -33.57 25.26 -10.97
C CYS E 410 -33.03 24.08 -11.79
N ARG E 411 -31.90 24.32 -12.43
CA ARG E 411 -31.34 23.40 -13.42
C ARG E 411 -30.65 22.23 -12.73
N ILE E 412 -30.13 21.31 -13.53
CA ILE E 412 -29.85 19.97 -13.02
C ILE E 412 -28.67 19.36 -13.76
N LYS E 413 -27.92 18.49 -13.08
CA LYS E 413 -26.68 17.94 -13.62
C LYS E 413 -26.45 16.57 -12.99
N GLN E 414 -25.83 15.68 -13.76
CA GLN E 414 -25.63 14.30 -13.35
C GLN E 414 -24.21 14.06 -12.83
N ILE E 415 -23.18 14.38 -13.61
CA ILE E 415 -21.79 14.24 -13.17
C ILE E 415 -21.50 15.25 -12.07
N ILE E 416 -21.16 14.76 -10.91
CA ILE E 416 -20.88 15.63 -9.77
C ILE E 416 -19.43 15.44 -9.34
N ASN E 417 -18.85 16.52 -8.82
CA ASN E 417 -17.51 16.50 -8.23
C ASN E 417 -17.53 17.39 -6.99
N MET E 418 -17.86 16.79 -5.85
CA MET E 418 -17.86 17.53 -4.59
C MET E 418 -16.73 17.05 -3.69
N TRP E 419 -16.46 17.85 -2.64
CA TRP E 419 -15.20 17.85 -1.90
C TRP E 419 -14.03 17.88 -2.87
N GLN E 420 -13.90 19.02 -3.55
CA GLN E 420 -13.14 19.20 -4.79
C GLN E 420 -11.70 18.72 -4.74
N ARG E 421 -11.43 17.66 -5.49
CA ARG E 421 -10.12 17.03 -5.59
C ARG E 421 -9.82 16.86 -7.07
N ILE E 422 -8.53 16.87 -7.42
CA ILE E 422 -8.14 16.85 -8.82
C ILE E 422 -8.34 15.44 -9.37
N GLY E 423 -9.38 15.26 -10.17
CA GLY E 423 -9.60 14.01 -10.87
C GLY E 423 -10.27 12.90 -10.10
N GLN E 424 -11.38 13.18 -9.43
CA GLN E 424 -12.25 12.14 -8.89
C GLN E 424 -13.71 12.48 -9.11
N CYS E 425 -14.28 12.03 -10.23
CA CYS E 425 -15.67 12.31 -10.57
C CYS E 425 -16.56 11.21 -10.00
N MET E 426 -17.88 11.41 -10.11
CA MET E 426 -18.85 10.42 -9.67
C MET E 426 -20.12 10.54 -10.49
N TYR E 427 -20.47 9.50 -11.25
CA TYR E 427 -21.73 9.50 -11.97
C TYR E 427 -22.88 9.20 -11.02
N ALA E 428 -23.92 10.04 -11.10
CA ALA E 428 -25.14 9.88 -10.31
C ALA E 428 -26.20 9.26 -11.23
N PRO E 429 -26.72 8.08 -10.90
CA PRO E 429 -27.70 7.41 -11.76
C PRO E 429 -29.03 8.15 -11.74
N PRO E 430 -29.80 8.06 -12.82
CA PRO E 430 -31.11 8.73 -12.87
C PRO E 430 -32.11 8.08 -11.93
N ILE E 431 -33.10 8.86 -11.51
CA ILE E 431 -34.18 8.38 -10.65
C ILE E 431 -35.48 8.41 -11.44
N GLN E 432 -36.19 7.29 -11.46
CA GLN E 432 -37.40 7.14 -12.23
C GLN E 432 -38.55 7.92 -11.61
N GLY E 433 -39.56 8.20 -12.43
CA GLY E 433 -40.71 8.96 -11.99
C GLY E 433 -40.39 10.42 -11.78
N VAL E 434 -41.21 11.13 -11.01
CA VAL E 434 -40.96 12.51 -10.63
C VAL E 434 -40.59 12.51 -9.15
N ILE E 435 -39.77 13.47 -8.76
CA ILE E 435 -39.35 13.61 -7.37
C ILE E 435 -39.68 15.01 -6.89
N ARG E 436 -39.95 15.14 -5.58
CA ARG E 436 -40.21 16.43 -4.96
C ARG E 436 -39.70 16.39 -3.54
N CYS E 437 -39.03 17.47 -3.12
CA CYS E 437 -38.49 17.57 -1.79
C CYS E 437 -39.10 18.76 -1.06
N VAL E 438 -39.60 18.51 0.14
CA VAL E 438 -40.13 19.55 1.01
C VAL E 438 -39.18 19.73 2.21
N SER E 439 -38.27 20.67 2.08
CA SER E 439 -37.32 21.00 3.13
C SER E 439 -37.43 22.49 3.44
N ASN E 440 -36.54 22.98 4.31
CA ASN E 440 -36.70 24.31 4.88
C ASN E 440 -35.34 24.94 5.18
N ILE E 441 -35.26 26.26 4.97
CA ILE E 441 -34.00 26.97 5.08
C ILE E 441 -33.76 27.36 6.53
N THR E 442 -32.61 26.95 7.07
CA THR E 442 -32.26 27.32 8.44
C THR E 442 -30.93 28.04 8.50
N GLY E 443 -30.64 28.88 7.49
CA GLY E 443 -29.39 29.60 7.51
C GLY E 443 -28.98 30.32 6.24
N LEU E 444 -27.95 31.16 6.34
CA LEU E 444 -27.45 31.99 5.26
C LEU E 444 -25.92 32.05 5.31
N ILE E 445 -25.31 32.10 4.11
CA ILE E 445 -23.86 32.01 3.97
C ILE E 445 -23.41 33.27 3.19
N LEU E 446 -23.97 34.42 3.54
CA LEU E 446 -23.63 35.70 2.89
C LEU E 446 -22.14 36.06 2.98
N THR E 447 -21.78 37.12 2.26
CA THR E 447 -20.40 37.63 2.23
C THR E 447 -20.46 39.13 1.92
N ARG E 448 -19.95 39.97 2.83
CA ARG E 448 -20.03 41.40 2.58
C ARG E 448 -19.03 41.84 1.51
N ASP E 449 -19.50 42.75 0.65
CA ASP E 449 -18.62 43.31 -0.39
C ASP E 449 -18.85 44.81 -0.61
N GLY E 450 -17.80 45.58 -0.34
CA GLY E 450 -17.84 47.03 -0.41
C GLY E 450 -16.57 47.62 0.16
N GLY E 451 -16.18 48.79 -0.37
CA GLY E 451 -14.96 49.42 0.09
C GLY E 451 -15.07 50.41 1.25
N SER E 452 -15.93 51.43 1.12
CA SER E 452 -15.81 52.69 1.85
C SER E 452 -15.95 52.58 3.38
N THR E 453 -14.95 53.09 4.11
CA THR E 453 -14.97 53.04 5.57
C THR E 453 -16.05 53.97 6.12
N ASN E 454 -16.07 55.21 5.64
CA ASN E 454 -17.16 56.12 5.96
C ASN E 454 -18.33 55.79 5.06
N SER E 455 -19.08 54.75 5.41
CA SER E 455 -20.03 54.15 4.51
C SER E 455 -21.41 54.79 4.63
N THR E 456 -22.02 55.03 3.48
CA THR E 456 -23.43 55.37 3.38
C THR E 456 -24.28 54.18 2.97
N THR E 457 -23.66 53.10 2.50
CA THR E 457 -24.36 51.89 2.10
C THR E 457 -23.42 50.71 2.23
N GLU E 458 -24.00 49.51 2.33
CA GLU E 458 -23.23 48.28 2.38
C GLU E 458 -23.97 47.22 1.57
N THR E 459 -23.28 46.67 0.57
CA THR E 459 -23.88 45.70 -0.35
C THR E 459 -23.45 44.30 0.06
N PHE E 460 -24.42 43.44 0.36
CA PHE E 460 -24.14 42.06 0.70
C PHE E 460 -24.46 41.16 -0.49
N ARG E 461 -23.54 40.24 -0.80
CA ARG E 461 -23.68 39.34 -1.93
C ARG E 461 -23.46 37.92 -1.41
N PRO E 462 -24.38 36.95 -1.67
CA PRO E 462 -24.36 35.67 -0.94
C PRO E 462 -23.11 34.82 -1.11
N GLY E 463 -22.81 34.36 -2.32
CA GLY E 463 -21.67 33.48 -2.54
C GLY E 463 -21.74 32.18 -1.73
N GLY E 464 -20.57 31.66 -1.40
CA GLY E 464 -20.53 30.49 -0.54
C GLY E 464 -19.35 29.60 -0.88
N GLY E 465 -19.64 28.30 -0.93
CA GLY E 465 -18.62 27.29 -1.12
C GLY E 465 -17.97 26.91 0.20
N ASP E 466 -16.85 26.18 0.07
CA ASP E 466 -15.97 25.81 1.18
C ASP E 466 -16.72 24.99 2.23
N MET E 467 -17.01 23.72 1.92
CA MET E 467 -17.82 22.77 2.68
C MET E 467 -17.61 22.74 4.20
N ARG E 468 -16.42 23.12 4.67
CA ARG E 468 -16.07 23.26 6.08
C ARG E 468 -17.03 24.16 6.85
N ASP E 469 -17.52 25.22 6.22
CA ASP E 469 -18.34 26.21 6.92
C ASP E 469 -19.76 25.73 7.20
N ASN E 470 -20.19 24.65 6.55
CA ASN E 470 -21.54 24.16 6.85
C ASN E 470 -21.57 23.28 8.07
N TRP E 471 -20.43 22.98 8.61
CA TRP E 471 -20.28 22.17 9.80
C TRP E 471 -19.78 22.98 10.98
N ARG E 472 -19.31 24.21 10.74
CA ARG E 472 -19.00 25.15 11.81
C ARG E 472 -20.21 26.01 12.12
N SER E 473 -21.33 25.74 11.43
CA SER E 473 -22.58 26.44 11.69
C SER E 473 -23.46 25.73 12.71
N GLU E 474 -23.30 24.42 12.91
CA GLU E 474 -24.10 23.68 13.87
C GLU E 474 -23.27 22.95 14.90
N LEU E 475 -21.93 23.05 14.83
CA LEU E 475 -21.05 22.55 15.88
C LEU E 475 -20.39 23.72 16.61
N TYR E 476 -21.11 24.81 16.82
CA TYR E 476 -20.51 26.00 17.40
C TYR E 476 -20.51 25.93 18.92
N LYS E 477 -21.53 25.30 19.51
CA LYS E 477 -21.65 25.25 20.96
C LYS E 477 -20.94 24.04 21.59
N TYR E 478 -19.70 23.77 21.19
CA TYR E 478 -19.07 22.54 21.62
C TYR E 478 -17.56 22.71 21.68
N LYS E 479 -16.92 22.06 22.65
CA LYS E 479 -15.47 22.02 22.75
C LYS E 479 -15.07 20.82 23.61
N VAL E 480 -14.05 20.07 23.17
CA VAL E 480 -13.54 18.91 23.90
C VAL E 480 -12.39 19.35 24.82
N VAL E 481 -12.32 18.74 26.01
CA VAL E 481 -11.31 19.07 27.02
C VAL E 481 -10.72 17.78 27.60
N LYS E 482 -9.54 17.92 28.21
CA LYS E 482 -8.79 16.83 28.83
C LYS E 482 -8.86 16.95 30.35
N ILE E 483 -9.02 15.82 31.04
CA ILE E 483 -9.37 15.85 32.46
C ILE E 483 -8.16 16.22 33.33
N GLU E 484 -7.09 15.40 33.29
CA GLU E 484 -5.88 15.49 34.14
C GLU E 484 -6.23 15.54 35.64
N PRO E 485 -6.59 14.39 36.22
CA PRO E 485 -7.18 14.38 37.56
C PRO E 485 -6.28 14.70 38.75
N LEU E 486 -4.95 14.67 38.60
CA LEU E 486 -4.09 14.89 39.76
C LEU E 486 -3.94 16.36 40.17
N GLY E 487 -4.02 16.65 41.46
CA GLY E 487 -3.86 18.00 41.96
C GLY E 487 -3.11 18.03 43.28
N VAL E 488 -2.12 18.93 43.39
CA VAL E 488 -1.06 18.85 44.38
C VAL E 488 -0.98 20.19 45.11
N ALA E 489 -0.43 20.16 46.37
CA ALA E 489 -0.24 21.12 47.48
C ALA E 489 -1.44 21.76 48.20
N PRO E 490 -2.47 21.01 48.66
CA PRO E 490 -3.48 21.61 49.53
C PRO E 490 -3.14 22.28 50.87
N THR E 491 -2.94 21.44 51.91
CA THR E 491 -3.12 21.84 53.32
C THR E 491 -2.09 21.28 54.29
N ARG E 492 -2.25 21.53 55.58
CA ARG E 492 -1.39 20.98 56.62
C ARG E 492 -1.77 19.53 56.91
N CYS E 493 -0.76 18.71 57.26
CA CYS E 493 -0.84 17.26 57.12
C CYS E 493 0.09 16.49 58.05
N LYS E 494 1.36 16.28 57.60
CA LYS E 494 2.39 15.51 58.31
C LYS E 494 2.06 14.04 58.56
N ARG E 495 2.11 13.22 57.50
CA ARG E 495 2.20 11.76 57.58
C ARG E 495 3.17 11.30 58.67
N ARG E 496 2.73 10.37 59.51
CA ARG E 496 3.55 9.80 60.57
C ARG E 496 4.73 9.03 59.97
N GLY F 19 -23.70 14.43 39.29
CA GLY F 19 -23.03 13.28 38.70
C GLY F 19 -21.58 13.53 38.39
N PHE F 20 -21.30 13.92 37.15
CA PHE F 20 -19.94 14.12 36.66
C PHE F 20 -19.56 15.57 37.02
N LEU F 21 -18.50 16.15 36.44
CA LEU F 21 -17.81 17.29 37.04
C LEU F 21 -18.63 18.58 37.06
N GLY F 22 -19.69 18.58 37.87
CA GLY F 22 -20.41 19.79 38.23
C GLY F 22 -20.02 20.22 39.62
N ALA F 23 -18.75 20.02 39.96
CA ALA F 23 -18.20 20.44 41.25
C ALA F 23 -17.16 21.51 41.02
N ALA F 24 -16.80 21.75 39.75
CA ALA F 24 -15.97 22.88 39.39
C ALA F 24 -16.77 24.17 39.55
N GLY F 25 -16.11 25.23 40.00
CA GLY F 25 -16.82 26.45 40.33
C GLY F 25 -17.15 26.51 41.81
N SER F 26 -17.41 25.34 42.40
CA SER F 26 -17.59 25.24 43.84
C SER F 26 -16.25 25.34 44.54
N THR F 27 -16.29 25.57 45.85
CA THR F 27 -15.10 25.82 46.66
C THR F 27 -14.28 24.54 46.79
N MET F 28 -12.95 24.72 46.89
CA MET F 28 -12.02 23.69 47.36
C MET F 28 -12.53 22.85 48.53
N GLY F 29 -13.09 23.52 49.54
CA GLY F 29 -13.59 22.84 50.71
C GLY F 29 -14.85 22.02 50.47
N ALA F 30 -15.51 22.25 49.33
CA ALA F 30 -16.66 21.44 48.97
C ALA F 30 -16.38 20.45 47.86
N ALA F 31 -15.26 20.56 47.15
CA ALA F 31 -14.94 19.61 46.08
C ALA F 31 -14.16 18.41 46.57
N SER F 32 -13.67 18.44 47.81
CA SER F 32 -12.86 17.34 48.33
C SER F 32 -13.69 16.14 48.74
N MET F 33 -15.01 16.27 48.81
CA MET F 33 -15.89 15.18 49.20
C MET F 33 -16.51 14.48 47.99
N THR F 34 -16.03 14.78 46.78
CA THR F 34 -16.61 14.22 45.57
C THR F 34 -15.55 13.80 44.56
N LEU F 35 -14.41 13.30 45.02
CA LEU F 35 -13.26 13.00 44.17
C LEU F 35 -13.40 11.71 43.38
N THR F 36 -14.39 10.87 43.64
CA THR F 36 -14.39 9.53 43.06
C THR F 36 -15.36 9.40 41.90
N VAL F 37 -16.44 10.19 41.90
CA VAL F 37 -17.41 10.14 40.81
C VAL F 37 -16.83 10.80 39.57
N GLN F 38 -15.81 11.64 39.74
CA GLN F 38 -15.03 12.17 38.65
C GLN F 38 -13.86 11.28 38.26
N ALA F 39 -13.66 10.19 39.01
CA ALA F 39 -12.55 9.27 38.76
C ALA F 39 -13.01 7.92 38.23
N ARG F 40 -14.27 7.57 38.43
CA ARG F 40 -14.80 6.31 37.93
C ARG F 40 -15.26 6.45 36.48
N ASN F 41 -15.29 7.67 35.97
CA ASN F 41 -15.64 7.95 34.59
C ASN F 41 -14.39 8.35 33.81
N LEU F 42 -13.25 7.78 34.19
CA LEU F 42 -11.97 8.05 33.56
C LEU F 42 -11.48 6.84 32.78
N LEU F 43 -12.14 5.69 32.95
CA LEU F 43 -11.67 4.43 32.39
C LEU F 43 -12.81 3.71 31.67
N SER F 44 -14.03 4.24 31.80
CA SER F 44 -15.24 3.55 31.33
C SER F 44 -15.33 3.41 29.82
N THR F 67 -11.54 -0.28 8.12
CA THR F 67 -12.79 0.45 8.26
C THR F 67 -12.60 1.64 9.20
N VAL F 68 -13.02 2.82 8.77
CA VAL F 68 -12.99 4.00 9.63
C VAL F 68 -14.22 3.88 10.54
N TRP F 69 -14.21 4.62 11.65
CA TRP F 69 -15.11 4.60 12.81
C TRP F 69 -14.94 3.36 13.68
N GLY F 70 -14.11 2.41 13.28
CA GLY F 70 -13.82 1.23 14.09
C GLY F 70 -12.44 1.25 14.69
N ILE F 71 -11.46 1.72 13.92
CA ILE F 71 -10.08 1.81 14.41
C ILE F 71 -9.94 2.96 15.40
N LYS F 72 -10.76 4.01 15.23
CA LYS F 72 -10.73 5.18 16.10
C LYS F 72 -11.12 4.83 17.53
N GLN F 73 -12.10 3.93 17.68
CA GLN F 73 -12.52 3.45 19.00
C GLN F 73 -11.40 2.66 19.67
N LEU F 74 -10.67 1.85 18.90
CA LEU F 74 -9.53 1.10 19.44
C LEU F 74 -8.43 2.04 19.92
N GLN F 75 -8.10 3.05 19.12
CA GLN F 75 -7.09 4.03 19.52
C GLN F 75 -7.52 4.82 20.75
N ALA F 76 -8.82 5.14 20.84
CA ALA F 76 -9.37 5.85 22.00
C ALA F 76 -9.26 5.04 23.28
N ARG F 77 -9.65 3.76 23.24
CA ARG F 77 -9.58 2.90 24.42
C ARG F 77 -8.14 2.65 24.85
N VAL F 78 -7.24 2.48 23.86
CA VAL F 78 -5.82 2.30 24.15
C VAL F 78 -5.24 3.54 24.81
N LEU F 79 -5.60 4.72 24.31
CA LEU F 79 -5.13 5.98 24.87
C LEU F 79 -5.63 6.19 26.30
N ALA F 80 -6.89 5.85 26.55
CA ALA F 80 -7.46 5.93 27.90
C ALA F 80 -6.73 5.02 28.88
N VAL F 81 -6.39 3.80 28.43
CA VAL F 81 -5.64 2.86 29.25
C VAL F 81 -4.26 3.42 29.57
N GLU F 82 -3.60 4.02 28.58
CA GLU F 82 -2.28 4.62 28.79
C GLU F 82 -2.31 5.76 29.82
N ARG F 83 -3.30 6.64 29.72
CA ARG F 83 -3.39 7.76 30.67
C ARG F 83 -3.69 7.28 32.09
N TYR F 84 -4.58 6.29 32.24
CA TYR F 84 -4.91 5.80 33.58
C TYR F 84 -3.71 5.09 34.20
N LEU F 85 -2.98 4.29 33.42
CA LEU F 85 -1.81 3.61 33.97
C LEU F 85 -0.67 4.57 34.28
N ARG F 86 -0.54 5.65 33.50
CA ARG F 86 0.46 6.67 33.81
C ARG F 86 0.14 7.38 35.12
N ASP F 87 -1.13 7.72 35.34
CA ASP F 87 -1.54 8.41 36.56
C ASP F 87 -1.35 7.51 37.78
N GLN F 88 -1.73 6.22 37.64
CA GLN F 88 -1.56 5.29 38.74
C GLN F 88 -0.09 4.95 38.99
N GLN F 89 0.73 4.98 37.95
CA GLN F 89 2.17 4.80 38.13
C GLN F 89 2.78 5.96 38.91
N LEU F 90 2.33 7.19 38.62
CA LEU F 90 2.79 8.34 39.38
C LEU F 90 2.37 8.27 40.84
N LEU F 91 1.13 7.83 41.11
CA LEU F 91 0.71 7.65 42.50
C LEU F 91 1.48 6.52 43.20
N GLY F 92 1.74 5.43 42.50
CA GLY F 92 2.49 4.32 43.06
C GLY F 92 3.94 4.67 43.36
N ILE F 93 4.54 5.48 42.49
CA ILE F 93 5.91 5.96 42.71
C ILE F 93 5.93 6.93 43.88
N TRP F 94 4.90 7.78 44.00
CA TRP F 94 4.87 8.80 45.04
C TRP F 94 4.65 8.25 46.46
N GLY F 95 4.47 6.94 46.61
CA GLY F 95 4.26 6.38 47.92
C GLY F 95 2.81 6.24 48.29
N CYS F 96 2.03 7.31 48.09
CA CYS F 96 0.61 7.25 48.40
C CYS F 96 -0.16 6.70 47.19
N SER F 97 -0.66 5.47 47.33
CA SER F 97 -1.27 4.78 46.20
C SER F 97 -2.63 4.24 46.61
N GLY F 98 -3.63 4.52 45.79
CA GLY F 98 -4.98 4.07 46.07
C GLY F 98 -5.72 4.89 47.10
N LYS F 99 -5.12 5.98 47.56
CA LYS F 99 -5.71 6.81 48.60
C LYS F 99 -6.08 8.16 47.98
N LEU F 100 -7.32 8.59 48.20
CA LEU F 100 -7.77 9.87 47.69
C LEU F 100 -7.05 11.02 48.38
N ILE F 101 -7.00 10.99 49.71
CA ILE F 101 -6.36 12.09 50.42
C ILE F 101 -5.07 11.47 50.96
N CYS F 102 -4.01 11.49 50.17
CA CYS F 102 -2.82 10.72 50.52
C CYS F 102 -1.69 11.61 51.04
N CYS F 103 -1.92 12.23 52.20
CA CYS F 103 -1.09 13.26 52.79
C CYS F 103 0.37 12.87 53.04
N THR F 104 1.28 13.49 52.29
CA THR F 104 2.72 13.32 52.44
C THR F 104 3.36 14.49 53.19
N ASN F 105 4.69 14.55 53.22
CA ASN F 105 5.39 15.50 54.08
C ASN F 105 6.52 16.28 53.41
N VAL F 106 6.27 16.87 52.23
CA VAL F 106 7.26 17.70 51.54
C VAL F 106 7.03 19.17 51.86
N PRO F 107 8.02 19.89 52.38
CA PRO F 107 7.78 21.25 52.91
C PRO F 107 7.41 22.29 51.85
N TRP F 108 6.74 23.35 52.30
CA TRP F 108 6.42 24.50 51.46
C TRP F 108 7.42 25.63 51.65
N ASN F 109 7.09 26.77 51.02
CA ASN F 109 7.70 28.07 51.22
C ASN F 109 6.73 29.12 50.68
N SER F 110 7.26 30.34 50.46
CA SER F 110 6.45 31.36 49.80
C SER F 110 6.58 31.28 48.28
N SER F 111 7.57 30.53 47.79
CA SER F 111 7.83 30.48 46.36
C SER F 111 6.78 29.63 45.62
N TRP F 112 6.54 28.41 46.10
CA TRP F 112 5.45 27.60 45.56
C TRP F 112 4.13 27.96 46.26
N SER F 113 3.67 29.18 45.97
CA SER F 113 2.50 29.88 46.48
C SER F 113 2.64 30.24 47.96
N ASN F 114 2.10 31.40 48.34
CA ASN F 114 2.10 31.84 49.73
C ASN F 114 0.69 32.11 50.22
N ARG F 115 -0.33 31.82 49.41
CA ARG F 115 -1.71 32.07 49.77
C ARG F 115 -2.17 31.13 50.86
N ASN F 116 -2.66 31.70 51.96
CA ASN F 116 -2.98 30.91 53.14
C ASN F 116 -4.32 30.21 52.99
N LEU F 117 -4.58 29.25 53.88
CA LEU F 117 -5.75 28.38 53.79
C LEU F 117 -7.04 29.09 54.18
N SER F 118 -6.94 30.31 54.69
CA SER F 118 -8.12 31.08 55.09
C SER F 118 -8.88 31.60 53.86
N GLU F 119 -8.24 31.64 52.70
CA GLU F 119 -8.89 32.09 51.48
C GLU F 119 -8.96 31.01 50.40
N ILE F 120 -8.03 30.05 50.40
CA ILE F 120 -7.99 29.10 49.29
C ILE F 120 -8.83 27.86 49.59
N TRP F 121 -9.44 27.80 50.76
CA TRP F 121 -10.55 26.86 50.99
C TRP F 121 -11.77 27.48 51.64
N ASP F 122 -12.01 28.76 51.37
CA ASP F 122 -13.29 29.36 51.71
C ASP F 122 -13.90 30.00 50.46
N ASN F 123 -13.06 30.41 49.51
CA ASN F 123 -13.56 31.09 48.32
C ASN F 123 -13.09 30.47 47.00
N MET F 124 -11.83 30.06 46.94
CA MET F 124 -11.17 29.84 45.66
C MET F 124 -11.35 28.40 45.19
N THR F 125 -11.41 28.20 43.87
CA THR F 125 -11.76 26.91 43.29
C THR F 125 -10.53 26.12 42.88
N TRP F 126 -10.76 24.91 42.34
CA TRP F 126 -9.67 24.09 41.82
C TRP F 126 -9.14 24.64 40.50
N LEU F 127 -10.02 25.14 39.65
CA LEU F 127 -9.65 25.60 38.31
C LEU F 127 -8.74 26.82 38.38
N GLN F 128 -9.05 27.75 39.29
CA GLN F 128 -8.19 28.93 39.47
C GLN F 128 -6.90 28.55 40.19
N TRP F 129 -6.93 27.49 41.00
CA TRP F 129 -5.73 27.06 41.72
C TRP F 129 -4.75 26.38 40.77
N ASP F 130 -5.27 25.73 39.73
CA ASP F 130 -4.41 25.12 38.73
C ASP F 130 -3.66 26.19 37.94
N LYS F 131 -4.27 27.34 37.75
CA LYS F 131 -3.68 28.46 37.00
C LYS F 131 -2.43 29.03 37.67
N GLU F 132 -2.44 29.16 39.00
CA GLU F 132 -1.36 29.85 39.68
C GLU F 132 -0.22 28.92 40.09
N ILE F 133 -0.34 27.64 39.75
CA ILE F 133 0.65 26.64 40.15
C ILE F 133 1.21 26.03 38.85
N SER F 134 0.67 26.50 37.71
CA SER F 134 0.81 25.81 36.43
C SER F 134 2.26 25.67 35.97
N ASN F 135 3.08 26.71 36.19
CA ASN F 135 4.51 26.61 35.90
C ASN F 135 5.35 26.31 37.14
N TYR F 136 4.73 25.82 38.22
CA TYR F 136 5.44 25.43 39.43
C TYR F 136 5.28 23.97 39.82
N THR F 137 4.51 23.15 39.09
CA THR F 137 4.21 21.80 39.54
C THR F 137 5.40 20.86 39.37
N GLN F 138 6.30 21.18 38.45
CA GLN F 138 7.31 20.22 38.00
C GLN F 138 8.33 19.89 39.08
N ILE F 139 8.78 20.91 39.82
CA ILE F 139 9.80 20.69 40.85
C ILE F 139 9.17 19.98 42.05
N ILE F 140 7.89 20.29 42.33
CA ILE F 140 7.17 19.62 43.41
C ILE F 140 6.96 18.14 43.08
N TYR F 141 6.63 17.84 41.81
CA TYR F 141 6.64 16.47 41.30
C TYR F 141 8.01 15.81 41.45
N GLY F 142 9.06 16.59 41.22
CA GLY F 142 10.42 16.16 41.49
C GLY F 142 10.75 16.05 42.97
N LEU F 143 10.21 16.96 43.79
CA LEU F 143 10.46 16.93 45.23
C LEU F 143 9.75 15.77 45.91
N LEU F 144 8.74 15.21 45.23
CA LEU F 144 8.03 14.05 45.75
C LEU F 144 8.78 12.75 45.48
N GLU F 145 9.96 12.82 44.88
CA GLU F 145 10.78 11.64 44.60
C GLU F 145 11.68 11.36 45.82
N GLU F 146 11.03 11.08 46.95
CA GLU F 146 11.74 10.69 48.16
C GLU F 146 11.14 9.46 48.83
N SER F 147 10.00 8.96 48.36
CA SER F 147 9.31 7.82 48.96
C SER F 147 10.19 6.58 48.88
N GLN F 148 10.90 6.42 47.76
CA GLN F 148 11.85 5.33 47.58
C GLN F 148 13.02 5.42 48.55
N ASN F 149 13.44 6.64 48.88
CA ASN F 149 14.58 6.81 49.77
C ASN F 149 14.18 6.51 51.21
N GLN F 150 12.98 6.94 51.60
CA GLN F 150 12.48 6.56 52.93
C GLN F 150 11.51 5.37 52.88
N GLN F 151 11.71 4.44 51.94
CA GLN F 151 11.20 3.08 52.16
C GLN F 151 12.33 2.06 52.04
N GLU F 152 13.51 2.50 51.62
CA GLU F 152 14.69 1.65 51.71
C GLU F 152 15.30 1.76 53.10
N LYS F 153 14.91 2.79 53.86
CA LYS F 153 15.43 2.94 55.21
C LYS F 153 14.42 2.50 56.26
N ASN F 154 13.13 2.50 55.94
CA ASN F 154 12.13 1.98 56.86
C ASN F 154 11.89 0.48 56.71
N GLU F 155 12.20 -0.10 55.54
CA GLU F 155 12.05 -1.54 55.36
C GLU F 155 13.38 -2.25 55.14
N GLN F 156 14.20 -1.81 54.18
CA GLN F 156 15.42 -2.55 53.88
C GLN F 156 16.48 -2.35 54.97
N ASP F 157 16.54 -1.14 55.54
CA ASP F 157 17.53 -0.88 56.58
C ASP F 157 17.03 -1.27 57.97
N LEU F 158 15.90 -0.71 58.40
CA LEU F 158 15.30 -1.09 59.69
C LEU F 158 14.56 -2.42 59.56
N LEU F 159 13.86 -2.79 60.64
CA LEU F 159 13.18 -4.08 60.82
C LEU F 159 14.15 -5.25 60.64
N ALA F 160 15.38 -5.09 61.12
CA ALA F 160 16.38 -6.15 61.05
C ALA F 160 16.63 -6.65 62.47
N LEU F 161 15.88 -7.70 62.83
CA LEU F 161 15.84 -8.29 64.19
C LEU F 161 15.52 -7.25 65.26
N TYR G 21 -21.25 48.93 -20.68
CA TYR G 21 -20.59 50.15 -20.21
C TYR G 21 -19.33 50.41 -21.02
N GLU G 22 -18.73 51.60 -20.82
CA GLU G 22 -17.56 51.97 -21.59
C GLU G 22 -16.38 52.33 -20.69
N LEU G 23 -16.67 52.80 -19.47
CA LEU G 23 -15.68 53.15 -18.44
C LEU G 23 -14.71 54.23 -18.94
N THR G 24 -15.28 55.42 -19.13
CA THR G 24 -14.57 56.53 -19.75
C THR G 24 -13.40 57.00 -18.89
N GLN G 25 -12.27 57.25 -19.54
CA GLN G 25 -11.03 57.69 -18.92
C GLN G 25 -10.47 58.83 -19.75
N PRO G 26 -9.67 59.72 -19.14
CA PRO G 26 -8.94 60.70 -19.93
C PRO G 26 -7.89 60.02 -20.79
N PRO G 27 -7.60 60.58 -21.98
CA PRO G 27 -6.64 59.92 -22.89
C PRO G 27 -5.20 60.00 -22.39
N SER G 28 -4.77 61.17 -21.95
CA SER G 28 -3.39 61.35 -21.49
C SER G 28 -3.36 62.44 -20.43
N VAL G 29 -2.44 62.28 -19.49
CA VAL G 29 -2.23 63.23 -18.41
C VAL G 29 -0.76 63.62 -18.38
N SER G 30 -0.48 64.92 -18.45
CA SER G 30 0.89 65.43 -18.45
C SER G 30 1.10 66.30 -17.23
N VAL G 31 2.19 66.05 -16.50
CA VAL G 31 2.50 66.79 -15.29
C VAL G 31 4.02 66.83 -15.12
N SER G 32 4.52 67.95 -14.62
CA SER G 32 5.94 68.10 -14.32
C SER G 32 6.32 67.21 -13.14
N PRO G 33 7.59 66.78 -13.06
CA PRO G 33 8.02 65.98 -11.90
C PRO G 33 7.97 66.76 -10.59
N GLY G 34 7.62 66.06 -9.52
CA GLY G 34 7.62 66.63 -8.19
C GLY G 34 6.28 66.84 -7.53
N GLN G 35 5.18 66.84 -8.30
CA GLN G 35 3.86 67.10 -7.74
C GLN G 35 2.86 66.01 -8.14
N THR G 36 1.60 66.27 -7.81
CA THR G 36 0.53 65.29 -7.84
C THR G 36 0.00 65.04 -9.25
N ALA G 37 -0.79 63.97 -9.36
CA ALA G 37 -1.46 63.59 -10.60
C ALA G 37 -2.68 62.75 -10.26
N THR G 38 -3.83 63.07 -10.86
CA THR G 38 -5.07 62.36 -10.60
C THR G 38 -5.61 61.75 -11.89
N ILE G 39 -6.08 60.51 -11.80
CA ILE G 39 -6.71 59.80 -12.91
C ILE G 39 -8.11 59.40 -12.48
N THR G 40 -9.11 59.77 -13.25
CA THR G 40 -10.51 59.52 -12.92
C THR G 40 -11.07 58.42 -13.81
N CYS G 41 -11.66 57.40 -13.18
CA CYS G 41 -12.36 56.33 -13.88
C CYS G 41 -13.84 56.42 -13.50
N SER G 42 -14.68 56.74 -14.48
CA SER G 42 -16.07 57.06 -14.23
C SER G 42 -16.99 55.94 -14.73
N GLY G 43 -18.25 56.02 -14.33
CA GLY G 43 -19.27 55.06 -14.74
C GLY G 43 -19.10 53.66 -14.18
N ALA G 44 -18.78 53.53 -12.90
CA ALA G 44 -18.59 52.24 -12.25
C ALA G 44 -19.48 52.17 -11.01
N SER G 45 -20.50 51.32 -11.04
CA SER G 45 -21.36 51.15 -9.88
C SER G 45 -20.79 50.14 -8.90
N THR G 46 -19.72 49.46 -9.29
CA THR G 46 -19.14 48.34 -8.56
C THR G 46 -17.66 48.65 -8.29
N ASN G 47 -17.13 48.11 -7.19
CA ASN G 47 -15.78 48.39 -6.69
C ASN G 47 -14.72 48.13 -7.75
N VAL G 48 -13.77 49.05 -7.86
CA VAL G 48 -12.85 49.11 -8.98
C VAL G 48 -11.49 48.55 -8.59
N CYS G 49 -10.66 48.32 -9.60
CA CYS G 49 -9.27 47.94 -9.43
C CYS G 49 -8.43 48.75 -10.42
N TRP G 50 -7.12 48.78 -10.18
CA TRP G 50 -6.20 49.51 -11.04
C TRP G 50 -5.00 48.65 -11.41
N TYR G 51 -4.60 48.76 -12.67
CA TYR G 51 -3.40 48.11 -13.18
C TYR G 51 -2.50 49.15 -13.83
N GLN G 52 -1.20 48.89 -13.82
CA GLN G 52 -0.23 49.68 -14.57
C GLN G 52 0.54 48.76 -15.51
N VAL G 53 0.81 49.24 -16.72
CA VAL G 53 1.55 48.48 -17.73
C VAL G 53 2.74 49.31 -18.18
N LYS G 54 3.85 48.62 -18.46
CA LYS G 54 5.02 49.25 -19.03
C LYS G 54 5.46 48.47 -20.27
N PRO G 55 6.06 49.14 -21.28
CA PRO G 55 6.48 48.44 -22.50
C PRO G 55 7.61 47.46 -22.26
N GLY G 56 7.33 46.17 -22.45
CA GLY G 56 8.31 45.13 -22.24
C GLY G 56 8.22 44.39 -20.92
N GLN G 57 7.32 44.79 -20.03
CA GLN G 57 7.18 44.18 -18.72
C GLN G 57 5.74 43.75 -18.49
N SER G 58 5.56 42.81 -17.57
CA SER G 58 4.23 42.32 -17.23
C SER G 58 3.45 43.38 -16.46
N PRO G 59 2.13 43.42 -16.61
CA PRO G 59 1.32 44.33 -15.80
C PRO G 59 1.32 43.93 -14.34
N GLU G 60 1.22 44.93 -13.48
CA GLU G 60 1.23 44.74 -12.03
C GLU G 60 0.03 45.45 -11.43
N VAL G 61 -0.68 44.76 -10.54
CA VAL G 61 -1.79 45.36 -9.81
C VAL G 61 -1.21 46.36 -8.80
N VAL G 62 -1.90 47.47 -8.61
CA VAL G 62 -1.43 48.54 -7.73
C VAL G 62 -2.44 48.86 -6.63
N ILE G 63 -3.74 48.93 -6.96
CA ILE G 63 -4.80 49.28 -6.01
C ILE G 63 -5.95 48.34 -6.33
N PHE G 64 -6.15 47.32 -5.50
CA PHE G 64 -7.04 46.23 -5.85
C PHE G 64 -8.49 46.42 -5.41
N GLU G 65 -8.76 47.45 -4.62
CA GLU G 65 -10.12 47.86 -4.26
C GLU G 65 -10.16 49.38 -4.34
N ASN G 66 -11.11 49.99 -3.63
CA ASN G 66 -11.25 51.44 -3.67
C ASN G 66 -10.03 52.15 -3.09
N TYR G 67 -9.44 51.63 -2.02
CA TYR G 67 -8.31 52.31 -1.40
C TYR G 67 -7.15 51.39 -1.04
N LYS G 68 -7.41 50.08 -0.92
CA LYS G 68 -6.41 49.16 -0.38
C LYS G 68 -5.28 48.92 -1.38
N ARG G 69 -4.21 48.33 -0.87
CA ARG G 69 -2.96 48.19 -1.60
C ARG G 69 -2.27 46.91 -1.16
N PRO G 70 -1.71 46.14 -2.10
CA PRO G 70 -0.96 44.94 -1.73
C PRO G 70 0.43 45.30 -1.21
N SER G 71 1.08 44.30 -0.61
CA SER G 71 2.42 44.48 -0.10
C SER G 71 3.42 44.60 -1.24
N GLY G 72 4.43 45.45 -1.03
CA GLY G 72 5.40 45.73 -2.07
C GLY G 72 5.06 46.90 -2.95
N ILE G 73 4.10 47.73 -2.55
CA ILE G 73 3.67 48.91 -3.29
C ILE G 73 4.10 50.13 -2.48
N PRO G 74 4.65 51.16 -3.10
CA PRO G 74 5.11 52.34 -2.34
C PRO G 74 3.96 53.12 -1.71
N ASP G 75 4.33 54.04 -0.81
CA ASP G 75 3.37 54.85 -0.08
C ASP G 75 2.64 55.81 -1.01
N ARG G 76 3.27 56.20 -2.13
CA ARG G 76 2.81 57.22 -3.06
C ARG G 76 1.51 56.87 -3.77
N PHE G 77 1.09 55.61 -3.73
CA PHE G 77 -0.04 55.10 -4.49
C PHE G 77 -1.26 55.03 -3.58
N SER G 78 -2.32 55.76 -3.93
CA SER G 78 -3.55 55.73 -3.15
C SER G 78 -4.71 56.16 -4.03
N GLY G 79 -5.93 55.88 -3.56
CA GLY G 79 -7.14 56.23 -4.29
C GLY G 79 -8.37 56.14 -3.42
N SER G 80 -9.49 56.62 -3.97
CA SER G 80 -10.76 56.64 -3.27
C SER G 80 -11.90 56.69 -4.30
N LYS G 81 -13.11 56.41 -3.82
CA LYS G 81 -14.31 56.47 -4.65
C LYS G 81 -15.35 57.36 -3.99
N SER G 82 -16.04 58.16 -4.81
CA SER G 82 -17.14 59.01 -4.34
C SER G 82 -18.27 58.90 -5.34
N GLY G 83 -19.32 58.16 -4.98
CA GLY G 83 -20.45 57.97 -5.86
C GLY G 83 -20.21 56.87 -6.89
N SER G 84 -20.16 57.24 -8.17
CA SER G 84 -19.92 56.30 -9.25
C SER G 84 -18.63 56.60 -10.00
N THR G 85 -17.82 57.53 -9.53
CA THR G 85 -16.55 57.88 -10.14
C THR G 85 -15.41 57.50 -9.20
N ALA G 86 -14.35 56.94 -9.77
CA ALA G 86 -13.20 56.46 -8.99
C ALA G 86 -11.97 57.26 -9.38
N THR G 87 -11.26 57.76 -8.37
CA THR G 87 -10.05 58.55 -8.57
C THR G 87 -8.86 57.88 -7.92
N LEU G 88 -7.71 57.93 -8.61
CA LEU G 88 -6.44 57.48 -8.06
C LEU G 88 -5.57 58.72 -7.84
N THR G 89 -4.82 58.72 -6.74
CA THR G 89 -4.01 59.87 -6.36
C THR G 89 -2.53 59.52 -6.39
N ILE G 90 -1.74 60.42 -6.98
CA ILE G 90 -0.30 60.30 -7.02
C ILE G 90 0.27 61.40 -6.13
N ARG G 91 1.22 61.06 -5.27
CA ARG G 91 1.87 62.09 -4.47
C ARG G 91 3.03 62.73 -5.23
N GLY G 92 3.90 61.90 -5.80
CA GLY G 92 5.02 62.40 -6.58
C GLY G 92 5.20 61.67 -7.89
N THR G 93 5.57 62.38 -8.95
CA THR G 93 5.85 61.73 -10.22
C THR G 93 7.36 61.69 -10.48
N GLN G 94 7.87 60.50 -10.80
CA GLN G 94 9.28 60.31 -11.10
C GLN G 94 9.44 59.58 -12.44
N ALA G 95 10.65 59.12 -12.74
CA ALA G 95 10.90 58.45 -14.01
C ALA G 95 10.29 57.05 -14.07
N ILE G 96 9.92 56.47 -12.92
CA ILE G 96 9.33 55.13 -12.91
C ILE G 96 7.82 55.15 -13.09
N ASP G 97 7.20 56.33 -13.12
CA ASP G 97 5.75 56.45 -13.23
C ASP G 97 5.29 56.79 -14.64
N GLU G 98 6.17 56.65 -15.63
CA GLU G 98 5.83 56.90 -17.03
C GLU G 98 5.17 55.63 -17.58
N ALA G 99 3.87 55.50 -17.38
CA ALA G 99 3.17 54.26 -17.69
C ALA G 99 1.69 54.57 -17.95
N ASP G 100 1.03 53.62 -18.57
CA ASP G 100 -0.42 53.62 -18.72
C ASP G 100 -1.08 53.09 -17.45
N TYR G 101 -2.35 53.44 -17.27
CA TYR G 101 -3.12 52.98 -16.12
C TYR G 101 -4.50 52.54 -16.58
N TYR G 102 -4.90 51.35 -16.14
CA TYR G 102 -6.15 50.73 -16.57
C TYR G 102 -7.01 50.47 -15.35
N CYS G 103 -8.28 50.89 -15.42
CA CYS G 103 -9.26 50.58 -14.39
C CYS G 103 -10.20 49.49 -14.91
N GLN G 104 -10.55 48.56 -14.04
CA GLN G 104 -11.44 47.46 -14.42
C GLN G 104 -12.51 47.31 -13.34
N VAL G 105 -13.63 46.71 -13.71
CA VAL G 105 -14.79 46.58 -12.85
C VAL G 105 -15.59 45.36 -13.29
N TRP G 106 -16.14 44.64 -12.30
CA TRP G 106 -16.95 43.47 -12.61
C TRP G 106 -18.31 43.89 -13.13
N ASP G 107 -18.80 43.15 -14.14
CA ASP G 107 -20.14 43.34 -14.67
C ASP G 107 -20.74 41.95 -14.83
N SER G 108 -22.08 41.90 -14.83
CA SER G 108 -22.78 40.62 -14.77
C SER G 108 -22.69 39.85 -16.09
N PHE G 109 -22.91 40.53 -17.21
CA PHE G 109 -22.92 39.85 -18.50
C PHE G 109 -21.50 39.52 -18.95
N SER G 110 -20.69 40.55 -19.19
CA SER G 110 -19.27 40.37 -19.42
C SER G 110 -18.56 40.53 -18.08
N THR G 111 -17.81 39.49 -17.68
CA THR G 111 -17.33 39.37 -16.31
C THR G 111 -16.33 40.46 -15.93
N PHE G 112 -15.42 40.82 -16.82
CA PHE G 112 -14.48 41.89 -16.54
C PHE G 112 -14.53 42.91 -17.67
N VAL G 113 -14.73 44.17 -17.30
CA VAL G 113 -14.79 45.27 -18.26
C VAL G 113 -13.66 46.24 -17.92
N PHE G 114 -12.79 46.49 -18.90
CA PHE G 114 -11.61 47.32 -18.71
C PHE G 114 -11.82 48.70 -19.32
N GLY G 115 -10.94 49.64 -18.95
CA GLY G 115 -11.02 51.00 -19.43
C GLY G 115 -10.27 51.21 -20.73
N SER G 116 -10.16 52.48 -21.12
CA SER G 116 -9.49 52.80 -22.37
C SER G 116 -7.99 52.95 -22.18
N GLY G 117 -7.57 53.79 -21.24
CA GLY G 117 -6.13 53.96 -20.99
C GLY G 117 -5.74 55.42 -20.86
N THR G 118 -4.97 55.71 -19.81
CA THR G 118 -4.48 57.05 -19.55
C THR G 118 -2.97 57.01 -19.38
N GLN G 119 -2.27 57.81 -20.19
CA GLN G 119 -0.83 57.93 -20.15
C GLN G 119 -0.42 59.00 -19.15
N VAL G 120 0.60 58.70 -18.35
CA VAL G 120 1.19 59.65 -17.41
C VAL G 120 2.60 59.95 -17.88
N THR G 121 2.89 61.23 -18.13
CA THR G 121 4.18 61.65 -18.63
C THR G 121 4.85 62.59 -17.63
N VAL G 122 6.17 62.53 -17.59
CA VAL G 122 6.98 63.40 -16.75
C VAL G 122 7.84 64.28 -17.65
N LEU G 123 8.01 65.54 -17.24
CA LEU G 123 8.72 66.52 -18.05
C LEU G 123 10.16 66.61 -17.58
N GLY G 124 10.99 65.66 -18.04
CA GLY G 124 12.41 65.68 -17.71
C GLY G 124 13.16 66.72 -18.53
N GLN G 125 12.74 66.95 -19.77
CA GLN G 125 13.37 67.93 -20.64
C GLN G 125 12.32 68.91 -21.15
N PRO G 126 12.70 70.16 -21.41
CA PRO G 126 11.71 71.18 -21.76
C PRO G 126 11.22 71.04 -23.21
N LYS G 127 10.37 71.99 -23.59
CA LYS G 127 9.70 71.98 -24.88
C LYS G 127 10.68 72.31 -26.00
N ALA G 128 10.65 71.51 -27.07
CA ALA G 128 11.44 71.74 -28.27
C ALA G 128 10.53 71.74 -29.49
N ASN G 129 10.86 72.60 -30.46
CA ASN G 129 10.11 72.85 -31.68
C ASN G 129 10.40 71.76 -32.72
N PRO G 130 9.36 71.28 -33.41
CA PRO G 130 9.55 70.19 -34.37
C PRO G 130 10.22 70.64 -35.66
N THR G 131 10.81 69.68 -36.35
CA THR G 131 11.42 69.89 -37.66
C THR G 131 10.76 68.95 -38.67
N VAL G 132 10.28 69.52 -39.78
CA VAL G 132 9.59 68.77 -40.82
C VAL G 132 10.25 69.07 -42.16
N THR G 133 10.36 68.03 -43.00
CA THR G 133 10.90 68.14 -44.35
C THR G 133 9.96 67.47 -45.33
N LEU G 134 10.02 67.90 -46.59
CA LEU G 134 9.24 67.33 -47.66
C LEU G 134 10.15 67.01 -48.84
N PHE G 135 9.91 65.88 -49.48
CA PHE G 135 10.69 65.46 -50.63
C PHE G 135 9.77 64.94 -51.71
N PRO G 136 10.04 65.25 -52.97
CA PRO G 136 9.24 64.69 -54.07
C PRO G 136 9.86 63.40 -54.59
N PRO G 137 9.04 62.47 -55.05
CA PRO G 137 9.56 61.22 -55.60
C PRO G 137 9.93 61.39 -57.07
N SER G 138 10.33 60.27 -57.68
CA SER G 138 10.70 60.26 -59.09
C SER G 138 9.46 60.30 -59.98
N ALA G 147 5.72 56.52 -56.82
CA ALA G 147 4.94 57.75 -56.69
C ALA G 147 4.27 57.84 -55.33
N THR G 148 5.08 58.00 -54.29
CA THR G 148 4.60 58.11 -52.92
C THR G 148 5.16 59.38 -52.30
N LEU G 149 4.40 59.99 -51.40
CA LEU G 149 4.77 61.24 -50.76
C LEU G 149 5.25 60.97 -49.34
N VAL G 150 6.27 61.72 -48.91
CA VAL G 150 6.87 61.55 -47.59
C VAL G 150 6.79 62.88 -46.84
N CYS G 151 6.38 62.81 -45.58
CA CYS G 151 6.57 63.89 -44.62
C CYS G 151 7.39 63.36 -43.44
N LEU G 152 8.53 63.98 -43.21
CA LEU G 152 9.51 63.45 -42.27
C LEU G 152 9.63 64.43 -41.10
N ILE G 153 9.16 63.99 -39.94
CA ILE G 153 9.03 64.86 -38.77
C ILE G 153 9.98 64.36 -37.70
N SER G 154 10.76 65.27 -37.12
CA SER G 154 11.71 64.85 -36.10
C SER G 154 11.87 65.97 -35.08
N ASP G 155 12.55 65.63 -33.98
CA ASP G 155 13.01 66.57 -32.95
C ASP G 155 11.85 67.35 -32.31
N PHE G 156 11.00 66.60 -31.61
CA PHE G 156 9.95 67.25 -30.83
C PHE G 156 9.67 66.48 -29.55
N TYR G 157 9.09 67.19 -28.58
CA TYR G 157 8.68 66.62 -27.30
C TYR G 157 7.60 67.49 -26.72
N PRO G 158 6.53 66.91 -26.15
CA PRO G 158 6.26 65.48 -25.99
C PRO G 158 5.67 64.83 -27.24
N GLY G 159 5.16 63.61 -27.13
CA GLY G 159 4.66 62.87 -28.26
C GLY G 159 3.29 63.22 -28.75
N ALA G 160 2.62 64.19 -28.13
CA ALA G 160 1.30 64.63 -28.58
C ALA G 160 1.46 65.42 -29.87
N VAL G 161 1.17 64.77 -30.99
CA VAL G 161 1.34 65.36 -32.31
C VAL G 161 0.23 64.83 -33.22
N THR G 162 -0.27 65.70 -34.10
CA THR G 162 -1.26 65.34 -35.10
C THR G 162 -0.80 65.85 -36.46
N VAL G 163 -0.99 65.02 -37.49
CA VAL G 163 -0.54 65.34 -38.85
C VAL G 163 -1.77 65.39 -39.75
N ALA G 164 -1.88 66.47 -40.52
CA ALA G 164 -2.93 66.63 -41.51
C ALA G 164 -2.30 67.02 -42.84
N TRP G 165 -2.99 66.72 -43.92
CA TRP G 165 -2.49 67.00 -45.26
C TRP G 165 -3.42 67.97 -45.96
N LYS G 166 -2.85 68.78 -46.85
CA LYS G 166 -3.58 69.80 -47.59
C LYS G 166 -3.21 69.74 -49.06
N ALA G 167 -4.22 69.73 -49.91
CA ALA G 167 -4.01 69.74 -51.35
C ALA G 167 -4.79 70.88 -52.00
N SER G 170 -8.42 71.95 -50.35
CA SER G 170 -8.90 70.58 -50.49
C SER G 170 -8.09 69.61 -49.62
N PRO G 171 -8.45 69.50 -48.35
CA PRO G 171 -7.82 68.48 -47.50
C PRO G 171 -8.26 67.08 -47.91
N VAL G 172 -7.33 66.14 -47.76
CA VAL G 172 -7.52 64.76 -48.23
C VAL G 172 -7.77 63.87 -47.01
N LYS G 173 -8.67 62.91 -47.15
CA LYS G 173 -9.02 61.98 -46.08
C LYS G 173 -8.69 60.53 -46.42
N ALA G 174 -8.08 60.28 -47.58
CA ALA G 174 -7.92 58.92 -48.09
C ALA G 174 -6.45 58.54 -48.19
N GLY G 175 -6.15 57.30 -47.80
CA GLY G 175 -4.83 56.70 -48.01
C GLY G 175 -3.70 57.33 -47.23
N VAL G 176 -3.97 57.82 -46.02
CA VAL G 176 -2.96 58.44 -45.18
C VAL G 176 -2.65 57.50 -44.01
N GLU G 177 -1.36 57.34 -43.71
CA GLU G 177 -0.90 56.52 -42.60
C GLU G 177 -0.01 57.36 -41.70
N THR G 178 -0.18 57.20 -40.39
CA THR G 178 0.52 58.00 -39.40
C THR G 178 1.42 57.11 -38.56
N THR G 179 2.68 57.51 -38.44
CA THR G 179 3.63 56.77 -37.63
C THR G 179 3.49 57.15 -36.17
N THR G 180 3.41 56.14 -35.30
CA THR G 180 3.40 56.40 -33.86
C THR G 180 4.75 56.96 -33.41
N PRO G 181 4.76 57.87 -32.44
CA PRO G 181 6.03 58.40 -31.94
C PRO G 181 6.84 57.36 -31.17
N SER G 182 8.16 57.51 -31.23
CA SER G 182 9.07 56.60 -30.56
C SER G 182 10.31 57.37 -30.14
N LYS G 183 11.04 56.81 -29.19
CA LYS G 183 12.24 57.43 -28.64
C LYS G 183 13.47 56.85 -29.32
N GLN G 184 14.40 57.72 -29.71
CA GLN G 184 15.61 57.34 -30.43
C GLN G 184 16.84 57.70 -29.60
N SER G 185 18.01 57.56 -30.22
CA SER G 185 19.28 57.81 -29.54
C SER G 185 19.48 59.29 -29.23
N ASN G 186 18.80 60.18 -29.96
CA ASN G 186 18.80 61.61 -29.67
C ASN G 186 17.74 62.01 -28.65
N ASN G 187 17.24 61.05 -27.86
CA ASN G 187 16.26 61.08 -26.76
C ASN G 187 15.08 62.02 -26.99
N LYS G 188 14.64 62.15 -28.24
CA LYS G 188 13.64 63.14 -28.61
C LYS G 188 12.78 62.46 -29.68
N TYR G 189 11.46 62.63 -29.60
CA TYR G 189 10.56 61.80 -30.41
C TYR G 189 10.48 62.27 -31.86
N ALA G 190 10.04 61.35 -32.72
CA ALA G 190 9.95 61.56 -34.16
C ALA G 190 8.75 60.78 -34.71
N ALA G 191 8.28 61.20 -35.90
CA ALA G 191 7.13 60.58 -36.55
C ALA G 191 7.20 60.81 -38.07
N SER G 192 6.27 60.19 -38.80
CA SER G 192 6.23 60.32 -40.24
C SER G 192 4.81 60.07 -40.75
N SER G 193 4.56 60.51 -41.99
CA SER G 193 3.28 60.33 -42.66
C SER G 193 3.50 59.99 -44.13
N TYR G 194 2.86 58.92 -44.59
CA TYR G 194 3.00 58.44 -45.97
C TYR G 194 1.66 58.50 -46.68
N LEU G 195 1.67 58.95 -47.94
CA LEU G 195 0.49 58.98 -48.78
C LEU G 195 0.92 58.81 -50.22
N SER G 196 0.12 58.06 -50.99
CA SER G 196 0.44 57.75 -52.38
C SER G 196 -0.58 58.42 -53.30
N LEU G 197 -0.12 58.86 -54.46
CA LEU G 197 -0.96 59.40 -55.51
C LEU G 197 -0.72 58.64 -56.80
N THR G 198 -1.74 58.51 -57.63
CA THR G 198 -1.54 57.92 -58.95
C THR G 198 -0.85 58.93 -59.86
N PRO G 199 0.07 58.47 -60.73
CA PRO G 199 0.73 59.38 -61.68
C PRO G 199 -0.14 59.68 -62.90
N GLN G 201 -2.60 62.19 -60.81
CA GLN G 201 -3.18 63.50 -60.57
C GLN G 201 -2.19 64.50 -59.96
N TRP G 202 -0.93 64.37 -60.36
CA TRP G 202 0.11 65.36 -60.07
C TRP G 202 -0.21 66.72 -60.69
N SER G 204 -3.29 67.10 -61.61
CA SER G 204 -4.47 67.97 -61.51
C SER G 204 -4.20 69.14 -60.54
N HIS G 205 -4.02 68.80 -59.27
CA HIS G 205 -3.79 69.80 -58.24
C HIS G 205 -2.38 70.38 -58.37
N ARG G 206 -2.27 71.71 -58.24
CA ARG G 206 -1.00 72.42 -58.41
C ARG G 206 -0.34 72.82 -57.08
N SER G 207 -0.93 72.49 -55.93
CA SER G 207 -0.36 72.85 -54.64
C SER G 207 -0.61 71.75 -53.61
N TYR G 208 0.48 71.28 -52.99
CA TYR G 208 0.46 70.23 -51.99
C TYR G 208 1.09 70.74 -50.71
N SER G 209 0.42 70.53 -49.59
CA SER G 209 0.90 71.04 -48.30
C SER G 209 0.80 69.97 -47.23
N CYS G 210 1.80 69.93 -46.36
CA CYS G 210 1.85 68.98 -45.25
C CYS G 210 1.87 69.76 -43.94
N GLN G 211 0.93 69.43 -43.06
CA GLN G 211 0.70 70.20 -41.84
C GLN G 211 1.01 69.34 -40.62
N VAL G 212 1.66 69.95 -39.63
CA VAL G 212 1.99 69.29 -38.37
C VAL G 212 1.54 70.20 -37.23
N THR G 213 0.94 69.60 -36.20
CA THR G 213 0.47 70.32 -35.03
C THR G 213 1.08 69.70 -33.78
N HIS G 214 1.77 70.52 -32.99
CA HIS G 214 2.40 70.07 -31.75
C HIS G 214 1.93 70.99 -30.63
N GLU G 215 0.89 70.53 -29.90
CA GLU G 215 0.18 71.19 -28.81
C GLU G 215 -0.14 72.67 -29.03
N GLY G 216 -0.46 73.04 -30.27
CA GLY G 216 -0.78 74.42 -30.56
C GLY G 216 0.14 75.06 -31.57
N SER G 217 1.39 74.60 -31.60
CA SER G 217 2.36 75.11 -32.58
C SER G 217 2.01 74.58 -33.96
N THR G 218 1.94 75.49 -34.93
CA THR G 218 1.60 75.16 -36.31
C THR G 218 2.78 75.48 -37.20
N VAL G 219 3.29 74.48 -37.91
CA VAL G 219 4.40 74.63 -38.84
C VAL G 219 3.96 74.03 -40.17
N GLU G 220 4.04 74.81 -41.24
CA GLU G 220 3.55 74.42 -42.55
C GLU G 220 4.68 74.48 -43.56
N LYS G 221 4.93 73.38 -44.26
CA LYS G 221 5.93 73.32 -45.31
C LYS G 221 5.34 72.67 -46.55
N THR G 222 5.53 73.32 -47.70
CA THR G 222 5.00 72.81 -48.96
C THR G 222 6.14 72.44 -49.90
N ALA G 224 5.68 70.60 -54.05
CA ALA G 224 5.26 71.62 -55.01
C ALA G 224 5.78 71.30 -56.41
N PRO G 225 4.88 71.24 -57.40
CA PRO G 225 5.28 70.94 -58.78
C PRO G 225 5.84 72.16 -59.50
N VAL H 21 3.65 30.64 -7.30
CA VAL H 21 3.74 29.90 -8.55
C VAL H 21 4.35 30.77 -9.64
N GLN H 22 4.76 30.16 -10.73
CA GLN H 22 5.31 30.87 -11.87
C GLN H 22 4.65 30.35 -13.15
N LEU H 23 4.20 31.27 -14.00
CA LEU H 23 3.49 30.92 -15.23
C LEU H 23 4.34 31.32 -16.43
N GLN H 24 4.54 30.38 -17.35
CA GLN H 24 5.32 30.60 -18.55
C GLN H 24 4.50 30.21 -19.76
N GLU H 25 4.49 31.08 -20.77
CA GLU H 25 3.72 30.85 -21.98
C GLU H 25 4.66 30.54 -23.15
N SER H 26 4.10 29.89 -24.17
CA SER H 26 4.87 29.50 -25.33
C SER H 26 3.93 29.37 -26.53
N GLY H 27 4.44 29.69 -27.71
CA GLY H 27 3.67 29.60 -28.93
C GLY H 27 4.37 30.26 -30.09
N PRO H 28 3.84 30.09 -31.30
CA PRO H 28 4.43 30.75 -32.46
C PRO H 28 4.19 32.25 -32.44
N GLY H 29 5.16 32.99 -32.99
CA GLY H 29 5.05 34.43 -33.05
C GLY H 29 4.50 34.99 -34.34
N VAL H 30 4.49 34.17 -35.40
CA VAL H 30 3.93 34.56 -36.69
C VAL H 30 2.91 33.52 -37.11
N VAL H 31 1.66 33.94 -37.24
CA VAL H 31 0.58 33.10 -37.75
C VAL H 31 -0.08 33.82 -38.92
N LYS H 32 -0.48 33.06 -39.92
CA LYS H 32 -1.11 33.63 -41.11
C LYS H 32 -2.56 34.00 -40.81
N SER H 33 -3.12 34.82 -41.70
CA SER H 33 -4.52 35.24 -41.55
C SER H 33 -5.46 34.09 -41.87
N SER H 34 -6.62 34.11 -41.20
CA SER H 34 -7.66 33.08 -41.28
C SER H 34 -7.10 31.68 -40.97
N GLU H 35 -6.22 31.61 -39.97
CA GLU H 35 -5.60 30.37 -39.55
C GLU H 35 -5.82 30.22 -38.05
N THR H 36 -6.02 28.97 -37.61
CA THR H 36 -6.27 28.69 -36.20
C THR H 36 -5.02 28.99 -35.37
N LEU H 37 -5.16 29.87 -34.39
CA LEU H 37 -4.06 30.27 -33.52
C LEU H 37 -3.98 29.33 -32.32
N SER H 38 -2.78 29.13 -31.81
CA SER H 38 -2.55 28.26 -30.67
C SER H 38 -1.59 28.92 -29.69
N LEU H 39 -1.80 28.61 -28.41
CA LEU H 39 -0.94 29.07 -27.33
C LEU H 39 -0.97 28.02 -26.22
N THR H 40 0.06 28.04 -25.37
CA THR H 40 0.15 27.12 -24.25
C THR H 40 0.86 27.81 -23.10
N CYS H 41 0.19 27.91 -21.96
CA CYS H 41 0.76 28.48 -20.74
C CYS H 41 0.88 27.38 -19.70
N THR H 42 2.09 27.17 -19.20
CA THR H 42 2.36 26.11 -18.23
C THR H 42 2.42 26.68 -16.82
N VAL H 43 2.21 25.81 -15.84
CA VAL H 43 2.18 26.17 -14.43
C VAL H 43 3.27 25.40 -13.71
N SER H 44 4.12 26.11 -12.97
CA SER H 44 5.24 25.50 -12.28
C SER H 44 5.16 25.82 -10.79
N GLY H 45 5.48 24.83 -9.96
CA GLY H 45 5.52 25.00 -8.51
C GLY H 45 4.17 25.26 -7.87
N GLY H 46 3.14 24.51 -8.27
CA GLY H 46 1.84 24.71 -7.69
C GLY H 46 0.87 23.64 -8.15
N SER H 47 -0.42 23.93 -7.97
CA SER H 47 -1.49 23.01 -8.33
C SER H 47 -2.66 23.81 -8.87
N MET H 48 -3.57 23.11 -9.55
CA MET H 48 -4.78 23.71 -10.10
C MET H 48 -6.00 23.50 -9.21
N GLY H 49 -5.80 23.51 -7.90
CA GLY H 49 -6.92 23.37 -6.99
C GLY H 49 -7.53 24.70 -6.59
N GLY H 50 -8.77 24.93 -6.99
CA GLY H 50 -9.48 26.14 -6.63
C GLY H 50 -8.95 27.43 -7.23
N THR H 51 -8.63 27.42 -8.52
CA THR H 51 -8.17 28.62 -9.20
C THR H 51 -8.86 28.73 -10.56
N TYR H 52 -9.01 29.97 -11.04
CA TYR H 52 -9.53 30.25 -12.37
C TYR H 52 -8.37 30.70 -13.25
N TRP H 53 -7.88 29.81 -14.09
CA TRP H 53 -6.81 30.14 -15.01
C TRP H 53 -7.37 30.90 -16.21
N SER H 54 -6.92 32.13 -16.40
CA SER H 54 -7.50 33.04 -17.37
C SER H 54 -6.48 33.46 -18.40
N TRP H 55 -6.98 33.98 -19.53
CA TRP H 55 -6.15 34.50 -20.60
C TRP H 55 -6.49 35.97 -20.82
N LEU H 56 -5.45 36.79 -21.01
CA LEU H 56 -5.63 38.22 -21.14
C LEU H 56 -4.81 38.73 -22.32
N ARG H 57 -5.34 39.76 -22.98
CA ARG H 57 -4.78 40.29 -24.22
C ARG H 57 -4.62 41.80 -24.10
N LEU H 58 -3.43 42.29 -24.44
CA LEU H 58 -3.12 43.73 -24.41
C LEU H 58 -2.92 44.21 -25.83
N SER H 59 -3.88 44.97 -26.35
CA SER H 59 -3.81 45.54 -27.68
C SER H 59 -3.47 47.02 -27.62
N PRO H 60 -2.69 47.54 -28.58
CA PRO H 60 -2.37 48.98 -28.55
C PRO H 60 -3.44 49.86 -29.13
N GLY H 61 -4.33 49.34 -29.98
CA GLY H 61 -5.36 50.17 -30.59
C GLY H 61 -6.69 50.09 -29.88
N LYS H 62 -6.83 49.16 -28.94
CA LYS H 62 -8.09 48.98 -28.21
C LYS H 62 -7.88 48.75 -26.72
N GLY H 63 -6.66 48.88 -26.22
CA GLY H 63 -6.41 48.74 -24.80
C GLY H 63 -6.43 47.29 -24.34
N LEU H 64 -6.50 47.14 -23.02
CA LEU H 64 -6.57 45.82 -22.40
C LEU H 64 -7.95 45.20 -22.62
N GLU H 65 -7.94 43.89 -22.85
CA GLU H 65 -9.18 43.15 -23.07
C GLU H 65 -9.08 41.79 -22.40
N TRP H 66 -10.24 41.14 -22.25
CA TRP H 66 -10.35 39.86 -21.57
C TRP H 66 -10.78 38.78 -22.56
N ILE H 67 -10.19 37.59 -22.41
CA ILE H 67 -10.49 36.49 -23.32
C ILE H 67 -11.43 35.50 -22.63
N GLY H 68 -10.98 34.92 -21.53
CA GLY H 68 -11.81 33.97 -20.81
C GLY H 68 -10.98 33.20 -19.80
N TYR H 69 -11.69 32.59 -18.85
CA TYR H 69 -11.07 31.76 -17.83
C TYR H 69 -11.63 30.34 -17.92
N ILE H 70 -10.94 29.42 -17.25
CA ILE H 70 -11.34 28.01 -17.25
C ILE H 70 -11.05 27.43 -15.87
N PHE H 71 -11.96 26.60 -15.38
CA PHE H 71 -11.81 25.94 -14.09
C PHE H 71 -11.41 24.48 -14.34
N HIS H 72 -10.88 23.81 -13.30
CA HIS H 72 -10.25 22.50 -13.48
C HIS H 72 -11.22 21.39 -13.80
N THR H 73 -12.53 21.59 -13.65
CA THR H 73 -13.51 20.57 -13.97
C THR H 73 -13.94 20.58 -15.42
N GLY H 74 -13.33 21.42 -16.25
CA GLY H 74 -13.75 21.58 -17.63
C GLY H 74 -14.81 22.64 -17.84
N GLU H 75 -15.35 23.23 -16.78
CA GLU H 75 -16.32 24.31 -16.92
C GLU H 75 -15.61 25.58 -17.37
N THR H 76 -16.07 26.15 -18.47
CA THR H 76 -15.40 27.27 -19.11
C THR H 76 -16.30 28.51 -19.11
N ASN H 77 -15.68 29.64 -19.46
CA ASN H 77 -16.41 30.89 -19.60
C ASN H 77 -15.64 31.76 -20.58
N TYR H 78 -16.36 32.44 -21.48
CA TYR H 78 -15.74 33.25 -22.51
C TYR H 78 -16.32 34.66 -22.51
N SER H 79 -15.58 35.58 -23.09
CA SER H 79 -16.09 36.93 -23.31
C SER H 79 -17.18 36.90 -24.37
N PRO H 80 -18.23 37.70 -24.23
CA PRO H 80 -19.32 37.68 -25.23
C PRO H 80 -18.93 38.24 -26.59
N SER H 81 -17.92 39.12 -26.65
CA SER H 81 -17.53 39.69 -27.92
C SER H 81 -16.73 38.70 -28.76
N LEU H 82 -16.02 37.76 -28.13
CA LEU H 82 -15.24 36.76 -28.85
C LEU H 82 -15.87 35.38 -28.80
N LYS H 83 -17.14 35.29 -28.43
CA LYS H 83 -17.83 34.01 -28.42
C LYS H 83 -18.09 33.54 -29.85
N GLY H 84 -17.80 32.26 -30.11
CA GLY H 84 -17.97 31.66 -31.40
C GLY H 84 -16.68 31.37 -32.14
N ARG H 85 -15.55 31.92 -31.68
CA ARG H 85 -14.27 31.64 -32.29
C ARG H 85 -13.17 31.38 -31.25
N VAL H 86 -13.55 31.19 -29.99
CA VAL H 86 -12.59 30.96 -28.93
C VAL H 86 -12.91 29.63 -28.26
N SER H 87 -11.87 28.95 -27.77
CA SER H 87 -12.00 27.66 -27.10
C SER H 87 -10.78 27.45 -26.24
N ILE H 88 -10.99 27.18 -24.95
CA ILE H 88 -9.92 27.05 -23.98
C ILE H 88 -10.02 25.67 -23.34
N SER H 89 -8.92 24.92 -23.34
CA SER H 89 -8.88 23.57 -22.80
C SER H 89 -7.92 23.50 -21.62
N VAL H 90 -8.05 22.44 -20.83
CA VAL H 90 -7.21 22.21 -19.66
C VAL H 90 -6.72 20.76 -19.72
N ASP H 91 -5.50 20.55 -19.23
CA ASP H 91 -4.91 19.21 -19.16
C ASP H 91 -4.06 19.17 -17.90
N THR H 92 -4.57 18.51 -16.87
CA THR H 92 -3.89 18.44 -15.58
C THR H 92 -2.75 17.42 -15.55
N SER H 93 -2.61 16.60 -16.60
CA SER H 93 -1.54 15.61 -16.63
C SER H 93 -0.19 16.27 -16.87
N LYS H 94 -0.08 17.07 -17.94
CA LYS H 94 1.16 17.76 -18.27
C LYS H 94 1.27 19.12 -17.59
N ASN H 95 0.31 19.47 -16.73
CA ASN H 95 0.33 20.65 -15.86
C ASN H 95 0.37 21.94 -16.69
N GLN H 96 -0.63 22.08 -17.57
CA GLN H 96 -0.72 23.25 -18.43
C GLN H 96 -2.16 23.41 -18.92
N PHE H 97 -2.45 24.58 -19.46
CA PHE H 97 -3.72 24.88 -20.12
C PHE H 97 -3.43 25.70 -21.38
N SER H 98 -4.34 25.61 -22.35
CA SER H 98 -4.07 26.10 -23.69
C SER H 98 -5.25 26.91 -24.21
N LEU H 99 -4.94 27.79 -25.17
CA LEU H 99 -5.92 28.60 -25.87
C LEU H 99 -5.93 28.24 -27.35
N ARG H 100 -7.10 28.35 -27.97
CA ARG H 100 -7.22 28.26 -29.42
C ARG H 100 -8.16 29.35 -29.91
N LEU H 101 -7.75 30.06 -30.95
CA LEU H 101 -8.58 31.05 -31.62
C LEU H 101 -8.83 30.60 -33.05
N ARG H 102 -9.99 30.96 -33.58
CA ARG H 102 -10.40 30.58 -34.92
C ARG H 102 -10.69 31.81 -35.77
N SER H 103 -10.31 31.75 -37.05
CA SER H 103 -10.54 32.78 -38.05
C SER H 103 -9.97 34.14 -37.62
N VAL H 104 -8.64 34.14 -37.41
CA VAL H 104 -7.96 35.31 -36.88
C VAL H 104 -7.76 36.32 -37.98
N THR H 105 -8.28 37.53 -37.79
CA THR H 105 -8.15 38.61 -38.75
C THR H 105 -6.85 39.37 -38.51
N ALA H 106 -6.66 40.45 -39.27
CA ALA H 106 -5.46 41.26 -39.14
C ALA H 106 -5.49 42.19 -37.94
N ALA H 107 -6.65 42.37 -37.30
CA ALA H 107 -6.80 43.30 -36.19
C ALA H 107 -6.57 42.65 -34.84
N ASP H 108 -6.18 41.39 -34.80
CA ASP H 108 -5.99 40.67 -33.54
C ASP H 108 -4.54 40.60 -33.11
N THR H 109 -3.65 41.38 -33.71
CA THR H 109 -2.26 41.41 -33.27
C THR H 109 -2.17 42.15 -31.93
N ALA H 110 -1.51 41.52 -30.96
CA ALA H 110 -1.43 41.99 -29.59
C ALA H 110 -0.34 41.20 -28.87
N VAL H 111 -0.26 41.38 -27.56
CA VAL H 111 0.54 40.53 -26.69
C VAL H 111 -0.42 39.82 -25.73
N TYR H 112 -0.17 38.54 -25.47
CA TYR H 112 -1.11 37.69 -24.75
C TYR H 112 -0.49 37.24 -23.43
N PHE H 113 -1.27 37.34 -22.36
CA PHE H 113 -0.85 36.93 -21.03
C PHE H 113 -1.70 35.75 -20.56
N CYS H 114 -1.17 35.03 -19.57
CA CYS H 114 -1.93 34.04 -18.83
C CYS H 114 -1.85 34.38 -17.35
N ALA H 115 -3.00 34.36 -16.68
CA ALA H 115 -3.09 34.78 -15.28
C ALA H 115 -3.99 33.81 -14.52
N SER H 116 -4.09 34.03 -13.21
CA SER H 116 -4.88 33.17 -12.35
C SER H 116 -5.74 34.04 -11.44
N LEU H 117 -6.84 33.46 -10.99
CA LEU H 117 -7.79 34.11 -10.09
C LEU H 117 -8.13 33.18 -8.93
N PRO H 118 -8.37 33.74 -7.74
CA PRO H 118 -8.78 32.88 -6.62
C PRO H 118 -10.25 32.51 -6.74
N ARG H 119 -10.57 31.31 -6.26
CA ARG H 119 -11.95 30.82 -6.32
C ARG H 119 -12.83 31.56 -5.33
N GLY H 120 -14.04 31.90 -5.76
CA GLY H 120 -14.96 32.63 -4.92
C GLY H 120 -15.64 33.79 -5.62
N GLN H 121 -15.44 35.00 -5.10
CA GLN H 121 -16.06 36.19 -5.66
C GLN H 121 -15.19 36.78 -6.74
N LEU H 122 -15.77 37.01 -7.92
CA LEU H 122 -15.11 37.72 -9.00
C LEU H 122 -15.37 39.21 -8.97
N VAL H 123 -16.07 39.70 -7.94
CA VAL H 123 -16.46 41.10 -7.91
C VAL H 123 -15.31 41.97 -7.37
N ASN H 124 -14.50 41.42 -6.47
CA ASN H 124 -13.31 42.09 -5.97
C ASN H 124 -12.03 41.39 -6.41
N ALA H 125 -12.14 40.35 -7.22
CA ALA H 125 -10.98 39.59 -7.63
C ALA H 125 -10.15 40.36 -8.64
N TYR H 126 -8.84 40.33 -8.45
CA TYR H 126 -7.88 40.97 -9.33
C TYR H 126 -6.90 39.93 -9.86
N PHE H 127 -6.50 40.10 -11.12
CA PHE H 127 -5.60 39.15 -11.76
C PHE H 127 -4.22 39.21 -11.13
N ARG H 128 -3.69 38.05 -10.75
CA ARG H 128 -2.39 37.97 -10.12
C ARG H 128 -1.62 36.81 -10.75
N ASN H 129 -0.30 36.78 -10.46
CA ASN H 129 0.65 35.81 -10.98
C ASN H 129 0.69 35.81 -12.51
N TRP H 130 1.00 36.98 -13.06
CA TRP H 130 1.02 37.16 -14.50
C TRP H 130 2.24 36.50 -15.13
N GLY H 131 2.13 36.19 -16.41
CA GLY H 131 3.25 35.67 -17.18
C GLY H 131 4.08 36.78 -17.80
N ARG H 132 5.03 36.37 -18.64
CA ARG H 132 5.88 37.35 -19.32
C ARG H 132 5.11 38.09 -20.40
N GLY H 133 4.35 37.36 -21.21
CA GLY H 133 3.63 37.96 -22.32
C GLY H 133 4.29 37.70 -23.66
N SER H 134 3.73 36.76 -24.41
CA SER H 134 4.24 36.44 -25.74
C SER H 134 3.56 37.30 -26.78
N LEU H 135 4.35 38.01 -27.58
CA LEU H 135 3.83 38.90 -28.60
C LEU H 135 3.47 38.07 -29.84
N VAL H 136 2.23 38.23 -30.31
CA VAL H 136 1.73 37.50 -31.46
C VAL H 136 1.40 38.50 -32.56
N SER H 137 2.03 38.34 -33.72
CA SER H 137 1.81 39.18 -34.88
C SER H 137 1.06 38.39 -35.94
N VAL H 138 -0.01 38.97 -36.47
CA VAL H 138 -0.80 38.34 -37.52
C VAL H 138 -0.57 39.08 -38.82
N THR H 139 -0.63 38.35 -39.93
CA THR H 139 -0.30 38.89 -41.23
C THR H 139 -0.95 38.06 -42.33
N ALA H 140 -0.95 38.63 -43.54
CA ALA H 140 -1.34 37.92 -44.75
C ALA H 140 -0.45 38.34 -45.92
N ALA H 141 0.78 38.75 -45.63
CA ALA H 141 1.66 39.31 -46.64
C ALA H 141 2.59 38.22 -47.18
N SER H 142 3.54 38.63 -48.03
CA SER H 142 4.47 37.70 -48.65
C SER H 142 5.84 38.37 -48.73
N THR H 143 6.82 37.59 -49.19
CA THR H 143 8.19 38.08 -49.29
C THR H 143 8.32 38.97 -50.53
N LYS H 144 8.77 40.20 -50.31
CA LYS H 144 8.97 41.14 -51.41
C LYS H 144 10.09 42.10 -51.03
N GLY H 145 11.05 42.28 -51.94
CA GLY H 145 12.14 43.20 -51.73
C GLY H 145 11.69 44.65 -51.84
N PRO H 146 12.35 45.54 -51.11
CA PRO H 146 11.98 46.96 -51.17
C PRO H 146 12.39 47.59 -52.49
N SER H 147 11.65 48.61 -52.89
CA SER H 147 11.88 49.34 -54.13
C SER H 147 12.32 50.76 -53.77
N VAL H 148 13.62 50.94 -53.62
CA VAL H 148 14.18 52.25 -53.27
C VAL H 148 14.51 53.03 -54.53
N TYR H 172 9.71 45.05 -47.80
CA TYR H 172 10.74 44.29 -47.08
C TYR H 172 10.09 43.57 -45.90
N PHE H 173 9.05 42.80 -46.21
CA PHE H 173 8.30 42.09 -45.18
C PHE H 173 9.10 41.07 -44.36
N PRO H 174 9.86 40.12 -44.95
CA PRO H 174 10.49 39.12 -44.06
C PRO H 174 11.70 39.64 -43.30
N GLU H 175 12.38 40.67 -43.82
CA GLU H 175 13.59 41.17 -43.18
C GLU H 175 13.59 42.70 -43.20
N PRO H 176 13.79 43.36 -42.05
CA PRO H 176 13.95 44.81 -42.05
C PRO H 176 15.31 45.20 -42.61
N VAL H 177 15.30 45.91 -43.74
CA VAL H 177 16.53 46.26 -44.43
C VAL H 177 17.20 47.43 -43.73
N THR H 178 18.53 47.47 -43.80
CA THR H 178 19.33 48.53 -43.19
C THR H 178 20.04 49.32 -44.27
N VAL H 179 19.96 50.64 -44.19
CA VAL H 179 20.57 51.54 -45.16
C VAL H 179 21.64 52.36 -44.45
N SER H 180 22.87 52.31 -44.97
CA SER H 180 23.99 53.06 -44.44
C SER H 180 24.72 53.75 -45.58
N TRP H 181 25.06 55.03 -45.37
CA TRP H 181 25.76 55.81 -46.37
C TRP H 181 27.13 56.26 -45.87
N VAL H 190 23.80 60.74 -41.65
CA VAL H 190 22.49 60.20 -42.00
C VAL H 190 21.70 59.90 -40.72
N HIS H 191 20.42 59.56 -40.89
CA HIS H 191 19.56 59.24 -39.76
C HIS H 191 18.64 58.09 -40.16
N THR H 192 18.30 57.24 -39.19
CA THR H 192 17.47 56.06 -39.42
C THR H 192 16.11 56.26 -38.77
N PHE H 193 15.05 56.03 -39.53
CA PHE H 193 13.68 56.24 -39.10
C PHE H 193 12.94 54.90 -39.01
N PRO H 194 11.99 54.77 -38.09
CA PRO H 194 11.29 53.48 -37.93
C PRO H 194 10.33 53.19 -39.07
N ALA H 195 10.00 51.91 -39.22
CA ALA H 195 9.19 51.43 -40.33
C ALA H 195 7.72 51.72 -40.09
N VAL H 196 6.95 51.66 -41.18
CA VAL H 196 5.52 51.94 -41.17
C VAL H 196 4.79 50.70 -41.69
N LEU H 197 3.77 50.25 -40.95
CA LEU H 197 2.93 49.15 -41.38
C LEU H 197 1.80 49.68 -42.26
N GLN H 198 1.71 49.18 -43.49
CA GLN H 198 0.64 49.57 -44.38
C GLN H 198 -0.60 48.71 -44.15
N SER H 199 -1.69 49.08 -44.81
CA SER H 199 -2.92 48.30 -44.73
C SER H 199 -2.82 46.98 -45.49
N SER H 200 -1.88 46.88 -46.43
CA SER H 200 -1.63 45.63 -47.13
C SER H 200 -0.70 44.69 -46.38
N GLY H 201 -0.17 45.12 -45.23
CA GLY H 201 0.74 44.30 -44.47
C GLY H 201 2.19 44.41 -44.87
N LEU H 202 2.57 45.48 -45.58
CA LEU H 202 3.94 45.65 -46.06
C LEU H 202 4.68 46.64 -45.15
N TYR H 203 5.88 47.03 -45.56
CA TYR H 203 6.74 47.90 -44.78
C TYR H 203 7.29 49.01 -45.67
N SER H 204 7.62 50.14 -45.04
CA SER H 204 8.19 51.28 -45.75
C SER H 204 8.97 52.14 -44.77
N LEU H 205 10.10 52.68 -45.23
CA LEU H 205 10.90 53.58 -44.40
C LEU H 205 11.48 54.68 -45.28
N SER H 206 12.14 55.64 -44.64
CA SER H 206 12.87 56.70 -45.32
C SER H 206 14.13 57.02 -44.53
N SER H 207 15.11 57.57 -45.23
CA SER H 207 16.37 57.96 -44.60
C SER H 207 17.01 59.07 -45.43
N VAL H 208 17.39 60.16 -44.77
CA VAL H 208 18.00 61.30 -45.42
C VAL H 208 19.15 61.82 -44.54
N VAL H 209 20.20 62.29 -45.18
CA VAL H 209 21.34 62.87 -44.48
C VAL H 209 21.07 64.34 -44.15
N TYR I 21 42.11 -21.16 -24.58
CA TYR I 21 42.60 -22.29 -23.80
C TYR I 21 41.97 -23.59 -24.25
N GLU I 22 42.57 -24.71 -23.83
CA GLU I 22 42.08 -26.04 -24.17
C GLU I 22 41.98 -26.96 -22.97
N LEU I 23 42.78 -26.73 -21.92
CA LEU I 23 42.81 -27.52 -20.68
C LEU I 23 43.13 -28.99 -20.97
N THR I 24 44.38 -29.20 -21.42
CA THR I 24 44.83 -30.49 -21.91
C THR I 24 44.86 -31.53 -20.80
N GLN I 25 44.49 -32.76 -21.16
CA GLN I 25 44.40 -33.91 -20.28
C GLN I 25 45.00 -35.12 -20.98
N PRO I 26 45.48 -36.11 -20.22
CA PRO I 26 45.81 -37.41 -20.82
C PRO I 26 44.55 -38.09 -21.32
N PRO I 27 44.63 -38.79 -22.46
CA PRO I 27 43.43 -39.38 -23.06
C PRO I 27 42.90 -40.58 -22.28
N SER I 28 43.79 -41.46 -21.84
CA SER I 28 43.37 -42.66 -21.13
C SER I 28 44.46 -43.07 -20.14
N VAL I 29 44.02 -43.48 -18.95
CA VAL I 29 44.91 -43.97 -17.90
C VAL I 29 44.36 -45.32 -17.43
N SER I 30 45.19 -46.36 -17.49
CA SER I 30 44.80 -47.70 -17.07
C SER I 30 45.69 -48.14 -15.93
N VAL I 31 45.05 -48.57 -14.83
CA VAL I 31 45.76 -49.01 -13.64
C VAL I 31 45.17 -50.34 -13.16
N SER I 32 45.97 -51.05 -12.38
CA SER I 32 45.51 -52.32 -11.80
C SER I 32 44.56 -52.04 -10.64
N PRO I 33 43.64 -52.97 -10.35
CA PRO I 33 42.75 -52.78 -9.20
C PRO I 33 43.50 -52.88 -7.88
N GLY I 34 43.29 -51.89 -7.02
CA GLY I 34 43.89 -51.86 -5.70
C GLY I 34 44.93 -50.76 -5.48
N GLN I 35 45.54 -50.24 -6.54
CA GLN I 35 46.54 -49.20 -6.39
C GLN I 35 45.96 -47.85 -6.83
N THR I 36 46.81 -46.83 -6.88
CA THR I 36 46.41 -45.45 -7.10
C THR I 36 46.20 -45.17 -8.59
N ALA I 37 45.63 -44.00 -8.86
CA ALA I 37 45.42 -43.52 -10.23
C ALA I 37 45.41 -42.01 -10.19
N THR I 38 46.35 -41.39 -10.90
CA THR I 38 46.53 -39.95 -10.88
C THR I 38 46.22 -39.38 -12.27
N ILE I 39 45.38 -38.35 -12.30
CA ILE I 39 45.04 -37.64 -13.54
C ILE I 39 45.38 -36.16 -13.34
N THR I 40 45.94 -35.54 -14.38
CA THR I 40 46.41 -34.17 -14.31
C THR I 40 45.66 -33.31 -15.33
N CYS I 41 45.19 -32.15 -14.89
CA CYS I 41 44.61 -31.15 -15.77
C CYS I 41 45.53 -29.92 -15.77
N SER I 42 46.16 -29.66 -16.90
CA SER I 42 47.16 -28.62 -17.02
C SER I 42 46.57 -27.34 -17.63
N GLY I 43 47.32 -26.26 -17.52
CA GLY I 43 46.91 -24.98 -18.06
C GLY I 43 45.71 -24.36 -17.37
N ALA I 44 45.66 -24.43 -16.04
CA ALA I 44 44.53 -23.92 -15.27
C ALA I 44 45.02 -22.74 -14.42
N SER I 45 44.63 -21.52 -14.80
CA SER I 45 45.02 -20.35 -14.03
C SER I 45 44.17 -20.21 -12.77
N THR I 46 42.91 -20.65 -12.83
CA THR I 46 41.94 -20.43 -11.77
C THR I 46 41.65 -21.78 -11.12
N ASN I 47 40.82 -21.78 -10.07
CA ASN I 47 40.51 -23.00 -9.31
C ASN I 47 39.73 -24.00 -10.16
N VAL I 48 40.12 -25.27 -10.05
CA VAL I 48 39.56 -26.34 -10.88
C VAL I 48 38.31 -26.92 -10.24
N CYS I 49 37.56 -27.68 -11.04
CA CYS I 49 36.43 -28.47 -10.57
C CYS I 49 36.32 -29.70 -11.44
N TRP I 50 36.00 -30.84 -10.83
CA TRP I 50 36.00 -32.12 -11.53
C TRP I 50 34.60 -32.71 -11.58
N TYR I 51 34.29 -33.33 -12.72
CA TYR I 51 33.06 -34.07 -12.91
C TYR I 51 33.39 -35.47 -13.40
N GLN I 52 32.53 -36.42 -13.06
CA GLN I 52 32.64 -37.79 -13.56
C GLN I 52 31.35 -38.17 -14.25
N VAL I 53 31.47 -39.02 -15.28
CA VAL I 53 30.32 -39.46 -16.06
C VAL I 53 30.38 -40.97 -16.21
N LYS I 54 29.23 -41.61 -16.13
CA LYS I 54 29.07 -43.03 -16.42
C LYS I 54 28.02 -43.19 -17.53
N PRO I 55 28.14 -44.23 -18.37
CA PRO I 55 27.18 -44.39 -19.47
C PRO I 55 25.78 -44.72 -18.97
N GLY I 56 24.80 -43.94 -19.44
CA GLY I 56 23.43 -44.11 -19.03
C GLY I 56 23.14 -43.66 -17.61
N GLN I 57 23.85 -42.64 -17.13
CA GLN I 57 23.67 -42.15 -15.77
C GLN I 57 24.06 -40.68 -15.73
N SER I 58 23.39 -39.94 -14.84
CA SER I 58 23.60 -38.50 -14.73
C SER I 58 24.99 -38.21 -14.16
N PRO I 59 25.65 -37.14 -14.61
CA PRO I 59 26.95 -36.78 -14.05
C PRO I 59 26.83 -36.28 -12.63
N GLU I 60 27.91 -36.47 -11.86
CA GLU I 60 27.99 -36.03 -10.47
C GLU I 60 29.30 -35.30 -10.25
N VAL I 61 29.23 -34.20 -9.50
CA VAL I 61 30.44 -33.50 -9.09
C VAL I 61 31.14 -34.33 -8.02
N VAL I 62 32.47 -34.32 -8.05
CA VAL I 62 33.27 -35.14 -7.14
C VAL I 62 34.22 -34.30 -6.30
N ILE I 63 34.89 -33.30 -6.89
CA ILE I 63 35.84 -32.42 -6.20
C ILE I 63 35.52 -31.02 -6.70
N PHE I 64 34.86 -30.21 -5.89
CA PHE I 64 34.27 -28.97 -6.40
C PHE I 64 35.18 -27.75 -6.26
N GLU I 65 36.36 -27.87 -5.66
CA GLU I 65 37.39 -26.84 -5.69
C GLU I 65 38.74 -27.54 -5.75
N ASN I 66 39.80 -26.82 -5.36
CA ASN I 66 41.16 -27.36 -5.42
C ASN I 66 41.33 -28.57 -4.49
N TYR I 67 40.79 -28.48 -3.27
CA TYR I 67 41.04 -29.51 -2.26
C TYR I 67 39.80 -30.05 -1.59
N LYS I 68 38.68 -29.34 -1.62
CA LYS I 68 37.50 -29.75 -0.87
C LYS I 68 36.76 -30.88 -1.59
N ARG I 69 35.65 -31.31 -0.99
CA ARG I 69 34.81 -32.37 -1.50
C ARG I 69 33.42 -32.22 -0.89
N PRO I 70 32.35 -32.45 -1.64
CA PRO I 70 31.01 -32.29 -1.08
C PRO I 70 30.62 -33.47 -0.21
N SER I 71 29.45 -33.37 0.39
CA SER I 71 28.94 -34.42 1.25
C SER I 71 28.48 -35.63 0.42
N GLY I 72 28.52 -36.81 1.04
CA GLY I 72 28.10 -38.02 0.36
C GLY I 72 29.06 -38.53 -0.69
N ILE I 73 30.36 -38.42 -0.48
CA ILE I 73 31.34 -38.88 -1.44
C ILE I 73 32.24 -39.86 -0.69
N PRO I 74 32.80 -40.89 -1.33
CA PRO I 74 33.75 -41.77 -0.62
C PRO I 74 35.09 -41.07 -0.37
N ASP I 75 35.89 -41.73 0.46
CA ASP I 75 37.15 -41.17 0.95
C ASP I 75 38.31 -41.35 -0.01
N ARG I 76 38.09 -42.01 -1.15
CA ARG I 76 39.16 -42.24 -2.11
C ARG I 76 39.36 -41.07 -3.06
N PHE I 77 38.59 -40.01 -2.92
CA PHE I 77 38.63 -38.87 -3.83
C PHE I 77 39.29 -37.69 -3.14
N SER I 78 40.38 -37.19 -3.73
CA SER I 78 41.07 -36.01 -3.22
C SER I 78 41.79 -35.34 -4.38
N GLY I 79 42.04 -34.04 -4.21
CA GLY I 79 42.70 -33.27 -5.26
C GLY I 79 43.63 -32.23 -4.68
N SER I 80 44.59 -31.82 -5.50
CA SER I 80 45.55 -30.80 -5.11
C SER I 80 46.03 -30.06 -6.36
N LYS I 81 46.54 -28.85 -6.14
CA LYS I 81 47.06 -28.02 -7.22
C LYS I 81 48.41 -27.44 -6.81
N SER I 82 49.32 -27.37 -7.78
CA SER I 82 50.66 -26.82 -7.54
C SER I 82 51.03 -25.97 -8.75
N GLY I 83 50.91 -24.64 -8.60
CA GLY I 83 51.25 -23.75 -9.68
C GLY I 83 50.08 -23.46 -10.60
N SER I 84 50.05 -24.12 -11.76
CA SER I 84 48.98 -23.96 -12.72
C SER I 84 48.38 -25.29 -13.17
N THR I 85 48.88 -26.41 -12.65
CA THR I 85 48.36 -27.73 -12.96
C THR I 85 47.79 -28.35 -11.70
N ALA I 86 46.63 -29.00 -11.83
CA ALA I 86 45.94 -29.63 -10.72
C ALA I 86 45.83 -31.13 -10.94
N THR I 87 46.04 -31.90 -9.89
CA THR I 87 46.03 -33.35 -9.95
C THR I 87 44.94 -33.90 -9.03
N LEU I 88 44.24 -34.92 -9.51
CA LEU I 88 43.28 -35.67 -8.72
C LEU I 88 43.89 -37.02 -8.40
N THR I 89 43.79 -37.45 -7.15
CA THR I 89 44.38 -38.69 -6.69
C THR I 89 43.29 -39.67 -6.30
N ILE I 90 43.45 -40.93 -6.73
CA ILE I 90 42.56 -42.02 -6.37
C ILE I 90 43.31 -42.91 -5.39
N ARG I 91 42.67 -43.25 -4.27
CA ARG I 91 43.31 -44.17 -3.33
C ARG I 91 42.99 -45.63 -3.66
N GLY I 92 41.77 -45.90 -4.11
CA GLY I 92 41.39 -47.26 -4.46
C GLY I 92 40.59 -47.36 -5.73
N THR I 93 41.07 -48.16 -6.68
CA THR I 93 40.39 -48.35 -7.96
C THR I 93 39.58 -49.64 -7.92
N GLN I 94 38.28 -49.53 -8.21
CA GLN I 94 37.39 -50.68 -8.23
C GLN I 94 36.58 -50.69 -9.52
N ALA I 95 35.59 -51.57 -9.60
CA ALA I 95 34.73 -51.63 -10.77
C ALA I 95 33.80 -50.43 -10.88
N ILE I 96 33.53 -49.74 -9.76
CA ILE I 96 32.66 -48.57 -9.78
C ILE I 96 33.40 -47.28 -10.12
N ASP I 97 34.72 -47.35 -10.30
CA ASP I 97 35.51 -46.20 -10.72
C ASP I 97 35.82 -46.20 -12.20
N GLU I 98 35.25 -47.14 -12.97
CA GLU I 98 35.43 -47.17 -14.41
C GLU I 98 34.55 -46.08 -15.01
N ALA I 99 35.12 -44.89 -15.13
CA ALA I 99 34.37 -43.72 -15.56
C ALA I 99 35.31 -42.72 -16.21
N ASP I 100 34.74 -41.81 -16.97
CA ASP I 100 35.48 -40.70 -17.55
C ASP I 100 35.48 -39.52 -16.58
N TYR I 101 36.50 -38.68 -16.68
CA TYR I 101 36.65 -37.53 -15.79
C TYR I 101 36.95 -36.28 -16.59
N TYR I 102 36.30 -35.18 -16.23
CA TYR I 102 36.44 -33.90 -16.92
C TYR I 102 36.82 -32.83 -15.91
N CYS I 103 37.86 -32.06 -16.21
CA CYS I 103 38.28 -30.93 -15.38
C CYS I 103 37.66 -29.64 -15.92
N GLN I 104 37.38 -28.71 -15.01
CA GLN I 104 36.63 -27.51 -15.34
C GLN I 104 37.17 -26.32 -14.57
N VAL I 105 37.40 -25.21 -15.30
CA VAL I 105 37.80 -23.94 -14.72
C VAL I 105 36.86 -22.86 -15.25
N TRP I 106 37.12 -21.61 -14.86
CA TRP I 106 36.34 -20.46 -15.28
C TRP I 106 37.19 -19.52 -16.11
N ASP I 107 36.59 -18.96 -17.17
CA ASP I 107 37.28 -18.02 -18.04
C ASP I 107 36.34 -16.83 -18.30
N SER I 108 36.93 -15.67 -18.56
CA SER I 108 36.15 -14.43 -18.63
C SER I 108 35.32 -14.33 -19.91
N PHE I 109 35.89 -14.72 -21.05
CA PHE I 109 35.16 -14.59 -22.30
C PHE I 109 34.16 -15.74 -22.48
N SER I 110 34.67 -16.96 -22.58
CA SER I 110 33.82 -18.15 -22.55
C SER I 110 33.66 -18.56 -21.10
N THR I 111 32.42 -18.55 -20.60
CA THR I 111 32.18 -18.56 -19.16
C THR I 111 32.55 -19.91 -18.53
N PHE I 112 32.38 -21.02 -19.24
CA PHE I 112 32.78 -22.31 -18.71
C PHE I 112 33.52 -23.07 -19.81
N VAL I 113 34.71 -23.59 -19.48
CA VAL I 113 35.49 -24.40 -20.41
C VAL I 113 35.84 -25.72 -19.74
N PHE I 114 35.88 -26.79 -20.52
CA PHE I 114 36.06 -28.14 -20.01
C PHE I 114 37.25 -28.81 -20.70
N GLY I 115 37.73 -29.88 -20.06
CA GLY I 115 38.85 -30.63 -20.59
C GLY I 115 38.46 -31.66 -21.62
N SER I 116 39.47 -32.40 -22.10
CA SER I 116 39.23 -33.40 -23.12
C SER I 116 38.51 -34.63 -22.56
N GLY I 117 38.95 -35.11 -21.40
CA GLY I 117 38.33 -36.28 -20.80
C GLY I 117 39.27 -37.46 -20.66
N THR I 118 39.57 -37.86 -19.43
CA THR I 118 40.46 -38.97 -19.16
C THR I 118 39.66 -40.20 -18.78
N GLN I 119 39.96 -41.31 -19.43
CA GLN I 119 39.27 -42.58 -19.20
C GLN I 119 40.07 -43.43 -18.23
N VAL I 120 39.39 -43.91 -17.18
CA VAL I 120 40.01 -44.75 -16.15
C VAL I 120 39.42 -46.15 -16.27
N THR I 121 40.29 -47.14 -16.46
CA THR I 121 39.87 -48.53 -16.59
C THR I 121 40.60 -49.39 -15.57
N VAL I 122 39.95 -50.46 -15.15
CA VAL I 122 40.52 -51.42 -14.21
C VAL I 122 40.59 -52.78 -14.89
N LEU I 123 41.63 -53.55 -14.57
CA LEU I 123 41.90 -54.82 -15.25
C LEU I 123 41.22 -55.94 -14.46
N GLY I 124 39.97 -56.23 -14.81
CA GLY I 124 39.26 -57.34 -14.20
C GLY I 124 39.69 -58.68 -14.78
N GLN I 125 40.08 -58.70 -16.05
CA GLN I 125 40.53 -59.90 -16.74
C GLN I 125 41.88 -59.65 -17.39
N PRO I 126 42.71 -60.70 -17.54
CA PRO I 126 44.04 -60.49 -18.12
C PRO I 126 44.04 -60.19 -19.61
N LYS I 127 45.21 -59.90 -20.15
CA LYS I 127 45.36 -59.53 -21.57
C LYS I 127 45.20 -60.76 -22.44
N ALA I 128 44.37 -60.65 -23.48
CA ALA I 128 44.16 -61.71 -24.45
C ALA I 128 44.28 -61.16 -25.86
N ASN I 129 44.72 -62.01 -26.78
CA ASN I 129 45.00 -61.58 -28.14
C ASN I 129 43.70 -61.43 -28.93
N PRO I 130 43.66 -60.50 -29.89
CA PRO I 130 42.49 -60.41 -30.77
C PRO I 130 42.54 -61.44 -31.89
N THR I 131 41.39 -61.61 -32.54
CA THR I 131 41.26 -62.47 -33.72
C THR I 131 40.62 -61.66 -34.84
N VAL I 132 41.17 -61.78 -36.04
CA VAL I 132 40.74 -60.99 -37.19
C VAL I 132 40.34 -61.93 -38.33
N THR I 133 39.27 -61.57 -39.04
CA THR I 133 38.80 -62.29 -40.21
C THR I 133 38.61 -61.32 -41.36
N LEU I 134 38.74 -61.84 -42.59
CA LEU I 134 38.56 -61.04 -43.80
C LEU I 134 37.69 -61.83 -44.78
N PHE I 135 36.80 -61.11 -45.46
CA PHE I 135 35.87 -61.74 -46.40
C PHE I 135 35.82 -60.94 -47.69
N PRO I 136 35.72 -61.61 -48.84
CA PRO I 136 35.55 -60.91 -50.11
C PRO I 136 34.09 -60.73 -50.46
N PRO I 137 33.74 -59.69 -51.21
CA PRO I 137 32.36 -59.50 -51.65
C PRO I 137 32.10 -60.25 -52.95
N SER I 138 30.88 -60.11 -53.45
CA SER I 138 30.48 -60.77 -54.69
C SER I 138 30.89 -59.93 -55.91
N ALA I 147 29.57 -54.42 -53.34
CA ALA I 147 31.01 -54.44 -53.56
C ALA I 147 31.75 -53.68 -52.46
N THR I 148 31.60 -54.16 -51.22
CA THR I 148 32.25 -53.57 -50.06
C THR I 148 33.13 -54.60 -49.38
N LEU I 149 34.29 -54.16 -48.92
CA LEU I 149 35.27 -55.03 -48.28
C LEU I 149 35.17 -54.89 -46.76
N VAL I 150 35.14 -56.01 -46.07
CA VAL I 150 34.89 -56.06 -44.63
C VAL I 150 36.14 -56.59 -43.91
N CYS I 151 36.47 -55.96 -42.79
CA CYS I 151 37.52 -56.43 -41.89
C CYS I 151 36.93 -56.50 -40.48
N LEU I 152 36.78 -57.72 -39.97
CA LEU I 152 36.10 -57.94 -38.69
C LEU I 152 37.15 -58.33 -37.66
N ILE I 153 37.13 -57.64 -36.52
CA ILE I 153 38.11 -57.81 -35.45
C ILE I 153 37.37 -58.08 -34.15
N SER I 154 37.59 -59.24 -33.56
CA SER I 154 36.76 -59.62 -32.42
C SER I 154 37.61 -60.15 -31.28
N ASP I 155 37.01 -60.11 -30.10
CA ASP I 155 37.52 -60.74 -28.86
C ASP I 155 38.89 -60.22 -28.46
N PHE I 156 38.94 -58.96 -28.03
CA PHE I 156 40.15 -58.38 -27.46
C PHE I 156 39.84 -57.65 -26.16
N TYR I 157 40.85 -57.60 -25.28
CA TYR I 157 40.77 -56.83 -24.05
C TYR I 157 42.16 -56.27 -23.79
N PRO I 158 42.28 -54.99 -23.43
CA PRO I 158 41.24 -53.96 -23.31
C PRO I 158 40.84 -53.37 -24.66
N GLY I 159 40.01 -52.33 -24.67
CA GLY I 159 39.44 -51.79 -25.89
C GLY I 159 40.32 -50.86 -26.69
N ALA I 160 41.55 -50.58 -26.23
CA ALA I 160 42.42 -49.66 -26.96
C ALA I 160 43.03 -50.33 -28.18
N VAL I 161 42.31 -50.28 -29.31
CA VAL I 161 42.74 -50.90 -30.56
C VAL I 161 42.67 -49.87 -31.69
N THR I 162 43.78 -49.70 -32.40
CA THR I 162 43.83 -48.91 -33.61
C THR I 162 43.98 -49.85 -34.82
N VAL I 163 43.42 -49.43 -35.95
CA VAL I 163 43.40 -50.26 -37.15
C VAL I 163 44.19 -49.57 -38.25
N ALA I 164 44.56 -50.35 -39.27
CA ALA I 164 45.26 -49.84 -40.43
C ALA I 164 44.93 -50.71 -41.63
N TRP I 165 45.00 -50.11 -42.82
CA TRP I 165 44.71 -50.81 -44.07
C TRP I 165 45.85 -50.62 -45.04
N LYS I 166 46.11 -51.64 -45.86
CA LYS I 166 47.18 -51.62 -46.84
C LYS I 166 46.68 -52.22 -48.15
N ALA I 167 47.33 -51.81 -49.25
CA ALA I 167 47.02 -52.36 -50.56
C ALA I 167 48.26 -52.94 -51.22
N SER I 170 51.01 -50.07 -50.25
CA SER I 170 50.45 -48.74 -50.40
C SER I 170 49.24 -48.55 -49.49
N PRO I 171 49.42 -47.86 -48.37
CA PRO I 171 48.30 -47.62 -47.46
C PRO I 171 47.31 -46.61 -48.04
N VAL I 172 46.07 -46.69 -47.55
CA VAL I 172 44.97 -45.91 -48.08
C VAL I 172 44.34 -45.12 -46.93
N LYS I 173 44.06 -43.83 -47.17
CA LYS I 173 43.39 -42.96 -46.20
C LYS I 173 41.93 -42.70 -46.56
N ALA I 174 41.43 -43.28 -47.65
CA ALA I 174 40.14 -42.90 -48.21
C ALA I 174 39.09 -43.97 -47.93
N GLY I 175 37.93 -43.54 -47.44
CA GLY I 175 36.77 -44.39 -47.30
C GLY I 175 36.87 -45.52 -46.30
N VAL I 176 37.41 -45.25 -45.12
CA VAL I 176 37.51 -46.24 -44.05
C VAL I 176 36.76 -45.70 -42.83
N GLU I 177 36.03 -46.59 -42.15
CA GLU I 177 35.27 -46.24 -40.95
C GLU I 177 35.51 -47.31 -39.89
N THR I 178 35.64 -46.88 -38.64
CA THR I 178 36.04 -47.75 -37.55
C THR I 178 34.93 -47.84 -36.52
N THR I 179 34.58 -49.07 -36.13
CA THR I 179 33.57 -49.29 -35.11
C THR I 179 34.16 -49.00 -33.74
N THR I 180 33.39 -48.30 -32.90
CA THR I 180 33.82 -48.13 -31.51
C THR I 180 33.72 -49.47 -30.76
N PRO I 181 34.64 -49.73 -29.83
CA PRO I 181 34.56 -50.98 -29.07
C PRO I 181 33.35 -51.01 -28.15
N SER I 182 32.81 -52.21 -27.94
CA SER I 182 31.63 -52.41 -27.12
C SER I 182 31.72 -53.76 -26.43
N LYS I 183 30.92 -53.91 -25.37
CA LYS I 183 30.90 -55.14 -24.59
C LYS I 183 29.80 -56.06 -25.08
N GLN I 184 30.16 -57.32 -25.34
CA GLN I 184 29.26 -58.36 -25.77
C GLN I 184 28.92 -59.27 -24.58
N SER I 185 28.25 -60.39 -24.87
CA SER I 185 27.96 -61.37 -23.82
C SER I 185 29.21 -62.11 -23.37
N ASN I 186 30.27 -62.08 -24.19
CA ASN I 186 31.57 -62.60 -23.80
C ASN I 186 32.23 -61.64 -22.79
N ASN I 187 31.76 -60.38 -22.76
CA ASN I 187 32.32 -59.28 -21.96
C ASN I 187 33.78 -59.03 -22.29
N LYS I 188 34.05 -58.91 -23.59
CA LYS I 188 35.41 -58.85 -24.12
C LYS I 188 35.31 -58.20 -25.49
N TYR I 189 35.98 -57.05 -25.64
CA TYR I 189 35.62 -56.04 -26.64
C TYR I 189 35.85 -56.51 -28.07
N ALA I 190 35.05 -55.95 -28.98
CA ALA I 190 35.11 -56.26 -30.40
C ALA I 190 34.76 -55.02 -31.21
N ALA I 191 35.14 -55.04 -32.49
CA ALA I 191 34.94 -53.90 -33.38
C ALA I 191 34.87 -54.40 -34.82
N SER I 192 34.98 -53.48 -35.77
CA SER I 192 34.99 -53.79 -37.19
C SER I 192 35.57 -52.60 -37.95
N SER I 193 35.89 -52.83 -39.22
CA SER I 193 36.38 -51.79 -40.12
C SER I 193 35.86 -52.07 -41.52
N TYR I 194 35.30 -51.03 -42.16
CA TYR I 194 34.67 -51.17 -43.48
C TYR I 194 35.38 -50.29 -44.49
N LEU I 195 35.28 -50.70 -45.76
CA LEU I 195 35.76 -49.89 -46.87
C LEU I 195 34.96 -50.26 -48.12
N SER I 196 34.66 -49.24 -48.92
CA SER I 196 33.94 -49.41 -50.18
C SER I 196 34.91 -49.15 -51.34
N LEU I 197 34.91 -50.06 -52.31
CA LEU I 197 35.88 -50.05 -53.39
C LEU I 197 35.14 -50.22 -54.72
N THR I 198 35.49 -49.39 -55.69
CA THR I 198 34.84 -49.46 -57.01
C THR I 198 35.33 -50.69 -57.78
N PRO I 199 34.40 -51.53 -58.28
CA PRO I 199 34.74 -52.78 -58.98
C PRO I 199 35.28 -52.57 -60.40
N GLN I 201 38.70 -51.24 -58.91
CA GLN I 201 40.14 -51.47 -58.83
C GLN I 201 40.44 -52.80 -58.14
N TRP I 202 39.69 -53.83 -58.49
CA TRP I 202 39.90 -55.16 -57.93
C TRP I 202 41.00 -55.91 -58.69
N SER I 204 42.93 -53.06 -60.24
CA SER I 204 44.31 -52.67 -60.51
C SER I 204 45.26 -53.23 -59.46
N HIS I 205 44.92 -53.03 -58.19
CA HIS I 205 45.74 -53.55 -57.10
C HIS I 205 45.57 -55.06 -56.99
N ARG I 206 46.69 -55.76 -56.82
CA ARG I 206 46.70 -57.22 -56.72
C ARG I 206 46.87 -57.71 -55.29
N SER I 207 46.94 -56.80 -54.31
CA SER I 207 47.08 -57.17 -52.92
C SER I 207 46.28 -56.21 -52.06
N TYR I 208 45.72 -56.74 -50.97
CA TYR I 208 44.87 -55.96 -50.08
C TYR I 208 45.00 -56.52 -48.67
N SER I 209 45.49 -55.70 -47.74
CA SER I 209 45.84 -56.17 -46.40
C SER I 209 45.19 -55.30 -45.34
N CYS I 210 44.76 -55.93 -44.25
CA CYS I 210 44.14 -55.26 -43.12
C CYS I 210 44.98 -55.49 -41.88
N GLN I 211 45.29 -54.41 -41.16
CA GLN I 211 46.20 -54.45 -40.02
C GLN I 211 45.47 -54.04 -38.74
N VAL I 212 45.86 -54.67 -37.64
CA VAL I 212 45.31 -54.40 -36.31
C VAL I 212 46.48 -54.07 -35.40
N THR I 213 46.23 -53.26 -34.36
CA THR I 213 47.22 -52.93 -33.35
C THR I 213 46.57 -52.94 -31.99
N HIS I 214 47.00 -53.86 -31.12
CA HIS I 214 46.51 -53.96 -29.75
C HIS I 214 47.71 -53.94 -28.82
N GLU I 215 47.97 -52.75 -28.25
CA GLU I 215 49.06 -52.40 -27.32
C GLU I 215 50.42 -53.00 -27.69
N GLY I 216 50.74 -53.03 -28.98
CA GLY I 216 52.00 -53.59 -29.44
C GLY I 216 51.84 -54.77 -30.38
N SER I 217 50.82 -55.60 -30.13
CA SER I 217 50.60 -56.78 -30.95
C SER I 217 49.98 -56.39 -32.29
N THR I 218 50.53 -56.93 -33.37
CA THR I 218 50.05 -56.68 -34.73
C THR I 218 49.80 -58.00 -35.43
N VAL I 219 48.58 -58.18 -35.94
CA VAL I 219 48.19 -59.39 -36.66
C VAL I 219 47.78 -58.98 -38.08
N GLU I 220 48.40 -59.63 -39.08
CA GLU I 220 48.18 -59.29 -40.48
C GLU I 220 47.52 -60.48 -41.16
N LYS I 221 46.35 -60.24 -41.76
CA LYS I 221 45.66 -61.24 -42.56
C LYS I 221 45.16 -60.58 -43.85
N THR I 222 45.26 -61.31 -44.95
CA THR I 222 44.86 -60.80 -46.25
C THR I 222 44.00 -61.80 -47.00
N ALA I 224 42.25 -61.45 -50.90
CA ALA I 224 43.21 -61.22 -51.97
C ALA I 224 42.72 -61.82 -53.29
N PRO I 225 42.79 -61.04 -54.37
CA PRO I 225 42.35 -61.54 -55.69
C PRO I 225 43.34 -62.51 -56.31
N VAL J 21 15.80 -30.19 -5.57
CA VAL J 21 14.87 -30.02 -6.68
C VAL J 21 15.14 -31.06 -7.77
N GLN J 22 14.07 -31.54 -8.40
CA GLN J 22 14.16 -32.51 -9.48
C GLN J 22 13.90 -31.82 -10.81
N LEU J 23 14.72 -32.14 -11.81
CA LEU J 23 14.57 -31.62 -13.16
C LEU J 23 14.37 -32.76 -14.13
N GLN J 24 13.53 -32.53 -15.14
CA GLN J 24 13.21 -33.55 -16.13
C GLN J 24 13.07 -32.90 -17.50
N GLU J 25 13.64 -33.54 -18.51
CA GLU J 25 13.61 -33.04 -19.88
C GLU J 25 12.48 -33.69 -20.66
N SER J 26 12.16 -33.07 -21.81
CA SER J 26 11.16 -33.60 -22.72
C SER J 26 11.38 -33.04 -24.12
N GLY J 27 11.43 -33.92 -25.12
CA GLY J 27 11.63 -33.49 -26.48
C GLY J 27 11.79 -34.65 -27.45
N PRO J 28 11.90 -34.34 -28.74
CA PRO J 28 12.06 -35.41 -29.74
C PRO J 28 13.44 -36.04 -29.68
N GLY J 29 13.47 -37.33 -30.03
CA GLY J 29 14.73 -38.04 -30.14
C GLY J 29 15.34 -38.08 -31.52
N VAL J 30 14.56 -37.77 -32.55
CA VAL J 30 15.05 -37.70 -33.92
C VAL J 30 14.68 -36.35 -34.50
N VAL J 31 15.68 -35.59 -34.91
CA VAL J 31 15.49 -34.29 -35.54
C VAL J 31 16.14 -34.33 -36.92
N LYS J 32 15.38 -33.96 -37.94
CA LYS J 32 15.93 -33.91 -39.30
C LYS J 32 16.94 -32.78 -39.42
N SER J 33 17.88 -32.95 -40.35
CA SER J 33 18.97 -32.00 -40.52
C SER J 33 18.46 -30.68 -41.09
N SER J 34 19.18 -29.61 -40.74
CA SER J 34 18.86 -28.22 -41.12
C SER J 34 17.46 -27.82 -40.68
N GLU J 35 17.08 -28.23 -39.47
CA GLU J 35 15.78 -27.90 -38.90
C GLU J 35 15.97 -27.42 -37.47
N THR J 36 14.95 -26.75 -36.95
CA THR J 36 15.02 -26.16 -35.63
C THR J 36 14.80 -27.21 -34.55
N LEU J 37 15.78 -27.35 -33.66
CA LEU J 37 15.68 -28.25 -32.52
C LEU J 37 14.98 -27.54 -31.36
N SER J 38 14.28 -28.32 -30.54
CA SER J 38 13.59 -27.76 -29.39
C SER J 38 13.62 -28.76 -28.25
N LEU J 39 13.82 -28.26 -27.03
CA LEU J 39 13.83 -29.08 -25.83
C LEU J 39 13.24 -28.27 -24.69
N THR J 40 12.74 -28.97 -23.67
CA THR J 40 12.11 -28.32 -22.53
C THR J 40 12.47 -29.07 -21.26
N CYS J 41 13.08 -28.35 -20.31
CA CYS J 41 13.43 -28.90 -19.00
C CYS J 41 12.50 -28.27 -17.97
N THR J 42 11.78 -29.10 -17.22
CA THR J 42 10.84 -28.63 -16.23
C THR J 42 11.44 -28.69 -14.82
N VAL J 43 10.92 -27.86 -13.93
CA VAL J 43 11.40 -27.74 -12.56
C VAL J 43 10.27 -28.13 -11.62
N SER J 44 10.56 -29.00 -10.66
CA SER J 44 9.57 -29.47 -9.70
C SER J 44 10.11 -29.31 -8.29
N GLY J 45 9.22 -28.90 -7.38
CA GLY J 45 9.55 -28.77 -5.98
C GLY J 45 10.52 -27.63 -5.66
N GLY J 46 10.39 -26.50 -6.32
CA GLY J 46 11.28 -25.39 -6.08
C GLY J 46 10.79 -24.14 -6.76
N SER J 47 11.55 -23.07 -6.59
CA SER J 47 11.21 -21.76 -7.14
C SER J 47 12.39 -21.24 -7.96
N MET J 48 12.08 -20.30 -8.86
CA MET J 48 13.06 -19.75 -9.81
C MET J 48 13.80 -18.54 -9.27
N GLY J 49 13.85 -18.36 -7.95
CA GLY J 49 14.45 -17.18 -7.36
C GLY J 49 15.94 -17.35 -7.14
N GLY J 50 16.73 -16.52 -7.83
CA GLY J 50 18.16 -16.45 -7.60
C GLY J 50 18.96 -17.68 -7.98
N THR J 51 18.65 -18.29 -9.12
CA THR J 51 19.43 -19.39 -9.67
C THR J 51 19.67 -19.15 -11.15
N TYR J 52 20.80 -19.64 -11.65
CA TYR J 52 21.10 -19.60 -13.08
C TYR J 52 20.77 -20.97 -13.68
N TRP J 53 19.61 -21.07 -14.33
CA TRP J 53 19.25 -22.29 -15.03
C TRP J 53 20.03 -22.39 -16.33
N SER J 54 20.69 -23.53 -16.54
CA SER J 54 21.64 -23.69 -17.63
C SER J 54 21.35 -24.95 -18.42
N TRP J 55 22.07 -25.11 -19.52
CA TRP J 55 22.00 -26.29 -20.38
C TRP J 55 23.40 -26.78 -20.67
N LEU J 56 23.56 -28.09 -20.81
CA LEU J 56 24.86 -28.71 -21.08
C LEU J 56 24.68 -29.85 -22.06
N ARG J 57 25.73 -30.10 -22.85
CA ARG J 57 25.71 -31.11 -23.90
C ARG J 57 26.94 -31.98 -23.81
N LEU J 58 26.76 -33.30 -23.90
CA LEU J 58 27.84 -34.27 -23.81
C LEU J 58 27.97 -34.97 -25.16
N SER J 59 28.94 -34.54 -25.95
CA SER J 59 29.26 -35.19 -27.21
C SER J 59 30.30 -36.28 -26.99
N PRO J 60 30.21 -37.40 -27.72
CA PRO J 60 31.21 -38.47 -27.52
C PRO J 60 32.52 -38.22 -28.23
N GLY J 61 32.59 -37.26 -29.15
CA GLY J 61 33.83 -36.98 -29.84
C GLY J 61 34.41 -35.63 -29.50
N LYS J 62 33.64 -34.80 -28.81
CA LYS J 62 34.07 -33.45 -28.45
C LYS J 62 34.09 -33.21 -26.95
N GLY J 63 33.72 -34.19 -26.13
CA GLY J 63 33.74 -34.04 -24.69
C GLY J 63 32.57 -33.21 -24.19
N LEU J 64 32.60 -32.95 -22.89
CA LEU J 64 31.60 -32.09 -22.26
C LEU J 64 31.76 -30.65 -22.72
N GLU J 65 30.63 -29.98 -22.93
CA GLU J 65 30.66 -28.65 -23.54
C GLU J 65 29.40 -27.89 -23.10
N TRP J 66 29.59 -26.61 -22.81
CA TRP J 66 28.57 -25.74 -22.24
C TRP J 66 27.77 -25.07 -23.36
N ILE J 67 26.47 -24.86 -23.11
CA ILE J 67 25.57 -24.27 -24.10
C ILE J 67 25.24 -22.84 -23.72
N GLY J 68 24.63 -22.65 -22.55
CA GLY J 68 24.25 -21.32 -22.10
C GLY J 68 23.39 -21.42 -20.86
N TYR J 69 23.17 -20.25 -20.25
CA TYR J 69 22.30 -20.16 -19.08
C TYR J 69 21.37 -18.96 -19.21
N ILE J 70 20.26 -19.01 -18.48
CA ILE J 70 19.29 -17.93 -18.44
C ILE J 70 18.96 -17.61 -16.99
N PHE J 71 18.81 -16.33 -16.68
CA PHE J 71 18.35 -15.88 -15.37
C PHE J 71 16.86 -15.57 -15.46
N HIS J 72 16.19 -15.47 -14.30
CA HIS J 72 14.73 -15.42 -14.28
C HIS J 72 14.14 -14.09 -14.75
N THR J 73 14.97 -13.07 -15.01
CA THR J 73 14.51 -11.83 -15.62
C THR J 73 14.82 -11.77 -17.11
N GLY J 74 15.22 -12.89 -17.72
CA GLY J 74 15.52 -12.93 -19.14
C GLY J 74 16.92 -12.51 -19.52
N GLU J 75 17.80 -12.25 -18.55
CA GLU J 75 19.19 -11.92 -18.85
C GLU J 75 19.94 -13.18 -19.26
N THR J 76 20.13 -13.36 -20.56
CA THR J 76 20.72 -14.57 -21.12
C THR J 76 22.23 -14.43 -21.25
N ASN J 77 22.88 -15.56 -21.45
CA ASN J 77 24.33 -15.61 -21.67
C ASN J 77 24.63 -16.88 -22.43
N TYR J 78 24.96 -16.76 -23.72
CA TYR J 78 25.27 -17.90 -24.55
C TYR J 78 26.78 -18.10 -24.66
N SER J 79 27.18 -19.30 -25.02
CA SER J 79 28.59 -19.57 -25.28
C SER J 79 29.02 -18.87 -26.56
N PRO J 80 30.22 -18.31 -26.61
CA PRO J 80 30.65 -17.58 -27.83
C PRO J 80 30.87 -18.47 -29.04
N SER J 81 31.07 -19.78 -28.84
CA SER J 81 31.25 -20.66 -29.99
C SER J 81 29.93 -20.91 -30.71
N LEU J 82 28.82 -20.88 -29.98
CA LEU J 82 27.50 -21.16 -30.55
C LEU J 82 26.59 -19.93 -30.50
N LYS J 83 27.16 -18.73 -30.60
CA LYS J 83 26.35 -17.51 -30.56
C LYS J 83 25.72 -17.29 -31.93
N GLY J 84 24.41 -17.05 -31.94
CA GLY J 84 23.67 -16.75 -33.14
C GLY J 84 22.74 -17.84 -33.61
N ARG J 85 22.90 -19.07 -33.12
CA ARG J 85 22.04 -20.18 -33.49
C ARG J 85 21.43 -20.87 -32.28
N VAL J 86 21.46 -20.23 -31.12
CA VAL J 86 20.88 -20.79 -29.90
C VAL J 86 19.94 -19.75 -29.30
N SER J 87 18.93 -20.23 -28.58
CA SER J 87 17.94 -19.35 -27.96
C SER J 87 17.37 -20.06 -26.75
N ILE J 88 17.53 -19.46 -25.57
CA ILE J 88 17.00 -20.00 -24.33
C ILE J 88 15.94 -19.05 -23.81
N SER J 89 14.77 -19.59 -23.44
CA SER J 89 13.65 -18.80 -22.96
C SER J 89 13.17 -19.35 -21.63
N VAL J 90 12.78 -18.46 -20.72
CA VAL J 90 12.29 -18.82 -19.41
C VAL J 90 10.81 -18.43 -19.31
N ASP J 91 10.05 -19.25 -18.58
CA ASP J 91 8.63 -18.98 -18.37
C ASP J 91 8.31 -19.32 -16.92
N THR J 92 7.83 -18.33 -16.17
CA THR J 92 7.55 -18.51 -14.76
C THR J 92 6.13 -19.00 -14.49
N SER J 93 5.32 -19.20 -15.53
CA SER J 93 3.95 -19.65 -15.32
C SER J 93 3.88 -21.17 -15.23
N LYS J 94 4.36 -21.87 -16.25
CA LYS J 94 4.32 -23.32 -16.29
C LYS J 94 5.50 -23.98 -15.60
N ASN J 95 6.38 -23.19 -14.97
CA ASN J 95 7.49 -23.66 -14.13
C ASN J 95 8.47 -24.51 -14.95
N GLN J 96 8.94 -23.93 -16.06
CA GLN J 96 9.84 -24.62 -16.97
C GLN J 96 10.57 -23.60 -17.83
N PHE J 97 11.65 -24.06 -18.47
CA PHE J 97 12.42 -23.26 -19.41
C PHE J 97 12.85 -24.14 -20.58
N SER J 98 13.14 -23.51 -21.71
CA SER J 98 13.29 -24.23 -22.97
C SER J 98 14.52 -23.76 -23.74
N LEU J 99 15.02 -24.65 -24.59
CA LEU J 99 16.12 -24.38 -25.49
C LEU J 99 15.64 -24.48 -26.93
N ARG J 100 16.21 -23.66 -27.80
CA ARG J 100 15.99 -23.76 -29.24
C ARG J 100 17.32 -23.63 -29.96
N LEU J 101 17.61 -24.60 -30.83
CA LEU J 101 18.79 -24.57 -31.69
C LEU J 101 18.33 -24.41 -33.13
N ARG J 102 19.08 -23.63 -33.90
CA ARG J 102 18.75 -23.36 -35.30
C ARG J 102 19.87 -23.85 -36.21
N SER J 103 19.47 -24.38 -37.37
CA SER J 103 20.36 -24.89 -38.42
C SER J 103 21.28 -25.99 -37.87
N VAL J 104 20.66 -27.06 -37.40
CA VAL J 104 21.38 -28.17 -36.79
C VAL J 104 21.98 -29.05 -37.88
N THR J 105 23.30 -29.22 -37.84
CA THR J 105 23.99 -30.12 -38.74
C THR J 105 24.06 -31.52 -38.11
N ALA J 106 24.73 -32.44 -38.80
CA ALA J 106 24.80 -33.82 -38.34
C ALA J 106 25.79 -34.02 -37.21
N ALA J 107 26.64 -33.04 -36.91
CA ALA J 107 27.66 -33.17 -35.89
C ALA J 107 27.19 -32.76 -34.50
N ASP J 108 25.92 -32.41 -34.35
CA ASP J 108 25.38 -32.00 -33.06
C ASP J 108 24.67 -33.12 -32.32
N THR J 109 24.86 -34.36 -32.73
CA THR J 109 24.24 -35.48 -32.03
C THR J 109 24.98 -35.73 -30.71
N ALA J 110 24.21 -35.77 -29.62
CA ALA J 110 24.74 -35.84 -28.27
C ALA J 110 23.59 -36.20 -27.31
N VAL J 111 23.86 -36.11 -26.02
CA VAL J 111 22.85 -36.15 -24.98
C VAL J 111 22.85 -34.80 -24.29
N TYR J 112 21.66 -34.31 -23.94
CA TYR J 112 21.49 -32.94 -23.46
C TYR J 112 20.99 -32.95 -22.03
N PHE J 113 21.75 -32.31 -21.14
CA PHE J 113 21.39 -32.16 -19.73
C PHE J 113 20.91 -30.74 -19.45
N CYS J 114 20.16 -30.59 -18.37
CA CYS J 114 19.81 -29.28 -17.84
C CYS J 114 20.21 -29.24 -16.37
N ALA J 115 20.92 -28.18 -15.98
CA ALA J 115 21.45 -28.04 -14.63
C ALA J 115 21.31 -26.61 -14.18
N SER J 116 21.45 -26.40 -12.87
CA SER J 116 21.29 -25.08 -12.26
C SER J 116 22.60 -24.63 -11.62
N LEU J 117 22.69 -23.33 -11.39
CA LEU J 117 23.84 -22.69 -10.77
C LEU J 117 23.35 -21.68 -9.73
N PRO J 118 24.11 -21.46 -8.66
CA PRO J 118 23.68 -20.48 -7.65
C PRO J 118 24.02 -19.06 -8.06
N ARG J 119 23.20 -18.12 -7.59
CA ARG J 119 23.45 -16.70 -7.86
C ARG J 119 24.64 -16.22 -7.05
N GLY J 120 25.53 -15.49 -7.70
CA GLY J 120 26.71 -14.96 -7.04
C GLY J 120 27.92 -14.95 -7.94
N GLN J 121 29.03 -15.49 -7.44
CA GLN J 121 30.25 -15.57 -8.22
C GLN J 121 30.36 -16.94 -8.86
N LEU J 122 30.68 -16.98 -10.15
CA LEU J 122 30.83 -18.21 -10.90
C LEU J 122 32.27 -18.70 -10.90
N VAL J 123 33.15 -18.07 -10.13
CA VAL J 123 34.57 -18.41 -10.17
C VAL J 123 34.82 -19.75 -9.48
N ASN J 124 34.02 -20.09 -8.47
CA ASN J 124 34.09 -21.39 -7.80
C ASN J 124 32.81 -22.21 -7.97
N ALA J 125 31.86 -21.72 -8.76
CA ALA J 125 30.58 -22.39 -8.87
C ALA J 125 30.69 -23.68 -9.69
N TYR J 126 29.87 -24.65 -9.33
CA TYR J 126 29.84 -25.96 -9.98
C TYR J 126 28.39 -26.31 -10.30
N PHE J 127 28.20 -27.05 -11.39
CA PHE J 127 26.86 -27.41 -11.82
C PHE J 127 26.28 -28.47 -10.89
N ARG J 128 25.05 -28.24 -10.43
CA ARG J 128 24.39 -29.16 -9.53
C ARG J 128 22.96 -29.37 -10.01
N ASN J 129 22.29 -30.35 -9.38
CA ASN J 129 20.92 -30.78 -9.71
C ASN J 129 20.79 -31.19 -11.17
N TRP J 130 21.60 -32.15 -11.58
CA TRP J 130 21.60 -32.62 -12.97
C TRP J 130 20.33 -33.40 -13.26
N GLY J 131 19.87 -33.31 -14.51
CA GLY J 131 18.75 -34.10 -14.98
C GLY J 131 19.21 -35.45 -15.50
N ARG J 132 18.24 -36.18 -16.07
CA ARG J 132 18.53 -37.50 -16.62
C ARG J 132 19.36 -37.40 -17.90
N GLY J 133 18.96 -36.52 -18.80
CA GLY J 133 19.61 -36.41 -20.09
C GLY J 133 18.90 -37.20 -21.16
N SER J 134 18.27 -36.50 -22.10
CA SER J 134 17.59 -37.14 -23.22
C SER J 134 18.50 -37.11 -24.44
N LEU J 135 18.74 -38.29 -25.01
CA LEU J 135 19.58 -38.40 -26.19
C LEU J 135 18.83 -37.84 -27.39
N VAL J 136 19.50 -36.97 -28.14
CA VAL J 136 18.95 -36.40 -29.36
C VAL J 136 19.89 -36.75 -30.49
N SER J 137 19.39 -37.51 -31.46
CA SER J 137 20.18 -37.93 -32.62
C SER J 137 19.65 -37.23 -33.86
N VAL J 138 20.54 -36.58 -34.60
CA VAL J 138 20.18 -35.86 -35.81
C VAL J 138 20.67 -36.66 -37.02
N THR J 139 19.79 -36.79 -38.02
CA THR J 139 20.04 -37.60 -39.20
C THR J 139 19.61 -36.84 -40.44
N ALA J 140 20.14 -37.28 -41.59
CA ALA J 140 19.75 -36.74 -42.89
C ALA J 140 19.58 -37.87 -43.90
N ALA J 141 19.18 -39.05 -43.44
CA ALA J 141 19.04 -40.22 -44.29
C ALA J 141 17.57 -40.47 -44.62
N SER J 142 17.30 -41.61 -45.28
CA SER J 142 15.96 -41.99 -45.66
C SER J 142 15.78 -43.48 -45.44
N THR J 143 14.55 -43.96 -45.65
CA THR J 143 14.23 -45.35 -45.41
C THR J 143 14.74 -46.24 -46.54
N LYS J 144 15.50 -47.27 -46.17
CA LYS J 144 15.94 -48.27 -47.15
C LYS J 144 16.12 -49.60 -46.43
N GLY J 145 16.19 -50.68 -47.22
CA GLY J 145 16.39 -52.00 -46.69
C GLY J 145 17.82 -52.48 -46.90
N PRO J 146 18.29 -53.37 -46.05
CA PRO J 146 19.66 -53.87 -46.17
C PRO J 146 19.82 -54.79 -47.38
N SER J 147 20.92 -54.60 -48.11
CA SER J 147 21.23 -55.39 -49.30
C SER J 147 22.22 -56.49 -48.90
N VAL J 148 21.70 -57.52 -48.26
CA VAL J 148 22.52 -58.64 -47.82
C VAL J 148 22.84 -59.56 -49.00
N TYR J 172 19.53 -49.52 -43.17
CA TYR J 172 18.39 -49.83 -42.31
C TYR J 172 18.19 -48.69 -41.30
N PHE J 173 17.83 -47.53 -41.82
CA PHE J 173 17.62 -46.35 -40.98
C PHE J 173 16.45 -46.54 -40.01
N PRO J 174 15.20 -46.88 -40.41
CA PRO J 174 14.12 -46.83 -39.41
C PRO J 174 14.11 -48.01 -38.45
N GLU J 175 14.70 -49.15 -38.82
CA GLU J 175 14.61 -50.34 -37.99
C GLU J 175 15.90 -51.14 -38.03
N PRO J 176 16.51 -51.44 -36.88
CA PRO J 176 17.66 -52.36 -36.88
C PRO J 176 17.25 -53.79 -37.15
N VAL J 177 17.74 -54.35 -38.26
CA VAL J 177 17.30 -55.67 -38.68
C VAL J 177 18.06 -56.75 -37.90
N THR J 178 17.37 -57.85 -37.60
CA THR J 178 17.94 -58.98 -36.88
C THR J 178 18.03 -60.18 -37.82
N VAL J 179 19.21 -60.79 -37.89
CA VAL J 179 19.45 -61.96 -38.72
C VAL J 179 19.84 -63.12 -37.82
N SER J 180 19.12 -64.23 -37.92
CA SER J 180 19.38 -65.41 -37.13
C SER J 180 19.52 -66.62 -38.06
N TRP J 181 20.50 -67.47 -37.78
CA TRP J 181 20.74 -68.66 -38.58
C TRP J 181 20.55 -69.93 -37.75
N VAL J 190 26.97 -68.70 -34.66
CA VAL J 190 26.86 -67.39 -35.27
C VAL J 190 27.18 -66.30 -34.25
N HIS J 191 27.31 -65.07 -34.72
CA HIS J 191 27.60 -63.94 -33.84
C HIS J 191 26.96 -62.68 -34.40
N THR J 192 26.39 -61.87 -33.52
CA THR J 192 25.80 -60.59 -33.86
C THR J 192 26.74 -59.47 -33.42
N PHE J 193 26.95 -58.49 -34.29
CA PHE J 193 27.98 -57.49 -34.11
C PHE J 193 27.39 -56.09 -34.24
N PRO J 194 27.96 -55.09 -33.55
CA PRO J 194 27.37 -53.75 -33.56
C PRO J 194 27.50 -53.06 -34.92
N ALA J 195 26.59 -52.11 -35.15
CA ALA J 195 26.43 -51.44 -36.43
C ALA J 195 27.43 -50.30 -36.61
N VAL J 196 27.50 -49.79 -37.83
CA VAL J 196 28.38 -48.68 -38.20
C VAL J 196 27.54 -47.58 -38.82
N LEU J 197 27.71 -46.35 -38.34
CA LEU J 197 27.11 -45.17 -38.95
C LEU J 197 28.06 -44.61 -39.99
N GLN J 198 27.61 -44.57 -41.24
CA GLN J 198 28.41 -43.97 -42.31
C GLN J 198 28.29 -42.45 -42.26
N SER J 199 29.06 -41.79 -43.14
CA SER J 199 29.01 -40.34 -43.24
C SER J 199 27.71 -39.86 -43.87
N SER J 200 27.06 -40.71 -44.66
CA SER J 200 25.77 -40.38 -45.26
C SER J 200 24.61 -40.60 -44.31
N GLY J 201 24.85 -41.18 -43.14
CA GLY J 201 23.79 -41.41 -42.18
C GLY J 201 23.09 -42.75 -42.28
N LEU J 202 23.68 -43.72 -42.98
CA LEU J 202 23.08 -45.03 -43.14
C LEU J 202 23.69 -46.00 -42.12
N TYR J 203 23.30 -47.26 -42.19
CA TYR J 203 23.78 -48.28 -41.26
C TYR J 203 24.23 -49.52 -42.02
N SER J 204 25.12 -50.28 -41.39
CA SER J 204 25.63 -51.52 -41.94
C SER J 204 26.13 -52.40 -40.80
N LEU J 205 25.98 -53.72 -40.96
CA LEU J 205 26.47 -54.65 -39.95
C LEU J 205 27.06 -55.86 -40.67
N SER J 206 27.61 -56.78 -39.88
CA SER J 206 28.14 -58.04 -40.37
C SER J 206 27.80 -59.15 -39.38
N SER J 207 27.69 -60.36 -39.91
CA SER J 207 27.38 -61.54 -39.10
C SER J 207 27.92 -62.77 -39.81
N VAL J 208 28.66 -63.61 -39.08
CA VAL J 208 29.27 -64.80 -39.63
C VAL J 208 29.30 -65.88 -38.55
N VAL J 209 29.14 -67.12 -38.99
CA VAL J 209 29.21 -68.27 -38.10
C VAL J 209 30.67 -68.67 -37.87
C1 NAG K . -24.82 -33.38 -29.08
C2 NAG K . -25.81 -33.99 -30.10
C3 NAG K . -27.20 -33.37 -29.90
C4 NAG K . -27.66 -33.47 -28.44
C5 NAG K . -26.58 -32.87 -27.53
C6 NAG K . -26.87 -32.93 -26.05
C7 NAG K . -25.04 -34.77 -32.34
C8 NAG K . -25.19 -36.21 -31.89
N2 NAG K . -25.35 -33.81 -31.45
O3 NAG K . -28.09 -34.01 -30.78
O4 NAG K . -28.90 -32.80 -28.35
O5 NAG K . -25.35 -33.53 -27.78
O6 NAG K . -27.97 -32.11 -25.74
O7 NAG K . -24.65 -34.52 -33.47
C1 NAG K . -29.94 -33.72 -27.98
C2 NAG K . -31.30 -33.00 -28.06
C3 NAG K . -32.41 -33.98 -27.66
C4 NAG K . -32.35 -35.27 -28.50
C5 NAG K . -30.93 -35.85 -28.46
C6 NAG K . -30.73 -37.05 -29.36
C7 NAG K . -31.53 -30.58 -27.68
C8 NAG K . -31.51 -29.50 -26.62
N2 NAG K . -31.33 -31.83 -27.23
O3 NAG K . -33.64 -33.33 -27.81
O4 NAG K . -33.29 -36.16 -27.96
O5 NAG K . -29.99 -34.84 -28.83
O6 NAG K . -30.98 -36.68 -30.69
O7 NAG K . -31.71 -30.31 -28.85
C1 NAG L . -11.52 -31.45 -29.29
C2 NAG L . -10.93 -32.84 -29.49
C3 NAG L . -9.45 -32.69 -29.86
C4 NAG L . -9.24 -31.77 -31.06
C5 NAG L . -9.97 -30.43 -30.80
C6 NAG L . -9.97 -29.45 -31.95
C7 NAG L . -11.95 -34.66 -28.20
C8 NAG L . -11.97 -35.34 -26.86
N2 NAG L . -11.10 -33.63 -28.30
O3 NAG L . -8.93 -33.97 -30.09
O4 NAG L . -7.85 -31.61 -31.20
O5 NAG L . -11.32 -30.70 -30.47
O6 NAG L . -10.53 -30.06 -33.09
O7 NAG L . -12.66 -35.03 -29.13
C1 NAG L . -7.45 -32.05 -32.52
C2 NAG L . -5.90 -32.03 -32.60
C3 NAG L . -5.47 -32.52 -33.99
C4 NAG L . -6.14 -33.83 -34.42
C5 NAG L . -7.65 -33.76 -34.14
C6 NAG L . -8.40 -35.05 -34.40
C7 NAG L . -5.51 -29.54 -32.86
C8 NAG L . -4.75 -28.42 -32.20
N2 NAG L . -5.34 -30.74 -32.27
O3 NAG L . -4.07 -32.64 -33.96
O4 NAG L . -5.88 -33.97 -35.80
O5 NAG L . -7.87 -33.37 -32.79
O6 NAG L . -8.54 -35.24 -35.79
O7 NAG L . -6.20 -29.32 -33.85
C1 BMA L . -5.02 -35.09 -36.09
C2 BMA L . -4.28 -34.72 -37.39
C3 BMA L . -3.22 -35.78 -37.78
C4 BMA L . -2.68 -36.68 -36.63
C5 BMA L . -2.89 -36.09 -35.22
C6 BMA L . -1.70 -35.26 -34.75
O2 BMA L . -3.72 -33.44 -37.21
O3 BMA L . -2.19 -35.08 -38.43
O4 BMA L . -3.34 -37.92 -36.77
O5 BMA L . -4.08 -35.34 -35.05
O6 BMA L . -0.60 -36.13 -34.61
C1 NAG M . -11.68 -16.52 -34.14
C2 NAG M . -13.06 -17.13 -34.43
C3 NAG M . -13.16 -17.50 -35.91
C4 NAG M . -12.74 -16.38 -36.85
C5 NAG M . -11.36 -15.84 -36.40
C6 NAG M . -10.84 -14.67 -37.21
C7 NAG M . -14.38 -18.55 -32.85
C8 NAG M . -15.49 -17.52 -32.87
N2 NAG M . -13.29 -18.28 -33.61
O3 NAG M . -14.48 -17.92 -36.16
O4 NAG M . -12.70 -16.92 -38.15
O5 NAG M . -11.44 -15.45 -35.04
O6 NAG M . -11.82 -13.67 -37.28
O7 NAG M . -14.48 -19.56 -32.17
C1 NAG M . -13.66 -16.28 -39.00
C2 NAG M . -13.64 -17.00 -40.36
C3 NAG M . -14.73 -16.45 -41.30
C4 NAG M . -16.10 -16.40 -40.61
C5 NAG M . -15.96 -15.67 -39.25
C6 NAG M . -17.25 -15.59 -38.47
C7 NAG M . -11.57 -15.95 -41.38
C8 NAG M . -10.24 -16.35 -41.97
N2 NAG M . -12.33 -17.00 -40.98
O3 NAG M . -14.76 -17.24 -42.46
O4 NAG M . -16.99 -15.74 -41.48
O5 NAG M . -14.98 -16.33 -38.48
O6 NAG M . -18.14 -14.71 -39.10
O7 NAG M . -11.89 -14.77 -41.31
C1 NAG N . -28.46 -15.25 -16.68
C2 NAG N . -29.86 -14.86 -16.16
C3 NAG N . -30.58 -16.14 -15.71
C4 NAG N . -30.61 -17.20 -16.81
C5 NAG N . -29.19 -17.43 -17.35
C6 NAG N . -29.10 -18.35 -18.54
C7 NAG N . -30.05 -12.59 -15.14
C8 NAG N . -30.53 -12.04 -16.47
N2 NAG N . -29.76 -13.91 -15.08
O3 NAG N . -31.87 -15.77 -15.31
O4 NAG N . -31.14 -18.38 -16.22
O5 NAG N . -28.62 -16.19 -17.72
O6 NAG N . -29.93 -17.88 -19.58
O7 NAG N . -29.93 -11.86 -14.17
C1 NAG N . -32.38 -18.76 -16.85
C2 NAG N . -33.03 -19.84 -15.97
C3 NAG N . -34.40 -20.22 -16.56
C4 NAG N . -35.27 -19.00 -16.81
C5 NAG N . -34.50 -17.98 -17.64
C6 NAG N . -35.25 -16.69 -17.90
C7 NAG N . -31.36 -21.22 -14.81
C8 NAG N . -30.55 -22.49 -14.90
N2 NAG N . -32.18 -20.99 -15.86
O3 NAG N . -35.01 -21.12 -15.67
O4 NAG N . -36.43 -19.44 -17.48
O5 NAG N . -33.28 -17.67 -16.97
O6 NAG N . -36.40 -16.95 -18.66
O7 NAG N . -31.27 -20.47 -13.85
C1 NAG O . -12.87 -37.19 5.11
C2 NAG O . -12.65 -36.47 3.77
C3 NAG O . -11.68 -37.26 2.90
C4 NAG O . -10.39 -37.64 3.65
C5 NAG O . -10.77 -38.31 4.97
C6 NAG O . -9.59 -38.70 5.85
C7 NAG O . -14.47 -35.11 2.70
C8 NAG O . -13.70 -33.85 3.01
N2 NAG O . -13.91 -36.29 3.09
O3 NAG O . -11.41 -36.49 1.76
O4 NAG O . -9.67 -38.51 2.79
O5 NAG O . -11.62 -37.44 5.70
O6 NAG O . -8.68 -37.63 5.88
O7 NAG O . -15.55 -35.06 2.13
C1 NAG O . -8.42 -37.89 2.41
C2 NAG O . -7.44 -38.99 2.03
C3 NAG O . -6.12 -38.36 1.58
C4 NAG O . -6.32 -37.29 0.49
C5 NAG O . -7.42 -36.31 0.93
C6 NAG O . -7.80 -35.28 -0.09
C7 NAG O . -7.64 -41.16 3.18
C8 NAG O . -7.33 -41.91 4.44
N2 NAG O . -7.24 -39.88 3.14
O3 NAG O . -5.28 -39.41 1.14
O4 NAG O . -5.07 -36.66 0.34
O5 NAG O . -8.58 -37.04 1.29
O6 NAG O . -8.51 -35.90 -1.14
O7 NAG O . -8.23 -41.70 2.25
C1 BMA O . -4.56 -36.89 -1.00
C2 BMA O . -3.54 -35.79 -1.30
C3 BMA O . -2.91 -35.99 -2.70
C4 BMA O . -2.87 -37.44 -3.25
C5 BMA O . -3.11 -38.53 -2.19
C6 BMA O . -1.82 -39.15 -1.64
O2 BMA O . -2.59 -35.79 -0.27
O3 BMA O . -1.62 -35.42 -2.63
O4 BMA O . -3.88 -37.48 -4.24
O5 BMA O . -3.95 -38.16 -1.11
O6 BMA O . -1.11 -38.17 -0.92
C1 NAG P . -37.70 -38.08 -7.00
C2 NAG P . -37.17 -37.03 -7.97
C3 NAG P . -38.23 -36.72 -9.02
C4 NAG P . -38.65 -38.01 -9.75
C5 NAG P . -39.11 -39.02 -8.68
C6 NAG P . -39.56 -40.36 -9.24
C7 NAG P . -35.49 -35.43 -7.05
C8 NAG P . -34.37 -36.29 -7.61
N2 NAG P . -36.75 -35.84 -7.27
O3 NAG P . -37.69 -35.73 -9.85
O4 NAG P . -39.67 -37.74 -10.68
O5 NAG P . -38.06 -39.24 -7.74
O6 NAG P . -38.59 -40.86 -10.12
O7 NAG P . -35.22 -34.40 -6.44
C1 NAG P . -39.13 -37.68 -12.01
C2 NAG P . -40.14 -38.25 -13.03
C3 NAG P . -39.64 -38.00 -14.45
C4 NAG P . -39.23 -36.56 -14.69
C5 NAG P . -38.23 -36.13 -13.61
C6 NAG P . -37.79 -34.68 -13.70
C7 NAG P . -41.56 -40.24 -12.78
C8 NAG P . -41.53 -41.73 -12.54
N2 NAG P . -40.36 -39.64 -12.81
O3 NAG P . -40.65 -38.41 -15.33
O4 NAG P . -38.67 -36.47 -15.98
O5 NAG P . -38.83 -36.34 -12.34
O6 NAG P . -38.89 -33.84 -13.47
O7 NAG P . -42.62 -39.64 -12.93
C1 NAG Q . -31.98 -39.65 -9.29
C2 NAG Q . -32.38 -38.84 -10.53
C3 NAG Q . -33.81 -39.18 -10.95
C4 NAG Q . -34.05 -40.68 -11.04
C5 NAG Q . -33.63 -41.32 -9.71
C6 NAG Q . -33.81 -42.82 -9.62
C7 NAG Q . -31.44 -36.58 -10.89
C8 NAG Q . -31.52 -35.14 -10.42
N2 NAG Q . -32.28 -37.42 -10.26
O3 NAG Q . -34.06 -38.53 -12.16
O4 NAG Q . -35.42 -40.90 -11.30
O5 NAG Q . -32.27 -41.01 -9.50
O6 NAG Q . -33.16 -43.43 -10.71
O7 NAG Q . -30.67 -36.93 -11.77
C1 NAG Q . -35.60 -41.48 -12.62
C2 NAG Q . -36.89 -42.31 -12.62
C3 NAG Q . -37.34 -42.70 -14.04
C4 NAG Q . -37.26 -41.53 -15.02
C5 NAG Q . -35.86 -40.92 -14.94
C6 NAG Q . -35.61 -39.77 -15.89
C7 NAG Q . -35.97 -44.56 -11.86
C8 NAG Q . -36.18 -45.57 -10.77
N2 NAG Q . -36.79 -43.48 -11.76
O3 NAG Q . -38.64 -43.21 -13.95
O4 NAG Q . -37.54 -42.03 -16.30
O5 NAG Q . -35.66 -40.46 -13.61
O6 NAG Q . -36.60 -38.77 -15.70
O7 NAG Q . -35.13 -44.74 -12.73
C1 NAG R . 35.38 -3.30 -19.07
C2 NAG R . 34.77 -3.87 -20.36
C3 NAG R . 35.83 -4.67 -21.15
C4 NAG R . 37.18 -3.95 -21.27
C5 NAG R . 37.62 -3.51 -19.87
C6 NAG R . 38.92 -2.75 -19.80
C7 NAG R . 32.38 -4.45 -20.22
C8 NAG R . 31.42 -5.55 -19.80
N2 NAG R . 33.68 -4.75 -20.04
O3 NAG R . 35.29 -4.95 -22.42
O4 NAG R . 38.08 -4.88 -21.81
O5 NAG R . 36.60 -2.68 -19.34
O6 NAG R . 39.99 -3.62 -20.08
O7 NAG R . 31.98 -3.39 -20.67
C1 NAG R . 38.60 -4.43 -23.08
C2 NAG R . 39.45 -5.58 -23.66
C3 NAG R . 39.91 -5.29 -25.09
C4 NAG R . 38.74 -4.81 -25.97
C5 NAG R . 38.02 -3.64 -25.27
C6 NAG R . 36.83 -3.12 -26.04
C7 NAG R . 41.60 -5.23 -22.37
C8 NAG R . 42.52 -5.98 -21.44
N2 NAG R . 40.54 -5.96 -22.78
O3 NAG R . 40.51 -6.46 -25.58
O4 NAG R . 39.09 -4.52 -27.31
O5 NAG R . 37.59 -4.08 -24.00
O6 NAG R . 35.92 -4.17 -26.25
O7 NAG R . 41.84 -4.07 -22.68
C1 BMA R . 40.33 -3.81 -27.54
C2 BMA R . 40.94 -4.41 -28.80
C3 BMA R . 42.25 -3.67 -29.21
C4 BMA R . 42.41 -2.22 -28.71
C5 BMA R . 41.11 -1.55 -28.28
C6 BMA R . 40.47 -0.73 -29.39
O2 BMA R . 39.98 -4.38 -29.81
O3 BMA R . 42.31 -3.77 -30.61
O4 BMA R . 43.33 -2.30 -27.63
O5 BMA R . 40.13 -2.41 -27.70
O6 BMA R . 39.32 -0.11 -28.86
C1 NAG S . 37.51 -8.65 -16.52
C2 NAG S . 36.34 -8.54 -17.49
C3 NAG S . 36.61 -9.28 -18.80
C4 NAG S . 37.99 -9.04 -19.39
C5 NAG S . 39.06 -9.11 -18.27
C6 NAG S . 40.46 -8.75 -18.72
C7 NAG S . 34.15 -8.38 -16.36
C8 NAG S . 33.03 -9.22 -15.83
N2 NAG S . 35.15 -9.09 -16.91
O3 NAG S . 35.58 -8.91 -19.68
O4 NAG S . 38.21 -10.05 -20.35
O5 NAG S . 38.69 -8.27 -17.19
O6 NAG S . 40.50 -7.38 -19.03
O7 NAG S . 34.14 -7.16 -16.28
C1 NAG S . 38.12 -9.55 -21.70
C2 NAG S . 38.81 -10.53 -22.64
C3 NAG S . 38.70 -10.00 -24.07
C4 NAG S . 37.26 -9.72 -24.48
C5 NAG S . 36.59 -8.85 -23.42
C6 NAG S . 35.11 -8.62 -23.63
C7 NAG S . 40.68 -11.94 -21.90
C8 NAG S . 42.15 -11.94 -21.54
N2 NAG S . 40.18 -10.75 -22.26
O3 NAG S . 39.31 -10.96 -24.91
O4 NAG S . 37.30 -9.08 -25.73
O5 NAG S . 36.78 -9.41 -22.13
O6 NAG S . 34.91 -7.87 -24.80
O7 NAG S . 40.02 -12.97 -21.86
C1 BMA S . 36.73 -9.88 -26.80
C2 BMA S . 36.72 -8.98 -28.03
C3 BMA S . 36.32 -9.75 -29.31
C4 BMA S . 36.65 -11.25 -29.35
C5 BMA S . 37.57 -11.77 -28.23
C6 BMA S . 39.04 -11.88 -28.63
O2 BMA S . 37.99 -8.38 -28.14
O3 BMA S . 36.89 -9.04 -30.38
O4 BMA S . 35.41 -11.91 -29.33
O5 BMA S . 37.49 -11.06 -27.00
O6 BMA S . 39.20 -13.11 -29.30
C1 NAG T . 35.96 12.49 -16.30
C2 NAG T . 35.16 13.74 -16.71
C3 NAG T . 35.26 13.89 -18.23
C4 NAG T . 36.72 13.92 -18.71
C5 NAG T . 37.46 12.70 -18.13
C6 NAG T . 38.95 12.65 -18.44
C7 NAG T . 33.20 14.34 -15.28
C8 NAG T . 34.06 15.32 -14.52
N2 NAG T . 33.78 13.64 -16.29
O3 NAG T . 34.55 15.05 -18.58
O4 NAG T . 36.73 13.90 -20.12
O5 NAG T . 37.29 12.65 -16.72
O6 NAG T . 39.59 13.73 -17.79
O7 NAG T . 32.02 14.20 -14.99
C1 NAG T . 37.17 15.18 -20.63
C2 NAG T . 37.41 15.02 -22.14
C3 NAG T . 37.63 16.38 -22.81
C4 NAG T . 36.55 17.39 -22.42
C5 NAG T . 36.51 17.47 -20.88
C6 NAG T . 35.49 18.44 -20.34
C7 NAG T . 38.54 13.03 -23.16
C8 NAG T . 37.25 12.63 -23.81
N2 NAG T . 38.53 14.16 -22.40
O3 NAG T . 37.65 16.18 -24.20
O4 NAG T . 36.90 18.63 -22.99
O5 NAG T . 36.21 16.18 -20.39
O6 NAG T . 34.19 17.91 -20.52
O7 NAG T . 39.56 12.37 -23.32
C1 NAG U . 34.33 15.50 -9.11
C2 NAG U . 35.85 15.68 -9.27
C3 NAG U . 36.35 16.81 -8.37
C4 NAG U . 35.52 18.09 -8.48
C5 NAG U . 34.03 17.75 -8.35
C6 NAG U . 33.09 18.91 -8.55
C7 NAG U . 37.49 13.84 -9.70
C8 NAG U . 37.86 14.49 -11.02
N2 NAG U . 36.55 14.46 -8.96
O3 NAG U . 37.70 17.03 -8.70
O4 NAG U . 35.94 18.95 -7.44
O5 NAG U . 33.70 16.74 -9.30
O6 NAG U . 33.27 19.45 -9.84
O7 NAG U . 38.03 12.81 -9.34
C1 NAG U . 36.59 20.11 -7.98
C2 NAG U . 36.53 21.22 -6.92
C3 NAG U . 37.29 22.45 -7.42
C4 NAG U . 38.71 22.10 -7.84
C5 NAG U . 38.68 20.93 -8.84
C6 NAG U . 40.06 20.44 -9.25
C7 NAG U . 34.55 21.10 -5.48
C8 NAG U . 33.12 21.55 -5.32
N2 NAG U . 35.17 21.54 -6.59
O3 NAG U . 37.27 23.43 -6.41
O4 NAG U . 39.30 23.25 -8.40
O5 NAG U . 37.96 19.85 -8.29
O6 NAG U . 40.82 21.50 -9.77
O7 NAG U . 35.09 20.38 -4.65
C1 NAG V . 35.90 -21.48 9.70
C2 NAG V . 35.19 -22.47 10.64
C3 NAG V . 36.10 -23.68 10.89
C4 NAG V . 36.67 -24.29 9.61
C5 NAG V . 37.27 -23.18 8.72
C6 NAG V . 37.76 -23.59 7.35
C7 NAG V . 33.59 -21.75 12.36
C8 NAG V . 33.47 -21.04 13.69
N2 NAG V . 34.84 -21.84 11.88
O3 NAG V . 35.36 -24.61 11.62
O4 NAG V . 37.64 -25.23 10.05
O5 NAG V . 36.30 -22.17 8.54
O6 NAG V . 38.30 -22.47 6.69
O7 NAG V . 32.61 -22.20 11.79
C1 NAG V . 37.41 -26.54 9.48
C2 NAG V . 38.72 -27.35 9.64
C3 NAG V . 38.51 -28.76 9.05
C4 NAG V . 37.24 -29.44 9.58
C5 NAG V . 36.05 -28.48 9.47
C6 NAG V . 34.75 -29.01 10.06
C7 NAG V . 40.15 -26.31 7.83
C8 NAG V . 41.48 -25.63 7.67
N2 NAG V . 39.88 -26.69 9.10
O3 NAG V . 39.68 -29.49 9.32
O4 NAG V . 37.02 -30.59 8.79
O5 NAG V . 36.37 -27.25 10.11
O6 NAG V . 34.94 -29.35 11.41
O7 NAG V . 39.41 -26.47 6.86
C1 BMA V . 37.29 -31.78 9.57
C2 BMA V . 36.46 -32.92 8.99
C3 BMA V . 36.78 -34.27 9.69
C4 BMA V . 38.18 -34.40 10.35
C5 BMA V . 39.21 -33.36 9.86
C6 BMA V . 40.06 -33.88 8.70
O2 BMA V . 36.68 -32.96 7.61
O3 BMA V . 36.56 -35.26 8.73
O4 BMA V . 37.95 -34.24 11.74
O5 BMA V . 38.68 -32.09 9.53
O6 BMA V . 40.89 -32.81 8.28
C1 NAG W . -0.85 -0.34 -35.66
C2 NAG W . -1.71 0.06 -36.88
C3 NAG W . -1.77 -1.08 -37.91
C4 NAG W . -0.37 -1.47 -38.37
C5 NAG W . 0.41 -1.87 -37.10
C6 NAG W . 1.86 -2.22 -37.39
C7 NAG W . -4.09 -0.09 -36.02
C8 NAG W . -5.32 0.78 -35.94
N2 NAG W . -3.04 0.54 -36.61
O3 NAG W . -2.64 -0.63 -38.91
O4 NAG W . -0.40 -2.55 -39.28
O5 NAG W . 0.39 -0.83 -36.14
O6 NAG W . 2.63 -2.07 -36.23
O7 NAG W . -4.08 -1.22 -35.58
C1 NAG W . -0.42 -2.14 -40.68
C2 NAG W . 0.78 -2.72 -41.45
C3 NAG W . 0.62 -2.45 -42.95
C4 NAG W . -0.75 -2.86 -43.49
C5 NAG W . -1.83 -2.21 -42.62
C6 NAG W . -3.24 -2.60 -43.01
C7 NAG W . 3.13 -2.80 -40.71
C8 NAG W . 4.29 -1.94 -40.28
N2 NAG W . 2.01 -2.12 -41.01
O3 NAG W . 1.67 -3.10 -43.62
O4 NAG W . -0.82 -2.44 -44.82
O5 NAG W . -1.61 -2.60 -41.27
O6 NAG W . -4.14 -2.15 -42.02
O7 NAG W . 3.23 -4.02 -40.79
C1 NAG X . 25.15 10.85 -2.03
C2 NAG X . 24.10 10.58 -3.11
C3 NAG X . 24.02 11.77 -4.09
C4 NAG X . 23.93 13.12 -3.38
C5 NAG X . 25.04 13.22 -2.33
C6 NAG X . 25.04 14.48 -1.50
C7 NAG X . 23.71 8.24 -3.88
C8 NAG X . 22.42 8.20 -3.08
N2 NAG X . 24.42 9.38 -3.84
O3 NAG X . 22.92 11.54 -4.93
O4 NAG X . 24.05 14.12 -4.38
O5 NAG X . 24.92 12.12 -1.45
O6 NAG X . 25.37 15.58 -2.32
O7 NAG X . 24.06 7.26 -4.52
C1 NAG X . 22.82 14.86 -4.48
C2 NAG X . 23.08 16.15 -5.26
C3 NAG X . 21.76 16.92 -5.43
C4 NAG X . 20.65 16.04 -6.01
C5 NAG X . 20.55 14.73 -5.21
C6 NAG X . 19.57 13.72 -5.77
C7 NAG X . 25.23 17.34 -5.15
C8 NAG X . 26.10 18.21 -4.28
N2 NAG X . 24.05 16.98 -4.61
O3 NAG X . 22.02 18.04 -6.22
O4 NAG X . 19.45 16.78 -5.91
O5 NAG X . 21.83 14.11 -5.17
O6 NAG X . 20.02 13.29 -7.04
O7 NAG X . 25.59 16.99 -6.26
C1 BMA X . 18.97 17.13 -7.23
C2 BMA X . 17.48 17.43 -7.12
C3 BMA X . 16.89 17.92 -8.47
C4 BMA X . 17.89 18.59 -9.45
C5 BMA X . 19.21 19.03 -8.83
C6 BMA X . 19.23 20.52 -8.43
O2 BMA X . 17.31 18.36 -6.09
O3 BMA X . 15.82 18.77 -8.14
O4 BMA X . 18.12 17.62 -10.46
O5 BMA X . 19.68 18.25 -7.74
O6 BMA X . 18.37 20.69 -7.32
C1 NAG Y . 12.46 7.51 -35.15
C2 NAG Y . 13.21 8.83 -35.40
C3 NAG Y . 12.19 9.93 -35.69
C4 NAG Y . 11.24 9.54 -36.83
C5 NAG Y . 10.62 8.17 -36.53
C6 NAG Y . 9.72 7.61 -37.61
C7 NAG Y . 15.37 9.26 -34.24
C8 NAG Y . 16.10 9.00 -35.55
N2 NAG Y . 14.02 9.16 -34.27
O3 NAG Y . 12.90 11.11 -35.97
O4 NAG Y . 10.29 10.57 -36.92
O5 NAG Y . 11.65 7.23 -36.28
O6 NAG Y . 9.19 6.37 -37.20
O7 NAG Y . 15.99 9.54 -33.23
C1 NAG Y . 10.36 11.21 -38.22
C2 NAG Y . 9.15 12.14 -38.37
C3 NAG Y . 9.20 12.80 -39.75
C4 NAG Y . 10.55 13.50 -39.98
C5 NAG Y . 11.69 12.53 -39.69
C6 NAG Y . 13.07 13.16 -39.79
C7 NAG Y . 7.22 11.41 -37.03
C8 NAG Y . 5.95 10.59 -37.05
N2 NAG Y . 7.92 11.41 -38.18
O3 NAG Y . 8.13 13.69 -39.84
O4 NAG Y . 10.56 13.94 -41.32
O5 NAG Y . 11.54 11.98 -38.38
O6 NAG Y . 13.11 14.33 -39.00
O7 NAG Y . 7.57 12.03 -36.03
C1 NAG Z . 33.01 0.91 38.26
C2 NAG Z . 32.29 1.46 39.52
C3 NAG Z . 33.24 2.07 40.57
C4 NAG Z . 34.62 1.42 40.70
C5 NAG Z . 35.14 1.03 39.32
C6 NAG Z . 36.46 0.28 39.33
C7 NAG Z . 30.96 3.59 38.73
C8 NAG Z . 32.06 4.46 38.13
N2 NAG Z . 31.17 2.35 39.28
O3 NAG Z . 32.55 2.08 41.79
O4 NAG Z . 35.44 2.41 41.28
O5 NAG Z . 34.18 0.23 38.66
O6 NAG Z . 37.50 1.18 39.66
O7 NAG Z . 29.83 4.03 38.71
C1 NAG Z . 35.81 2.11 42.64
C2 NAG Z . 36.81 3.21 43.10
C3 NAG Z . 37.06 3.17 44.61
C4 NAG Z . 35.75 3.07 45.40
C5 NAG Z . 34.95 1.88 44.89
C6 NAG Z . 33.62 1.69 45.59
C7 NAG Z . 39.12 2.56 42.01
C8 NAG Z . 39.35 1.18 42.59
N2 NAG Z . 38.02 3.31 42.29
O3 NAG Z . 37.78 4.32 44.95
O4 NAG Z . 36.10 2.92 46.76
O5 NAG Z . 34.69 2.08 43.50
O6 NAG Z . 32.87 2.88 45.50
O7 NAG Z . 39.98 3.00 41.24
C1 NAG AA . -21.13 31.37 42.59
C2 NAG AA . -21.23 30.32 43.72
C3 NAG AA . -22.05 30.94 44.84
C4 NAG AA . -21.38 32.19 45.39
C5 NAG AA . -21.18 33.18 44.24
C6 NAG AA . -20.33 34.40 44.57
C7 NAG AA . -21.29 27.89 43.69
C8 NAG AA . -22.02 26.67 43.20
N2 NAG AA . -21.80 29.07 43.31
O3 NAG AA . -22.25 29.95 45.82
O4 NAG AA . -22.22 32.72 46.40
O5 NAG AA . -20.55 32.54 43.13
O6 NAG AA . -21.00 35.24 45.47
O7 NAG AA . -20.30 27.79 44.39
C1 NAG AA . -21.58 32.81 47.71
C2 NAG AA . -22.15 31.67 48.60
C3 NAG AA . -21.45 31.67 49.96
C4 NAG AA . -19.93 31.65 49.82
C5 NAG AA . -19.49 32.79 48.89
C6 NAG AA . -18.00 32.85 48.63
C7 NAG AA . -24.44 30.94 48.11
C8 NAG AA . -25.90 31.23 48.38
N2 NAG AA . -23.58 31.77 48.71
O3 NAG AA . -21.93 30.56 50.68
O4 NAG AA . -19.38 31.77 51.10
O5 NAG AA . -20.16 32.66 47.64
O6 NAG AA . -17.73 32.36 47.33
O7 NAG AA . -24.09 30.01 47.40
C1 NAG BA . -32.90 9.17 -29.84
C2 NAG BA . -34.42 9.07 -29.78
C3 NAG BA . -34.83 7.60 -29.98
C4 NAG BA . -34.20 6.97 -31.23
C5 NAG BA . -32.68 7.23 -31.21
C6 NAG BA . -31.94 6.73 -32.44
C7 NAG BA . -35.76 10.62 -28.36
C8 NAG BA . -36.21 11.35 -29.60
N2 NAG BA . -34.93 9.57 -28.54
O3 NAG BA . -36.23 7.56 -30.01
O4 NAG BA . -34.48 5.59 -31.21
O5 NAG BA . -32.44 8.62 -31.07
O6 NAG BA . -30.56 7.00 -32.29
O7 NAG BA . -36.13 10.98 -27.25
C1 NAG BA . -35.39 5.25 -32.26
C2 NAG BA . -35.44 3.72 -32.38
C3 NAG BA . -36.52 3.29 -33.37
C4 NAG BA . -37.87 3.94 -33.06
C5 NAG BA . -37.68 5.46 -32.98
C6 NAG BA . -38.94 6.22 -32.62
C7 NAG BA . -33.39 2.39 -32.00
C8 NAG BA . -32.09 1.95 -32.62
N2 NAG BA . -34.16 3.18 -32.77
O3 NAG BA . -36.61 1.88 -33.35
O4 NAG BA . -38.76 3.57 -34.08
O5 NAG BA . -36.70 5.73 -32.00
O6 NAG BA . -39.34 5.86 -31.32
O7 NAG BA . -33.72 2.02 -30.89
C1 NAG CA . -34.56 17.92 4.98
C2 NAG CA . -33.95 16.80 4.09
C3 NAG CA . -34.94 16.27 3.05
C4 NAG CA . -36.24 15.81 3.70
C5 NAG CA . -36.85 17.05 4.37
C6 NAG CA . -38.02 16.69 5.27
C7 NAG CA . -32.47 18.06 2.45
C8 NAG CA . -31.02 18.12 2.03
N2 NAG CA . -32.72 17.16 3.43
O3 NAG CA . -34.27 15.27 2.33
O4 NAG CA . -37.12 15.33 2.71
O5 NAG CA . -35.95 17.80 5.18
O6 NAG CA . -39.02 16.05 4.51
O7 NAG CA . -33.28 18.80 1.92
C1 NAG CA . -37.19 13.89 2.69
C2 NAG CA . -38.56 13.42 2.15
C3 NAG CA . -38.55 11.90 2.02
C4 NAG CA . -37.33 11.33 1.28
C5 NAG CA . -36.06 11.95 1.87
C6 NAG CA . -34.80 11.58 1.14
C7 NAG CA . -40.84 14.24 2.55
C8 NAG CA . -41.85 14.58 3.62
N2 NAG CA . -39.65 13.81 2.99
O3 NAG CA . -39.74 11.53 1.38
O4 NAG CA . -37.33 9.94 1.53
O5 NAG CA . -36.18 13.37 1.87
O6 NAG CA . -34.92 11.92 -0.23
O7 NAG CA . -41.11 14.38 1.36
C1 BMA CA . -37.63 9.13 0.36
C2 BMA CA . -37.98 7.76 0.95
C3 BMA CA . -38.86 6.87 0.03
C4 BMA CA . -39.22 7.44 -1.37
C5 BMA CA . -39.39 8.95 -1.40
C6 BMA CA . -40.86 9.38 -1.36
O2 BMA CA . -38.57 7.98 2.20
O3 BMA CA . -40.00 6.55 0.79
O4 BMA CA . -38.17 7.02 -2.22
O5 BMA CA . -38.69 9.68 -0.41
O6 BMA CA . -40.89 10.79 -1.51
C1 NAG DA . -8.36 42.57 10.33
C2 NAG DA . -7.21 42.96 9.39
C3 NAG DA . -6.33 43.99 10.11
C4 NAG DA . -7.16 45.21 10.56
C5 NAG DA . -8.36 44.70 11.39
C6 NAG DA . -9.30 45.80 11.85
C7 NAG DA . -6.39 41.36 7.72
C8 NAG DA . -5.52 40.15 7.51
N2 NAG DA . -6.44 41.81 8.99
O3 NAG DA . -5.29 44.29 9.20
O4 NAG DA . -6.38 46.07 11.36
O5 NAG DA . -9.09 43.74 10.66
O6 NAG DA . -8.65 46.62 12.79
O7 NAG DA . -6.99 41.88 6.79
C1 NAG DA . -5.83 47.16 10.59
C2 NAG DA . -6.33 48.51 11.15
C3 NAG DA . -5.51 49.69 10.61
C4 NAG DA . -4.00 49.44 10.61
C5 NAG DA . -3.74 48.09 9.92
C6 NAG DA . -2.29 47.66 9.83
C7 NAG DA . -8.43 48.78 9.75
C8 NAG DA . -9.91 49.00 9.92
N2 NAG DA . -7.75 48.70 10.92
O3 NAG DA . -5.86 50.81 11.38
O4 NAG DA . -3.37 50.52 9.93
O5 NAG DA . -4.43 47.10 10.66
O6 NAG DA . -1.66 47.85 11.07
O7 NAG DA . -7.95 48.72 8.63
C1 BMA DA . -2.58 51.31 10.86
C2 BMA DA . -1.26 51.66 10.16
C3 BMA DA . -1.48 52.69 9.03
C4 BMA DA . -2.46 53.85 9.33
C5 BMA DA . -3.51 53.60 10.41
C6 BMA DA . -4.95 53.62 9.90
O2 BMA DA . -0.68 50.48 9.68
O3 BMA DA . -1.81 51.94 7.88
O4 BMA DA . -1.62 54.92 9.68
O5 BMA DA . -3.32 52.46 11.25
O6 BMA DA . -5.07 52.62 8.91
C1 NAG EA . -44.35 24.03 -0.34
C2 NAG EA . -45.27 25.25 -0.52
C3 NAG EA . -46.30 25.32 0.62
C4 NAG EA . -47.06 23.99 0.76
C5 NAG EA . -46.01 22.89 0.99
C6 NAG EA . -46.60 21.51 1.17
C7 NAG EA . -44.37 27.28 -1.67
C8 NAG EA . -45.11 26.88 -2.92
N2 NAG EA . -44.50 26.46 -0.59
O3 NAG EA . -47.14 26.40 0.36
O4 NAG EA . -47.96 24.09 1.85
O5 NAG EA . -45.14 22.87 -0.12
O6 NAG EA . -47.49 21.23 0.11
O7 NAG EA . -43.69 28.29 -1.63
C1 NAG EA . -49.31 24.11 1.35
C2 NAG EA . -50.22 23.31 2.29
C3 NAG EA . -51.68 23.44 1.85
C4 NAG EA . -52.08 24.90 1.68
C5 NAG EA . -51.10 25.59 0.73
C6 NAG EA . -51.36 27.06 0.52
C7 NAG EA . -49.69 21.18 3.42
C8 NAG EA . -49.29 19.74 3.20
N2 NAG EA . -49.85 21.92 2.31
O3 NAG EA . -52.48 22.79 2.80
O4 NAG EA . -53.40 24.92 1.16
O5 NAG EA . -49.79 25.43 1.25
O6 NAG EA . -52.67 27.24 0.02
O7 NAG EA . -49.85 21.63 4.56
C1 NAG FA . -44.24 26.29 -7.77
C2 NAG FA . -45.23 25.12 -7.72
C3 NAG FA . -45.97 25.06 -9.05
C4 NAG FA . -46.61 26.39 -9.45
C5 NAG FA . -45.63 27.56 -9.23
C6 NAG FA . -46.28 28.94 -9.29
C7 NAG FA . -44.51 23.34 -6.17
C8 NAG FA . -43.76 22.05 -6.07
N2 NAG FA . -44.56 23.88 -7.41
O3 NAG FA . -46.93 24.04 -8.96
O4 NAG FA . -46.92 26.26 -10.82
O5 NAG FA . -44.99 27.46 -7.97
O6 NAG FA . -47.13 29.12 -8.19
O7 NAG FA . -45.04 23.85 -5.20
C1 NAG FA . -48.34 26.36 -11.06
C2 NAG FA . -48.55 26.16 -12.56
C3 NAG FA . -50.05 26.14 -12.88
C4 NAG FA . -50.82 25.18 -11.97
C5 NAG FA . -50.49 25.48 -10.51
C6 NAG FA . -51.17 24.57 -9.52
C7 NAG FA . -46.75 27.03 -14.05
C8 NAG FA . -46.12 25.65 -14.10
N2 NAG FA . -47.87 27.17 -13.32
O3 NAG FA . -50.19 25.80 -14.24
O4 NAG FA . -52.20 25.35 -12.24
O5 NAG FA . -49.08 25.40 -10.34
O6 NAG FA . -50.98 23.23 -9.90
O7 NAG FA . -46.24 27.95 -14.67
C1 NAG GA . -27.45 38.51 -11.99
C2 NAG GA . -27.24 37.38 -13.02
C3 NAG GA . -26.95 37.96 -14.41
C4 NAG GA . -27.99 39.02 -14.82
C5 NAG GA . -28.12 40.05 -13.70
C6 NAG GA . -29.16 41.13 -13.97
C7 NAG GA . -26.32 35.38 -11.91
C8 NAG GA . -25.04 34.62 -11.63
N2 NAG GA . -26.17 36.50 -12.62
O3 NAG GA . -26.91 36.88 -15.30
O4 NAG GA . -27.52 39.63 -16.01
O5 NAG GA . -28.44 39.39 -12.49
O6 NAG GA . -30.31 40.53 -14.53
O7 NAG GA . -27.39 34.97 -11.50
C1 NAG GA . -28.32 39.22 -17.14
C2 NAG GA . -28.36 40.39 -18.13
C3 NAG GA . -29.01 39.95 -19.44
C4 NAG GA . -28.38 38.67 -20.00
C5 NAG GA . -28.47 37.60 -18.90
C6 NAG GA . -27.92 36.25 -19.27
C7 NAG GA . -28.47 42.70 -17.31
C8 NAG GA . -29.40 43.75 -16.73
N2 NAG GA . -29.05 41.52 -17.58
O3 NAG GA . -28.93 41.02 -20.34
O4 NAG GA . -29.09 38.29 -21.15
O5 NAG GA . -27.79 38.07 -17.75
O6 NAG GA . -26.52 36.32 -19.37
O7 NAG GA . -27.29 42.94 -17.51
C1 BMA GA . -28.30 38.43 -22.35
C2 BMA GA . -29.15 37.82 -23.47
C3 BMA GA . -29.05 38.57 -24.82
C4 BMA GA . -27.86 39.52 -25.03
C5 BMA GA . -27.44 40.29 -23.77
C6 BMA GA . -27.71 41.78 -23.86
O2 BMA GA . -30.46 37.75 -22.99
O3 BMA GA . -30.30 39.20 -25.00
O4 BMA GA . -26.80 38.71 -25.49
O5 BMA GA . -28.00 39.79 -22.57
O6 BMA GA . -29.11 41.97 -23.94
C1 NAG HA . -31.73 33.67 -13.35
C2 NAG HA . -31.34 33.43 -14.82
C3 NAG HA . -31.19 34.80 -15.53
C4 NAG HA . -32.36 35.76 -15.30
C5 NAG HA . -32.69 35.81 -13.81
C6 NAG HA . -33.94 36.58 -13.45
C7 NAG HA . -28.88 32.85 -14.55
C8 NAG HA . -27.91 31.75 -14.90
N2 NAG HA . -30.15 32.63 -14.97
O3 NAG HA . -30.97 34.55 -16.89
O4 NAG HA . -31.97 37.04 -15.75
O5 NAG HA . -32.88 34.49 -13.34
O6 NAG HA . -34.02 36.77 -12.05
O7 NAG HA . -28.49 33.84 -13.95
C1 NAG HA . -32.79 37.45 -16.87
C2 NAG HA . -32.89 38.99 -16.88
C3 NAG HA . -33.51 39.53 -18.18
C4 NAG HA . -33.05 38.80 -19.45
C5 NAG HA . -33.01 37.28 -19.23
C6 NAG HA . -32.45 36.51 -20.39
C7 NAG HA . -34.90 39.34 -15.36
C8 NAG HA . -35.27 40.07 -14.09
N2 NAG HA . -33.60 39.52 -15.73
O3 NAG HA . -33.22 40.92 -18.23
O4 NAG HA . -33.82 39.13 -20.62
O5 NAG HA . -32.22 37.01 -18.08
O6 NAG HA . -31.26 37.11 -20.84
O7 NAG HA . -35.73 38.67 -15.95
C1 BMA HA . -35.23 39.49 -20.46
C2 BMA HA . -35.60 40.12 -21.81
C3 BMA HA . -35.87 39.07 -22.89
C4 BMA HA . -36.75 37.87 -22.48
C5 BMA HA . -36.69 37.46 -21.00
C6 BMA HA . -36.15 36.05 -20.79
O2 BMA HA . -34.53 40.95 -22.16
O3 BMA HA . -34.62 38.69 -23.42
O4 BMA HA . -38.07 38.24 -22.82
O5 BMA HA . -36.02 38.35 -20.11
O6 BMA HA . -36.09 35.83 -19.39
C1 NAG IA . -24.22 -30.69 46.73
C2 NAG IA . -22.90 -30.67 47.51
C3 NAG IA . -22.89 -31.86 48.48
C4 NAG IA . -24.12 -31.85 49.38
C5 NAG IA . -25.39 -31.75 48.51
C6 NAG IA . -26.68 -31.65 49.31
C7 NAG IA . -20.71 -29.88 46.71
C8 NAG IA . -19.62 -30.10 45.69
N2 NAG IA . -21.76 -30.71 46.63
O3 NAG IA . -21.69 -31.81 49.21
O4 NAG IA . -24.11 -33.04 50.13
O5 NAG IA . -25.29 -30.62 47.65
O6 NAG IA . -27.78 -31.54 48.43
O7 NAG IA . -20.64 -28.97 47.54
C1 NAG JA . -35.51 -31.53 25.59
C2 NAG JA . -37.01 -31.39 25.25
C3 NAG JA . -37.71 -30.51 26.29
C4 NAG JA . -37.41 -30.96 27.72
C5 NAG JA . -35.89 -31.08 27.90
C6 NAG JA . -35.46 -31.57 29.28
C7 NAG JA . -37.47 -31.56 22.84
C8 NAG JA . -37.60 -30.76 21.57
N2 NAG JA . -37.17 -30.84 23.94
O3 NAG JA . -39.09 -30.54 26.02
O4 NAG JA . -37.96 -29.99 28.58
O5 NAG JA . -35.39 -31.98 26.92
O6 NAG JA . -34.06 -31.71 29.32
O7 NAG JA . -37.63 -32.77 22.85
C1 NAG KA . -43.73 -25.71 17.88
C2 NAG KA . -43.61 -24.45 18.75
C3 NAG KA . -44.91 -24.22 19.55
C4 NAG KA . -46.17 -24.32 18.68
C5 NAG KA . -46.14 -25.66 17.95
C6 NAG KA . -47.33 -25.86 17.02
C7 NAG KA . -41.78 -23.54 20.16
C8 NAG KA . -40.67 -23.97 21.10
N2 NAG KA . -42.50 -24.56 19.66
O3 NAG KA . -44.83 -22.96 20.17
O4 NAG KA . -47.28 -24.21 19.54
O5 NAG KA . -44.96 -25.71 17.18
O6 NAG KA . -47.42 -24.78 16.13
O7 NAG KA . -41.99 -22.37 19.89
C1 NAG LA . -15.34 -49.16 0.22
C2 NAG LA . -14.30 -50.07 0.90
C3 NAG LA . -14.79 -51.52 0.94
C4 NAG LA . -16.21 -51.64 1.47
C5 NAG LA . -17.12 -50.68 0.69
C6 NAG LA . -18.56 -50.70 1.14
C7 NAG LA . -11.85 -49.56 0.80
C8 NAG LA . -11.88 -49.18 2.25
N2 NAG LA . -13.02 -49.96 0.25
O3 NAG LA . -13.87 -52.25 1.70
O4 NAG LA . -16.60 -52.98 1.32
O5 NAG LA . -16.60 -49.37 0.83
O6 NAG LA . -19.31 -49.82 0.33
O7 NAG LA . -10.82 -49.51 0.15
C1 NAG MA . -3.73 -41.92 -16.11
C2 NAG MA . -3.51 -43.35 -15.63
C3 NAG MA . -2.13 -43.46 -14.98
C4 NAG MA . -1.03 -42.96 -15.92
C5 NAG MA . -1.38 -41.54 -16.40
C6 NAG MA . -0.41 -40.98 -17.42
C7 NAG MA . -5.57 -44.62 -15.01
C8 NAG MA . -5.63 -45.21 -16.40
N2 NAG MA . -4.56 -43.77 -14.74
O3 NAG MA . -1.93 -44.81 -14.61
O4 NAG MA . 0.18 -42.97 -15.20
O5 NAG MA . -2.69 -41.56 -16.98
O6 NAG MA . -0.26 -41.88 -18.50
O7 NAG MA . -6.42 -44.92 -14.18
C1 NAG NA . -18.53 -49.13 -5.73
C2 NAG NA . -18.52 -49.89 -7.07
C3 NAG NA . -17.08 -50.28 -7.43
C4 NAG NA . -16.10 -49.10 -7.33
C5 NAG NA . -16.29 -48.39 -5.97
C6 NAG NA . -15.42 -47.17 -5.78
C7 NAG NA . -20.26 -51.45 -7.96
C8 NAG NA . -20.43 -50.55 -9.17
N2 NAG NA . -19.35 -51.06 -7.04
O3 NAG NA . -17.09 -50.83 -8.71
O4 NAG NA . -14.81 -49.62 -7.48
O5 NAG NA . -17.65 -48.04 -5.84
O6 NAG NA . -14.07 -47.55 -5.69
O7 NAG NA . -20.92 -52.47 -7.85
C1 NAG OA . -43.99 -48.38 21.90
C2 NAG OA . -44.14 -48.61 23.41
C3 NAG OA . -43.01 -49.54 23.85
C4 NAG OA . -42.97 -50.83 23.03
C5 NAG OA . -42.99 -50.49 21.53
C6 NAG OA . -43.07 -51.72 20.64
C7 NAG OA . -45.17 -46.91 24.85
C8 NAG OA . -44.94 -45.59 25.53
N2 NAG OA . -44.13 -47.37 24.13
O3 NAG OA . -43.17 -49.79 25.22
O4 NAG OA . -41.78 -51.52 23.39
O5 NAG OA . -44.08 -49.63 21.24
O6 NAG OA . -44.05 -52.60 21.13
O7 NAG OA . -46.23 -47.52 24.96
C1 NAG PA . -38.20 -47.00 -4.28
C2 NAG PA . -37.87 -47.17 -5.77
C3 NAG PA . -38.98 -47.97 -6.45
C4 NAG PA . -39.25 -49.29 -5.72
C5 NAG PA . -39.46 -49.03 -4.22
C6 NAG PA . -39.61 -50.29 -3.40
C7 NAG PA . -36.56 -45.45 -7.03
C8 NAG PA . -35.37 -46.37 -7.04
N2 NAG PA . -37.68 -45.89 -6.42
O3 NAG PA . -38.63 -48.16 -7.78
O4 NAG PA . -40.38 -49.88 -6.32
O5 NAG PA . -38.37 -48.28 -3.72
O6 NAG PA . -39.53 -49.96 -2.02
O7 NAG PA . -36.49 -44.34 -7.56
C1 NAG QA . -14.22 -41.96 9.46
C2 NAG QA . -13.75 -43.00 10.50
C3 NAG QA . -12.29 -43.33 10.20
C4 NAG QA . -12.11 -43.83 8.77
C5 NAG QA . -12.73 -42.84 7.78
C6 NAG QA . -12.76 -43.37 6.36
C7 NAG QA . -14.37 -43.20 12.92
C8 NAG QA . -14.79 -44.64 12.69
N2 NAG QA . -13.90 -42.53 11.84
O3 NAG QA . -11.84 -44.28 11.14
O4 NAG QA . -10.73 -44.00 8.55
O5 NAG QA . -14.06 -42.51 8.16
O6 NAG QA . -13.50 -44.57 6.32
O7 NAG QA . -14.45 -42.70 14.02
C1 NAG RA . -35.19 -5.79 40.69
C2 NAG RA . -36.46 -6.64 40.54
C3 NAG RA . -36.89 -6.59 39.07
C4 NAG RA . -37.06 -5.15 38.59
C5 NAG RA . -35.83 -4.30 38.96
C6 NAG RA . -35.97 -2.84 38.62
C7 NAG RA . -36.68 -8.46 42.18
C8 NAG RA . -36.33 -9.90 42.46
N2 NAG RA . -36.24 -7.98 41.00
O3 NAG RA . -38.07 -7.34 38.94
O4 NAG RA . -37.26 -5.20 37.19
O5 NAG RA . -35.52 -4.45 40.34
O6 NAG RA . -37.30 -2.43 38.88
O7 NAG RA . -37.29 -7.78 42.99
C1 NAG SA . 19.28 20.55 -23.76
C2 NAG SA . 20.24 21.69 -23.36
C3 NAG SA . 19.44 22.93 -22.97
C4 NAG SA . 18.43 23.33 -24.05
C5 NAG SA . 17.55 22.11 -24.36
C6 NAG SA . 16.53 22.35 -25.45
C7 NAG SA . 22.43 21.15 -22.38
C8 NAG SA . 23.14 20.72 -21.12
N2 NAG SA . 21.10 21.28 -22.28
O3 NAG SA . 20.36 23.97 -22.72
O4 NAG SA . 17.69 24.41 -23.58
O5 NAG SA . 18.37 21.02 -24.74
O6 NAG SA . 17.18 22.83 -26.60
O7 NAG SA . 23.05 21.36 -23.42
C1 NAG TA . 30.87 12.35 1.81
C2 NAG TA . 31.32 13.83 1.90
C3 NAG TA . 30.29 14.79 2.52
C4 NAG TA . 28.85 14.47 2.13
C5 NAG TA . 28.61 12.99 2.46
C6 NAG TA . 27.19 12.54 2.23
C7 NAG TA . 33.32 13.85 3.62
C8 NAG TA . 32.63 13.30 4.86
N2 NAG TA . 32.68 14.02 2.44
O3 NAG TA . 30.65 16.09 2.14
O4 NAG TA . 28.01 15.31 2.89
O5 NAG TA . 29.47 12.26 1.60
O6 NAG TA . 26.34 13.23 3.11
O7 NAG TA . 34.51 14.12 3.72
C1 NAG UA . 45.00 -4.79 -15.88
C2 NAG UA . 45.27 -3.73 -16.96
C3 NAG UA . 46.25 -4.27 -17.99
C4 NAG UA . 47.52 -4.83 -17.34
C5 NAG UA . 47.10 -5.87 -16.28
C6 NAG UA . 48.26 -6.48 -15.53
C7 NAG UA . 43.39 -2.17 -17.22
C8 NAG UA . 42.13 -1.90 -18.01
N2 NAG UA . 44.06 -3.28 -17.58
O3 NAG UA . 46.56 -3.23 -18.88
O4 NAG UA . 48.29 -5.42 -18.36
O5 NAG UA . 46.23 -5.24 -15.35
O6 NAG UA . 47.78 -7.41 -14.59
O7 NAG UA . 43.76 -1.42 -16.33
C1 NAG VA . 54.12 -9.20 10.67
C2 NAG VA . 54.73 -9.91 11.88
C3 NAG VA . 54.24 -9.24 13.17
C4 NAG VA . 54.46 -7.72 13.15
C5 NAG VA . 53.86 -7.14 11.85
C6 NAG VA . 54.08 -5.66 11.68
C7 NAG VA . 55.20 -12.29 11.45
C8 NAG VA . 54.62 -13.68 11.55
N2 NAG VA . 54.39 -11.31 11.89
O3 NAG VA . 54.90 -9.83 14.25
O4 NAG VA . 53.84 -7.19 14.29
O5 NAG VA . 54.43 -7.83 10.74
O6 NAG VA . 55.45 -5.37 11.78
O7 NAG VA . 56.31 -12.10 11.00
C1 NAG WA . 37.11 -10.26 16.50
C2 NAG WA . 37.40 -11.70 16.07
C3 NAG WA . 37.36 -12.60 17.31
C4 NAG WA . 38.30 -12.10 18.40
C5 NAG WA . 38.05 -10.61 18.67
C6 NAG WA . 39.04 -10.00 19.64
C7 NAG WA . 36.79 -12.27 13.76
C8 NAG WA . 35.67 -12.75 12.87
N2 NAG WA . 36.47 -12.14 15.06
O3 NAG WA . 37.67 -13.91 16.90
O4 NAG WA . 38.06 -12.88 19.55
O5 NAG WA . 38.09 -9.88 17.45
O6 NAG WA . 40.35 -10.31 19.23
O7 NAG WA . 37.90 -12.04 13.32
C1 NAG XA . 21.29 -2.36 -37.10
C2 NAG XA . 22.15 -2.49 -38.37
C3 NAG XA . 22.49 -3.96 -38.60
C4 NAG XA . 23.16 -4.56 -37.37
C5 NAG XA . 22.29 -4.31 -36.12
C6 NAG XA . 22.94 -4.75 -34.84
C7 NAG XA . 21.94 -0.80 -40.14
C8 NAG XA . 21.10 -0.36 -41.32
N2 NAG XA . 21.50 -1.91 -39.51
O3 NAG XA . 23.31 -4.05 -39.74
O4 NAG XA . 23.34 -5.94 -37.61
O5 NAG XA . 21.99 -2.92 -36.02
O6 NAG XA . 24.18 -4.09 -34.68
O7 NAG XA . 22.93 -0.18 -39.79
C1 NAG YA . 25.87 15.68 -36.07
C2 NAG YA . 24.84 15.82 -37.25
C3 NAG YA . 24.95 17.09 -38.09
C4 NAG YA . 25.37 18.32 -37.29
C5 NAG YA . 26.64 17.95 -36.52
C6 NAG YA . 27.26 19.12 -35.78
C7 NAG YA . 25.95 14.27 -38.94
C8 NAG YA . 25.65 13.07 -39.80
N2 NAG YA . 24.90 14.70 -38.18
O3 NAG YA . 23.72 17.29 -38.73
O4 NAG YA . 25.59 19.37 -38.21
O5 NAG YA . 26.30 16.95 -35.60
O6 NAG YA . 26.29 19.71 -34.96
O7 NAG YA . 27.07 14.76 -38.98
C1 NAG ZA . 17.01 -26.34 49.93
C2 NAG ZA . 15.95 -27.14 50.72
C3 NAG ZA . 16.23 -28.64 50.59
C4 NAG ZA . 16.43 -29.07 49.14
C5 NAG ZA . 17.50 -28.19 48.49
C6 NAG ZA . 17.75 -28.49 47.04
C7 NAG ZA . 14.96 -26.07 52.75
C8 NAG ZA . 13.74 -25.69 51.94
N2 NAG ZA . 15.93 -26.74 52.10
O3 NAG ZA . 15.18 -29.33 51.21
O4 NAG ZA . 16.80 -30.43 49.14
O5 NAG ZA . 17.10 -26.83 48.62
O6 NAG ZA . 16.57 -28.28 46.29
O7 NAG ZA . 15.03 -25.78 53.93
C1 NAG AB . 21.48 -23.69 36.41
C2 NAG AB . 21.73 -25.18 36.18
C3 NAG AB . 23.17 -25.53 36.55
C4 NAG AB . 24.18 -24.62 35.83
C5 NAG AB . 23.80 -23.15 36.08
C6 NAG AB . 24.66 -22.16 35.32
C7 NAG AB . 19.83 -26.74 36.38
C8 NAG AB . 18.96 -27.49 37.36
N2 NAG AB . 20.79 -25.99 36.93
O3 NAG AB . 23.38 -26.88 36.24
O4 NAG AB . 25.45 -24.92 36.35
O5 NAG AB . 22.44 -22.95 35.69
O6 NAG AB . 24.60 -22.44 33.94
O7 NAG AB . 19.65 -26.83 35.18
C1 NAG BB . -30.03 21.47 -32.71
C2 NAG BB . -30.86 22.21 -33.77
C3 NAG BB . -30.01 23.32 -34.40
C4 NAG BB . -29.46 24.26 -33.33
C5 NAG BB . -28.75 23.44 -32.22
C6 NAG BB . -28.25 24.27 -31.06
C7 NAG BB . -32.66 20.89 -34.80
C8 NAG BB . -32.98 19.94 -35.92
N2 NAG BB . -31.38 21.30 -34.76
O3 NAG BB . -30.80 24.00 -35.33
O4 NAG BB . -28.58 25.16 -33.96
O5 NAG BB . -29.62 22.43 -31.74
O6 NAG BB . -28.50 25.64 -31.29
O7 NAG BB . -33.50 21.25 -33.99
C1 NAG CB . -46.89 17.04 -28.16
C2 NAG CB . -46.33 17.16 -29.59
C3 NAG CB . -47.45 16.87 -30.60
C4 NAG CB . -48.05 15.49 -30.32
C5 NAG CB . -48.46 15.35 -28.84
C6 NAG CB . -48.92 13.97 -28.47
C7 NAG CB . -46.08 19.67 -29.78
C8 NAG CB . -45.03 20.71 -30.09
N2 NAG CB . -45.63 18.39 -29.83
O3 NAG CB . -46.91 16.97 -31.88
O4 NAG CB . -49.17 15.35 -31.17
O5 NAG CB . -47.37 15.72 -27.98
O6 NAG CB . -49.94 13.56 -29.35
O7 NAG CB . -47.23 20.01 -29.52
C1 NAG DB . -19.34 1.76 -33.65
C2 NAG DB . -20.27 0.74 -34.35
C3 NAG DB . -20.13 0.94 -35.88
C4 NAG DB . -20.43 2.39 -36.26
C5 NAG DB . -19.64 3.37 -35.38
C6 NAG DB . -20.10 4.80 -35.56
C7 NAG DB . -19.28 -1.67 -33.86
C8 NAG DB . -17.86 -1.51 -34.39
N2 NAG DB . -20.19 -0.65 -33.89
O3 NAG DB . -20.99 0.05 -36.52
O4 NAG DB . -20.07 2.57 -37.60
O5 NAG DB . -19.77 3.05 -34.01
O6 NAG DB . -21.49 4.87 -35.32
O7 NAG DB . -19.59 -2.74 -33.38
C1 NAG EB . -18.73 0.80 -40.12
C2 NAG EB . -18.41 2.07 -40.94
C3 NAG EB . -19.64 2.96 -41.15
C4 NAG EB . -20.92 2.19 -41.44
C5 NAG EB . -21.07 1.09 -40.38
C6 NAG EB . -22.36 0.30 -40.45
C7 NAG EB . -16.51 3.68 -40.83
C8 NAG EB . -15.54 4.32 -39.88
N2 NAG EB . -17.38 2.82 -40.26
O3 NAG EB . -19.35 3.86 -42.19
O4 NAG EB . -21.99 3.11 -41.39
O5 NAG EB . -19.97 0.22 -40.51
O6 NAG EB . -23.41 1.09 -39.93
O7 NAG EB . -16.50 3.92 -42.03
C1 NAG FB . -17.59 38.95 20.21
C2 NAG FB . -16.95 39.95 19.23
C3 NAG FB . -15.64 40.50 19.78
C4 NAG FB . -15.78 40.99 21.23
C5 NAG FB . -16.39 39.86 22.07
C6 NAG FB . -16.59 40.24 23.52
C7 NAG FB . -17.62 39.41 16.94
C8 NAG FB . -17.20 38.66 15.71
N2 NAG FB . -16.76 39.31 17.96
O3 NAG FB . -15.23 41.53 18.92
O4 NAG FB . -14.48 41.33 21.68
O5 NAG FB . -17.65 39.52 21.50
O6 NAG FB . -15.34 40.50 24.12
O7 NAG FB . -18.67 40.05 16.97
C1 NAG GB . -44.88 7.98 -15.46
C2 NAG GB . -46.02 8.45 -14.55
C3 NAG GB . -46.86 7.26 -14.07
C4 NAG GB . -47.31 6.39 -15.24
C5 NAG GB . -46.07 5.97 -16.04
C6 NAG GB . -46.40 5.13 -17.26
C7 NAG GB . -45.72 10.52 -13.18
C8 NAG GB . -46.56 11.29 -14.18
N2 NAG GB . -45.53 9.21 -13.43
O3 NAG GB . -47.95 7.76 -13.35
O4 NAG GB . -47.99 5.28 -14.71
O5 NAG GB . -45.38 7.12 -16.46
O6 NAG GB . -47.16 4.00 -16.89
O7 NAG GB . -45.26 11.08 -12.20
C1 NAG HB . -27.22 54.69 16.42
C2 NAG HB . -28.00 56.02 16.37
C3 NAG HB . -28.73 56.26 17.69
C4 NAG HB . -29.57 55.06 18.09
C5 NAG HB . -28.69 53.80 18.11
C6 NAG HB . -29.45 52.53 18.45
C7 NAG HB . -26.97 57.61 14.78
C8 NAG HB . -25.97 58.74 14.66
N2 NAG HB . -27.11 57.10 16.02
O3 NAG HB . -29.51 57.42 17.53
O4 NAG HB . -30.15 55.33 19.34
O5 NAG HB . -28.07 53.63 16.85
O6 NAG HB . -30.45 52.31 17.47
O7 NAG HB . -27.58 57.21 13.81
C1 NAG IB . -34.44 43.08 -9.84
C2 NAG IB . -35.79 42.98 -10.57
C3 NAG IB . -35.77 43.84 -11.83
C4 NAG IB . -35.31 45.27 -11.55
C5 NAG IB . -34.00 45.24 -10.74
C6 NAG IB . -33.48 46.60 -10.34
C7 NAG IB . -36.92 40.83 -10.13
C8 NAG IB . -37.10 39.43 -10.64
N2 NAG IB . -36.11 41.61 -10.87
O3 NAG IB . -37.06 43.80 -12.40
O4 NAG IB . -35.16 45.91 -12.79
O5 NAG IB . -34.20 44.46 -9.58
O6 NAG IB . -32.87 47.24 -11.44
O7 NAG IB . -37.47 41.21 -9.11
C1 NAG JB . -38.08 22.04 9.19
C2 NAG JB . -39.54 21.54 9.41
C3 NAG JB . -39.64 20.30 10.33
C4 NAG JB . -38.58 19.25 10.00
C5 NAG JB . -37.22 19.93 9.98
C6 NAG JB . -36.06 18.98 9.71
C7 NAG JB . -40.74 23.47 10.75
C8 NAG JB . -39.91 23.51 12.01
N2 NAG JB . -40.50 22.60 9.72
O3 NAG JB . -40.94 19.80 10.21
O4 NAG JB . -38.67 18.26 10.99
O5 NAG JB . -37.24 20.92 8.97
O6 NAG JB . -34.87 19.70 9.61
O7 NAG JB . -41.67 24.25 10.65
C1 NAG KB . 14.86 26.21 47.09
C2 NAG KB . 14.00 26.85 48.18
C3 NAG KB . 13.57 28.25 47.74
C4 NAG KB . 14.75 29.10 47.26
C5 NAG KB . 15.51 28.32 46.18
C6 NAG KB . 16.72 29.05 45.64
C7 NAG KB . 12.51 25.49 49.67
C8 NAG KB . 13.44 25.77 50.84
N2 NAG KB . 12.85 26.03 48.48
O3 NAG KB . 12.91 28.85 48.82
O4 NAG KB . 14.21 30.30 46.77
O5 NAG KB . 15.92 27.08 46.72
O6 NAG KB . 17.47 29.56 46.72
O7 NAG KB . 11.50 24.81 49.82
C1 NAG LB . 4.86 31.62 35.89
C2 NAG LB . 6.21 32.33 36.10
C3 NAG LB . 5.96 33.72 36.69
C4 NAG LB . 5.00 34.53 35.81
C5 NAG LB . 3.72 33.71 35.55
C6 NAG LB . 2.77 34.39 34.59
C7 NAG LB . 8.33 31.12 36.60
C8 NAG LB . 8.85 31.46 35.22
N2 NAG LB . 7.09 31.57 36.93
O3 NAG LB . 7.19 34.35 36.84
O4 NAG LB . 4.72 35.73 36.49
O5 NAG LB . 4.05 32.42 35.05
O6 NAG LB . 3.49 34.85 33.47
O7 NAG LB . 9.03 30.47 37.38
#